data_9V2M
#
_entry.id   9V2M
#
loop_
_entity.id
_entity.type
_entity.pdbx_description
1 polymer 'Xanthosine/inosine triphosphate pyrophosphatase'
2 polymer 'NAD-dependent protein deacetylase'
#
loop_
_entity_poly.entity_id
_entity_poly.type
_entity_poly.pdbx_seq_one_letter_code
_entity_poly.pdbx_strand_id
1 'polypeptide(L)'
;MAPTWFYNTTNSEKLRELQHVLGGSAKLGYLTAKVTEILDVDLETVIRAKAIAAYRAVRVPVIVEHGALCIDALNGLPGA
LVKPFWESLDTRLCEVIPAGQRTARARGALCYCDGRERHVLIEETEGEIAPSARGTGGFHWDPIFIPKGQTRTFAEMSLD
EKLSFSPLGRLHTRLRTELGL
;
A,B,C,D,Q,R,S,T
2 'polypeptide(L)'
;MTTLTLSEAAPLLKKEFREGRLIPFLGAGFSKPLKLPDGSQLIASLAKTLGFEPELFDMHGRFEQLAEFFAISAPNRLQR
LVYEMSLSFDSAEAEALREKSPMHRALAALDWRTIYTTNYDKHVEGALRDAGKQAAVLASFADFQGPRARDVCEVIKFHG
TLDQPDTIVLTESSYFQRMALDAPPDQRLRADLLANSFLFIGYSFSDTNIRYIWYRMNQLREQSQLGVKHSQARRCFFAT
HGAGLVQPDILQQWNIDVIQLDPTDKSASVARLLESIA
;
E,F,G,H,U,V,W,X
#
# COMPACT_ATOMS: atom_id res chain seq x y z
N ALA A 2 45.23 -31.65 -25.65
CA ALA A 2 43.99 -31.04 -26.10
C ALA A 2 44.08 -30.70 -27.57
N PRO A 3 43.00 -30.91 -28.32
CA PRO A 3 43.01 -30.59 -29.75
C PRO A 3 43.11 -29.13 -30.05
N THR A 4 43.39 -28.79 -31.30
CA THR A 4 43.32 -27.42 -31.77
C THR A 4 42.23 -27.22 -32.80
N TRP A 5 42.03 -28.17 -33.69
CA TRP A 5 40.99 -28.12 -34.70
C TRP A 5 39.93 -29.16 -34.40
N PHE A 6 38.68 -28.81 -34.64
CA PHE A 6 37.55 -29.67 -34.36
C PHE A 6 36.74 -29.92 -35.62
N TYR A 7 36.54 -31.18 -35.93
CA TYR A 7 35.82 -31.57 -37.14
C TYR A 7 34.36 -31.78 -36.77
N ASN A 8 33.48 -31.01 -37.39
CA ASN A 8 32.06 -31.09 -37.07
C ASN A 8 31.36 -31.86 -38.16
N THR A 9 30.70 -32.96 -37.77
CA THR A 9 29.95 -33.75 -38.73
C THR A 9 28.74 -34.35 -38.02
N THR A 10 27.73 -34.67 -38.82
CA THR A 10 26.55 -35.34 -38.30
C THR A 10 26.32 -36.73 -38.86
N ASN A 11 26.89 -37.05 -40.02
CA ASN A 11 26.74 -38.38 -40.59
C ASN A 11 27.65 -39.34 -39.85
N SER A 12 27.11 -40.52 -39.52
CA SER A 12 27.87 -41.48 -38.74
C SER A 12 28.87 -42.26 -39.55
N GLU A 13 28.75 -42.26 -40.87
CA GLU A 13 29.69 -43.00 -41.70
C GLU A 13 30.79 -42.11 -42.25
N LYS A 14 30.51 -40.82 -42.44
CA LYS A 14 31.57 -39.86 -42.72
C LYS A 14 32.56 -39.77 -41.58
N LEU A 15 32.11 -39.95 -40.34
CA LEU A 15 33.00 -39.91 -39.20
C LEU A 15 33.89 -41.15 -39.14
N ARG A 16 33.38 -42.30 -39.53
CA ARG A 16 34.15 -43.53 -39.46
C ARG A 16 35.24 -43.57 -40.53
N GLU A 17 35.00 -42.91 -41.66
CA GLU A 17 36.03 -42.86 -42.70
C GLU A 17 37.10 -41.86 -42.37
N LEU A 18 36.74 -40.76 -41.72
CA LEU A 18 37.71 -39.76 -41.30
C LEU A 18 38.67 -40.33 -40.28
N GLN A 19 38.14 -40.98 -39.24
CA GLN A 19 38.95 -41.56 -38.19
C GLN A 19 39.77 -42.75 -38.67
N HIS A 20 39.47 -43.31 -39.83
CA HIS A 20 40.38 -44.29 -40.41
C HIS A 20 41.64 -43.64 -40.93
N VAL A 21 41.57 -42.37 -41.32
CA VAL A 21 42.68 -41.67 -41.93
C VAL A 21 43.37 -40.74 -40.95
N LEU A 22 42.60 -39.87 -40.30
CA LEU A 22 43.12 -38.87 -39.37
C LEU A 22 42.77 -39.19 -37.93
N GLY A 23 42.57 -40.47 -37.60
CA GLY A 23 42.21 -40.81 -36.25
C GLY A 23 43.38 -40.77 -35.28
N GLY A 24 44.58 -41.00 -35.77
CA GLY A 24 45.73 -41.00 -34.90
C GLY A 24 46.27 -39.64 -34.52
N SER A 25 45.76 -38.59 -35.15
CA SER A 25 46.28 -37.25 -34.89
C SER A 25 45.79 -36.74 -33.56
N ALA A 26 46.72 -36.31 -32.72
CA ALA A 26 46.40 -35.87 -31.37
C ALA A 26 45.76 -34.50 -31.31
N LYS A 27 45.79 -33.75 -32.41
CA LYS A 27 45.35 -32.38 -32.39
C LYS A 27 44.11 -32.16 -33.27
N LEU A 28 43.32 -33.21 -33.45
CA LEU A 28 42.03 -33.11 -34.13
C LEU A 28 40.96 -33.66 -33.21
N GLY A 29 40.00 -32.80 -32.83
CA GLY A 29 38.87 -33.24 -32.06
C GLY A 29 37.66 -33.45 -32.94
N TYR A 30 36.59 -33.95 -32.34
CA TYR A 30 35.41 -34.35 -33.10
C TYR A 30 34.17 -33.82 -32.40
N LEU A 31 33.35 -33.09 -33.14
CA LEU A 31 32.12 -32.53 -32.59
C LEU A 31 30.95 -32.93 -33.48
N THR A 32 29.76 -33.00 -32.89
CA THR A 32 28.55 -33.40 -33.60
C THR A 32 27.47 -32.36 -33.40
N ALA A 33 27.80 -31.09 -33.52
CA ALA A 33 26.81 -30.05 -33.36
C ALA A 33 25.92 -29.97 -34.59
N LYS A 34 24.62 -29.86 -34.37
CA LYS A 34 23.67 -29.78 -35.46
C LYS A 34 23.54 -28.34 -35.92
N VAL A 35 23.88 -28.10 -37.18
CA VAL A 35 23.79 -26.77 -37.76
C VAL A 35 22.81 -26.81 -38.92
N THR A 36 22.19 -25.67 -39.19
CA THR A 36 21.16 -25.60 -40.23
C THR A 36 21.83 -25.57 -41.59
N GLU A 37 21.52 -26.57 -42.41
CA GLU A 37 22.16 -26.72 -43.71
C GLU A 37 21.59 -25.73 -44.70
N ILE A 38 22.45 -24.96 -45.34
CA ILE A 38 22.06 -24.15 -46.48
C ILE A 38 21.86 -25.08 -47.67
N LEU A 39 20.88 -24.74 -48.51
CA LEU A 39 20.58 -25.53 -49.70
C LEU A 39 20.90 -24.67 -50.92
N ASP A 40 21.84 -25.13 -51.74
CA ASP A 40 22.22 -24.45 -52.96
C ASP A 40 22.87 -25.49 -53.86
N VAL A 41 22.92 -25.20 -55.16
CA VAL A 41 23.49 -26.16 -56.09
C VAL A 41 25.01 -26.07 -56.09
N ASP A 42 25.55 -24.89 -55.87
CA ASP A 42 26.99 -24.68 -55.94
C ASP A 42 27.68 -25.18 -54.67
N LEU A 43 28.70 -26.00 -54.85
CA LEU A 43 29.41 -26.58 -53.70
C LEU A 43 30.26 -25.54 -53.00
N GLU A 44 30.87 -24.63 -53.75
CA GLU A 44 31.66 -23.56 -53.18
C GLU A 44 30.82 -22.63 -52.32
N THR A 45 29.56 -22.43 -52.66
CA THR A 45 28.69 -21.58 -51.87
C THR A 45 28.28 -22.25 -50.57
N VAL A 46 27.99 -23.55 -50.62
CA VAL A 46 27.45 -24.25 -49.46
C VAL A 46 28.52 -24.47 -48.40
N ILE A 47 29.71 -24.91 -48.81
CA ILE A 47 30.77 -25.20 -47.84
C ILE A 47 31.30 -23.94 -47.22
N ARG A 48 31.17 -22.80 -47.90
CA ARG A 48 31.63 -21.54 -47.36
C ARG A 48 30.60 -20.97 -46.39
N ALA A 49 29.35 -21.39 -46.51
CA ALA A 49 28.30 -20.96 -45.61
C ALA A 49 28.11 -21.91 -44.43
N LYS A 50 28.56 -23.16 -44.54
CA LYS A 50 28.52 -24.04 -43.38
C LYS A 50 29.58 -23.66 -42.36
N ALA A 51 30.67 -23.05 -42.80
CA ALA A 51 31.74 -22.72 -41.86
C ALA A 51 31.37 -21.56 -40.96
N ILE A 52 30.59 -20.61 -41.47
CA ILE A 52 30.03 -19.58 -40.60
C ILE A 52 28.99 -20.18 -39.66
N ALA A 53 28.12 -21.03 -40.21
CA ALA A 53 27.04 -21.61 -39.41
C ALA A 53 27.56 -22.59 -38.37
N ALA A 54 28.69 -23.22 -38.62
CA ALA A 54 29.24 -24.13 -37.61
C ALA A 54 30.15 -23.43 -36.63
N TYR A 55 30.79 -22.32 -37.00
CA TYR A 55 31.58 -21.59 -36.03
C TYR A 55 30.69 -20.90 -35.02
N ARG A 56 29.50 -20.49 -35.42
CA ARG A 56 28.55 -19.89 -34.48
C ARG A 56 28.07 -20.90 -33.46
N ALA A 57 28.06 -22.18 -33.81
CA ALA A 57 27.55 -23.18 -32.89
C ALA A 57 28.59 -23.61 -31.87
N VAL A 58 29.85 -23.78 -32.29
CA VAL A 58 30.84 -24.38 -31.41
C VAL A 58 31.88 -23.39 -30.90
N ARG A 59 32.14 -22.29 -31.64
CA ARG A 59 33.04 -21.20 -31.26
C ARG A 59 34.47 -21.66 -31.01
N VAL A 60 34.88 -22.74 -31.64
CA VAL A 60 36.25 -23.22 -31.64
C VAL A 60 36.67 -23.30 -33.10
N PRO A 61 37.98 -23.38 -33.40
CA PRO A 61 38.39 -23.58 -34.80
C PRO A 61 37.85 -24.86 -35.39
N VAL A 62 36.97 -24.72 -36.37
CA VAL A 62 36.11 -25.81 -36.82
C VAL A 62 36.50 -26.20 -38.24
N ILE A 63 36.24 -27.45 -38.60
CA ILE A 63 36.38 -27.97 -39.95
C ILE A 63 35.05 -28.58 -40.37
N VAL A 64 34.52 -28.16 -41.52
CA VAL A 64 33.26 -28.70 -42.01
C VAL A 64 33.51 -29.42 -43.33
N GLU A 65 32.45 -30.04 -43.83
CA GLU A 65 32.56 -30.92 -44.99
C GLU A 65 31.24 -30.94 -45.71
N HIS A 66 31.29 -31.00 -47.05
CA HIS A 66 30.08 -31.18 -47.83
C HIS A 66 30.45 -31.87 -49.12
N GLY A 67 29.50 -32.61 -49.68
CA GLY A 67 29.74 -33.36 -50.90
C GLY A 67 28.84 -32.88 -52.03
N ALA A 68 29.14 -33.35 -53.23
CA ALA A 68 28.33 -33.00 -54.38
C ALA A 68 28.36 -34.13 -55.39
N LEU A 69 27.27 -34.24 -56.14
CA LEU A 69 27.20 -35.19 -57.24
C LEU A 69 26.56 -34.44 -58.41
N CYS A 70 27.37 -34.10 -59.42
CA CYS A 70 26.85 -33.32 -60.56
C CYS A 70 26.62 -34.25 -61.76
N ILE A 71 25.36 -34.39 -62.18
CA ILE A 71 25.03 -35.29 -63.32
C ILE A 71 24.84 -34.43 -64.58
N ASP A 72 25.47 -34.80 -65.69
CA ASP A 72 25.36 -34.04 -66.95
C ASP A 72 23.90 -34.07 -67.43
N ALA A 73 23.26 -35.24 -67.33
CA ALA A 73 21.85 -35.37 -67.79
C ALA A 73 20.97 -34.39 -67.02
N LEU A 74 21.23 -34.21 -65.72
CA LEU A 74 20.40 -33.31 -64.88
C LEU A 74 21.04 -31.92 -64.86
N ASN A 75 22.02 -31.67 -65.74
CA ASN A 75 22.66 -30.34 -65.82
C ASN A 75 23.25 -29.95 -64.46
N GLY A 76 24.15 -30.76 -63.91
CA GLY A 76 24.83 -30.41 -62.65
C GLY A 76 23.97 -30.65 -61.42
N LEU A 77 22.97 -31.53 -61.54
CA LEU A 77 22.12 -31.89 -60.36
C LEU A 77 22.43 -33.33 -59.96
N PRO A 78 22.28 -33.73 -58.68
CA PRO A 78 21.85 -32.84 -57.59
C PRO A 78 22.80 -31.69 -57.23
N GLY A 79 24.09 -31.80 -57.60
CA GLY A 79 25.04 -30.76 -57.18
C GLY A 79 25.25 -30.82 -55.67
N ALA A 80 25.22 -29.67 -55.00
CA ALA A 80 25.43 -29.63 -53.53
C ALA A 80 24.11 -29.86 -52.81
N LEU A 81 23.02 -30.12 -53.55
CA LEU A 81 21.72 -30.44 -52.91
C LEU A 81 21.68 -31.94 -52.60
N VAL A 82 22.54 -32.40 -51.69
CA VAL A 82 22.59 -33.83 -51.41
C VAL A 82 21.54 -34.26 -50.42
N LYS A 83 21.01 -33.35 -49.62
CA LYS A 83 19.99 -33.76 -48.67
C LYS A 83 18.60 -33.92 -49.30
N PRO A 84 18.05 -32.98 -50.10
CA PRO A 84 16.69 -33.20 -50.59
C PRO A 84 16.56 -34.27 -51.65
N PHE A 85 17.65 -34.67 -52.32
CA PHE A 85 17.49 -35.77 -53.26
C PHE A 85 17.60 -37.12 -52.55
N TRP A 86 18.46 -37.18 -51.52
CA TRP A 86 18.61 -38.43 -50.78
C TRP A 86 17.37 -38.75 -49.97
N GLU A 87 16.66 -37.73 -49.50
CA GLU A 87 15.38 -37.96 -48.83
C GLU A 87 14.25 -38.29 -49.80
N SER A 88 14.49 -38.29 -51.11
CA SER A 88 13.48 -38.60 -52.10
C SER A 88 13.89 -39.72 -53.04
N LEU A 89 15.13 -39.73 -53.52
CA LEU A 89 15.64 -40.78 -54.41
C LEU A 89 16.89 -41.35 -53.75
N ASP A 90 16.74 -42.48 -53.07
CA ASP A 90 17.87 -43.10 -52.38
C ASP A 90 18.92 -43.58 -53.37
N THR A 91 18.60 -44.64 -54.11
CA THR A 91 19.43 -45.11 -55.20
C THR A 91 18.60 -45.34 -56.44
N ARG A 92 17.34 -44.91 -56.42
CA ARG A 92 16.50 -44.87 -57.61
C ARG A 92 16.88 -43.72 -58.54
N LEU A 93 17.82 -42.87 -58.11
CA LEU A 93 18.38 -41.84 -58.96
C LEU A 93 19.16 -42.41 -60.13
N CYS A 94 19.57 -43.68 -60.07
CA CYS A 94 20.14 -44.30 -61.27
C CYS A 94 19.08 -44.67 -62.30
N GLU A 95 17.80 -44.55 -61.96
CA GLU A 95 16.72 -44.85 -62.89
C GLU A 95 16.18 -43.60 -63.58
N VAL A 96 16.13 -42.47 -62.87
CA VAL A 96 15.44 -41.29 -63.39
C VAL A 96 16.26 -40.53 -64.41
N ILE A 97 17.48 -40.95 -64.70
CA ILE A 97 18.29 -40.24 -65.69
C ILE A 97 18.35 -41.15 -66.90
N PRO A 98 18.45 -40.62 -68.12
CA PRO A 98 18.41 -41.47 -69.32
C PRO A 98 19.62 -42.38 -69.43
N ALA A 99 19.42 -43.50 -70.12
CA ALA A 99 20.41 -44.56 -70.18
C ALA A 99 21.46 -44.35 -71.26
N GLY A 100 21.36 -43.27 -72.04
CA GLY A 100 22.35 -43.01 -73.07
C GLY A 100 23.58 -42.32 -72.54
N GLN A 101 23.38 -41.26 -71.75
CA GLN A 101 24.47 -40.46 -71.22
C GLN A 101 24.53 -40.65 -69.71
N ARG A 102 25.62 -41.22 -69.21
CA ARG A 102 25.73 -41.62 -67.83
C ARG A 102 26.76 -40.83 -67.04
N THR A 103 27.51 -39.93 -67.68
CA THR A 103 28.69 -39.33 -67.07
C THR A 103 28.31 -38.32 -65.99
N ALA A 104 29.18 -38.23 -64.98
CA ALA A 104 28.94 -37.40 -63.81
C ALA A 104 30.27 -37.15 -63.10
N ARG A 105 30.25 -36.24 -62.15
CA ARG A 105 31.40 -35.98 -61.29
C ARG A 105 30.97 -36.01 -59.84
N ALA A 106 31.73 -36.73 -59.02
CA ALA A 106 31.58 -36.67 -57.57
C ALA A 106 32.55 -35.63 -57.05
N ARG A 107 32.05 -34.72 -56.22
CA ARG A 107 32.85 -33.61 -55.73
C ARG A 107 32.72 -33.50 -54.23
N GLY A 108 33.78 -33.05 -53.58
CA GLY A 108 33.77 -32.86 -52.15
C GLY A 108 34.48 -31.58 -51.79
N ALA A 109 34.18 -31.09 -50.59
CA ALA A 109 34.78 -29.83 -50.16
C ALA A 109 34.94 -29.80 -48.66
N LEU A 110 36.11 -29.38 -48.20
CA LEU A 110 36.38 -29.08 -46.82
C LEU A 110 36.54 -27.57 -46.66
N CYS A 111 36.19 -27.07 -45.48
CA CYS A 111 36.44 -25.67 -45.17
C CYS A 111 36.76 -25.57 -43.69
N TYR A 112 37.92 -25.04 -43.36
CA TYR A 112 38.30 -24.83 -41.98
C TYR A 112 38.33 -23.34 -41.66
N CYS A 113 37.82 -22.99 -40.48
CA CYS A 113 37.62 -21.60 -40.10
C CYS A 113 38.09 -21.43 -38.66
N ASP A 114 39.13 -20.63 -38.46
CA ASP A 114 39.60 -20.35 -37.11
C ASP A 114 38.90 -19.16 -36.48
N GLY A 115 37.99 -18.52 -37.20
CA GLY A 115 37.34 -17.31 -36.74
C GLY A 115 37.71 -16.08 -37.51
N ARG A 116 38.92 -16.02 -38.05
CA ARG A 116 39.35 -14.88 -38.83
C ARG A 116 39.21 -15.08 -40.32
N GLU A 117 39.42 -16.29 -40.82
CA GLU A 117 39.40 -16.50 -42.25
C GLU A 117 39.05 -17.95 -42.55
N ARG A 118 38.41 -18.16 -43.69
CA ARG A 118 37.99 -19.47 -44.17
C ARG A 118 38.90 -19.92 -45.30
N HIS A 119 39.20 -21.22 -45.33
CA HIS A 119 40.00 -21.77 -46.40
C HIS A 119 39.30 -23.01 -46.95
N VAL A 120 39.04 -23.03 -48.25
CA VAL A 120 38.24 -24.07 -48.89
C VAL A 120 39.17 -24.97 -49.71
N LEU A 121 39.03 -26.28 -49.52
CA LEU A 121 39.75 -27.28 -50.29
C LEU A 121 38.72 -28.07 -51.08
N ILE A 122 38.93 -28.23 -52.39
CA ILE A 122 37.98 -28.93 -53.24
C ILE A 122 38.72 -29.97 -54.07
N GLU A 123 38.30 -31.22 -53.97
CA GLU A 123 38.70 -32.27 -54.90
C GLU A 123 37.49 -32.72 -55.70
N GLU A 124 37.77 -33.58 -56.67
CA GLU A 124 36.79 -33.93 -57.69
C GLU A 124 37.21 -35.24 -58.34
N THR A 125 36.24 -36.12 -58.59
CA THR A 125 36.49 -37.36 -59.31
C THR A 125 35.49 -37.46 -60.44
N GLU A 126 35.99 -37.64 -61.65
CA GLU A 126 35.13 -37.81 -62.81
C GLU A 126 34.78 -39.28 -62.97
N GLY A 127 33.51 -39.57 -63.13
CA GLY A 127 33.06 -40.95 -63.25
C GLY A 127 31.81 -41.03 -64.09
N GLU A 128 31.02 -42.07 -63.84
CA GLU A 128 29.77 -42.27 -64.55
C GLU A 128 28.87 -43.15 -63.71
N ILE A 129 27.59 -42.84 -63.73
CA ILE A 129 26.63 -43.43 -62.82
C ILE A 129 26.35 -44.86 -63.26
N ALA A 130 26.10 -45.73 -62.29
CA ALA A 130 25.94 -47.14 -62.55
C ALA A 130 24.50 -47.44 -62.94
N PRO A 131 24.26 -48.51 -63.70
CA PRO A 131 22.88 -48.84 -64.06
C PRO A 131 22.02 -49.30 -62.90
N SER A 132 22.60 -49.97 -61.91
CA SER A 132 21.83 -50.39 -60.75
C SER A 132 22.69 -50.24 -59.50
N ALA A 133 22.01 -50.12 -58.36
CA ALA A 133 22.70 -49.96 -57.08
C ALA A 133 23.43 -51.23 -56.71
N ARG A 134 24.74 -51.13 -56.53
CA ARG A 134 25.59 -52.28 -56.27
C ARG A 134 26.54 -51.96 -55.14
N GLY A 135 26.43 -52.69 -54.04
CA GLY A 135 27.35 -52.54 -52.93
C GLY A 135 26.66 -52.02 -51.68
N THR A 136 27.37 -52.15 -50.56
CA THR A 136 26.87 -51.73 -49.27
C THR A 136 27.81 -50.78 -48.52
N GLY A 137 29.10 -50.81 -48.80
CA GLY A 137 30.04 -50.09 -47.98
C GLY A 137 30.30 -48.65 -48.37
N GLY A 138 29.35 -47.76 -48.10
CA GLY A 138 29.57 -46.36 -48.41
C GLY A 138 28.47 -45.50 -47.84
N PHE A 139 28.36 -44.29 -48.39
CA PHE A 139 27.33 -43.37 -47.95
C PHE A 139 26.89 -42.51 -49.11
N HIS A 140 25.57 -42.36 -49.18
CA HIS A 140 24.72 -41.47 -49.96
C HIS A 140 24.60 -41.71 -51.45
N TRP A 141 25.65 -42.08 -52.18
CA TRP A 141 25.53 -42.52 -53.58
C TRP A 141 26.63 -43.47 -53.96
N ASP A 142 27.41 -43.91 -52.98
CA ASP A 142 28.50 -44.85 -53.25
C ASP A 142 28.13 -46.18 -53.90
N PRO A 143 26.89 -46.72 -53.85
CA PRO A 143 26.59 -47.87 -54.70
C PRO A 143 26.36 -47.55 -56.17
N ILE A 144 26.07 -46.32 -56.56
CA ILE A 144 25.70 -46.06 -57.95
C ILE A 144 26.74 -45.23 -58.69
N PHE A 145 27.91 -45.00 -58.11
CA PHE A 145 28.93 -44.20 -58.76
C PHE A 145 30.14 -45.04 -59.06
N ILE A 146 30.54 -45.09 -60.33
CA ILE A 146 31.74 -45.80 -60.76
C ILE A 146 32.73 -44.76 -61.26
N PRO A 147 33.94 -44.71 -60.72
CA PRO A 147 34.94 -43.76 -61.24
C PRO A 147 35.42 -44.15 -62.62
N LYS A 148 36.07 -43.19 -63.27
CA LYS A 148 36.63 -43.45 -64.59
C LYS A 148 37.84 -44.35 -64.46
N GLY A 149 37.86 -45.41 -65.25
CA GLY A 149 38.94 -46.39 -65.23
C GLY A 149 38.55 -47.73 -64.65
N GLN A 150 37.71 -47.75 -63.64
CA GLN A 150 37.30 -48.99 -63.00
C GLN A 150 35.98 -49.48 -63.59
N THR A 151 35.64 -50.70 -63.21
CA THR A 151 34.34 -51.29 -63.50
C THR A 151 33.52 -51.43 -62.24
N ARG A 152 34.00 -50.90 -61.13
CA ARG A 152 33.53 -51.23 -59.81
C ARG A 152 33.10 -49.96 -59.09
N THR A 153 31.98 -50.02 -58.37
CA THR A 153 31.42 -48.84 -57.73
C THR A 153 32.22 -48.49 -56.47
N PHE A 154 31.83 -47.41 -55.78
CA PHE A 154 32.50 -47.12 -54.51
C PHE A 154 32.08 -48.10 -53.43
N ALA A 155 30.79 -48.41 -53.33
CA ALA A 155 30.34 -49.29 -52.26
C ALA A 155 30.75 -50.73 -52.47
N GLU A 156 31.13 -51.12 -53.69
CA GLU A 156 31.72 -52.42 -53.90
C GLU A 156 33.18 -52.48 -53.49
N MET A 157 33.82 -51.35 -53.29
CA MET A 157 35.22 -51.31 -52.89
C MET A 157 35.35 -51.45 -51.38
N SER A 158 36.57 -51.66 -50.92
CA SER A 158 36.87 -51.65 -49.50
C SER A 158 37.06 -50.20 -49.05
N LEU A 159 37.40 -50.00 -47.78
CA LEU A 159 37.58 -48.63 -47.31
C LEU A 159 38.91 -48.06 -47.80
N ASP A 160 39.94 -48.88 -47.90
CA ASP A 160 41.21 -48.40 -48.43
C ASP A 160 41.15 -48.18 -49.93
N GLU A 161 40.34 -48.96 -50.64
CA GLU A 161 40.23 -48.75 -52.07
C GLU A 161 39.41 -47.52 -52.40
N LYS A 162 38.38 -47.22 -51.60
CA LYS A 162 37.55 -46.07 -51.92
C LYS A 162 38.29 -44.77 -51.68
N LEU A 163 39.06 -44.69 -50.59
CA LEU A 163 39.76 -43.45 -50.26
C LEU A 163 40.94 -43.17 -51.16
N SER A 164 41.34 -44.11 -52.01
CA SER A 164 42.28 -43.82 -53.07
C SER A 164 41.58 -43.39 -54.35
N PHE A 165 40.25 -43.34 -54.37
CA PHE A 165 39.52 -42.84 -55.53
C PHE A 165 38.54 -41.73 -55.17
N SER A 166 38.01 -41.76 -53.97
CA SER A 166 36.95 -40.82 -53.61
C SER A 166 37.53 -39.42 -53.43
N PRO A 167 36.72 -38.38 -53.66
CA PRO A 167 37.21 -37.02 -53.42
C PRO A 167 37.55 -36.75 -51.99
N LEU A 168 36.88 -37.42 -51.06
CA LEU A 168 37.10 -37.18 -49.64
C LEU A 168 38.38 -37.83 -49.15
N GLY A 169 39.01 -38.66 -49.96
CA GLY A 169 40.28 -39.27 -49.62
C GLY A 169 41.45 -38.36 -49.94
N ARG A 170 41.39 -37.66 -51.07
CA ARG A 170 42.47 -36.72 -51.39
C ARG A 170 42.37 -35.46 -50.56
N LEU A 171 41.18 -35.12 -50.08
CA LEU A 171 41.03 -33.95 -49.23
C LEU A 171 41.64 -34.15 -47.86
N HIS A 172 41.49 -35.34 -47.30
CA HIS A 172 42.00 -35.62 -45.96
C HIS A 172 43.52 -35.72 -45.92
N THR A 173 44.14 -36.01 -47.06
CA THR A 173 45.60 -35.95 -47.11
C THR A 173 46.07 -34.51 -47.24
N ARG A 174 45.33 -33.67 -47.99
CA ARG A 174 45.64 -32.25 -48.04
C ARG A 174 45.36 -31.55 -46.73
N LEU A 175 44.35 -32.01 -45.99
CA LEU A 175 44.05 -31.41 -44.70
C LEU A 175 45.11 -31.73 -43.67
N ARG A 176 45.75 -32.90 -43.79
CA ARG A 176 46.83 -33.24 -42.86
C ARG A 176 48.02 -32.33 -43.03
N THR A 177 48.42 -32.06 -44.27
CA THR A 177 49.65 -31.31 -44.48
C THR A 177 49.46 -29.81 -44.31
N GLU A 178 48.25 -29.29 -44.52
CA GLU A 178 48.08 -27.85 -44.34
C GLU A 178 47.91 -27.48 -42.89
N LEU A 179 47.12 -28.26 -42.15
CA LEU A 179 46.94 -27.96 -40.74
C LEU A 179 48.00 -28.59 -39.85
N GLY A 180 48.87 -29.41 -40.41
CA GLY A 180 49.92 -30.04 -39.62
C GLY A 180 49.39 -31.09 -38.67
N LEU A 181 48.35 -31.80 -39.05
CA LEU A 181 47.72 -32.77 -38.16
C LEU A 181 48.59 -34.01 -38.05
N ALA B 2 19.07 1.39 41.06
CA ALA B 2 19.45 2.57 40.30
C ALA B 2 18.60 3.75 40.71
N PRO B 3 19.21 4.94 40.79
CA PRO B 3 18.48 6.14 41.19
C PRO B 3 17.44 6.57 40.17
N THR B 4 16.57 7.48 40.57
CA THR B 4 15.64 8.13 39.66
C THR B 4 15.92 9.61 39.53
N TRP B 5 16.26 10.27 40.62
CA TRP B 5 16.59 11.69 40.63
C TRP B 5 18.07 11.88 40.92
N PHE B 6 18.67 12.85 40.26
CA PHE B 6 20.09 13.11 40.38
C PHE B 6 20.33 14.54 40.83
N TYR B 7 21.07 14.70 41.90
CA TYR B 7 21.34 16.00 42.47
C TYR B 7 22.65 16.50 41.91
N ASN B 8 22.62 17.63 41.22
CA ASN B 8 23.81 18.17 40.60
C ASN B 8 24.33 19.32 41.44
N THR B 9 25.58 19.19 41.88
CA THR B 9 26.21 20.24 42.66
C THR B 9 27.69 20.26 42.35
N THR B 10 28.31 21.43 42.58
CA THR B 10 29.75 21.56 42.42
C THR B 10 30.48 21.91 43.70
N ASN B 11 29.80 22.46 44.70
CA ASN B 11 30.44 22.78 45.96
C ASN B 11 30.61 21.49 46.77
N SER B 12 31.80 21.34 47.35
CA SER B 12 32.11 20.11 48.07
C SER B 12 31.49 20.06 49.45
N GLU B 13 31.07 21.20 49.99
CA GLU B 13 30.49 21.20 51.33
C GLU B 13 28.97 21.16 51.29
N LYS B 14 28.37 21.69 50.23
CA LYS B 14 26.95 21.48 49.99
C LYS B 14 26.62 20.01 49.78
N LEU B 15 27.55 19.25 49.22
CA LEU B 15 27.32 17.83 49.01
C LEU B 15 27.40 17.06 50.32
N ARG B 16 28.28 17.47 51.23
CA ARG B 16 28.43 16.76 52.48
C ARG B 16 27.26 17.00 53.43
N GLU B 17 26.61 18.15 53.31
CA GLU B 17 25.44 18.41 54.15
C GLU B 17 24.21 17.71 53.60
N LEU B 18 24.10 17.58 52.28
CA LEU B 18 23.01 16.86 51.67
C LEU B 18 23.04 15.39 52.04
N GLN B 19 24.19 14.76 51.89
CA GLN B 19 24.34 13.35 52.21
C GLN B 19 24.24 13.06 53.70
N HIS B 20 24.32 14.06 54.55
CA HIS B 20 24.00 13.84 55.95
C HIS B 20 22.51 13.66 56.16
N VAL B 21 21.69 14.22 55.28
CA VAL B 21 20.24 14.21 55.43
C VAL B 21 19.59 13.19 54.50
N LEU B 22 19.91 13.26 53.21
CA LEU B 22 19.34 12.38 52.20
C LEU B 22 20.34 11.37 51.68
N GLY B 23 21.33 11.00 52.48
CA GLY B 23 22.32 10.05 52.01
C GLY B 23 21.83 8.63 51.99
N GLY B 24 20.89 8.29 52.87
CA GLY B 24 20.41 6.93 52.92
C GLY B 24 19.39 6.56 51.87
N SER B 25 18.91 7.54 51.11
CA SER B 25 17.87 7.26 50.12
C SER B 25 18.47 6.55 48.92
N ALA B 26 17.88 5.42 48.55
CA ALA B 26 18.39 4.59 47.47
C ALA B 26 18.09 5.15 46.10
N LYS B 27 17.21 6.15 46.01
CA LYS B 27 16.76 6.63 44.71
C LYS B 27 17.19 8.06 44.46
N LEU B 28 18.30 8.48 45.06
CA LEU B 28 18.90 9.78 44.79
C LEU B 28 20.34 9.57 44.39
N GLY B 29 20.69 9.95 43.17
CA GLY B 29 22.07 9.90 42.74
C GLY B 29 22.72 11.26 42.82
N TYR B 30 24.01 11.29 42.54
CA TYR B 30 24.80 12.50 42.74
C TYR B 30 25.67 12.75 41.52
N LEU B 31 25.57 13.93 40.94
CA LEU B 31 26.35 14.30 39.77
C LEU B 31 27.07 15.60 40.04
N THR B 32 28.20 15.79 39.37
CA THR B 32 29.01 16.98 39.53
C THR B 32 29.30 17.63 38.18
N ALA B 33 28.28 17.75 37.34
CA ALA B 33 28.47 18.37 36.05
C ALA B 33 28.60 19.87 36.20
N LYS B 34 29.56 20.45 35.49
CA LYS B 34 29.78 21.89 35.55
C LYS B 34 28.87 22.57 34.55
N VAL B 35 27.98 23.42 35.06
CA VAL B 35 27.07 24.17 34.21
C VAL B 35 27.36 25.66 34.38
N THR B 36 27.05 26.43 33.34
CA THR B 36 27.34 27.86 33.34
C THR B 36 26.32 28.58 34.20
N GLU B 37 26.79 29.24 35.25
CA GLU B 37 25.90 29.90 36.20
C GLU B 37 25.36 31.19 35.62
N ILE B 38 24.05 31.34 35.64
CA ILE B 38 23.43 32.62 35.35
C ILE B 38 23.64 33.54 36.54
N LEU B 39 23.81 34.82 36.27
CA LEU B 39 24.02 35.82 37.31
C LEU B 39 22.82 36.76 37.29
N ASP B 40 22.09 36.80 38.40
CA ASP B 40 20.94 37.69 38.55
C ASP B 40 20.72 37.87 40.04
N VAL B 41 20.00 38.92 40.41
CA VAL B 41 19.77 39.20 41.82
C VAL B 41 18.62 38.34 42.35
N ASP B 42 17.64 38.05 41.50
CA ASP B 42 16.46 37.34 41.92
C ASP B 42 16.74 35.83 42.02
N LEU B 43 16.40 35.25 43.17
CA LEU B 43 16.66 33.83 43.39
C LEU B 43 15.73 32.95 42.57
N GLU B 44 14.48 33.37 42.42
CA GLU B 44 13.51 32.64 41.60
C GLU B 44 13.94 32.59 40.14
N THR B 45 14.61 33.62 39.65
CA THR B 45 15.05 33.62 38.26
C THR B 45 16.24 32.70 38.06
N VAL B 46 17.17 32.68 39.01
CA VAL B 46 18.41 31.93 38.85
C VAL B 46 18.19 30.43 38.97
N ILE B 47 17.41 30.00 39.98
CA ILE B 47 17.19 28.59 40.19
C ILE B 47 16.32 27.99 39.10
N ARG B 48 15.51 28.81 38.44
CA ARG B 48 14.67 28.32 37.36
C ARG B 48 15.47 28.24 36.07
N ALA B 49 16.56 28.97 35.98
CA ALA B 49 17.44 28.92 34.81
C ALA B 49 18.57 27.92 34.97
N LYS B 50 18.92 27.53 36.20
CA LYS B 50 19.89 26.47 36.38
C LYS B 50 19.32 25.12 36.02
N ALA B 51 18.01 24.94 36.16
CA ALA B 51 17.41 23.65 35.89
C ALA B 51 17.37 23.33 34.41
N ILE B 52 17.20 24.35 33.56
CA ILE B 52 17.36 24.14 32.12
C ILE B 52 18.81 23.89 31.79
N ALA B 53 19.72 24.67 32.38
CA ALA B 53 21.14 24.54 32.07
C ALA B 53 21.73 23.24 32.59
N ALA B 54 21.18 22.68 33.65
CA ALA B 54 21.68 21.42 34.14
C ALA B 54 21.01 20.22 33.49
N TYR B 55 19.77 20.36 33.02
CA TYR B 55 19.16 19.24 32.31
C TYR B 55 19.82 19.05 30.94
N ARG B 56 20.29 20.13 30.33
CA ARG B 56 20.99 20.01 29.06
C ARG B 56 22.32 19.29 29.22
N ALA B 57 22.91 19.36 30.40
CA ALA B 57 24.21 18.74 30.61
C ALA B 57 24.10 17.25 30.90
N VAL B 58 23.13 16.85 31.71
CA VAL B 58 23.10 15.47 32.19
C VAL B 58 21.97 14.64 31.56
N ARG B 59 20.88 15.27 31.11
CA ARG B 59 19.76 14.64 30.42
C ARG B 59 19.07 13.54 31.24
N VAL B 60 19.15 13.65 32.55
CA VAL B 60 18.43 12.78 33.47
C VAL B 60 17.59 13.70 34.35
N PRO B 61 16.58 13.18 35.05
CA PRO B 61 15.85 14.03 36.00
C PRO B 61 16.75 14.60 37.09
N VAL B 62 16.92 15.92 37.07
CA VAL B 62 17.98 16.57 37.82
C VAL B 62 17.36 17.42 38.92
N ILE B 63 18.13 17.65 39.98
CA ILE B 63 17.78 18.56 41.07
C ILE B 63 18.93 19.54 41.22
N VAL B 64 18.63 20.84 41.19
CA VAL B 64 19.65 21.86 41.36
C VAL B 64 19.37 22.66 42.62
N GLU B 65 20.28 23.57 42.94
CA GLU B 65 20.26 24.28 44.21
C GLU B 65 20.95 25.62 44.03
N HIS B 66 20.42 26.65 44.69
CA HIS B 66 21.10 27.93 44.72
C HIS B 66 20.71 28.64 46.00
N GLY B 67 21.60 29.51 46.48
CA GLY B 67 21.38 30.22 47.72
C GLY B 67 21.32 31.72 47.49
N ALA B 68 20.89 32.43 48.52
CA ALA B 68 20.82 33.88 48.44
C ALA B 68 21.07 34.48 49.81
N LEU B 69 21.61 35.69 49.81
CA LEU B 69 21.77 36.45 51.05
C LEU B 69 21.36 37.88 50.72
N CYS B 70 20.19 38.28 51.21
CA CYS B 70 19.67 39.63 50.90
C CYS B 70 19.89 40.57 52.09
N ILE B 71 20.72 41.60 51.90
CA ILE B 71 21.02 42.56 53.01
C ILE B 71 20.19 43.82 52.81
N ASP B 72 19.50 44.28 53.85
CA ASP B 72 18.65 45.50 53.75
C ASP B 72 19.53 46.70 53.43
N ALA B 73 20.70 46.80 54.07
CA ALA B 73 21.62 47.94 53.84
C ALA B 73 22.01 47.99 52.36
N LEU B 74 22.23 46.83 51.73
CA LEU B 74 22.64 46.79 50.30
C LEU B 74 21.39 46.64 49.42
N ASN B 75 20.20 46.83 50.00
CA ASN B 75 18.94 46.77 49.22
C ASN B 75 18.82 45.41 48.52
N GLY B 76 18.85 44.31 49.29
CA GLY B 76 18.65 42.97 48.70
C GLY B 76 19.90 42.43 48.01
N LEU B 77 21.07 42.94 48.38
CA LEU B 77 22.35 42.42 47.81
C LEU B 77 23.11 41.67 48.91
N PRO B 78 23.95 40.65 48.60
CA PRO B 78 24.17 40.18 47.23
C PRO B 78 22.97 39.55 46.52
N GLY B 79 21.97 39.09 47.25
CA GLY B 79 20.84 38.38 46.62
C GLY B 79 21.32 37.05 46.07
N ALA B 80 20.95 36.72 44.82
CA ALA B 80 21.35 35.43 44.23
C ALA B 80 22.72 35.56 43.57
N LEU B 81 23.35 36.73 43.69
CA LEU B 81 24.73 36.90 43.14
C LEU B 81 25.73 36.42 44.20
N VAL B 82 25.74 35.12 44.49
CA VAL B 82 26.61 34.63 45.55
C VAL B 82 28.02 34.35 45.03
N LYS B 83 28.19 34.16 43.73
CA LYS B 83 29.53 33.91 43.24
C LYS B 83 30.38 35.18 43.11
N PRO B 84 29.92 36.30 42.49
CA PRO B 84 30.85 37.43 42.37
C PRO B 84 31.13 38.17 43.65
N PHE B 85 30.32 38.02 44.70
CA PHE B 85 30.69 38.67 45.95
C PHE B 85 31.64 37.81 46.74
N TRP B 86 31.47 36.49 46.68
CA TRP B 86 32.35 35.59 47.41
C TRP B 86 33.76 35.58 46.81
N GLU B 87 33.88 35.80 45.52
CA GLU B 87 35.19 35.95 44.90
C GLU B 87 35.82 37.31 45.15
N SER B 88 35.13 38.22 45.83
CA SER B 88 35.66 39.54 46.15
C SER B 88 35.62 39.88 47.63
N LEU B 89 34.55 39.54 48.32
CA LEU B 89 34.41 39.79 49.76
C LEU B 89 34.10 38.46 50.42
N ASP B 90 35.13 37.79 50.96
CA ASP B 90 34.93 36.50 51.60
C ASP B 90 34.05 36.62 52.83
N THR B 91 34.60 37.20 53.89
CA THR B 91 33.84 37.52 55.08
C THR B 91 34.08 38.96 55.49
N ARG B 92 34.76 39.73 54.65
CA ARG B 92 34.87 41.17 54.82
C ARG B 92 33.59 41.89 54.47
N LEU B 93 32.59 41.17 53.96
CA LEU B 93 31.26 41.70 53.73
C LEU B 93 30.56 42.10 55.01
N CYS B 94 31.02 41.62 56.16
CA CYS B 94 30.49 42.14 57.42
C CYS B 94 31.06 43.50 57.77
N GLU B 95 32.05 43.99 57.02
CA GLU B 95 32.64 45.29 57.26
C GLU B 95 32.05 46.37 56.35
N VAL B 96 31.72 46.02 55.11
CA VAL B 96 31.34 47.04 54.13
C VAL B 96 29.93 47.53 54.29
N ILE B 97 29.16 47.00 55.23
CA ILE B 97 27.79 47.44 55.42
C ILE B 97 27.80 48.23 56.72
N PRO B 98 26.95 49.24 56.88
CA PRO B 98 26.98 50.07 58.08
C PRO B 98 26.59 49.32 59.34
N ALA B 99 27.10 49.81 60.47
CA ALA B 99 26.95 49.10 61.74
C ALA B 99 25.65 49.41 62.46
N GLY B 100 24.81 50.28 61.91
CA GLY B 100 23.54 50.59 62.54
C GLY B 100 22.46 49.58 62.23
N GLN B 101 22.32 49.24 60.94
CA GLN B 101 21.28 48.32 60.49
C GLN B 101 21.94 47.05 59.97
N ARG B 102 21.66 45.93 60.65
CA ARG B 102 22.36 44.68 60.39
C ARG B 102 21.46 43.60 59.81
N THR B 103 20.17 43.84 59.66
CA THR B 103 19.22 42.78 59.36
C THR B 103 19.33 42.30 57.92
N ALA B 104 19.04 41.02 57.73
CA ALA B 104 19.20 40.36 56.45
C ALA B 104 18.38 39.07 56.45
N ARG B 105 18.25 38.47 55.27
CA ARG B 105 17.60 37.17 55.15
C ARG B 105 18.49 36.24 54.34
N ALA B 106 18.68 35.03 54.85
CA ALA B 106 19.31 33.96 54.09
C ALA B 106 18.22 33.16 53.40
N ARG B 107 18.39 32.94 52.11
CA ARG B 107 17.37 32.28 51.30
C ARG B 107 18.00 31.17 50.48
N GLY B 108 17.22 30.12 50.26
CA GLY B 108 17.69 29.01 49.45
C GLY B 108 16.58 28.53 48.54
N ALA B 109 16.98 27.84 47.48
CA ALA B 109 16.00 27.36 46.52
C ALA B 109 16.47 26.07 45.88
N LEU B 110 15.55 25.11 45.80
CA LEU B 110 15.73 23.89 45.03
C LEU B 110 14.82 23.93 43.82
N CYS B 111 15.25 23.27 42.74
CA CYS B 111 14.39 23.12 41.57
C CYS B 111 14.68 21.77 40.95
N TYR B 112 13.67 20.93 40.84
CA TYR B 112 13.81 19.63 40.19
C TYR B 112 13.08 19.62 38.87
N CYS B 113 13.71 19.03 37.86
CA CYS B 113 13.22 19.07 36.49
C CYS B 113 13.34 17.68 35.89
N ASP B 114 12.21 17.07 35.56
CA ASP B 114 12.24 15.77 34.92
C ASP B 114 12.31 15.86 33.40
N GLY B 115 12.33 17.05 32.85
CA GLY B 115 12.30 17.26 31.42
C GLY B 115 11.01 17.89 30.92
N ARG B 116 9.90 17.64 31.59
CA ARG B 116 8.63 18.22 31.19
C ARG B 116 8.26 19.46 31.97
N GLU B 117 8.60 19.54 33.25
CA GLU B 117 8.19 20.67 34.05
C GLU B 117 9.14 20.86 35.22
N ARG B 118 9.28 22.10 35.65
CA ARG B 118 10.14 22.50 36.74
C ARG B 118 9.30 22.80 37.97
N HIS B 119 9.80 22.43 39.14
CA HIS B 119 9.13 22.76 40.38
C HIS B 119 10.12 23.37 41.35
N VAL B 120 9.80 24.56 41.85
CA VAL B 120 10.72 25.36 42.66
C VAL B 120 10.25 25.34 44.10
N LEU B 121 11.16 25.03 45.02
CA LEU B 121 10.92 25.08 46.46
C LEU B 121 11.80 26.16 47.05
N ILE B 122 11.22 27.06 47.83
CA ILE B 122 11.98 28.17 48.42
C ILE B 122 11.71 28.24 49.92
N GLU B 123 12.77 28.18 50.71
CA GLU B 123 12.71 28.51 52.12
C GLU B 123 13.52 29.77 52.39
N GLU B 124 13.44 30.25 53.62
CA GLU B 124 13.95 31.56 53.98
C GLU B 124 14.13 31.62 55.49
N THR B 125 15.22 32.22 55.92
CA THR B 125 15.48 32.44 57.34
C THR B 125 15.81 33.91 57.54
N GLU B 126 15.08 34.56 58.42
CA GLU B 126 15.35 35.96 58.74
C GLU B 126 16.37 36.03 59.86
N GLY B 127 17.39 36.84 59.68
CA GLY B 127 18.46 36.96 60.65
C GLY B 127 19.08 38.32 60.61
N GLU B 128 20.34 38.39 61.03
CA GLU B 128 21.08 39.64 61.02
C GLU B 128 22.56 39.32 61.01
N ILE B 129 23.30 40.12 60.26
CA ILE B 129 24.69 39.85 59.95
C ILE B 129 25.53 40.11 61.19
N ALA B 130 26.59 39.31 61.36
CA ALA B 130 27.41 39.37 62.55
C ALA B 130 28.47 40.45 62.40
N PRO B 131 28.95 41.01 63.52
CA PRO B 131 29.99 42.05 63.40
C PRO B 131 31.33 41.52 62.92
N SER B 132 31.69 40.27 63.23
CA SER B 132 32.93 39.72 62.75
C SER B 132 32.71 38.25 62.40
N ALA B 133 33.58 37.73 61.53
CA ALA B 133 33.50 36.34 61.10
C ALA B 133 33.83 35.41 62.25
N ARG B 134 32.89 34.53 62.59
CA ARG B 134 33.03 33.64 63.74
C ARG B 134 32.61 32.24 63.34
N GLY B 135 33.53 31.30 63.39
CA GLY B 135 33.22 29.91 63.13
C GLY B 135 33.90 29.39 61.88
N THR B 136 33.90 28.06 61.76
CA THR B 136 34.53 27.38 60.64
C THR B 136 33.61 26.41 59.91
N GLY B 137 32.59 25.89 60.57
CA GLY B 137 31.82 24.82 59.98
C GLY B 137 30.66 25.23 59.10
N GLY B 138 30.94 25.72 57.90
CA GLY B 138 29.87 26.08 57.00
C GLY B 138 30.39 26.39 55.62
N PHE B 139 29.57 27.10 54.85
CA PHE B 139 29.97 27.50 53.52
C PHE B 139 29.34 28.83 53.16
N HIS B 140 30.18 29.66 52.57
CA HIS B 140 29.99 30.92 51.86
C HIS B 140 29.63 32.16 52.67
N TRP B 141 28.79 32.08 53.72
CA TRP B 141 28.59 33.20 54.65
C TRP B 141 28.17 32.71 56.02
N ASP B 142 28.24 31.41 56.24
CA ASP B 142 27.89 30.84 57.53
C ASP B 142 28.66 31.35 58.75
N PRO B 143 29.88 31.91 58.67
CA PRO B 143 30.42 32.57 59.87
C PRO B 143 29.83 33.93 60.19
N ILE B 144 29.19 34.63 59.25
CA ILE B 144 28.76 35.99 59.53
C ILE B 144 27.26 36.15 59.59
N PHE B 145 26.50 35.06 59.62
CA PHE B 145 25.05 35.14 59.64
C PHE B 145 24.53 34.54 60.94
N ILE B 146 23.78 35.32 61.69
CA ILE B 146 23.15 34.87 62.93
C ILE B 146 21.64 34.88 62.69
N PRO B 147 20.95 33.77 62.90
CA PRO B 147 19.49 33.77 62.74
C PRO B 147 18.82 34.55 63.86
N LYS B 148 17.55 34.87 63.65
CA LYS B 148 16.78 35.57 64.66
C LYS B 148 16.45 34.61 65.80
N GLY B 149 16.73 35.05 67.02
CA GLY B 149 16.52 34.25 68.20
C GLY B 149 17.78 33.78 68.88
N GLN B 150 18.81 33.44 68.11
CA GLN B 150 20.06 32.95 68.66
C GLN B 150 21.06 34.09 68.81
N THR B 151 22.14 33.78 69.49
CA THR B 151 23.31 34.64 69.58
C THR B 151 24.49 34.07 68.82
N ARG B 152 24.26 32.99 68.07
CA ARG B 152 25.31 32.14 67.56
C ARG B 152 25.18 32.02 66.05
N THR B 153 26.31 32.09 65.34
CA THR B 153 26.29 32.08 63.88
C THR B 153 25.99 30.68 63.35
N PHE B 154 25.94 30.53 62.02
CA PHE B 154 25.79 29.19 61.49
C PHE B 154 27.07 28.38 61.62
N ALA B 155 28.22 28.98 61.32
CA ALA B 155 29.47 28.23 61.37
C ALA B 155 29.91 27.92 62.79
N GLU B 156 29.38 28.62 63.79
CA GLU B 156 29.61 28.22 65.17
C GLU B 156 28.75 27.06 65.61
N MET B 157 27.71 26.72 64.85
CA MET B 157 26.84 25.61 65.19
C MET B 157 27.41 24.30 64.66
N SER B 158 26.83 23.19 65.12
CA SER B 158 27.17 21.89 64.59
C SER B 158 26.38 21.67 63.29
N LEU B 159 26.51 20.50 62.69
CA LEU B 159 25.78 20.24 61.45
C LEU B 159 24.32 19.97 61.73
N ASP B 160 23.99 19.32 62.83
CA ASP B 160 22.60 19.11 63.18
C ASP B 160 21.93 20.39 63.66
N GLU B 161 22.68 21.29 64.29
CA GLU B 161 22.07 22.54 64.71
C GLU B 161 21.84 23.47 63.55
N LYS B 162 22.73 23.48 62.56
CA LYS B 162 22.56 24.40 61.44
C LYS B 162 21.37 24.01 60.57
N LEU B 163 21.20 22.72 60.33
CA LEU B 163 20.12 22.26 59.46
C LEU B 163 18.75 22.36 60.09
N SER B 164 18.66 22.65 61.39
CA SER B 164 17.40 23.03 61.99
C SER B 164 17.15 24.53 61.95
N PHE B 165 18.09 25.30 61.39
CA PHE B 165 17.87 26.73 61.23
C PHE B 165 18.09 27.19 59.81
N SER B 166 18.97 26.53 59.07
CA SER B 166 19.34 27.00 57.75
C SER B 166 18.20 26.77 56.77
N PRO B 167 18.10 27.59 55.73
CA PRO B 167 17.06 27.36 54.71
C PRO B 167 17.23 26.06 53.98
N LEU B 168 18.46 25.58 53.84
CA LEU B 168 18.72 24.36 53.09
C LEU B 168 18.35 23.13 53.89
N GLY B 169 18.05 23.27 55.18
CA GLY B 169 17.60 22.17 56.00
C GLY B 169 16.12 21.92 55.89
N ARG B 170 15.32 22.97 55.79
CA ARG B 170 13.89 22.79 55.61
C ARG B 170 13.56 22.38 54.18
N LEU B 171 14.41 22.74 53.23
CA LEU B 171 14.19 22.35 51.83
C LEU B 171 14.40 20.86 51.63
N HIS B 172 15.41 20.29 52.28
CA HIS B 172 15.71 18.88 52.11
C HIS B 172 14.69 17.98 52.75
N THR B 173 13.96 18.47 53.75
CA THR B 173 12.85 17.70 54.29
C THR B 173 11.64 17.77 53.37
N ARG B 174 11.41 18.93 52.75
CA ARG B 174 10.36 19.06 51.75
C ARG B 174 10.67 18.27 50.48
N LEU B 175 11.96 18.17 50.13
CA LEU B 175 12.34 17.42 48.94
C LEU B 175 12.15 15.93 49.16
N ARG B 176 12.31 15.46 50.40
CA ARG B 176 12.09 14.05 50.68
C ARG B 176 10.63 13.66 50.48
N THR B 177 9.71 14.48 50.98
CA THR B 177 8.31 14.07 50.96
C THR B 177 7.66 14.30 49.60
N GLU B 178 8.15 15.25 48.80
CA GLU B 178 7.53 15.45 47.50
C GLU B 178 8.01 14.43 46.48
N LEU B 179 9.32 14.16 46.47
CA LEU B 179 9.82 13.18 45.52
C LEU B 179 9.77 11.76 46.05
N GLY B 180 9.38 11.57 47.30
CA GLY B 180 9.30 10.23 47.85
C GLY B 180 10.64 9.58 48.07
N LEU B 181 11.65 10.37 48.40
CA LEU B 181 13.00 9.85 48.55
C LEU B 181 13.13 9.04 49.83
N ALA C 2 -7.53 1.75 -44.64
CA ALA C 2 -6.31 1.01 -44.36
C ALA C 2 -6.58 -0.48 -44.45
N PRO C 3 -5.62 -1.23 -44.99
CA PRO C 3 -5.81 -2.68 -45.11
C PRO C 3 -5.80 -3.41 -43.78
N THR C 4 -6.21 -4.65 -43.78
CA THR C 4 -6.07 -5.52 -42.62
C THR C 4 -5.11 -6.67 -42.87
N TRP C 5 -5.14 -7.25 -44.07
CA TRP C 5 -4.25 -8.33 -44.44
C TRP C 5 -3.26 -7.85 -45.49
N PHE C 6 -2.04 -8.31 -45.41
CA PHE C 6 -0.97 -7.89 -46.30
C PHE C 6 -0.37 -9.09 -47.00
N TYR C 7 -0.34 -9.05 -48.32
CA TYR C 7 0.16 -10.13 -49.12
C TYR C 7 1.62 -9.87 -49.41
N ASN C 8 2.49 -10.78 -48.99
CA ASN C 8 3.92 -10.60 -49.17
C ASN C 8 4.39 -11.48 -50.31
N THR C 9 4.98 -10.86 -51.33
CA THR C 9 5.51 -11.59 -52.46
C THR C 9 6.73 -10.87 -52.98
N THR C 10 7.58 -11.63 -53.66
CA THR C 10 8.75 -11.04 -54.32
C THR C 10 8.76 -11.20 -55.82
N ASN C 11 8.00 -12.14 -56.38
CA ASN C 11 7.94 -12.31 -57.81
C ASN C 11 7.04 -11.22 -58.40
N SER C 12 7.50 -10.61 -59.49
CA SER C 12 6.76 -9.50 -60.07
C SER C 12 5.58 -9.95 -60.91
N GLU C 13 5.52 -11.22 -61.30
CA GLU C 13 4.41 -11.68 -62.11
C GLU C 13 3.34 -12.35 -61.28
N LYS C 14 3.72 -12.93 -60.14
CA LYS C 14 2.73 -13.39 -59.16
C LYS C 14 1.93 -12.23 -58.61
N LEU C 15 2.52 -11.05 -58.51
CA LEU C 15 1.81 -9.89 -58.02
C LEU C 15 0.81 -9.37 -59.04
N ARG C 16 1.15 -9.45 -60.33
CA ARG C 16 0.26 -8.94 -61.35
C ARG C 16 -0.95 -9.83 -61.56
N GLU C 17 -0.82 -11.13 -61.29
CA GLU C 17 -1.96 -12.02 -61.40
C GLU C 17 -2.88 -11.91 -60.19
N LEU C 18 -2.31 -11.65 -59.02
CA LEU C 18 -3.11 -11.45 -57.82
C LEU C 18 -3.97 -10.21 -57.93
N GLN C 19 -3.37 -9.09 -58.33
CA GLN C 19 -4.09 -7.84 -58.48
C GLN C 19 -5.08 -7.84 -59.63
N HIS C 20 -5.01 -8.81 -60.53
CA HIS C 20 -6.08 -8.97 -61.50
C HIS C 20 -7.33 -9.53 -60.85
N VAL C 21 -7.18 -10.29 -59.77
CA VAL C 21 -8.30 -10.97 -59.12
C VAL C 21 -8.74 -10.25 -57.86
N LEU C 22 -7.80 -9.97 -56.96
CA LEU C 22 -8.08 -9.33 -55.68
C LEU C 22 -7.56 -7.90 -55.63
N GLY C 23 -7.47 -7.23 -56.77
CA GLY C 23 -6.96 -5.88 -56.76
C GLY C 23 -7.96 -4.86 -56.29
N GLY C 24 -9.24 -5.13 -56.48
CA GLY C 24 -10.26 -4.18 -56.07
C GLY C 24 -10.59 -4.18 -54.60
N SER C 25 -10.07 -5.14 -53.84
CA SER C 25 -10.42 -5.24 -52.43
C SER C 25 -9.70 -4.18 -51.64
N ALA C 26 -10.45 -3.41 -50.86
CA ALA C 26 -9.91 -2.29 -50.11
C ALA C 26 -9.13 -2.73 -48.88
N LYS C 27 -9.24 -3.99 -48.48
CA LYS C 27 -8.65 -4.43 -47.23
C LYS C 27 -7.54 -5.44 -47.45
N LEU C 28 -6.88 -5.39 -48.60
CA LEU C 28 -5.71 -6.19 -48.88
C LEU C 28 -4.57 -5.26 -49.27
N GLY C 29 -3.50 -5.26 -48.49
CA GLY C 29 -2.32 -4.51 -48.85
C GLY C 29 -1.27 -5.40 -49.46
N TYR C 30 -0.18 -4.80 -49.91
CA TYR C 30 0.84 -5.51 -50.67
C TYR C 30 2.21 -5.14 -50.14
N LEU C 31 2.99 -6.13 -49.77
CA LEU C 31 4.34 -5.92 -49.26
C LEU C 31 5.33 -6.75 -50.05
N THR C 32 6.57 -6.29 -50.11
CA THR C 32 7.62 -6.97 -50.85
C THR C 32 8.83 -7.21 -49.97
N ALA C 33 8.61 -7.67 -48.75
CA ALA C 33 9.72 -7.93 -47.85
C ALA C 33 10.43 -9.21 -48.25
N LYS C 34 11.76 -9.16 -48.26
CA LYS C 34 12.55 -10.32 -48.63
C LYS C 34 12.75 -11.20 -47.41
N VAL C 35 12.26 -12.43 -47.48
CA VAL C 35 12.42 -13.39 -46.40
C VAL C 35 13.21 -14.57 -46.91
N THR C 36 13.90 -15.24 -46.00
CA THR C 36 14.78 -16.35 -46.36
C THR C 36 13.94 -17.58 -46.64
N GLU C 37 14.03 -18.10 -47.85
CA GLU C 37 13.21 -19.21 -48.27
C GLU C 37 13.73 -20.51 -47.69
N ILE C 38 12.86 -21.25 -47.03
CA ILE C 38 13.18 -22.62 -46.64
C ILE C 38 13.13 -23.50 -47.89
N LEU C 39 14.00 -24.49 -47.94
CA LEU C 39 14.06 -25.42 -49.06
C LEU C 39 13.66 -26.80 -48.55
N ASP C 40 12.57 -27.34 -49.09
CA ASP C 40 12.10 -28.67 -48.75
C ASP C 40 11.23 -29.14 -49.90
N VAL C 41 11.03 -30.45 -49.98
CA VAL C 41 10.25 -31.00 -51.07
C VAL C 41 8.76 -30.87 -50.79
N ASP C 42 8.38 -30.96 -49.52
CA ASP C 42 6.97 -30.94 -49.14
C ASP C 42 6.41 -29.52 -49.15
N LEU C 43 5.30 -29.33 -49.86
CA LEU C 43 4.70 -28.00 -49.98
C LEU C 43 4.06 -27.56 -48.68
N GLU C 44 3.45 -28.48 -47.94
CA GLU C 44 2.86 -28.18 -46.65
C GLU C 44 3.90 -27.72 -45.64
N THR C 45 5.12 -28.23 -45.73
CA THR C 45 6.16 -27.83 -44.81
C THR C 45 6.69 -26.44 -45.13
N VAL C 46 6.83 -26.12 -46.42
CA VAL C 46 7.45 -24.87 -46.83
C VAL C 46 6.52 -23.69 -46.59
N ILE C 47 5.25 -23.83 -46.97
CA ILE C 47 4.31 -22.71 -46.83
C ILE C 47 4.00 -22.45 -45.36
N ARG C 48 4.15 -23.44 -44.51
CA ARG C 48 3.90 -23.26 -43.09
C ARG C 48 5.10 -22.62 -42.42
N ALA C 49 6.27 -22.74 -43.02
CA ALA C 49 7.48 -22.11 -42.50
C ALA C 49 7.73 -20.74 -43.10
N LYS C 50 7.15 -20.41 -44.25
CA LYS C 50 7.25 -19.06 -44.77
C LYS C 50 6.40 -18.09 -43.96
N ALA C 51 5.32 -18.57 -43.36
CA ALA C 51 4.43 -17.68 -42.63
C ALA C 51 5.04 -17.22 -41.33
N ILE C 52 5.83 -18.05 -40.67
CA ILE C 52 6.61 -17.59 -39.53
C ILE C 52 7.70 -16.63 -39.97
N ALA C 53 8.40 -16.98 -41.07
CA ALA C 53 9.51 -16.17 -41.53
C ALA C 53 9.05 -14.84 -42.09
N ALA C 54 7.82 -14.77 -42.61
CA ALA C 54 7.34 -13.49 -43.10
C ALA C 54 6.64 -12.67 -42.04
N TYR C 55 6.08 -13.29 -41.01
CA TYR C 55 5.50 -12.51 -39.93
C TYR C 55 6.59 -11.83 -39.10
N ARG C 56 7.76 -12.47 -38.99
CA ARG C 56 8.87 -11.85 -38.29
C ARG C 56 9.39 -10.62 -39.02
N ALA C 57 9.22 -10.58 -40.34
CA ALA C 57 9.74 -9.47 -41.10
C ALA C 57 8.81 -8.26 -41.07
N VAL C 58 7.51 -8.47 -41.17
CA VAL C 58 6.59 -7.37 -41.37
C VAL C 58 5.73 -7.07 -40.13
N ARG C 59 5.49 -8.06 -39.27
CA ARG C 59 4.77 -7.94 -37.99
C ARG C 59 3.34 -7.42 -38.17
N VAL C 60 2.75 -7.66 -39.32
CA VAL C 60 1.34 -7.38 -39.58
C VAL C 60 0.72 -8.69 -40.01
N PRO C 61 -0.61 -8.82 -39.99
CA PRO C 61 -1.24 -10.04 -40.52
C PRO C 61 -0.92 -10.28 -41.99
N VAL C 62 -0.16 -11.34 -42.25
CA VAL C 62 0.50 -11.53 -43.53
C VAL C 62 -0.11 -12.72 -44.24
N ILE C 63 -0.03 -12.71 -45.57
CA ILE C 63 -0.42 -13.83 -46.43
C ILE C 63 0.78 -14.17 -47.30
N VAL C 64 1.18 -15.44 -47.31
CA VAL C 64 2.29 -15.88 -48.13
C VAL C 64 1.80 -16.89 -49.16
N GLU C 65 2.71 -17.29 -50.04
CA GLU C 65 2.36 -18.12 -51.19
C GLU C 65 3.57 -18.93 -51.60
N HIS C 66 3.32 -20.17 -52.02
CA HIS C 66 4.38 -20.98 -52.58
C HIS C 66 3.76 -21.96 -53.55
N GLY C 67 4.55 -22.38 -54.55
CA GLY C 67 4.07 -23.28 -55.57
C GLY C 67 4.85 -24.58 -55.57
N ALA C 68 4.34 -25.56 -56.30
CA ALA C 68 5.01 -26.84 -56.41
C ALA C 68 4.74 -27.44 -57.77
N LEU C 69 5.69 -28.25 -58.24
CA LEU C 69 5.49 -28.99 -59.51
C LEU C 69 5.99 -30.42 -59.24
N CYS C 70 5.08 -31.39 -59.15
CA CYS C 70 5.49 -32.76 -58.80
C CYS C 70 5.40 -33.65 -60.05
N ILE C 71 6.55 -34.17 -60.51
CA ILE C 71 6.58 -35.01 -61.74
C ILE C 71 6.74 -36.48 -61.33
N ASP C 72 5.90 -37.36 -61.88
CA ASP C 72 5.97 -38.81 -61.54
C ASP C 72 7.33 -39.36 -61.99
N ALA C 73 7.81 -38.92 -63.15
CA ALA C 73 9.11 -39.41 -63.67
C ALA C 73 10.23 -39.08 -62.68
N LEU C 74 10.14 -37.92 -62.02
CA LEU C 74 11.19 -37.50 -61.06
C LEU C 74 10.78 -37.91 -59.65
N ASN C 75 9.72 -38.71 -59.53
CA ASN C 75 9.27 -39.20 -58.19
C ASN C 75 8.96 -38.02 -57.28
N GLY C 76 8.18 -37.04 -57.76
CA GLY C 76 7.77 -35.92 -56.89
C GLY C 76 8.57 -34.66 -57.11
N LEU C 77 9.79 -34.79 -57.65
CA LEU C 77 10.62 -33.59 -57.97
C LEU C 77 10.02 -32.90 -59.20
N PRO C 78 10.18 -31.56 -59.39
CA PRO C 78 10.86 -30.67 -58.45
C PRO C 78 10.29 -30.61 -57.02
N GLY C 79 8.96 -30.70 -56.88
CA GLY C 79 8.35 -30.54 -55.54
C GLY C 79 8.26 -29.07 -55.17
N ALA C 80 8.43 -28.74 -53.89
CA ALA C 80 8.43 -27.32 -53.47
C ALA C 80 9.80 -26.70 -53.74
N LEU C 81 10.79 -27.52 -54.13
CA LEU C 81 12.12 -26.97 -54.49
C LEU C 81 12.00 -26.31 -55.87
N VAL C 82 11.10 -25.32 -55.99
CA VAL C 82 10.87 -24.64 -57.30
C VAL C 82 12.01 -23.64 -57.53
N LYS C 83 12.71 -23.25 -56.47
CA LYS C 83 13.78 -22.23 -56.61
C LYS C 83 15.02 -22.87 -57.23
N PRO C 84 15.73 -23.83 -56.59
CA PRO C 84 16.99 -24.37 -57.13
C PRO C 84 16.85 -25.07 -58.47
N PHE C 85 15.65 -25.46 -58.89
CA PHE C 85 15.56 -26.05 -60.22
C PHE C 85 15.41 -24.96 -61.27
N TRP C 86 14.71 -23.89 -60.94
CA TRP C 86 14.53 -22.79 -61.88
C TRP C 86 15.84 -22.04 -62.12
N GLU C 87 16.71 -21.99 -61.13
CA GLU C 87 18.02 -21.41 -61.33
C GLU C 87 18.98 -22.34 -62.07
N SER C 88 18.56 -23.56 -62.41
CA SER C 88 19.39 -24.51 -63.14
C SER C 88 18.74 -25.03 -64.40
N LEU C 89 17.45 -25.35 -64.38
CA LEU C 89 16.72 -25.83 -65.54
C LEU C 89 15.52 -24.91 -65.73
N ASP C 90 15.65 -23.93 -66.64
CA ASP C 90 14.57 -22.99 -66.87
C ASP C 90 13.36 -23.68 -67.46
N THR C 91 13.46 -24.09 -68.72
CA THR C 91 12.43 -24.90 -69.36
C THR C 91 13.06 -26.10 -70.04
N ARG C 92 14.35 -26.33 -69.80
CA ARG C 92 15.02 -27.55 -70.22
C ARG C 92 14.63 -28.74 -69.35
N LEU C 93 13.85 -28.49 -68.29
CA LEU C 93 13.29 -29.55 -67.47
C LEU C 93 12.30 -30.42 -68.24
N CYS C 94 11.77 -29.95 -69.37
CA CYS C 94 10.98 -30.83 -70.22
C CYS C 94 11.84 -31.80 -71.01
N GLU C 95 13.17 -31.66 -70.97
CA GLU C 95 14.07 -32.56 -71.68
C GLU C 95 14.63 -33.63 -70.76
N VAL C 96 14.90 -33.30 -69.48
CA VAL C 96 15.62 -34.21 -68.62
C VAL C 96 14.76 -35.34 -68.07
N ILE C 97 13.47 -35.36 -68.38
CA ILE C 97 12.60 -36.42 -67.88
C ILE C 97 12.29 -37.30 -69.08
N PRO C 98 12.08 -38.60 -68.90
CA PRO C 98 11.86 -39.48 -70.05
C PRO C 98 10.56 -39.19 -70.79
N ALA C 99 10.55 -39.54 -72.07
CA ALA C 99 9.45 -39.18 -72.96
C ALA C 99 8.30 -40.16 -72.92
N GLY C 100 8.40 -41.23 -72.14
CA GLY C 100 7.31 -42.18 -72.04
C GLY C 100 6.23 -41.76 -71.06
N GLN C 101 6.65 -41.35 -69.87
CA GLN C 101 5.74 -40.96 -68.80
C GLN C 101 5.87 -39.47 -68.54
N ARG C 102 4.80 -38.73 -68.80
CA ARG C 102 4.84 -37.28 -68.77
C ARG C 102 4.01 -36.66 -67.66
N THR C 103 3.27 -37.47 -66.89
CA THR C 103 2.27 -36.95 -65.97
C THR C 103 2.88 -36.27 -64.76
N ALA C 104 2.18 -35.25 -64.27
CA ALA C 104 2.66 -34.41 -63.18
C ALA C 104 1.48 -33.67 -62.57
N ARG C 105 1.72 -33.04 -61.42
CA ARG C 105 0.73 -32.19 -60.79
C ARG C 105 1.34 -30.84 -60.46
N ALA C 106 0.64 -29.77 -60.81
CA ALA C 106 0.99 -28.44 -60.36
C ALA C 106 0.22 -28.15 -59.09
N ARG C 107 0.91 -27.68 -58.06
CA ARG C 107 0.31 -27.47 -56.76
C ARG C 107 0.66 -26.09 -56.24
N GLY C 108 -0.26 -25.50 -55.49
CA GLY C 108 -0.02 -24.20 -54.90
C GLY C 108 -0.54 -24.17 -53.48
N ALA C 109 -0.04 -23.23 -52.71
CA ALA C 109 -0.44 -23.13 -51.32
C ALA C 109 -0.38 -21.69 -50.83
N LEU C 110 -1.43 -21.26 -50.15
CA LEU C 110 -1.47 -20.01 -49.43
C LEU C 110 -1.45 -20.30 -47.94
N CYS C 111 -0.91 -19.36 -47.16
CA CYS C 111 -0.96 -19.45 -45.72
C CYS C 111 -1.06 -18.06 -45.15
N TYR C 112 -2.11 -17.78 -44.41
CA TYR C 112 -2.26 -16.49 -43.77
C TYR C 112 -2.10 -16.64 -42.26
N CYS C 113 -1.40 -15.67 -41.67
CA CYS C 113 -1.00 -15.74 -40.26
C CYS C 113 -1.25 -14.38 -39.63
N ASP C 114 -2.16 -14.33 -38.66
CA ASP C 114 -2.41 -13.08 -37.95
C ASP C 114 -1.52 -12.91 -36.73
N GLY C 115 -0.65 -13.87 -36.45
CA GLY C 115 0.18 -13.86 -35.27
C GLY C 115 -0.18 -14.93 -34.27
N ARG C 116 -1.44 -15.33 -34.20
CA ARG C 116 -1.86 -16.37 -33.28
C ARG C 116 -1.94 -17.74 -33.91
N GLU C 117 -2.35 -17.83 -35.17
CA GLU C 117 -2.53 -19.14 -35.79
C GLU C 117 -2.39 -19.02 -37.30
N ARG C 118 -1.93 -20.10 -37.91
CA ARG C 118 -1.72 -20.20 -39.34
C ARG C 118 -2.81 -21.04 -39.97
N HIS C 119 -3.25 -20.65 -41.15
CA HIS C 119 -4.24 -21.43 -41.89
C HIS C 119 -3.75 -21.64 -43.31
N VAL C 120 -3.68 -22.91 -43.74
CA VAL C 120 -3.09 -23.29 -45.00
C VAL C 120 -4.20 -23.70 -45.97
N LEU C 121 -4.18 -23.14 -47.17
CA LEU C 121 -5.08 -23.50 -48.25
C LEU C 121 -4.27 -24.11 -49.36
N ILE C 122 -4.67 -25.28 -49.86
CA ILE C 122 -3.93 -25.98 -50.90
C ILE C 122 -4.88 -26.39 -52.02
N GLU C 123 -4.57 -25.96 -53.24
CA GLU C 123 -5.20 -26.49 -54.44
C GLU C 123 -4.18 -27.24 -55.26
N GLU C 124 -4.65 -27.87 -56.32
CA GLU C 124 -3.87 -28.84 -57.07
C GLU C 124 -4.50 -29.02 -58.44
N THR C 125 -3.68 -29.10 -59.48
CA THR C 125 -4.15 -29.36 -60.83
C THR C 125 -3.33 -30.52 -61.38
N GLU C 126 -4.01 -31.57 -61.82
CA GLU C 126 -3.34 -32.70 -62.43
C GLU C 126 -3.18 -32.45 -63.92
N GLY C 127 -1.97 -32.65 -64.42
CA GLY C 127 -1.67 -32.39 -65.82
C GLY C 127 -0.58 -33.29 -66.31
N GLU C 128 0.13 -32.83 -67.33
CA GLU C 128 1.25 -33.58 -67.90
C GLU C 128 2.16 -32.59 -68.61
N ILE C 129 3.44 -32.84 -68.50
CA ILE C 129 4.47 -31.91 -68.94
C ILE C 129 4.53 -31.92 -70.46
N ALA C 130 4.82 -30.76 -71.04
CA ALA C 130 4.79 -30.60 -72.48
C ALA C 130 6.13 -31.03 -73.07
N PRO C 131 6.15 -31.46 -74.34
CA PRO C 131 7.43 -31.84 -74.94
C PRO C 131 8.39 -30.69 -75.17
N SER C 132 7.89 -29.49 -75.44
CA SER C 132 8.77 -28.35 -75.62
C SER C 132 8.11 -27.12 -75.00
N ALA C 133 8.95 -26.14 -74.66
CA ALA C 133 8.47 -24.90 -74.05
C ALA C 133 7.66 -24.09 -75.05
N ARG C 134 6.41 -23.82 -74.72
CA ARG C 134 5.49 -23.15 -75.62
C ARG C 134 4.73 -22.07 -74.87
N GLY C 135 4.93 -20.82 -75.26
CA GLY C 135 4.19 -19.73 -74.67
C GLY C 135 5.09 -18.76 -73.92
N THR C 136 4.53 -17.58 -73.63
CA THR C 136 5.25 -16.53 -72.93
C THR C 136 4.52 -16.02 -71.69
N GLY C 137 3.22 -16.13 -71.62
CA GLY C 137 2.47 -15.47 -70.57
C GLY C 137 2.32 -16.25 -69.28
N GLY C 138 3.37 -16.37 -68.49
CA GLY C 138 3.25 -17.05 -67.22
C GLY C 138 4.50 -16.88 -66.39
N PHE C 139 4.66 -17.76 -65.42
CA PHE C 139 5.83 -17.73 -64.57
C PHE C 139 6.19 -19.15 -64.13
N HIS C 140 7.49 -19.39 -64.20
CA HIS C 140 8.32 -20.47 -63.69
C HIS C 140 8.21 -21.84 -64.36
N TRP C 141 7.03 -22.31 -64.78
CA TRP C 141 6.92 -23.52 -65.61
C TRP C 141 5.68 -23.49 -66.47
N ASP C 142 4.99 -22.34 -66.50
CA ASP C 142 3.79 -22.20 -67.31
C ASP C 142 3.94 -22.47 -68.81
N PRO C 143 5.11 -22.38 -69.47
CA PRO C 143 5.17 -22.87 -70.85
C PRO C 143 5.22 -24.38 -71.01
N ILE C 144 5.58 -25.15 -69.98
CA ILE C 144 5.78 -26.58 -70.18
C ILE C 144 4.75 -27.43 -69.46
N PHE C 145 3.69 -26.83 -68.92
CA PHE C 145 2.68 -27.59 -68.20
C PHE C 145 1.36 -27.49 -68.92
N ILE C 146 0.78 -28.64 -69.27
CA ILE C 146 -0.52 -28.71 -69.90
C ILE C 146 -1.47 -29.40 -68.92
N PRO C 147 -2.59 -28.78 -68.55
CA PRO C 147 -3.54 -29.45 -67.66
C PRO C 147 -4.24 -30.60 -68.35
N LYS C 148 -4.88 -31.43 -67.54
CA LYS C 148 -5.63 -32.55 -68.08
C LYS C 148 -6.91 -32.04 -68.73
N GLY C 149 -7.15 -32.47 -69.97
CA GLY C 149 -8.30 -32.05 -70.73
C GLY C 149 -7.97 -31.14 -71.90
N GLN C 150 -7.00 -30.25 -71.74
CA GLN C 150 -6.63 -29.32 -72.79
C GLN C 150 -5.47 -29.86 -73.60
N THR C 151 -5.21 -29.19 -74.71
CA THR C 151 -4.04 -29.41 -75.53
C THR C 151 -3.06 -28.25 -75.42
N ARG C 152 -3.33 -27.32 -74.52
CA ARG C 152 -2.70 -26.00 -74.54
C ARG C 152 -2.07 -25.75 -73.18
N THR C 153 -0.86 -25.16 -73.19
CA THR C 153 -0.10 -24.96 -71.96
C THR C 153 -0.69 -23.79 -71.16
N PHE C 154 -0.10 -23.50 -70.00
CA PHE C 154 -0.55 -22.32 -69.27
C PHE C 154 -0.09 -21.03 -69.95
N ALA C 155 1.17 -20.99 -70.39
CA ALA C 155 1.67 -19.75 -70.98
C ALA C 155 1.08 -19.47 -72.36
N GLU C 156 0.51 -20.48 -73.02
CA GLU C 156 -0.23 -20.22 -74.24
C GLU C 156 -1.63 -19.68 -73.98
N MET C 157 -2.12 -19.75 -72.75
CA MET C 157 -3.43 -19.24 -72.41
C MET C 157 -3.36 -17.76 -72.09
N SER C 158 -4.53 -17.13 -72.00
CA SER C 158 -4.63 -15.76 -71.54
C SER C 158 -4.60 -15.74 -70.02
N LEU C 159 -4.74 -14.57 -69.42
CA LEU C 159 -4.72 -14.52 -67.96
C LEU C 159 -6.03 -15.01 -67.38
N ASP C 160 -7.15 -14.75 -68.04
CA ASP C 160 -8.42 -15.27 -67.56
C ASP C 160 -8.54 -16.76 -67.78
N GLU C 161 -7.92 -17.29 -68.83
CA GLU C 161 -7.99 -18.72 -69.07
C GLU C 161 -7.11 -19.49 -68.09
N LYS C 162 -5.95 -18.93 -67.73
CA LYS C 162 -5.06 -19.65 -66.84
C LYS C 162 -5.62 -19.74 -65.44
N LEU C 163 -6.21 -18.65 -64.95
CA LEU C 163 -6.74 -18.63 -63.58
C LEU C 163 -8.01 -19.45 -63.41
N SER C 164 -8.61 -19.93 -64.48
CA SER C 164 -9.65 -20.94 -64.38
C SER C 164 -9.09 -22.36 -64.43
N PHE C 165 -7.77 -22.51 -64.57
CA PHE C 165 -7.18 -23.84 -64.53
C PHE C 165 -6.05 -23.93 -63.52
N SER C 166 -5.35 -22.83 -63.27
CA SER C 166 -4.17 -22.88 -62.43
C SER C 166 -4.57 -23.07 -60.98
N PRO C 167 -3.71 -23.68 -60.16
CA PRO C 167 -4.01 -23.81 -58.73
C PRO C 167 -4.12 -22.50 -58.02
N LEU C 168 -3.40 -21.49 -58.48
CA LEU C 168 -3.39 -20.20 -57.82
C LEU C 168 -4.65 -19.40 -58.13
N GLY C 169 -5.47 -19.86 -59.06
CA GLY C 169 -6.74 -19.22 -59.35
C GLY C 169 -7.85 -19.68 -58.43
N ARG C 170 -7.88 -20.96 -58.09
CA ARG C 170 -8.88 -21.44 -57.14
C ARG C 170 -8.55 -21.04 -55.72
N LEU C 171 -7.27 -20.80 -55.42
CA LEU C 171 -6.88 -20.37 -54.09
C LEU C 171 -7.32 -18.95 -53.82
N HIS C 172 -7.21 -18.07 -54.82
CA HIS C 172 -7.56 -16.67 -54.62
C HIS C 172 -9.06 -16.45 -54.49
N THR C 173 -9.86 -17.37 -55.01
CA THR C 173 -11.30 -17.30 -54.76
C THR C 173 -11.63 -17.79 -53.37
N ARG C 174 -10.93 -18.83 -52.89
CA ARG C 174 -11.10 -19.28 -51.52
C ARG C 174 -10.57 -18.27 -50.51
N LEU C 175 -9.51 -17.52 -50.88
CA LEU C 175 -8.97 -16.52 -49.98
C LEU C 175 -9.91 -15.34 -49.85
N ARG C 176 -10.68 -15.04 -50.90
CA ARG C 176 -11.64 -13.94 -50.82
C ARG C 176 -12.75 -14.26 -49.84
N THR C 177 -13.30 -15.48 -49.88
CA THR C 177 -14.46 -15.78 -49.06
C THR C 177 -14.09 -16.07 -47.62
N GLU C 178 -12.88 -16.56 -47.35
CA GLU C 178 -12.54 -16.83 -45.95
C GLU C 178 -12.13 -15.57 -45.22
N LEU C 179 -11.34 -14.72 -45.85
CA LEU C 179 -10.93 -13.50 -45.18
C LEU C 179 -11.91 -12.36 -45.39
N GLY C 180 -12.94 -12.55 -46.21
CA GLY C 180 -13.91 -11.51 -46.43
C GLY C 180 -13.38 -10.35 -47.23
N LEU C 181 -12.47 -10.60 -48.16
CA LEU C 181 -11.83 -9.54 -48.92
C LEU C 181 -12.79 -8.97 -49.94
N ALA D 2 30.83 52.45 2.15
CA ALA D 2 30.48 51.41 3.09
C ALA D 2 31.48 51.37 4.22
N PRO D 3 31.01 51.14 5.45
CA PRO D 3 31.92 51.09 6.60
C PRO D 3 32.84 49.88 6.58
N THR D 4 33.85 49.91 7.43
CA THR D 4 34.70 48.75 7.66
C THR D 4 34.56 48.21 9.07
N TRP D 5 34.44 49.08 10.06
CA TRP D 5 34.27 48.69 11.44
C TRP D 5 32.87 49.06 11.90
N PHE D 6 32.28 48.20 12.72
CA PHE D 6 30.92 48.39 13.20
C PHE D 6 30.89 48.41 14.71
N TYR D 7 30.33 49.46 15.27
CA TYR D 7 30.27 49.63 16.71
C TYR D 7 28.95 49.08 17.20
N ASN D 8 29.00 48.08 18.08
CA ASN D 8 27.79 47.44 18.57
C ASN D 8 27.51 47.95 19.97
N THR D 9 26.34 48.54 20.15
CA THR D 9 25.94 49.02 21.46
C THR D 9 24.43 48.87 21.59
N THR D 10 23.96 48.80 22.84
CA THR D 10 22.54 48.75 23.13
C THR D 10 22.03 49.94 23.92
N ASN D 11 22.90 50.64 24.64
CA ASN D 11 22.48 51.81 25.38
C ASN D 11 22.28 52.98 24.43
N SER D 12 21.18 53.70 24.60
CA SER D 12 20.85 54.78 23.69
C SER D 12 21.64 56.05 23.96
N GLU D 13 22.24 56.18 25.13
CA GLU D 13 22.99 57.39 25.43
C GLU D 13 24.48 57.21 25.19
N LYS D 14 24.98 55.98 25.29
CA LYS D 14 26.33 55.68 24.84
C LYS D 14 26.47 55.89 23.34
N LEU D 15 25.41 55.67 22.58
CA LEU D 15 25.46 55.88 21.14
C LEU D 15 25.49 57.37 20.80
N ARG D 16 24.79 58.19 21.57
CA ARG D 16 24.73 59.61 21.27
C ARG D 16 26.04 60.31 21.60
N GLU D 17 26.79 59.79 22.58
CA GLU D 17 28.07 60.38 22.90
C GLU D 17 29.14 59.96 21.91
N LEU D 18 29.05 58.73 21.40
CA LEU D 18 29.99 58.26 20.40
C LEU D 18 29.86 59.05 19.11
N GLN D 19 28.62 59.22 18.63
CA GLN D 19 28.38 59.96 17.40
C GLN D 19 28.65 61.45 17.54
N HIS D 20 28.79 61.96 18.75
CA HIS D 20 29.28 63.32 18.89
C HIS D 20 30.76 63.43 18.57
N VAL D 21 31.50 62.35 18.74
CA VAL D 21 32.95 62.33 18.57
C VAL D 21 33.36 61.71 17.25
N LEU D 22 32.87 60.49 16.99
CA LEU D 22 33.21 59.73 15.79
C LEU D 22 32.05 59.64 14.82
N GLY D 23 31.14 60.62 14.83
CA GLY D 23 30.01 60.55 13.94
C GLY D 23 30.35 60.92 12.51
N GLY D 24 31.36 61.76 12.31
CA GLY D 24 31.70 62.17 10.97
C GLY D 24 32.52 61.18 10.19
N SER D 25 33.00 60.12 10.82
CA SER D 25 33.85 59.16 10.13
C SER D 25 33.03 58.29 9.20
N ALA D 26 33.45 58.23 7.94
CA ALA D 26 32.71 57.50 6.92
C ALA D 26 32.88 56.01 7.02
N LYS D 27 33.83 55.52 7.81
CA LYS D 27 34.14 54.11 7.83
C LYS D 27 33.83 53.48 9.19
N LEU D 28 32.86 54.03 9.91
CA LEU D 28 32.36 53.45 11.15
C LEU D 28 30.86 53.29 11.02
N GLY D 29 30.39 52.05 11.08
CA GLY D 29 28.97 51.79 11.10
C GLY D 29 28.48 51.54 12.50
N TYR D 30 27.17 51.38 12.64
CA TYR D 30 26.55 51.28 13.95
C TYR D 30 25.55 50.14 13.95
N LEU D 31 25.69 49.23 14.89
CA LEU D 31 24.80 48.09 15.01
C LEU D 31 24.25 48.02 16.43
N THR D 32 23.06 47.44 16.57
CA THR D 32 22.40 47.31 17.86
C THR D 32 22.00 45.88 18.12
N ALA D 33 22.90 44.95 17.85
CA ALA D 33 22.60 43.54 18.10
C ALA D 33 22.66 43.24 19.58
N LYS D 34 21.67 42.50 20.06
CA LYS D 34 21.60 42.15 21.47
C LYS D 34 22.44 40.90 21.71
N VAL D 35 23.46 41.02 22.54
CA VAL D 35 24.32 39.90 22.88
C VAL D 35 24.22 39.66 24.38
N THR D 36 24.45 38.41 24.77
CA THR D 36 24.31 38.02 26.17
C THR D 36 25.50 38.50 26.96
N GLU D 37 25.25 39.35 27.95
CA GLU D 37 26.32 39.96 28.72
C GLU D 37 26.90 38.97 29.70
N ILE D 38 28.22 38.81 29.67
CA ILE D 38 28.92 38.08 30.72
C ILE D 38 28.96 38.95 31.96
N LEU D 39 28.89 38.33 33.13
CA LEU D 39 28.93 39.04 34.39
C LEU D 39 30.20 38.62 35.12
N ASP D 40 31.07 39.58 35.38
CA ASP D 40 32.32 39.34 36.10
C ASP D 40 32.76 40.68 36.67
N VAL D 41 33.62 40.64 37.67
CA VAL D 41 34.07 41.87 38.31
C VAL D 41 35.19 42.51 37.49
N ASP D 42 36.01 41.69 36.84
CA ASP D 42 37.16 42.19 36.11
C ASP D 42 36.75 42.76 34.76
N LEU D 43 37.19 43.99 34.49
CA LEU D 43 36.81 44.66 33.24
C LEU D 43 37.53 44.06 32.04
N GLU D 44 38.78 43.65 32.23
CA GLU D 44 39.54 43.01 31.17
C GLU D 44 38.92 41.68 30.75
N THR D 45 38.30 40.97 31.69
CA THR D 45 37.67 39.70 31.35
C THR D 45 36.37 39.90 30.58
N VAL D 46 35.59 40.91 30.96
CA VAL D 46 34.27 41.11 30.38
C VAL D 46 34.36 41.65 28.96
N ILE D 47 35.22 42.64 28.74
CA ILE D 47 35.32 43.25 27.42
C ILE D 47 35.97 42.31 26.43
N ARG D 48 36.76 41.37 26.90
CA ARG D 48 37.39 40.39 26.02
C ARG D 48 36.42 39.28 25.67
N ALA D 49 35.39 39.07 26.50
CA ALA D 49 34.37 38.08 26.23
C ALA D 49 33.17 38.65 25.48
N LYS D 50 32.96 39.97 25.53
CA LYS D 50 31.91 40.56 24.70
C LYS D 50 32.29 40.57 23.23
N ALA D 51 33.59 40.61 22.93
CA ALA D 51 34.01 40.69 21.53
C ALA D 51 33.81 39.37 20.81
N ILE D 52 33.97 38.24 21.51
CA ILE D 52 33.60 36.96 20.92
C ILE D 52 32.08 36.86 20.78
N ALA D 53 31.35 37.29 21.81
CA ALA D 53 29.91 37.17 21.80
C ALA D 53 29.26 38.11 20.81
N ALA D 54 29.90 39.23 20.50
CA ALA D 54 29.34 40.12 19.50
C ALA D 54 29.79 39.81 18.10
N TYR D 55 30.96 39.19 17.91
CA TYR D 55 31.34 38.79 16.58
C TYR D 55 30.50 37.62 16.10
N ARG D 56 30.06 36.76 17.01
CA ARG D 56 29.18 35.67 16.63
C ARG D 56 27.82 36.17 16.18
N ALA D 57 27.40 37.34 16.66
CA ALA D 57 26.09 37.84 16.31
C ALA D 57 26.09 38.55 14.97
N VAL D 58 27.11 39.35 14.68
CA VAL D 58 27.07 40.21 13.50
C VAL D 58 28.01 39.76 12.38
N ARG D 59 29.09 39.03 12.70
CA ARG D 59 30.05 38.44 11.76
C ARG D 59 30.71 39.47 10.86
N VAL D 60 30.83 40.70 11.33
CA VAL D 60 31.58 41.76 10.67
C VAL D 60 32.61 42.24 11.69
N PRO D 61 33.66 42.95 11.26
CA PRO D 61 34.60 43.53 12.23
C PRO D 61 33.92 44.49 13.21
N VAL D 62 33.88 44.08 14.48
CA VAL D 62 33.00 44.70 15.45
C VAL D 62 33.85 45.43 16.50
N ILE D 63 33.26 46.44 17.12
CA ILE D 63 33.84 47.16 18.25
C ILE D 63 32.83 47.13 19.38
N VAL D 64 33.26 46.68 20.56
CA VAL D 64 32.38 46.64 21.73
C VAL D 64 32.91 47.56 22.80
N GLU D 65 32.14 47.69 23.87
CA GLU D 65 32.41 48.67 24.91
C GLU D 65 31.84 48.17 26.22
N HIS D 66 32.56 48.44 27.31
CA HIS D 66 32.03 48.14 28.63
C HIS D 66 32.66 49.10 29.62
N GLY D 67 31.93 49.39 30.70
CA GLY D 67 32.39 50.32 31.71
C GLY D 67 32.58 49.65 33.05
N ALA D 68 33.21 50.37 33.96
CA ALA D 68 33.40 49.85 35.30
C ALA D 68 33.42 51.00 36.29
N LEU D 69 33.00 50.69 37.52
CA LEU D 69 33.08 51.70 38.61
C LEU D 69 33.63 50.95 39.84
N CYS D 70 34.87 51.24 40.22
CA CYS D 70 35.50 50.48 41.34
C CYS D 70 35.57 51.38 42.57
N ILE D 71 34.87 51.01 43.64
CA ILE D 71 34.83 51.83 44.88
C ILE D 71 35.71 51.17 45.94
N ASP D 72 36.60 51.93 46.57
CA ASP D 72 37.51 51.37 47.61
C ASP D 72 36.68 50.87 48.79
N ALA D 73 35.62 51.59 49.14
CA ALA D 73 34.75 51.20 50.27
C ALA D 73 34.14 49.82 50.00
N LEU D 74 33.80 49.54 48.74
CA LEU D 74 33.17 48.23 48.37
C LEU D 74 34.26 47.26 47.91
N ASN D 75 35.53 47.63 48.09
CA ASN D 75 36.66 46.73 47.71
C ASN D 75 36.57 46.38 46.23
N GLY D 76 36.39 47.37 45.36
CA GLY D 76 36.40 47.11 43.90
C GLY D 76 35.00 47.04 43.30
N LEU D 77 33.98 46.76 44.12
CA LEU D 77 32.58 46.75 43.62
C LEU D 77 32.14 48.19 43.38
N PRO D 78 31.19 48.50 42.46
CA PRO D 78 30.56 47.50 41.58
C PRO D 78 31.50 46.70 40.67
N GLY D 79 32.56 47.32 40.16
CA GLY D 79 33.43 46.62 39.19
C GLY D 79 32.81 46.62 37.81
N ALA D 80 32.99 45.55 37.04
CA ALA D 80 32.37 45.46 35.71
C ALA D 80 30.91 45.01 35.86
N LEU D 81 30.50 44.61 37.08
CA LEU D 81 29.09 44.24 37.32
C LEU D 81 28.26 45.53 37.35
N VAL D 82 28.31 46.31 36.28
CA VAL D 82 27.57 47.61 36.23
C VAL D 82 26.09 47.32 35.96
N LYS D 83 25.77 46.13 35.44
CA LYS D 83 24.36 45.81 35.10
C LYS D 83 23.58 45.49 36.38
N PRO D 84 23.87 44.41 37.15
CA PRO D 84 23.06 44.04 38.31
C PRO D 84 23.03 45.07 39.42
N PHE D 85 23.96 46.02 39.46
CA PHE D 85 23.82 47.04 40.49
C PHE D 85 22.91 48.16 40.03
N TRP D 86 22.94 48.48 38.74
CA TRP D 86 22.08 49.52 38.21
C TRP D 86 20.62 49.10 38.23
N GLU D 87 20.34 47.81 38.08
CA GLU D 87 18.98 47.33 38.21
C GLU D 87 18.53 47.22 39.68
N SER D 88 19.39 47.51 40.64
CA SER D 88 19.05 47.47 42.05
C SER D 88 19.32 48.77 42.79
N LEU D 89 20.45 49.43 42.52
CA LEU D 89 20.80 50.70 43.15
C LEU D 89 21.05 51.70 42.03
N ASP D 90 20.06 52.51 41.71
CA ASP D 90 20.21 53.48 40.62
C ASP D 90 21.26 54.54 40.97
N THR D 91 20.92 55.40 41.90
CA THR D 91 21.87 56.37 42.44
C THR D 91 21.83 56.35 43.96
N ARG D 92 21.12 55.39 44.54
CA ARG D 92 21.17 55.12 45.97
C ARG D 92 22.47 54.44 46.38
N LEU D 93 23.31 54.09 45.41
CA LEU D 93 24.64 53.56 45.67
C LEU D 93 25.54 54.60 46.33
N CYS D 94 25.21 55.89 46.24
CA CYS D 94 25.95 56.86 47.03
C CYS D 94 25.57 56.85 48.51
N GLU D 95 24.55 56.09 48.89
CA GLU D 95 24.13 55.97 50.28
C GLU D 95 24.70 54.73 50.95
N VAL D 96 24.81 53.62 50.22
CA VAL D 96 25.15 52.35 50.85
C VAL D 96 26.63 52.21 51.16
N ILE D 97 27.45 53.20 50.83
CA ILE D 97 28.87 53.09 51.12
C ILE D 97 29.13 54.09 52.24
N PRO D 98 30.10 53.85 53.12
CA PRO D 98 30.30 54.74 54.27
C PRO D 98 30.79 56.13 53.86
N ALA D 99 30.49 57.10 54.70
CA ALA D 99 30.74 58.50 54.38
C ALA D 99 32.15 58.96 54.71
N GLY D 100 33.00 58.08 55.26
CA GLY D 100 34.36 58.47 55.55
C GLY D 100 35.28 58.37 54.35
N GLN D 101 35.21 57.24 53.65
CA GLN D 101 36.08 56.97 52.51
C GLN D 101 35.22 56.94 51.25
N ARG D 102 35.47 57.89 50.34
CA ARG D 102 34.63 58.08 49.18
C ARG D 102 35.32 57.77 47.86
N THR D 103 36.61 57.43 47.87
CA THR D 103 37.40 57.36 46.65
C THR D 103 37.04 56.16 45.80
N ALA D 104 37.16 56.33 44.49
CA ALA D 104 36.76 55.33 43.51
C ALA D 104 37.44 55.64 42.19
N ARG D 105 37.35 54.68 41.26
CA ARG D 105 37.84 54.88 39.90
C ARG D 105 36.76 54.50 38.91
N ALA D 106 36.52 55.36 37.94
CA ALA D 106 35.68 55.04 36.79
C ALA D 106 36.57 54.51 35.69
N ARG D 107 36.21 53.37 35.13
CA ARG D 107 37.04 52.70 34.14
C ARG D 107 36.20 52.33 32.94
N GLY D 108 36.82 52.34 31.76
CA GLY D 108 36.14 51.96 30.55
C GLY D 108 37.06 51.12 29.68
N ALA D 109 36.45 50.38 28.76
CA ALA D 109 37.24 49.50 27.92
C ALA D 109 36.56 49.33 26.57
N LEU D 110 37.35 49.45 25.50
CA LEU D 110 36.95 49.11 24.16
C LEU D 110 37.68 47.85 23.72
N CYS D 111 37.06 47.08 22.85
CA CYS D 111 37.71 45.92 22.24
C CYS D 111 37.20 45.77 20.83
N TYR D 112 38.10 45.82 19.86
CA TYR D 112 37.74 45.61 18.47
C TYR D 112 38.29 44.29 17.99
N CYS D 113 37.47 43.57 17.22
CA CYS D 113 37.76 42.21 16.80
C CYS D 113 37.42 42.07 15.32
N ASP D 114 38.42 41.83 14.49
CA ASP D 114 38.18 41.61 13.07
C ASP D 114 37.91 40.16 12.73
N GLY D 115 37.94 39.27 13.71
CA GLY D 115 37.78 37.85 13.50
C GLY D 115 39.04 37.07 13.77
N ARG D 116 40.21 37.66 13.57
CA ARG D 116 41.46 36.98 13.84
C ARG D 116 42.06 37.30 15.19
N GLU D 117 41.92 38.53 15.67
CA GLU D 117 42.55 38.91 16.92
C GLU D 117 41.79 40.05 17.56
N ARG D 118 41.83 40.09 18.89
CA ARG D 118 41.17 41.11 19.69
C ARG D 118 42.21 42.08 20.22
N HIS D 119 41.83 43.37 20.27
CA HIS D 119 42.70 44.38 20.85
C HIS D 119 41.92 45.20 21.84
N VAL D 120 42.42 45.29 23.07
CA VAL D 120 41.71 45.91 24.18
C VAL D 120 42.37 47.24 24.51
N LEU D 121 41.56 48.30 24.60
CA LEU D 121 42.00 49.62 25.03
C LEU D 121 41.33 49.95 26.34
N ILE D 122 42.10 50.37 27.35
CA ILE D 122 41.55 50.66 28.67
C ILE D 122 42.02 52.03 29.12
N GLU D 123 41.08 52.90 29.44
CA GLU D 123 41.37 54.14 30.15
C GLU D 123 40.73 54.09 31.53
N GLU D 124 41.03 55.10 32.33
CA GLU D 124 40.71 55.10 33.75
C GLU D 124 40.74 56.53 34.26
N THR D 125 39.78 56.88 35.10
CA THR D 125 39.75 58.18 35.76
C THR D 125 39.60 57.96 37.24
N GLU D 126 40.51 58.53 38.02
CA GLU D 126 40.43 58.44 39.47
C GLU D 126 39.58 59.59 40.00
N GLY D 127 38.63 59.27 40.84
CA GLY D 127 37.73 60.27 41.39
C GLY D 127 37.25 59.88 42.75
N GLU D 128 36.07 60.37 43.12
CA GLU D 128 35.47 60.08 44.41
C GLU D 128 33.97 60.30 44.30
N ILE D 129 33.23 59.43 44.95
CA ILE D 129 31.78 59.36 44.79
C ILE D 129 31.14 60.55 45.51
N ALA D 130 30.05 61.05 44.94
CA ALA D 130 29.42 62.25 45.45
C ALA D 130 28.46 61.88 46.58
N PRO D 131 28.19 62.82 47.50
CA PRO D 131 27.25 62.51 48.59
C PRO D 131 25.82 62.35 48.14
N SER D 132 25.39 63.05 47.10
CA SER D 132 24.04 62.89 46.59
C SER D 132 24.05 62.98 45.08
N ALA D 133 23.02 62.40 44.45
CA ALA D 133 22.91 62.40 43.00
C ALA D 133 22.64 63.80 42.49
N ARG D 134 23.53 64.29 41.63
CA ARG D 134 23.45 65.66 41.14
C ARG D 134 23.68 65.66 39.64
N GLY D 135 22.68 66.09 38.88
CA GLY D 135 22.81 66.22 37.45
C GLY D 135 21.91 65.27 36.70
N THR D 136 21.76 65.55 35.40
CA THR D 136 20.92 64.76 34.51
C THR D 136 21.62 64.27 33.26
N GLY D 137 22.67 64.95 32.81
CA GLY D 137 23.25 64.63 31.52
C GLY D 137 24.31 63.56 31.51
N GLY D 138 23.92 62.30 31.67
CA GLY D 138 24.88 61.23 31.60
C GLY D 138 24.21 59.88 31.57
N PHE D 139 24.98 58.86 31.91
CA PHE D 139 24.45 57.51 31.96
C PHE D 139 25.16 56.71 33.04
N HIS D 140 24.32 55.98 33.77
CA HIS D 140 24.55 54.92 34.74
C HIS D 140 25.14 55.28 36.09
N TRP D 141 26.10 56.21 36.20
CA TRP D 141 26.54 56.73 37.50
C TRP D 141 27.09 58.14 37.38
N ASP D 142 26.91 58.75 36.21
CA ASP D 142 27.39 60.10 35.99
C ASP D 142 26.84 61.19 36.93
N PRO D 143 25.69 61.06 37.61
CA PRO D 143 25.39 62.05 38.65
C PRO D 143 26.15 61.88 39.95
N ILE D 144 26.73 60.72 40.25
CA ILE D 144 27.32 60.53 41.57
C ILE D 144 28.84 60.39 41.53
N PHE D 145 29.46 60.66 40.40
CA PHE D 145 30.91 60.53 40.29
C PHE D 145 31.53 61.88 40.01
N ILE D 146 32.46 62.28 40.87
CA ILE D 146 33.21 63.53 40.71
C ILE D 146 34.65 63.16 40.44
N PRO D 147 35.27 63.61 39.35
CA PRO D 147 36.68 63.31 39.11
C PRO D 147 37.57 64.08 40.08
N LYS D 148 38.82 63.65 40.14
CA LYS D 148 39.80 64.31 40.98
C LYS D 148 40.17 65.65 40.37
N GLY D 149 40.11 66.70 41.17
CA GLY D 149 40.40 68.04 40.73
C GLY D 149 39.20 68.95 40.65
N GLN D 150 38.04 68.43 40.23
CA GLN D 150 36.84 69.22 40.11
C GLN D 150 35.99 69.12 41.36
N THR D 151 34.98 69.99 41.41
CA THR D 151 33.94 69.93 42.42
C THR D 151 32.62 69.49 41.82
N ARG D 152 32.63 69.08 40.55
CA ARG D 152 31.43 68.96 39.75
C ARG D 152 31.35 67.55 39.19
N THR D 153 30.15 66.97 39.19
CA THR D 153 29.96 65.59 38.77
C THR D 153 30.03 65.47 37.25
N PHE D 154 29.89 64.26 36.72
CA PHE D 154 29.84 64.14 35.27
C PHE D 154 28.50 64.64 34.72
N ALA D 155 27.39 64.29 35.37
CA ALA D 155 26.10 64.69 34.83
C ALA D 155 25.83 66.17 35.00
N GLU D 156 26.55 66.85 35.88
CA GLU D 156 26.47 68.30 35.94
C GLU D 156 27.27 68.98 34.83
N MET D 157 28.14 68.26 34.16
CA MET D 157 28.94 68.84 33.08
C MET D 157 28.17 68.79 31.77
N SER D 158 28.70 69.49 30.78
CA SER D 158 28.16 69.40 29.43
C SER D 158 28.74 68.17 28.74
N LEU D 159 28.40 67.97 27.47
CA LEU D 159 28.93 66.80 26.78
C LEU D 159 30.38 66.99 26.40
N ASP D 160 30.79 68.20 26.06
CA ASP D 160 32.19 68.45 25.77
C ASP D 160 33.04 68.45 27.02
N GLU D 161 32.48 68.85 28.16
CA GLU D 161 33.26 68.83 29.38
C GLU D 161 33.43 67.42 29.90
N LYS D 162 32.42 66.56 29.75
CA LYS D 162 32.52 65.21 30.27
C LYS D 162 33.53 64.38 29.49
N LEU D 163 33.54 64.52 28.17
CA LEU D 163 34.43 63.72 27.34
C LEU D 163 35.89 64.17 27.42
N SER D 164 36.18 65.29 28.06
CA SER D 164 37.54 65.63 28.42
C SER D 164 37.93 65.10 29.79
N PHE D 165 37.01 64.44 30.50
CA PHE D 165 37.35 63.84 31.78
C PHE D 165 36.98 62.36 31.84
N SER D 166 35.95 61.96 31.12
CA SER D 166 35.45 60.59 31.25
C SER D 166 36.42 59.63 30.59
N PRO D 167 36.45 58.37 31.05
CA PRO D 167 37.31 57.38 30.40
C PRO D 167 36.93 57.08 28.98
N LEU D 168 35.64 57.23 28.66
CA LEU D 168 35.17 56.91 27.32
C LEU D 168 35.50 58.01 26.32
N GLY D 169 35.99 59.16 26.79
CA GLY D 169 36.43 60.22 25.92
C GLY D 169 37.86 60.04 25.45
N ARG D 170 38.73 59.56 26.31
CA ARG D 170 40.11 59.28 25.88
C ARG D 170 40.19 58.02 25.05
N LEU D 171 39.25 57.09 25.23
CA LEU D 171 39.25 55.88 24.43
C LEU D 171 38.86 56.15 22.99
N HIS D 172 37.89 57.04 22.77
CA HIS D 172 37.42 57.32 21.43
C HIS D 172 38.43 58.11 20.61
N THR D 173 39.34 58.83 21.26
CA THR D 173 40.43 59.47 20.54
C THR D 173 41.50 58.45 20.18
N ARG D 174 41.76 57.49 21.07
CA ARG D 174 42.68 56.39 20.75
C ARG D 174 42.11 55.46 19.70
N LEU D 175 40.79 55.29 19.68
CA LEU D 175 40.18 54.42 18.67
C LEU D 175 40.23 55.06 17.30
N ARG D 176 40.20 56.39 17.23
CA ARG D 176 40.31 57.06 15.93
C ARG D 176 41.68 56.85 15.31
N THR D 177 42.74 56.99 16.10
CA THR D 177 44.08 56.94 15.52
C THR D 177 44.55 55.51 15.26
N GLU D 178 44.05 54.52 16.00
CA GLU D 178 44.51 53.16 15.73
C GLU D 178 43.79 52.55 14.54
N LEU D 179 42.49 52.75 14.46
CA LEU D 179 41.75 52.21 13.33
C LEU D 179 41.73 53.13 12.12
N GLY D 180 42.27 54.34 12.25
CA GLY D 180 42.29 55.25 11.13
C GLY D 180 40.93 55.79 10.75
N LEU D 181 40.05 55.96 11.73
CA LEU D 181 38.69 56.40 11.46
C LEU D 181 38.67 57.87 11.09
N THR E 2 44.80 -14.87 -25.32
CA THR E 2 44.32 -14.33 -24.05
C THR E 2 43.26 -15.24 -23.44
N THR E 3 43.55 -16.54 -23.42
CA THR E 3 42.60 -17.52 -22.89
C THR E 3 43.37 -18.62 -22.19
N LEU E 4 43.00 -18.90 -20.95
CA LEU E 4 43.64 -19.95 -20.17
C LEU E 4 43.09 -21.32 -20.57
N THR E 5 43.92 -22.33 -20.39
CA THR E 5 43.49 -23.71 -20.57
C THR E 5 43.15 -24.31 -19.21
N LEU E 6 42.91 -25.61 -19.18
CA LEU E 6 42.59 -26.30 -17.93
C LEU E 6 43.81 -26.37 -17.01
N SER E 7 44.97 -26.72 -17.57
CA SER E 7 46.15 -26.89 -16.74
C SER E 7 46.77 -25.56 -16.35
N GLU E 8 46.54 -24.51 -17.14
CA GLU E 8 47.08 -23.20 -16.78
C GLU E 8 46.28 -22.53 -15.69
N ALA E 9 44.96 -22.72 -15.68
CA ALA E 9 44.10 -22.07 -14.70
C ALA E 9 44.00 -22.84 -13.40
N ALA E 10 44.43 -24.09 -13.36
CA ALA E 10 44.36 -24.90 -12.15
C ALA E 10 45.24 -24.41 -10.99
N PRO E 11 46.51 -23.97 -11.17
CA PRO E 11 47.19 -23.35 -10.02
C PRO E 11 46.68 -21.97 -9.68
N LEU E 12 46.03 -21.27 -10.61
CA LEU E 12 45.47 -19.96 -10.29
C LEU E 12 44.21 -20.09 -9.44
N LEU E 13 43.37 -21.08 -9.75
CA LEU E 13 42.18 -21.31 -8.94
C LEU E 13 42.52 -21.93 -7.60
N LYS E 14 43.59 -22.72 -7.53
CA LYS E 14 43.96 -23.37 -6.29
C LYS E 14 44.51 -22.37 -5.29
N LYS E 15 45.20 -21.33 -5.76
CA LYS E 15 45.75 -20.32 -4.86
C LYS E 15 44.64 -19.48 -4.25
N GLU E 16 43.58 -19.21 -5.00
CA GLU E 16 42.45 -18.47 -4.44
C GLU E 16 41.64 -19.31 -3.47
N PHE E 17 41.65 -20.63 -3.64
CA PHE E 17 40.83 -21.50 -2.82
C PHE E 17 41.48 -21.84 -1.48
N ARG E 18 42.81 -21.91 -1.43
CA ARG E 18 43.49 -22.23 -0.18
C ARG E 18 43.33 -21.13 0.85
N GLU E 19 43.22 -19.89 0.41
CA GLU E 19 42.99 -18.77 1.31
C GLU E 19 41.53 -18.34 1.35
N GLY E 20 40.63 -19.18 0.83
CA GLY E 20 39.21 -18.99 1.04
C GLY E 20 38.58 -17.82 0.32
N ARG E 21 39.10 -17.46 -0.84
CA ARG E 21 38.63 -16.28 -1.55
C ARG E 21 38.13 -16.61 -2.96
N LEU E 22 37.55 -17.79 -3.13
CA LEU E 22 36.99 -18.20 -4.41
C LEU E 22 35.52 -18.51 -4.22
N ILE E 23 34.65 -17.85 -4.97
CA ILE E 23 33.21 -18.02 -4.89
C ILE E 23 32.69 -18.46 -6.26
N PRO E 24 32.06 -19.62 -6.37
CA PRO E 24 31.44 -19.99 -7.65
C PRO E 24 30.18 -19.17 -7.90
N PHE E 25 29.93 -18.89 -9.17
CA PHE E 25 28.78 -18.10 -9.60
C PHE E 25 28.14 -18.92 -10.72
N LEU E 26 27.15 -19.74 -10.37
CA LEU E 26 26.70 -20.82 -11.24
C LEU E 26 25.49 -20.40 -12.06
N GLY E 27 25.51 -20.72 -13.35
CA GLY E 27 24.47 -20.32 -14.27
C GLY E 27 23.55 -21.46 -14.66
N ALA E 28 22.80 -21.23 -15.74
CA ALA E 28 21.81 -22.21 -16.19
C ALA E 28 22.47 -23.40 -16.85
N GLY E 29 23.67 -23.23 -17.38
CA GLY E 29 24.41 -24.35 -17.96
C GLY E 29 24.92 -25.35 -16.94
N PHE E 30 24.89 -25.00 -15.66
CA PHE E 30 25.30 -25.93 -14.63
C PHE E 30 24.20 -26.97 -14.36
N SER E 31 22.95 -26.61 -14.61
CA SER E 31 21.83 -27.53 -14.48
C SER E 31 21.49 -28.22 -15.79
N LYS E 32 22.37 -28.12 -16.79
CA LYS E 32 22.16 -28.82 -18.06
C LYS E 32 22.13 -30.35 -17.98
N PRO E 33 22.97 -31.07 -17.21
CA PRO E 33 22.83 -32.53 -17.18
C PRO E 33 21.60 -33.05 -16.46
N LEU E 34 20.81 -32.18 -15.83
CA LEU E 34 19.65 -32.63 -15.08
C LEU E 34 18.43 -32.86 -15.95
N LYS E 35 18.53 -32.54 -17.25
CA LYS E 35 17.48 -32.77 -18.25
C LYS E 35 16.17 -32.07 -17.89
N LEU E 36 16.28 -30.82 -17.45
CA LEU E 36 15.13 -30.05 -17.05
C LEU E 36 14.40 -29.51 -18.28
N PRO E 37 13.12 -29.19 -18.15
CA PRO E 37 12.43 -28.48 -19.24
C PRO E 37 12.98 -27.07 -19.44
N ASP E 38 12.69 -26.52 -20.62
CA ASP E 38 13.32 -25.26 -21.01
C ASP E 38 12.75 -24.08 -20.24
N GLY E 39 11.43 -24.06 -20.05
CA GLY E 39 10.79 -22.90 -19.48
C GLY E 39 10.18 -22.05 -20.57
N SER E 40 10.93 -21.86 -21.67
CA SER E 40 10.35 -21.30 -22.87
C SER E 40 9.39 -22.28 -23.52
N GLN E 41 9.63 -23.57 -23.35
CA GLN E 41 8.66 -24.58 -23.78
C GLN E 41 7.46 -24.59 -22.84
N LEU E 42 7.67 -24.33 -21.55
CA LEU E 42 6.57 -24.32 -20.60
C LEU E 42 5.67 -23.12 -20.79
N ILE E 43 6.25 -21.96 -21.09
CA ILE E 43 5.45 -20.75 -21.26
C ILE E 43 4.71 -20.77 -22.59
N ALA E 44 5.20 -21.55 -23.56
CA ALA E 44 4.51 -21.63 -24.85
C ALA E 44 3.27 -22.52 -24.76
N SER E 45 3.33 -23.59 -23.96
CA SER E 45 2.18 -24.46 -23.79
C SER E 45 1.10 -23.83 -22.93
N LEU E 46 1.45 -22.90 -22.05
CA LEU E 46 0.44 -22.16 -21.31
C LEU E 46 -0.27 -21.13 -22.17
N ALA E 47 0.31 -20.75 -23.30
CA ALA E 47 -0.29 -19.77 -24.20
C ALA E 47 -1.36 -20.38 -25.09
N LYS E 48 -1.59 -21.70 -25.03
CA LYS E 48 -2.65 -22.30 -25.81
C LYS E 48 -4.03 -21.86 -25.32
N THR E 49 -4.16 -21.56 -24.03
CA THR E 49 -5.43 -21.09 -23.51
C THR E 49 -5.76 -19.68 -23.93
N LEU E 50 -4.75 -18.91 -24.35
CA LEU E 50 -4.97 -17.56 -24.86
C LEU E 50 -5.15 -17.52 -26.37
N GLY E 51 -5.14 -18.66 -27.03
CA GLY E 51 -5.33 -18.72 -28.47
C GLY E 51 -4.07 -18.72 -29.29
N PHE E 52 -2.91 -18.95 -28.69
CA PHE E 52 -1.64 -18.94 -29.40
C PHE E 52 -1.22 -20.36 -29.77
N GLU E 53 -0.68 -20.51 -30.97
CA GLU E 53 0.10 -21.69 -31.27
C GLU E 53 1.46 -21.54 -30.57
N PRO E 54 2.08 -22.66 -30.16
CA PRO E 54 3.33 -22.53 -29.38
C PRO E 54 4.50 -21.96 -30.16
N GLU E 55 4.60 -22.26 -31.45
CA GLU E 55 5.66 -21.66 -32.25
C GLU E 55 5.36 -20.21 -32.58
N LEU E 56 4.09 -19.80 -32.52
CA LEU E 56 3.74 -18.43 -32.83
C LEU E 56 3.88 -17.51 -31.63
N PHE E 57 3.64 -18.04 -30.42
CA PHE E 57 3.80 -17.22 -29.22
C PHE E 57 5.27 -16.96 -28.92
N ASP E 58 6.16 -17.88 -29.29
CA ASP E 58 7.59 -17.69 -29.11
C ASP E 58 8.15 -16.62 -30.03
N MET E 59 7.44 -16.31 -31.12
CA MET E 59 7.90 -15.34 -32.11
C MET E 59 7.87 -13.91 -31.59
N HIS E 60 7.00 -13.61 -30.64
CA HIS E 60 6.69 -12.23 -30.27
C HIS E 60 7.64 -11.64 -29.25
N GLY E 61 8.73 -12.29 -28.91
CA GLY E 61 9.71 -11.69 -28.03
C GLY E 61 10.51 -12.73 -27.27
N ARG E 62 11.40 -12.21 -26.43
CA ARG E 62 12.24 -13.04 -25.59
C ARG E 62 11.41 -13.66 -24.45
N PHE E 63 12.05 -14.57 -23.71
CA PHE E 63 11.35 -15.31 -22.66
C PHE E 63 10.92 -14.41 -21.51
N GLU E 64 11.79 -13.49 -21.10
CA GLU E 64 11.40 -12.55 -20.05
C GLU E 64 10.37 -11.54 -20.53
N GLN E 65 10.30 -11.30 -21.84
CA GLN E 65 9.27 -10.41 -22.37
C GLN E 65 7.93 -11.11 -22.48
N LEU E 66 7.92 -12.41 -22.75
CA LEU E 66 6.66 -13.16 -22.78
C LEU E 66 6.13 -13.37 -21.37
N ALA E 67 7.01 -13.44 -20.38
CA ALA E 67 6.58 -13.52 -19.00
C ALA E 67 6.08 -12.18 -18.50
N GLU E 68 6.57 -11.08 -19.07
CA GLU E 68 6.00 -9.76 -18.82
C GLU E 68 4.54 -9.70 -19.28
N PHE E 69 4.25 -10.37 -20.40
CA PHE E 69 2.90 -10.39 -20.94
C PHE E 69 1.94 -11.16 -20.03
N PHE E 70 2.42 -12.22 -19.39
CA PHE E 70 1.57 -12.92 -18.43
C PHE E 70 1.42 -12.13 -17.14
N ALA E 71 2.41 -11.31 -16.78
CA ALA E 71 2.32 -10.57 -15.53
C ALA E 71 1.28 -9.46 -15.55
N ILE E 72 0.89 -8.99 -16.74
CA ILE E 72 -0.01 -7.86 -16.85
C ILE E 72 -1.33 -8.20 -17.52
N SER E 73 -1.41 -9.25 -18.32
CA SER E 73 -2.64 -9.57 -19.03
C SER E 73 -3.36 -10.80 -18.50
N ALA E 74 -2.64 -11.74 -17.89
CA ALA E 74 -3.25 -12.94 -17.33
C ALA E 74 -2.40 -13.41 -16.16
N PRO E 75 -2.56 -12.77 -14.99
CA PRO E 75 -1.62 -13.02 -13.88
C PRO E 75 -1.74 -14.41 -13.28
N ASN E 76 -2.86 -15.10 -13.47
CA ASN E 76 -3.00 -16.45 -12.98
C ASN E 76 -2.20 -17.45 -13.79
N ARG E 77 -1.84 -17.13 -15.03
CA ARG E 77 -0.97 -18.01 -15.80
C ARG E 77 0.50 -17.84 -15.45
N LEU E 78 0.90 -16.68 -14.92
CA LEU E 78 2.27 -16.52 -14.48
C LEU E 78 2.53 -17.32 -13.20
N GLN E 79 1.55 -17.34 -12.30
CA GLN E 79 1.66 -18.17 -11.10
C GLN E 79 1.57 -19.65 -11.45
N ARG E 80 0.85 -19.99 -12.52
CA ARG E 80 0.84 -21.35 -13.04
C ARG E 80 2.22 -21.75 -13.58
N LEU E 81 2.95 -20.79 -14.16
CA LEU E 81 4.27 -21.08 -14.69
C LEU E 81 5.27 -21.37 -13.58
N VAL E 82 5.23 -20.60 -12.50
CA VAL E 82 6.11 -20.83 -11.36
C VAL E 82 5.73 -22.12 -10.66
N TYR E 83 4.44 -22.48 -10.69
CA TYR E 83 3.97 -23.73 -10.10
C TYR E 83 4.54 -24.94 -10.81
N GLU E 84 4.44 -24.98 -12.14
CA GLU E 84 4.87 -26.16 -12.86
C GLU E 84 6.34 -26.17 -13.20
N MET E 85 7.06 -25.08 -12.92
CA MET E 85 8.51 -25.20 -12.85
C MET E 85 8.97 -25.83 -11.55
N SER E 86 8.24 -25.59 -10.46
CA SER E 86 8.59 -26.21 -9.19
C SER E 86 8.32 -27.72 -9.21
N LEU E 87 7.32 -28.17 -9.96
CA LEU E 87 7.10 -29.60 -10.12
C LEU E 87 8.12 -30.24 -11.06
N SER E 88 8.67 -29.48 -12.00
CA SER E 88 9.55 -30.02 -13.01
C SER E 88 11.03 -29.86 -12.67
N PHE E 89 11.44 -28.69 -12.18
CA PHE E 89 12.86 -28.47 -11.93
C PHE E 89 13.33 -29.18 -10.68
N ASP E 90 12.42 -29.44 -9.73
CA ASP E 90 12.76 -30.06 -8.46
C ASP E 90 12.08 -31.42 -8.32
N SER E 91 11.89 -32.13 -9.42
CA SER E 91 11.24 -33.42 -9.40
C SER E 91 12.18 -34.49 -8.84
N ALA E 92 11.62 -35.68 -8.61
CA ALA E 92 12.43 -36.80 -8.13
C ALA E 92 13.34 -37.34 -9.21
N GLU E 93 12.98 -37.16 -10.48
CA GLU E 93 13.85 -37.58 -11.57
C GLU E 93 15.06 -36.66 -11.70
N ALA E 94 14.90 -35.39 -11.37
CA ALA E 94 16.03 -34.47 -11.42
C ALA E 94 16.97 -34.69 -10.24
N GLU E 95 16.45 -35.19 -9.12
CA GLU E 95 17.31 -35.50 -7.99
C GLU E 95 18.16 -36.73 -8.27
N ALA E 96 17.60 -37.70 -9.00
CA ALA E 96 18.33 -38.94 -9.27
C ALA E 96 19.47 -38.71 -10.26
N LEU E 97 19.28 -37.80 -11.21
CA LEU E 97 20.38 -37.42 -12.08
C LEU E 97 21.40 -36.57 -11.34
N ARG E 98 20.97 -35.84 -10.32
CA ARG E 98 21.86 -35.01 -9.53
C ARG E 98 22.73 -35.86 -8.61
N GLU E 99 22.30 -37.07 -8.28
CA GLU E 99 23.13 -37.97 -7.49
C GLU E 99 24.36 -38.43 -8.25
N LYS E 100 24.20 -38.69 -9.55
CA LYS E 100 25.25 -39.28 -10.36
C LYS E 100 25.97 -38.29 -11.25
N SER E 101 25.63 -37.00 -11.14
CA SER E 101 26.26 -35.99 -11.99
C SER E 101 27.66 -35.70 -11.47
N PRO E 102 28.70 -35.83 -12.31
CA PRO E 102 30.06 -35.53 -11.84
C PRO E 102 30.32 -34.05 -11.60
N MET E 103 29.54 -33.17 -12.24
CA MET E 103 29.66 -31.73 -11.96
C MET E 103 29.21 -31.42 -10.54
N HIS E 104 28.08 -31.99 -10.12
CA HIS E 104 27.55 -31.71 -8.80
C HIS E 104 28.33 -32.43 -7.70
N ARG E 105 28.97 -33.56 -8.03
CA ARG E 105 29.80 -34.22 -7.04
C ARG E 105 31.11 -33.48 -6.84
N ALA E 106 31.69 -32.96 -7.93
CA ALA E 106 32.96 -32.25 -7.81
C ALA E 106 32.77 -30.89 -7.17
N LEU E 107 31.57 -30.30 -7.29
CA LEU E 107 31.28 -29.06 -6.59
C LEU E 107 31.19 -29.27 -5.09
N ALA E 108 30.54 -30.35 -4.67
CA ALA E 108 30.31 -30.61 -3.26
C ALA E 108 31.50 -31.24 -2.56
N ALA E 109 32.53 -31.67 -3.30
CA ALA E 109 33.72 -32.23 -2.68
C ALA E 109 34.63 -31.17 -2.07
N LEU E 110 34.36 -29.90 -2.32
CA LEU E 110 35.16 -28.80 -1.81
C LEU E 110 34.41 -28.06 -0.71
N ASP E 111 35.16 -27.56 0.26
CA ASP E 111 34.58 -26.83 1.39
C ASP E 111 34.47 -25.37 1.01
N TRP E 112 33.38 -25.03 0.33
CA TRP E 112 33.15 -23.64 -0.04
C TRP E 112 32.60 -22.86 1.15
N ARG E 113 32.77 -21.55 1.09
CA ARG E 113 32.16 -20.66 2.07
C ARG E 113 30.92 -19.97 1.55
N THR E 114 30.90 -19.64 0.26
CA THR E 114 29.78 -18.95 -0.35
C THR E 114 29.66 -19.43 -1.79
N ILE E 115 28.46 -19.82 -2.19
CA ILE E 115 28.18 -20.19 -3.56
C ILE E 115 27.02 -19.35 -4.07
N TYR E 116 27.24 -18.66 -5.17
CA TYR E 116 26.20 -17.90 -5.84
C TYR E 116 25.63 -18.72 -6.99
N THR E 117 24.32 -18.61 -7.20
CA THR E 117 23.70 -19.23 -8.35
C THR E 117 22.53 -18.38 -8.81
N THR E 118 22.23 -18.45 -10.11
CA THR E 118 21.21 -17.64 -10.72
C THR E 118 20.00 -18.44 -11.16
N ASN E 119 20.05 -19.76 -11.04
CA ASN E 119 18.95 -20.63 -11.44
C ASN E 119 18.07 -20.97 -10.25
N TYR E 120 16.80 -21.28 -10.54
CA TYR E 120 15.79 -21.30 -9.50
C TYR E 120 15.72 -22.62 -8.75
N ASP E 121 16.23 -23.69 -9.34
CA ASP E 121 16.09 -25.02 -8.78
C ASP E 121 16.98 -25.20 -7.54
N LYS E 122 16.76 -26.30 -6.84
CA LYS E 122 17.40 -26.54 -5.55
C LYS E 122 18.65 -27.39 -5.64
N HIS E 123 19.18 -27.60 -6.84
CA HIS E 123 20.18 -28.64 -7.06
C HIS E 123 21.60 -28.17 -6.74
N VAL E 124 21.78 -26.91 -6.36
CA VAL E 124 23.09 -26.49 -5.86
C VAL E 124 23.23 -26.83 -4.39
N GLU E 125 22.18 -26.61 -3.60
CA GLU E 125 22.20 -27.02 -2.21
C GLU E 125 22.09 -28.53 -2.08
N GLY E 126 21.25 -29.15 -2.91
CA GLY E 126 21.05 -30.58 -2.84
C GLY E 126 22.27 -31.38 -3.20
N ALA E 127 23.18 -30.81 -3.99
CA ALA E 127 24.48 -31.43 -4.20
C ALA E 127 25.28 -31.45 -2.91
N LEU E 128 25.20 -30.38 -2.12
CA LEU E 128 25.91 -30.34 -0.85
C LEU E 128 25.27 -31.25 0.19
N ARG E 129 23.95 -31.43 0.15
CA ARG E 129 23.29 -32.37 1.06
C ARG E 129 23.60 -33.81 0.70
N ASP E 130 23.90 -34.09 -0.57
CA ASP E 130 24.24 -35.46 -0.97
C ASP E 130 25.62 -35.85 -0.50
N ALA E 131 26.52 -34.88 -0.32
CA ALA E 131 27.84 -35.14 0.20
C ALA E 131 27.90 -35.10 1.72
N GLY E 132 26.75 -35.04 2.39
CA GLY E 132 26.73 -34.99 3.84
C GLY E 132 27.08 -33.64 4.41
N LYS E 133 27.07 -32.59 3.61
CA LYS E 133 27.40 -31.25 4.07
C LYS E 133 26.14 -30.42 4.26
N GLN E 134 26.27 -29.38 5.06
CA GLN E 134 25.14 -28.50 5.37
C GLN E 134 25.19 -27.26 4.50
N ALA E 135 24.03 -26.81 4.06
CA ALA E 135 23.91 -25.63 3.23
C ALA E 135 22.79 -24.74 3.76
N ALA E 136 22.97 -23.44 3.57
CA ALA E 136 21.98 -22.45 4.01
C ALA E 136 21.53 -21.65 2.80
N VAL E 137 20.25 -21.74 2.48
CA VAL E 137 19.69 -21.03 1.34
C VAL E 137 19.42 -19.60 1.75
N LEU E 138 19.88 -18.65 0.93
CA LEU E 138 19.70 -17.22 1.21
C LEU E 138 19.06 -16.57 0.00
N ALA E 139 17.79 -16.27 0.09
CA ALA E 139 17.10 -15.61 -1.02
C ALA E 139 16.36 -14.35 -0.61
N SER E 140 15.74 -14.34 0.56
CA SER E 140 14.93 -13.22 1.01
C SER E 140 15.54 -12.62 2.26
N PHE E 141 14.91 -11.54 2.74
CA PHE E 141 15.39 -10.86 3.94
C PHE E 141 15.25 -11.73 5.17
N ALA E 142 14.20 -12.56 5.22
CA ALA E 142 14.00 -13.46 6.35
C ALA E 142 15.04 -14.57 6.39
N ASP E 143 15.66 -14.90 5.25
CA ASP E 143 16.69 -15.92 5.24
C ASP E 143 17.98 -15.39 5.86
N PHE E 144 18.34 -14.14 5.57
CA PHE E 144 19.55 -13.57 6.16
C PHE E 144 19.40 -13.33 7.66
N GLN E 145 18.19 -13.02 8.12
CA GLN E 145 17.95 -12.75 9.53
C GLN E 145 18.03 -14.00 10.40
N GLY E 146 17.83 -15.18 9.82
CA GLY E 146 17.83 -16.41 10.57
C GLY E 146 19.22 -16.84 11.01
N PRO E 147 19.30 -17.60 12.09
CA PRO E 147 20.61 -18.00 12.62
C PRO E 147 21.16 -19.23 11.92
N ARG E 148 22.50 -19.33 11.93
CA ARG E 148 23.20 -20.45 11.32
C ARG E 148 24.62 -20.47 11.88
N ALA E 149 25.30 -21.59 11.66
CA ALA E 149 26.67 -21.77 12.11
C ALA E 149 27.65 -21.23 11.07
N ARG E 150 28.89 -21.01 11.50
CA ARG E 150 29.93 -20.52 10.60
C ARG E 150 30.48 -21.61 9.68
N ASP E 151 30.30 -22.88 10.04
CA ASP E 151 30.79 -23.96 9.19
C ASP E 151 29.93 -24.13 7.94
N VAL E 152 28.69 -23.66 7.97
CA VAL E 152 27.72 -23.95 6.91
C VAL E 152 28.03 -23.08 5.69
N CYS E 153 28.10 -23.71 4.53
CA CYS E 153 28.23 -22.97 3.28
C CYS E 153 26.93 -22.24 2.98
N GLU E 154 27.05 -20.94 2.70
CA GLU E 154 25.88 -20.11 2.41
C GLU E 154 25.67 -20.07 0.90
N VAL E 155 24.54 -20.59 0.46
CA VAL E 155 24.19 -20.61 -0.96
C VAL E 155 23.19 -19.48 -1.19
N ILE E 156 23.63 -18.42 -1.87
CA ILE E 156 22.77 -17.27 -2.13
C ILE E 156 22.11 -17.46 -3.48
N LYS E 157 20.78 -17.54 -3.47
CA LYS E 157 19.97 -17.59 -4.68
C LYS E 157 19.84 -16.17 -5.22
N PHE E 158 20.60 -15.86 -6.26
CA PHE E 158 20.71 -14.50 -6.75
C PHE E 158 19.45 -14.06 -7.47
N HIS E 159 18.66 -14.99 -8.03
CA HIS E 159 17.42 -14.67 -8.70
C HIS E 159 16.22 -15.37 -8.08
N GLY E 160 16.30 -15.74 -6.81
CA GLY E 160 15.16 -16.29 -6.10
C GLY E 160 15.17 -17.81 -6.07
N THR E 161 14.21 -18.35 -5.32
CA THR E 161 14.07 -19.79 -5.14
C THR E 161 12.62 -20.15 -5.37
N LEU E 162 12.40 -21.39 -5.85
CA LEU E 162 11.04 -21.81 -6.16
C LEU E 162 10.17 -22.03 -4.92
N ASP E 163 10.76 -22.22 -3.74
CA ASP E 163 9.96 -22.36 -2.54
C ASP E 163 9.58 -21.01 -1.92
N GLN E 164 10.11 -19.91 -2.46
CA GLN E 164 9.71 -18.56 -2.08
C GLN E 164 9.36 -17.85 -3.37
N PRO E 165 8.12 -17.99 -3.84
CA PRO E 165 7.80 -17.58 -5.22
C PRO E 165 7.81 -16.08 -5.45
N ASP E 166 7.75 -15.26 -4.40
CA ASP E 166 7.82 -13.82 -4.56
C ASP E 166 9.24 -13.30 -4.68
N THR E 167 10.25 -14.18 -4.59
CA THR E 167 11.63 -13.80 -4.82
C THR E 167 12.10 -14.07 -6.23
N ILE E 168 11.26 -14.69 -7.07
CA ILE E 168 11.66 -15.11 -8.42
C ILE E 168 11.86 -13.88 -9.30
N VAL E 169 13.01 -13.80 -9.94
CA VAL E 169 13.31 -12.78 -10.92
C VAL E 169 13.15 -13.43 -12.29
N LEU E 170 11.98 -13.29 -12.89
CA LEU E 170 11.70 -13.89 -14.19
C LEU E 170 10.99 -12.97 -15.17
N THR E 171 10.22 -12.00 -14.68
CA THR E 171 9.58 -10.98 -15.51
C THR E 171 10.63 -9.98 -15.97
N GLU E 172 10.42 -9.40 -17.16
CA GLU E 172 11.39 -8.45 -17.72
C GLU E 172 11.54 -7.20 -16.85
N SER E 173 10.43 -6.74 -16.27
CA SER E 173 10.48 -5.59 -15.37
C SER E 173 11.25 -5.92 -14.09
N SER E 174 11.23 -7.19 -13.67
CA SER E 174 12.00 -7.58 -12.51
C SER E 174 13.49 -7.65 -12.82
N TYR E 175 13.86 -7.98 -14.06
CA TYR E 175 15.27 -7.93 -14.44
C TYR E 175 15.77 -6.50 -14.51
N PHE E 176 14.92 -5.57 -14.95
CA PHE E 176 15.33 -4.17 -15.05
C PHE E 176 15.49 -3.52 -13.70
N GLN E 177 14.69 -3.88 -12.71
CA GLN E 177 14.82 -3.28 -11.40
C GLN E 177 15.87 -3.96 -10.54
N ARG E 178 16.39 -5.11 -10.97
CA ARG E 178 17.57 -5.68 -10.33
C ARG E 178 18.86 -5.09 -10.85
N MET E 179 18.81 -4.23 -11.87
CA MET E 179 19.99 -3.54 -12.35
C MET E 179 20.42 -2.43 -11.42
N ALA E 180 19.53 -1.95 -10.54
CA ALA E 180 19.88 -0.96 -9.54
C ALA E 180 20.64 -1.55 -8.38
N LEU E 181 20.65 -2.88 -8.24
CA LEU E 181 21.32 -3.63 -7.19
C LEU E 181 20.85 -3.21 -5.79
N ASP E 182 19.58 -3.45 -5.53
CA ASP E 182 18.98 -3.13 -4.24
C ASP E 182 18.38 -4.32 -3.52
N ALA E 183 18.36 -5.49 -4.14
CA ALA E 183 17.84 -6.69 -3.51
C ALA E 183 18.83 -7.19 -2.45
N PRO E 184 18.37 -7.99 -1.50
CA PRO E 184 19.28 -8.59 -0.51
C PRO E 184 20.36 -9.50 -1.11
N PRO E 185 20.14 -10.23 -2.22
CA PRO E 185 21.31 -10.86 -2.85
C PRO E 185 22.25 -9.86 -3.49
N ASP E 186 21.77 -8.68 -3.88
CA ASP E 186 22.63 -7.68 -4.49
C ASP E 186 23.50 -7.00 -3.46
N GLN E 187 22.95 -6.77 -2.25
CA GLN E 187 23.71 -6.09 -1.20
C GLN E 187 24.79 -7.00 -0.65
N ARG E 188 24.55 -8.31 -0.67
CA ARG E 188 25.58 -9.27 -0.28
C ARG E 188 26.68 -9.33 -1.33
N LEU E 189 26.34 -9.15 -2.61
CA LEU E 189 27.32 -9.14 -3.68
C LEU E 189 28.22 -7.91 -3.61
N ARG E 190 27.68 -6.79 -3.12
CA ARG E 190 28.46 -5.55 -3.02
C ARG E 190 29.59 -5.67 -2.02
N ALA E 191 29.43 -6.48 -0.98
CA ALA E 191 30.49 -6.66 0.00
C ALA E 191 31.42 -7.81 -0.35
N ASP E 192 30.94 -8.80 -1.09
CA ASP E 192 31.80 -9.93 -1.44
C ASP E 192 32.76 -9.61 -2.58
N LEU E 193 32.45 -8.65 -3.43
CA LEU E 193 33.39 -8.29 -4.49
C LEU E 193 34.59 -7.50 -3.96
N LEU E 194 34.52 -7.01 -2.73
CA LEU E 194 35.65 -6.30 -2.13
C LEU E 194 36.78 -7.24 -1.75
N ALA E 195 36.48 -8.51 -1.50
CA ALA E 195 37.46 -9.41 -0.90
C ALA E 195 37.70 -10.69 -1.69
N ASN E 196 36.86 -11.03 -2.66
CA ASN E 196 36.83 -12.37 -3.22
C ASN E 196 37.06 -12.34 -4.72
N SER E 197 37.40 -13.51 -5.26
CA SER E 197 37.41 -13.74 -6.69
C SER E 197 36.28 -14.68 -7.05
N PHE E 198 35.74 -14.51 -8.25
CA PHE E 198 34.54 -15.21 -8.67
C PHE E 198 34.85 -16.17 -9.80
N LEU E 199 34.19 -17.32 -9.78
CA LEU E 199 34.30 -18.35 -10.81
C LEU E 199 32.95 -18.50 -11.48
N PHE E 200 32.80 -17.92 -12.67
CA PHE E 200 31.54 -17.95 -13.40
C PHE E 200 31.49 -19.20 -14.26
N ILE E 201 30.51 -20.07 -14.01
CA ILE E 201 30.36 -21.32 -14.73
C ILE E 201 28.92 -21.42 -15.22
N GLY E 202 28.77 -21.66 -16.53
CA GLY E 202 27.47 -21.96 -17.09
C GLY E 202 26.74 -20.81 -17.74
N TYR E 203 27.44 -19.87 -18.33
CA TYR E 203 26.84 -18.73 -19.01
C TYR E 203 27.27 -18.70 -20.47
N SER E 204 26.58 -17.88 -21.24
CA SER E 204 26.96 -17.58 -22.60
C SER E 204 27.33 -16.11 -22.72
N PHE E 205 28.06 -15.79 -23.79
CA PHE E 205 28.48 -14.40 -23.99
C PHE E 205 27.34 -13.52 -24.44
N SER E 206 26.26 -14.09 -24.96
CA SER E 206 25.13 -13.32 -25.46
C SER E 206 23.98 -13.24 -24.47
N ASP E 207 24.29 -13.19 -23.17
CA ASP E 207 23.25 -13.25 -22.16
C ASP E 207 22.64 -11.89 -21.89
N THR E 208 23.48 -10.83 -21.90
CA THR E 208 23.17 -9.40 -21.74
C THR E 208 22.66 -9.03 -20.34
N ASN E 209 22.46 -10.02 -19.47
CA ASN E 209 22.18 -9.78 -18.07
C ASN E 209 23.40 -10.03 -17.20
N ILE E 210 24.12 -11.11 -17.47
CA ILE E 210 25.36 -11.36 -16.76
C ILE E 210 26.45 -10.42 -17.27
N ARG E 211 26.29 -9.86 -18.48
CA ARG E 211 27.25 -8.88 -18.96
C ARG E 211 27.13 -7.56 -18.22
N TYR E 212 25.92 -7.18 -17.83
CA TYR E 212 25.77 -5.99 -17.00
C TYR E 212 26.33 -6.22 -15.62
N ILE E 213 26.18 -7.43 -15.09
CA ILE E 213 26.75 -7.76 -13.78
C ILE E 213 28.27 -7.77 -13.85
N TRP E 214 28.83 -8.28 -14.95
CA TRP E 214 30.28 -8.26 -15.15
C TRP E 214 30.81 -6.84 -15.26
N TYR E 215 30.07 -5.97 -15.93
CA TYR E 215 30.45 -4.56 -16.00
C TYR E 215 30.35 -3.90 -14.63
N ARG E 216 29.25 -4.13 -13.93
CA ARG E 216 28.95 -3.39 -12.71
C ARG E 216 29.83 -3.84 -11.56
N MET E 217 30.29 -5.10 -11.55
CA MET E 217 31.27 -5.53 -10.56
C MET E 217 32.61 -4.82 -10.76
N ASN E 218 33.01 -4.62 -12.03
CA ASN E 218 34.26 -3.93 -12.31
C ASN E 218 34.17 -2.46 -11.92
N GLN E 219 33.00 -1.85 -12.13
CA GLN E 219 32.82 -0.46 -11.78
C GLN E 219 32.83 -0.26 -10.27
N LEU E 220 32.29 -1.22 -9.52
CA LEU E 220 32.31 -1.13 -8.07
C LEU E 220 33.67 -1.42 -7.48
N ARG E 221 34.54 -2.16 -8.18
CA ARG E 221 35.90 -2.32 -7.70
C ARG E 221 36.71 -1.05 -7.92
N GLU E 222 36.52 -0.39 -9.07
CA GLU E 222 37.25 0.83 -9.34
C GLU E 222 36.75 1.99 -8.49
N GLN E 223 35.46 1.98 -8.15
CA GLN E 223 34.91 3.03 -7.31
C GLN E 223 35.38 2.89 -5.86
N SER E 224 35.68 1.66 -5.44
CA SER E 224 36.12 1.42 -4.07
C SER E 224 37.56 1.82 -3.81
N GLN E 225 38.29 2.25 -4.83
CA GLN E 225 39.67 2.70 -4.68
C GLN E 225 39.89 3.98 -5.46
N LEU E 226 38.97 4.93 -5.31
CA LEU E 226 38.99 6.17 -6.07
C LEU E 226 39.89 7.24 -5.46
N GLY E 227 40.10 7.19 -4.14
CA GLY E 227 40.91 8.21 -3.49
C GLY E 227 42.28 7.69 -3.10
N VAL E 228 42.36 6.40 -2.82
CA VAL E 228 43.62 5.75 -2.49
C VAL E 228 44.37 5.43 -3.78
N LYS E 229 45.64 5.01 -3.65
CA LYS E 229 46.40 4.55 -4.80
C LYS E 229 45.79 3.26 -5.34
N HIS E 230 45.87 3.09 -6.66
CA HIS E 230 45.25 1.96 -7.33
C HIS E 230 46.07 0.70 -7.07
N SER E 231 45.48 -0.25 -6.36
CA SER E 231 46.09 -1.54 -6.09
C SER E 231 45.47 -2.60 -6.99
N GLN E 232 46.19 -3.70 -7.15
CA GLN E 232 45.75 -4.78 -8.03
C GLN E 232 44.75 -5.67 -7.31
N ALA E 233 43.64 -5.95 -7.97
CA ALA E 233 42.58 -6.76 -7.40
C ALA E 233 42.77 -8.23 -7.75
N ARG E 234 42.08 -9.09 -7.01
CA ARG E 234 42.04 -10.50 -7.34
C ARG E 234 41.27 -10.71 -8.64
N ARG E 235 41.80 -11.61 -9.47
CA ARG E 235 41.26 -11.84 -10.80
C ARG E 235 40.09 -12.82 -10.75
N CYS E 236 39.03 -12.49 -11.46
CA CYS E 236 37.88 -13.39 -11.58
C CYS E 236 38.06 -14.29 -12.81
N PHE E 237 37.19 -15.30 -12.90
CA PHE E 237 37.35 -16.35 -13.90
C PHE E 237 36.00 -16.72 -14.50
N PHE E 238 36.03 -17.16 -15.76
CA PHE E 238 34.82 -17.56 -16.49
C PHE E 238 35.16 -18.78 -17.33
N ALA E 239 34.57 -19.92 -16.98
CA ALA E 239 34.83 -21.17 -17.69
C ALA E 239 33.86 -21.31 -18.85
N THR E 240 34.40 -21.60 -20.03
CA THR E 240 33.62 -21.63 -21.26
C THR E 240 34.04 -22.85 -22.05
N HIS E 241 33.13 -23.34 -22.90
CA HIS E 241 33.49 -24.36 -23.86
C HIS E 241 33.76 -23.80 -25.24
N GLY E 242 33.09 -22.72 -25.63
CA GLY E 242 33.49 -21.99 -26.80
C GLY E 242 33.78 -20.54 -26.48
N ALA E 243 35.05 -20.15 -26.51
CA ALA E 243 35.41 -18.81 -26.06
C ALA E 243 35.26 -17.77 -27.15
N GLY E 244 35.43 -18.15 -28.40
CA GLY E 244 35.37 -17.17 -29.48
C GLY E 244 36.72 -16.48 -29.64
N LEU E 245 36.67 -15.28 -30.21
CA LEU E 245 37.89 -14.57 -30.56
C LEU E 245 37.91 -13.11 -30.16
N VAL E 246 36.76 -12.47 -29.97
CA VAL E 246 36.68 -11.08 -29.56
C VAL E 246 36.24 -10.94 -28.12
N GLN E 247 35.27 -11.74 -27.70
CA GLN E 247 34.73 -11.67 -26.35
C GLN E 247 35.72 -11.92 -25.20
N PRO E 248 36.73 -12.81 -25.29
CA PRO E 248 37.69 -12.89 -24.17
C PRO E 248 38.53 -11.65 -23.95
N ASP E 249 38.74 -10.82 -24.99
CA ASP E 249 39.50 -9.60 -24.79
C ASP E 249 38.69 -8.53 -24.07
N ILE E 250 37.38 -8.51 -24.30
CA ILE E 250 36.49 -7.59 -23.59
C ILE E 250 36.45 -7.93 -22.11
N LEU E 251 36.39 -9.22 -21.79
CA LEU E 251 36.30 -9.68 -20.42
C LEU E 251 37.57 -9.44 -19.61
N GLN E 252 38.72 -9.27 -20.28
CA GLN E 252 39.96 -8.95 -19.57
C GLN E 252 39.88 -7.60 -18.88
N GLN E 253 39.21 -6.63 -19.51
CA GLN E 253 39.06 -5.31 -18.92
C GLN E 253 37.97 -5.27 -17.86
N TRP E 254 37.19 -6.33 -17.73
CA TRP E 254 36.23 -6.47 -16.64
C TRP E 254 36.75 -7.40 -15.55
N ASN E 255 38.07 -7.55 -15.46
CA ASN E 255 38.78 -8.29 -14.40
C ASN E 255 38.43 -9.79 -14.44
N ILE E 256 38.19 -10.34 -15.62
CA ILE E 256 37.73 -11.72 -15.77
C ILE E 256 38.59 -12.42 -16.82
N ASP E 257 39.24 -13.51 -16.43
CA ASP E 257 39.98 -14.35 -17.36
C ASP E 257 39.11 -15.49 -17.84
N VAL E 258 39.17 -15.78 -19.14
CA VAL E 258 38.35 -16.82 -19.74
C VAL E 258 39.13 -18.12 -19.75
N ILE E 259 38.50 -19.21 -19.31
CA ILE E 259 39.09 -20.54 -19.28
C ILE E 259 38.44 -21.37 -20.37
N GLN E 260 39.23 -21.80 -21.35
CA GLN E 260 38.72 -22.67 -22.41
C GLN E 260 38.69 -24.11 -21.92
N LEU E 261 37.50 -24.67 -21.82
CA LEU E 261 37.33 -26.08 -21.48
C LEU E 261 37.14 -26.89 -22.75
N ASP E 262 37.28 -28.20 -22.62
CA ASP E 262 37.20 -29.10 -23.77
C ASP E 262 35.75 -29.23 -24.22
N PRO E 263 35.43 -28.87 -25.47
CA PRO E 263 34.02 -28.85 -25.90
C PRO E 263 33.47 -30.20 -26.34
N THR E 264 34.25 -31.28 -26.28
CA THR E 264 33.76 -32.57 -26.75
C THR E 264 32.73 -33.15 -25.79
N ASP E 265 33.04 -33.12 -24.50
CA ASP E 265 32.09 -33.49 -23.46
C ASP E 265 31.97 -32.29 -22.52
N LYS E 266 30.78 -31.69 -22.48
CA LYS E 266 30.57 -30.47 -21.72
C LYS E 266 30.65 -30.73 -20.23
N SER E 267 29.99 -31.78 -19.76
CA SER E 267 29.87 -32.04 -18.34
C SER E 267 31.16 -32.57 -17.74
N ALA E 268 31.95 -33.32 -18.53
CA ALA E 268 33.18 -33.88 -18.00
C ALA E 268 34.25 -32.81 -17.81
N SER E 269 34.33 -31.85 -18.74
CA SER E 269 35.38 -30.85 -18.66
C SER E 269 35.14 -29.85 -17.54
N VAL E 270 33.87 -29.62 -17.18
CA VAL E 270 33.59 -28.80 -16.00
C VAL E 270 33.97 -29.56 -14.75
N ALA E 271 33.75 -30.87 -14.74
CA ALA E 271 34.09 -31.68 -13.58
C ALA E 271 35.60 -31.80 -13.40
N ARG E 272 36.37 -31.80 -14.49
CA ARG E 272 37.82 -31.81 -14.34
C ARG E 272 38.36 -30.49 -13.83
N LEU E 273 37.62 -29.40 -14.07
CA LEU E 273 38.01 -28.10 -13.56
C LEU E 273 37.84 -28.02 -12.05
N LEU E 274 36.70 -28.50 -11.56
CA LEU E 274 36.41 -28.44 -10.12
C LEU E 274 37.24 -29.43 -9.32
N GLU E 275 37.71 -30.50 -9.95
CA GLU E 275 38.57 -31.45 -9.25
C GLU E 275 40.03 -31.02 -9.24
N SER E 276 40.43 -30.14 -10.15
CA SER E 276 41.79 -29.61 -10.12
C SER E 276 41.97 -28.55 -9.04
N ILE E 277 40.87 -28.00 -8.53
CA ILE E 277 40.94 -27.07 -7.41
C ILE E 277 41.29 -27.81 -6.13
N ALA E 278 40.79 -29.03 -5.97
CA ALA E 278 41.09 -29.86 -4.82
C ALA E 278 42.56 -30.29 -4.80
N THR F 2 38.21 37.63 -0.29
CA THR F 2 37.44 36.76 -1.17
C THR F 2 35.95 36.97 -0.99
N THR F 3 35.53 38.24 -0.98
CA THR F 3 34.13 38.57 -0.77
C THR F 3 33.79 39.78 -1.60
N LEU F 4 32.73 39.67 -2.41
CA LEU F 4 32.28 40.78 -3.24
C LEU F 4 31.47 41.77 -2.43
N THR F 5 31.48 43.02 -2.86
CA THR F 5 30.62 44.04 -2.28
C THR F 5 29.38 44.20 -3.16
N LEU F 6 28.58 45.23 -2.86
CA LEU F 6 27.39 45.50 -3.65
C LEU F 6 27.73 46.00 -5.04
N SER F 7 28.69 46.93 -5.13
CA SER F 7 29.01 47.52 -6.43
C SER F 7 29.86 46.59 -7.28
N GLU F 8 30.60 45.68 -6.65
CA GLU F 8 31.42 44.75 -7.41
C GLU F 8 30.58 43.62 -8.01
N ALA F 9 29.55 43.17 -7.30
CA ALA F 9 28.73 42.06 -7.75
C ALA F 9 27.62 42.49 -8.68
N ALA F 10 27.31 43.78 -8.76
CA ALA F 10 26.25 44.29 -9.62
C ALA F 10 26.49 44.11 -11.12
N PRO F 11 27.69 44.33 -11.70
CA PRO F 11 27.85 43.96 -13.11
C PRO F 11 27.96 42.46 -13.34
N LEU F 12 28.31 41.68 -12.32
CA LEU F 12 28.36 40.23 -12.48
C LEU F 12 26.97 39.64 -12.51
N LEU F 13 26.06 40.14 -11.66
CA LEU F 13 24.69 39.67 -11.67
C LEU F 13 23.92 40.17 -12.88
N LYS F 14 24.28 41.35 -13.39
CA LYS F 14 23.59 41.92 -14.54
C LYS F 14 23.92 41.16 -15.81
N LYS F 15 25.14 40.65 -15.94
CA LYS F 15 25.53 39.90 -17.12
C LYS F 15 24.82 38.55 -17.18
N GLU F 16 24.57 37.93 -16.02
CA GLU F 16 23.84 36.68 -16.00
C GLU F 16 22.35 36.89 -16.26
N PHE F 17 21.84 38.07 -15.93
CA PHE F 17 20.41 38.32 -16.06
C PHE F 17 20.01 38.73 -17.47
N ARG F 18 20.90 39.41 -18.21
CA ARG F 18 20.57 39.83 -19.56
C ARG F 18 20.42 38.65 -20.51
N GLU F 19 21.15 37.57 -20.27
CA GLU F 19 21.04 36.36 -21.06
C GLU F 19 20.18 35.31 -20.39
N GLY F 20 19.43 35.68 -19.36
CA GLY F 20 18.39 34.83 -18.80
C GLY F 20 18.88 33.61 -18.04
N ARG F 21 20.03 33.71 -17.39
CA ARG F 21 20.63 32.55 -16.73
C ARG F 21 20.85 32.81 -15.23
N LEU F 22 19.98 33.59 -14.61
CA LEU F 22 20.07 33.87 -13.18
C LEU F 22 18.78 33.43 -12.52
N ILE F 23 18.89 32.56 -11.54
CA ILE F 23 17.73 32.02 -10.82
C ILE F 23 17.89 32.35 -9.34
N PRO F 24 16.95 33.08 -8.74
CA PRO F 24 17.00 33.29 -7.29
C PRO F 24 16.64 32.03 -6.54
N PHE F 25 17.26 31.85 -5.38
CA PHE F 25 17.04 30.68 -4.54
C PHE F 25 16.79 31.26 -3.14
N LEU F 26 15.52 31.46 -2.79
CA LEU F 26 15.17 32.31 -1.66
C LEU F 26 14.93 31.49 -0.40
N GLY F 27 15.48 31.97 0.72
CA GLY F 27 15.40 31.27 1.98
C GLY F 27 14.43 31.89 2.96
N ALA F 28 14.58 31.49 4.22
CA ALA F 28 13.66 31.94 5.26
C ALA F 28 13.92 33.39 5.64
N GLY F 29 15.13 33.88 5.42
CA GLY F 29 15.43 35.27 5.69
C GLY F 29 14.80 36.24 4.71
N PHE F 30 14.26 35.75 3.60
CA PHE F 30 13.56 36.60 2.65
C PHE F 30 12.17 36.95 3.15
N SER F 31 11.57 36.09 3.97
CA SER F 31 10.28 36.35 4.60
C SER F 31 10.41 36.97 5.98
N LYS F 32 11.60 37.45 6.33
CA LYS F 32 11.80 38.13 7.60
C LYS F 32 11.01 39.44 7.78
N PRO F 33 10.88 40.35 6.79
CA PRO F 33 10.07 41.56 7.05
C PRO F 33 8.57 41.32 7.17
N LEU F 34 8.08 40.12 6.94
CA LEU F 34 6.66 39.86 6.98
C LEU F 34 6.15 39.60 8.39
N LYS F 35 7.05 39.56 9.38
CA LYS F 35 6.73 39.41 10.81
C LYS F 35 5.94 38.13 11.09
N LEU F 36 6.37 37.03 10.49
CA LEU F 36 5.70 35.76 10.65
C LEU F 36 6.10 35.12 11.98
N PRO F 37 5.26 34.23 12.50
CA PRO F 37 5.67 33.44 13.67
C PRO F 37 6.83 32.50 13.35
N ASP F 38 7.52 32.06 14.40
CA ASP F 38 8.76 31.31 14.22
C ASP F 38 8.49 29.90 13.71
N GLY F 39 7.47 29.24 14.23
CA GLY F 39 7.26 27.84 13.92
C GLY F 39 7.81 26.98 15.04
N SER F 40 9.00 27.33 15.53
CA SER F 40 9.50 26.73 16.76
C SER F 40 8.70 27.23 17.96
N GLN F 41 8.17 28.45 17.87
CA GLN F 41 7.24 28.93 18.88
C GLN F 41 5.88 28.24 18.75
N LEU F 42 5.48 27.92 17.52
CA LEU F 42 4.20 27.27 17.30
C LEU F 42 4.22 25.82 17.75
N ILE F 43 5.33 25.13 17.53
CA ILE F 43 5.42 23.73 17.92
C ILE F 43 5.58 23.59 19.42
N ALA F 44 6.08 24.63 20.10
CA ALA F 44 6.23 24.56 21.54
C ALA F 44 4.90 24.75 22.25
N SER F 45 4.02 25.59 21.71
CA SER F 45 2.70 25.79 22.30
C SER F 45 1.78 24.62 22.06
N LEU F 46 2.00 23.83 21.00
CA LEU F 46 1.23 22.61 20.81
C LEU F 46 1.67 21.50 21.75
N ALA F 47 2.86 21.61 22.33
CA ALA F 47 3.35 20.61 23.25
C ALA F 47 2.79 20.75 24.66
N LYS F 48 1.98 21.79 24.91
CA LYS F 48 1.35 21.93 26.23
C LYS F 48 0.33 20.83 26.48
N THR F 49 -0.30 20.32 25.42
CA THR F 49 -1.27 19.25 25.58
C THR F 49 -0.61 17.91 25.90
N LEU F 50 0.69 17.78 25.62
CA LEU F 50 1.43 16.57 25.96
C LEU F 50 2.12 16.67 27.31
N GLY F 51 1.95 17.77 28.03
CA GLY F 51 2.54 17.93 29.33
C GLY F 51 3.87 18.65 29.37
N PHE F 52 4.26 19.30 28.29
CA PHE F 52 5.54 20.00 28.21
C PHE F 52 5.37 21.48 28.50
N GLU F 53 6.31 22.03 29.24
CA GLU F 53 6.47 23.47 29.25
C GLU F 53 7.14 23.88 27.94
N PRO F 54 6.85 25.08 27.42
CA PRO F 54 7.36 25.45 26.10
C PRO F 54 8.87 25.62 26.04
N GLU F 55 9.48 26.12 27.11
CA GLU F 55 10.94 26.20 27.15
C GLU F 55 11.59 24.85 27.36
N LEU F 56 10.85 23.88 27.92
CA LEU F 56 11.40 22.56 28.18
C LEU F 56 11.30 21.66 26.95
N PHE F 57 10.25 21.83 26.14
CA PHE F 57 10.10 21.03 24.93
C PHE F 57 11.12 21.43 23.87
N ASP F 58 11.51 22.71 23.85
CA ASP F 58 12.52 23.19 22.91
C ASP F 58 13.91 22.65 23.24
N MET F 59 14.11 22.20 24.47
CA MET F 59 15.42 21.73 24.92
C MET F 59 15.79 20.39 24.30
N HIS F 60 14.81 19.58 23.91
CA HIS F 60 15.05 18.18 23.57
C HIS F 60 15.46 17.96 22.12
N GLY F 61 15.75 19.00 21.36
CA GLY F 61 16.25 18.80 20.02
C GLY F 61 15.95 19.97 19.12
N ARG F 62 16.36 19.81 17.86
CA ARG F 62 16.12 20.81 16.83
C ARG F 62 14.65 20.81 16.42
N PHE F 63 14.29 21.78 15.59
CA PHE F 63 12.89 21.95 15.19
C PHE F 63 12.40 20.80 14.32
N GLU F 64 13.22 20.34 13.38
CA GLU F 64 12.84 19.20 12.57
C GLU F 64 12.83 17.90 13.36
N GLN F 65 13.58 17.84 14.46
CA GLN F 65 13.55 16.67 15.33
C GLN F 65 12.33 16.67 16.23
N LEU F 66 11.87 17.84 16.65
CA LEU F 66 10.65 17.89 17.44
C LEU F 66 9.42 17.63 16.58
N ALA F 67 9.49 17.96 15.30
CA ALA F 67 8.42 17.63 14.37
C ALA F 67 8.43 16.15 14.02
N GLU F 68 9.59 15.51 14.09
CA GLU F 68 9.67 14.06 13.98
C GLU F 68 8.92 13.39 15.13
N PHE F 69 8.98 13.98 16.31
CA PHE F 69 8.30 13.45 17.48
C PHE F 69 6.78 13.54 17.33
N PHE F 70 6.28 14.61 16.70
CA PHE F 70 4.84 14.68 16.45
C PHE F 70 4.43 13.73 15.34
N ALA F 71 5.32 13.42 14.40
CA ALA F 71 4.95 12.56 13.28
C ALA F 71 4.75 11.11 13.69
N ILE F 72 5.31 10.70 14.82
CA ILE F 72 5.26 9.30 15.22
C ILE F 72 4.52 9.06 16.53
N SER F 73 4.39 10.07 17.41
CA SER F 73 3.75 9.86 18.68
C SER F 73 2.39 10.53 18.81
N ALA F 74 2.13 11.59 18.05
CA ALA F 74 0.84 12.27 18.08
C ALA F 74 0.61 12.91 16.71
N PRO F 75 0.17 12.12 15.73
CA PRO F 75 0.13 12.62 14.34
C PRO F 75 -0.91 13.68 14.10
N ASN F 76 -1.93 13.78 14.96
CA ASN F 76 -2.93 14.82 14.81
C ASN F 76 -2.40 16.19 15.21
N ARG F 77 -1.33 16.26 16.02
CA ARG F 77 -0.73 17.54 16.33
C ARG F 77 0.21 18.04 15.25
N LEU F 78 0.76 17.14 14.42
CA LEU F 78 1.57 17.57 13.30
C LEU F 78 0.71 18.21 12.22
N GLN F 79 -0.48 17.64 11.97
CA GLN F 79 -1.41 18.25 11.04
C GLN F 79 -2.00 19.53 11.59
N ARG F 80 -2.10 19.64 12.91
CA ARG F 80 -2.46 20.91 13.55
C ARG F 80 -1.39 21.97 13.33
N LEU F 81 -0.12 21.56 13.29
CA LEU F 81 0.97 22.51 13.09
C LEU F 81 0.95 23.08 11.67
N VAL F 82 0.71 22.22 10.67
CA VAL F 82 0.63 22.68 9.29
C VAL F 82 -0.63 23.53 9.09
N TYR F 83 -1.68 23.24 9.85
CA TYR F 83 -2.91 24.02 9.79
C TYR F 83 -2.70 25.45 10.27
N GLU F 84 -2.09 25.63 11.43
CA GLU F 84 -1.96 26.96 11.99
C GLU F 84 -0.73 27.70 11.49
N MET F 85 0.13 27.06 10.71
CA MET F 85 1.08 27.83 9.92
C MET F 85 0.41 28.41 8.68
N SER F 86 -0.56 27.70 8.11
CA SER F 86 -1.29 28.23 6.96
C SER F 86 -2.16 29.41 7.33
N LEU F 87 -2.69 29.44 8.54
CA LEU F 87 -3.43 30.61 9.01
C LEU F 87 -2.52 31.78 9.36
N SER F 88 -1.27 31.51 9.74
CA SER F 88 -0.36 32.55 10.20
C SER F 88 0.58 33.05 9.12
N PHE F 89 1.15 32.15 8.32
CA PHE F 89 2.13 32.58 7.32
C PHE F 89 1.47 33.24 6.13
N ASP F 90 0.21 32.90 5.86
CA ASP F 90 -0.52 33.43 4.71
C ASP F 90 -1.71 34.28 5.14
N SER F 91 -1.59 34.96 6.27
CA SER F 91 -2.67 35.78 6.78
C SER F 91 -2.80 37.07 5.98
N ALA F 92 -3.87 37.82 6.26
CA ALA F 92 -4.07 39.09 5.58
C ALA F 92 -3.11 40.16 6.09
N GLU F 93 -2.61 40.01 7.32
CA GLU F 93 -1.62 40.95 7.83
C GLU F 93 -0.27 40.73 7.17
N ALA F 94 0.05 39.50 6.80
CA ALA F 94 1.30 39.23 6.10
C ALA F 94 1.24 39.69 4.65
N GLU F 95 0.05 39.72 4.06
CA GLU F 95 -0.09 40.24 2.70
C GLU F 95 0.09 41.74 2.67
N ALA F 96 -0.38 42.43 3.72
CA ALA F 96 -0.29 43.89 3.74
C ALA F 96 1.14 44.37 3.93
N LEU F 97 1.93 43.62 4.70
CA LEU F 97 3.35 43.93 4.80
C LEU F 97 4.08 43.57 3.51
N ARG F 98 3.57 42.58 2.78
CA ARG F 98 4.18 42.16 1.53
C ARG F 98 3.93 43.18 0.41
N GLU F 99 2.87 43.99 0.54
CA GLU F 99 2.62 45.04 -0.42
C GLU F 99 3.68 46.12 -0.36
N LYS F 100 4.13 46.46 0.84
CA LYS F 100 5.02 47.59 1.06
C LYS F 100 6.47 47.18 1.28
N SER F 101 6.78 45.90 1.18
CA SER F 101 8.13 45.43 1.40
C SER F 101 9.00 45.75 0.19
N PRO F 102 10.11 46.48 0.36
CA PRO F 102 10.97 46.79 -0.80
C PRO F 102 11.72 45.59 -1.33
N MET F 103 11.91 44.55 -0.53
CA MET F 103 12.52 43.32 -1.03
C MET F 103 11.61 42.63 -2.03
N HIS F 104 10.32 42.53 -1.70
CA HIS F 104 9.38 41.85 -2.57
C HIS F 104 9.01 42.69 -3.79
N ARG F 105 9.10 44.01 -3.68
CA ARG F 105 8.86 44.85 -4.86
C ARG F 105 10.03 44.79 -5.83
N ALA F 106 11.26 44.76 -5.30
CA ALA F 106 12.42 44.71 -6.17
C ALA F 106 12.60 43.34 -6.81
N LEU F 107 12.09 42.29 -6.16
CA LEU F 107 12.09 40.97 -6.76
C LEU F 107 11.14 40.90 -7.94
N ALA F 108 9.95 41.48 -7.80
CA ALA F 108 8.93 41.39 -8.82
C ALA F 108 9.11 42.40 -9.94
N ALA F 109 10.02 43.35 -9.80
CA ALA F 109 10.27 44.32 -10.86
C ALA F 109 11.09 43.73 -12.01
N LEU F 110 11.63 42.53 -11.85
CA LEU F 110 12.44 41.87 -12.85
C LEU F 110 11.67 40.73 -13.48
N ASP F 111 11.93 40.50 -14.77
CA ASP F 111 11.26 39.43 -15.51
C ASP F 111 12.08 38.16 -15.35
N TRP F 112 11.82 37.45 -14.26
CA TRP F 112 12.50 36.19 -14.03
C TRP F 112 11.85 35.08 -14.85
N ARG F 113 12.61 34.02 -15.07
CA ARG F 113 12.09 32.83 -15.71
C ARG F 113 11.80 31.72 -14.72
N THR F 114 12.61 31.59 -13.68
CA THR F 114 12.48 30.55 -12.67
C THR F 114 12.92 31.13 -11.35
N ILE F 115 12.10 30.97 -10.32
CA ILE F 115 12.44 31.36 -8.95
C ILE F 115 12.29 30.15 -8.05
N TYR F 116 13.36 29.80 -7.34
CA TYR F 116 13.32 28.76 -6.33
C TYR F 116 13.15 29.37 -4.96
N THR F 117 12.38 28.70 -4.11
CA THR F 117 12.25 29.11 -2.72
C THR F 117 12.07 27.88 -1.85
N THR F 118 12.51 27.99 -0.61
CA THR F 118 12.48 26.88 0.33
C THR F 118 11.48 27.09 1.45
N ASN F 119 10.83 28.24 1.53
CA ASN F 119 9.86 28.53 2.57
C ASN F 119 8.45 28.25 2.08
N TYR F 120 7.55 27.97 3.03
CA TYR F 120 6.28 27.36 2.70
C TYR F 120 5.23 28.38 2.31
N ASP F 121 5.40 29.63 2.68
CA ASP F 121 4.38 30.65 2.48
C ASP F 121 4.27 31.04 1.01
N LYS F 122 3.23 31.80 0.69
CA LYS F 122 2.87 32.12 -0.69
C LYS F 122 3.43 33.46 -1.15
N HIS F 123 4.33 34.07 -0.39
CA HIS F 123 4.67 35.46 -0.59
C HIS F 123 5.72 35.68 -1.67
N VAL F 124 6.25 34.61 -2.27
CA VAL F 124 7.11 34.78 -3.44
C VAL F 124 6.27 34.94 -4.69
N GLU F 125 5.21 34.14 -4.83
CA GLU F 125 4.30 34.31 -5.95
C GLU F 125 3.45 35.56 -5.78
N GLY F 126 3.01 35.82 -4.54
CA GLY F 126 2.15 36.96 -4.30
C GLY F 126 2.83 38.29 -4.52
N ALA F 127 4.16 38.31 -4.43
CA ALA F 127 4.90 39.50 -4.84
C ALA F 127 4.78 39.71 -6.34
N LEU F 128 4.80 38.62 -7.12
CA LEU F 128 4.65 38.74 -8.56
C LEU F 128 3.23 39.10 -8.96
N ARG F 129 2.23 38.63 -8.19
CA ARG F 129 0.85 39.01 -8.49
C ARG F 129 0.58 40.47 -8.14
N ASP F 130 1.33 41.03 -7.18
CA ASP F 130 1.13 42.44 -6.84
C ASP F 130 1.69 43.36 -7.90
N ALA F 131 2.68 42.90 -8.66
CA ALA F 131 3.23 43.68 -9.76
C ALA F 131 2.48 43.46 -11.07
N GLY F 132 1.34 42.77 -11.03
CA GLY F 132 0.59 42.51 -12.23
C GLY F 132 1.16 41.41 -13.10
N LYS F 133 2.06 40.61 -12.58
CA LYS F 133 2.69 39.53 -13.33
C LYS F 133 2.08 38.19 -12.95
N GLN F 134 2.24 37.22 -13.83
CA GLN F 134 1.69 35.89 -13.63
C GLN F 134 2.77 34.96 -13.11
N ALA F 135 2.39 34.08 -12.19
CA ALA F 135 3.30 33.11 -11.60
C ALA F 135 2.64 31.75 -11.58
N ALA F 136 3.46 30.71 -11.72
CA ALA F 136 3.00 29.33 -11.70
C ALA F 136 3.70 28.60 -10.56
N VAL F 137 2.91 28.13 -9.61
CA VAL F 137 3.46 27.41 -8.46
C VAL F 137 3.72 25.97 -8.88
N LEU F 138 4.92 25.47 -8.57
CA LEU F 138 5.31 24.11 -8.92
C LEU F 138 5.81 23.41 -7.66
N ALA F 139 5.00 22.54 -7.12
CA ALA F 139 5.40 21.80 -5.92
C ALA F 139 5.25 20.30 -6.06
N SER F 140 4.20 19.83 -6.71
CA SER F 140 3.91 18.41 -6.82
C SER F 140 3.97 17.99 -8.28
N PHE F 141 3.77 16.69 -8.51
CA PHE F 141 3.80 16.14 -9.86
C PHE F 141 2.64 16.67 -10.69
N ALA F 142 1.48 16.88 -10.06
CA ALA F 142 0.32 17.42 -10.77
C ALA F 142 0.51 18.87 -11.18
N ASP F 143 1.40 19.60 -10.51
CA ASP F 143 1.66 20.98 -10.90
C ASP F 143 2.50 21.05 -12.18
N PHE F 144 3.48 20.16 -12.30
CA PHE F 144 4.30 20.14 -13.51
C PHE F 144 3.51 19.65 -14.73
N GLN F 145 2.57 18.75 -14.52
CA GLN F 145 1.78 18.20 -15.62
C GLN F 145 0.79 19.19 -16.20
N GLY F 146 0.40 20.21 -15.44
CA GLY F 146 -0.57 21.18 -15.89
C GLY F 146 -0.02 22.13 -16.92
N PRO F 147 -0.89 22.68 -17.77
CA PRO F 147 -0.43 23.56 -18.83
C PRO F 147 -0.25 25.00 -18.36
N ARG F 148 0.65 25.71 -19.05
CA ARG F 148 0.95 27.11 -18.76
C ARG F 148 1.65 27.71 -19.97
N ALA F 149 1.72 29.04 -19.98
CA ALA F 149 2.37 29.76 -21.05
C ALA F 149 3.87 29.91 -20.77
N ARG F 150 4.62 30.25 -21.83
CA ARG F 150 6.06 30.43 -21.69
C ARG F 150 6.42 31.76 -21.06
N ASP F 151 5.52 32.75 -21.08
CA ASP F 151 5.80 34.03 -20.46
C ASP F 151 5.78 33.96 -18.94
N VAL F 152 5.10 32.97 -18.37
CA VAL F 152 4.84 32.91 -16.95
C VAL F 152 6.10 32.48 -16.21
N CYS F 153 6.48 33.22 -15.18
CA CYS F 153 7.57 32.82 -14.31
C CYS F 153 7.16 31.61 -13.48
N GLU F 154 7.99 30.58 -13.50
CA GLU F 154 7.72 29.35 -12.77
C GLU F 154 8.37 29.44 -11.39
N VAL F 155 7.56 29.41 -10.34
CA VAL F 155 8.05 29.47 -8.97
C VAL F 155 8.00 28.05 -8.42
N ILE F 156 9.16 27.43 -8.24
CA ILE F 156 9.23 26.07 -7.74
C ILE F 156 9.39 26.12 -6.23
N LYS F 157 8.40 25.57 -5.53
CA LYS F 157 8.44 25.40 -4.08
C LYS F 157 9.29 24.18 -3.77
N PHE F 158 10.53 24.42 -3.34
CA PHE F 158 11.50 23.35 -3.18
C PHE F 158 11.20 22.48 -1.98
N HIS F 159 10.50 23.01 -0.97
CA HIS F 159 10.13 22.23 0.21
C HIS F 159 8.61 22.19 0.42
N GLY F 160 7.83 22.37 -0.63
CA GLY F 160 6.39 22.22 -0.55
C GLY F 160 5.67 23.53 -0.34
N THR F 161 4.34 23.45 -0.39
CA THR F 161 3.47 24.61 -0.27
C THR F 161 2.40 24.29 0.75
N LEU F 162 1.91 25.32 1.45
CA LEU F 162 0.91 25.11 2.49
C LEU F 162 -0.46 24.71 1.94
N ASP F 163 -0.75 24.99 0.66
CA ASP F 163 -2.01 24.55 0.09
C ASP F 163 -1.97 23.11 -0.41
N GLN F 164 -0.80 22.48 -0.40
CA GLN F 164 -0.65 21.06 -0.71
C GLN F 164 0.11 20.46 0.45
N PRO F 165 -0.59 20.07 1.53
CA PRO F 165 0.10 19.75 2.78
C PRO F 165 0.94 18.49 2.75
N ASP F 166 0.72 17.60 1.79
CA ASP F 166 1.54 16.40 1.68
C ASP F 166 2.85 16.64 0.95
N THR F 167 3.11 17.85 0.48
CA THR F 167 4.38 18.21 -0.12
C THR F 167 5.33 18.86 0.87
N ILE F 168 4.88 19.14 2.10
CA ILE F 168 5.69 19.87 3.07
C ILE F 168 6.87 19.03 3.53
N VAL F 169 8.06 19.60 3.44
CA VAL F 169 9.27 18.97 3.97
C VAL F 169 9.58 19.67 5.28
N LEU F 170 9.13 19.09 6.38
CA LEU F 170 9.33 19.67 7.70
C LEU F 170 9.77 18.67 8.76
N THR F 171 9.43 17.39 8.62
CA THR F 171 9.88 16.33 9.50
C THR F 171 11.34 16.01 9.18
N GLU F 172 12.10 15.58 10.21
CA GLU F 172 13.52 15.28 10.03
C GLU F 172 13.75 14.14 9.04
N SER F 173 12.87 13.13 9.07
CA SER F 173 12.97 12.04 8.12
C SER F 173 12.70 12.49 6.70
N SER F 174 11.87 13.52 6.54
CA SER F 174 11.62 14.05 5.22
C SER F 174 12.80 14.87 4.71
N TYR F 175 13.56 15.51 5.60
CA TYR F 175 14.78 16.18 5.16
C TYR F 175 15.85 15.17 4.75
N PHE F 176 15.91 14.03 5.42
CA PHE F 176 16.92 13.03 5.10
C PHE F 176 16.62 12.33 3.77
N GLN F 177 15.36 12.13 3.44
CA GLN F 177 15.04 11.48 2.17
C GLN F 177 15.01 12.45 1.00
N ARG F 178 15.07 13.75 1.25
CA ARG F 178 15.29 14.71 0.18
C ARG F 178 16.77 14.87 -0.14
N MET F 179 17.66 14.24 0.61
CA MET F 179 19.07 14.27 0.28
C MET F 179 19.42 13.36 -0.88
N ALA F 180 18.54 12.41 -1.22
CA ALA F 180 18.73 11.57 -2.38
C ALA F 180 18.38 12.27 -3.68
N LEU F 181 17.69 13.41 -3.59
CA LEU F 181 17.26 14.23 -4.73
C LEU F 181 16.39 13.45 -5.71
N ASP F 182 15.23 13.01 -5.21
CA ASP F 182 14.29 12.27 -6.03
C ASP F 182 12.91 12.93 -6.14
N ALA F 183 12.68 14.02 -5.44
CA ALA F 183 11.42 14.74 -5.52
C ALA F 183 11.33 15.49 -6.85
N PRO F 184 10.12 15.82 -7.29
CA PRO F 184 9.97 16.64 -8.52
C PRO F 184 10.62 18.02 -8.45
N PRO F 185 10.71 18.72 -7.30
CA PRO F 185 11.58 19.90 -7.30
C PRO F 185 13.06 19.57 -7.41
N ASP F 186 13.46 18.36 -6.99
CA ASP F 186 14.86 17.99 -7.08
C ASP F 186 15.26 17.64 -8.51
N GLN F 187 14.34 17.02 -9.26
CA GLN F 187 14.64 16.64 -10.63
C GLN F 187 14.69 17.86 -11.54
N ARG F 188 13.92 18.89 -11.20
CA ARG F 188 14.00 20.14 -11.92
C ARG F 188 15.30 20.87 -11.62
N LEU F 189 15.81 20.73 -10.40
CA LEU F 189 17.08 21.35 -10.03
C LEU F 189 18.25 20.68 -10.74
N ARG F 190 18.15 19.37 -11.01
CA ARG F 190 19.21 18.65 -11.70
C ARG F 190 19.44 19.14 -13.12
N ALA F 191 18.39 19.61 -13.78
CA ALA F 191 18.54 20.14 -15.13
C ALA F 191 18.86 21.62 -15.16
N ASP F 192 18.44 22.37 -14.14
CA ASP F 192 18.70 23.80 -14.14
C ASP F 192 20.13 24.15 -13.74
N LEU F 193 20.82 23.29 -13.00
CA LEU F 193 22.20 23.57 -12.67
C LEU F 193 23.14 23.36 -13.86
N LEU F 194 22.68 22.71 -14.93
CA LEU F 194 23.49 22.54 -16.12
C LEU F 194 23.64 23.84 -16.90
N ALA F 195 22.71 24.77 -16.78
CA ALA F 195 22.67 25.93 -17.65
C ALA F 195 22.66 27.27 -16.93
N ASN F 196 22.42 27.31 -15.63
CA ASN F 196 22.06 28.55 -14.95
C ASN F 196 23.03 28.84 -13.82
N SER F 197 23.01 30.10 -13.38
CA SER F 197 23.67 30.51 -12.16
C SER F 197 22.62 30.85 -11.11
N PHE F 198 22.94 30.62 -9.85
CA PHE F 198 21.99 30.72 -8.76
C PHE F 198 22.35 31.88 -7.84
N LEU F 199 21.34 32.57 -7.34
CA LEU F 199 21.49 33.66 -6.39
C LEU F 199 20.80 33.25 -5.10
N PHE F 200 21.59 32.86 -4.11
CA PHE F 200 21.07 32.39 -2.84
C PHE F 200 20.90 33.58 -1.90
N ILE F 201 19.67 33.84 -1.47
CA ILE F 201 19.36 34.97 -0.60
C ILE F 201 18.56 34.46 0.59
N GLY F 202 19.02 34.77 1.79
CA GLY F 202 18.26 34.51 2.99
C GLY F 202 18.62 33.26 3.75
N TYR F 203 19.88 32.85 3.74
CA TYR F 203 20.34 31.68 4.46
C TYR F 203 21.42 32.06 5.46
N SER F 204 21.73 31.12 6.35
CA SER F 204 22.86 31.25 7.25
C SER F 204 23.87 30.16 6.93
N PHE F 205 25.10 30.37 7.39
CA PHE F 205 26.15 29.39 7.13
C PHE F 205 26.01 28.14 7.99
N SER F 206 25.24 28.21 9.07
CA SER F 206 25.07 27.08 9.98
C SER F 206 23.76 26.33 9.74
N ASP F 207 23.33 26.24 8.48
CA ASP F 207 22.02 25.67 8.20
C ASP F 207 22.09 24.15 8.09
N THR F 208 23.18 23.63 7.50
CA THR F 208 23.54 22.21 7.32
C THR F 208 22.62 21.45 6.37
N ASN F 209 21.56 22.09 5.89
CA ASN F 209 20.73 21.55 4.83
C ASN F 209 21.01 22.21 3.50
N ILE F 210 21.16 23.54 3.50
CA ILE F 210 21.55 24.23 2.28
C ILE F 210 23.03 24.00 2.01
N ARG F 211 23.82 23.60 3.01
CA ARG F 211 25.22 23.28 2.77
C ARG F 211 25.36 21.97 2.02
N TYR F 212 24.47 21.01 2.28
CA TYR F 212 24.49 19.78 1.50
C TYR F 212 24.05 20.04 0.06
N ILE F 213 23.09 20.95 -0.13
CA ILE F 213 22.65 21.32 -1.47
C ILE F 213 23.76 22.05 -2.21
N TRP F 214 24.50 22.91 -1.51
CA TRP F 214 25.64 23.60 -2.12
C TRP F 214 26.75 22.63 -2.51
N TYR F 215 26.98 21.61 -1.68
CA TYR F 215 27.94 20.58 -2.03
C TYR F 215 27.46 19.77 -3.22
N ARG F 216 26.20 19.34 -3.19
CA ARG F 216 25.69 18.40 -4.16
C ARG F 216 25.50 19.03 -5.53
N MET F 217 25.23 20.34 -5.58
CA MET F 217 25.21 21.03 -6.87
C MET F 217 26.59 21.07 -7.50
N ASN F 218 27.63 21.28 -6.70
CA ASN F 218 28.99 21.29 -7.22
C ASN F 218 29.41 19.92 -7.72
N GLN F 219 28.98 18.87 -7.01
CA GLN F 219 29.32 17.51 -7.41
C GLN F 219 28.62 17.12 -8.70
N LEU F 220 27.39 17.59 -8.91
CA LEU F 220 26.68 17.33 -10.14
C LEU F 220 27.19 18.14 -11.32
N ARG F 221 27.84 19.28 -11.07
CA ARG F 221 28.49 20.00 -12.17
C ARG F 221 29.76 19.29 -12.60
N GLU F 222 30.54 18.81 -11.64
CA GLU F 222 31.78 18.11 -11.96
C GLU F 222 31.51 16.76 -12.58
N GLN F 223 30.41 16.11 -12.19
CA GLN F 223 30.07 14.81 -12.76
C GLN F 223 29.57 14.95 -14.19
N SER F 224 28.99 16.09 -14.53
CA SER F 224 28.46 16.31 -15.87
C SER F 224 29.54 16.60 -16.91
N GLN F 225 30.80 16.73 -16.51
CA GLN F 225 31.91 16.96 -17.42
C GLN F 225 33.07 16.05 -17.07
N LEU F 226 32.78 14.76 -16.85
CA LEU F 226 33.78 13.81 -16.40
C LEU F 226 34.58 13.22 -17.55
N GLY F 227 34.03 13.16 -18.76
CA GLY F 227 34.73 12.57 -19.88
C GLY F 227 35.25 13.60 -20.85
N VAL F 228 34.56 14.73 -20.94
CA VAL F 228 34.98 15.84 -21.78
C VAL F 228 36.04 16.65 -21.05
N LYS F 229 36.67 17.58 -21.76
CA LYS F 229 37.59 18.51 -21.14
C LYS F 229 36.85 19.43 -20.17
N HIS F 230 37.53 19.81 -19.09
CA HIS F 230 36.92 20.60 -18.03
C HIS F 230 36.77 22.04 -18.49
N SER F 231 35.52 22.49 -18.65
CA SER F 231 35.21 23.86 -19.01
C SER F 231 34.75 24.62 -17.78
N GLN F 232 34.83 25.95 -17.86
CA GLN F 232 34.48 26.80 -16.74
C GLN F 232 32.96 27.00 -16.68
N ALA F 233 32.40 26.82 -15.50
CA ALA F 233 30.97 26.96 -15.30
C ALA F 233 30.60 28.38 -14.89
N ARG F 234 29.31 28.70 -15.03
CA ARG F 234 28.80 29.96 -14.52
C ARG F 234 28.85 29.97 -13.00
N ARG F 235 29.24 31.11 -12.44
CA ARG F 235 29.45 31.25 -11.02
C ARG F 235 28.14 31.56 -10.30
N CYS F 236 27.91 30.87 -9.19
CA CYS F 236 26.74 31.13 -8.36
C CYS F 236 27.08 32.17 -7.29
N PHE F 237 26.05 32.66 -6.60
CA PHE F 237 26.20 33.79 -5.70
C PHE F 237 25.39 33.57 -4.43
N PHE F 238 25.87 34.14 -3.33
CA PHE F 238 25.20 34.03 -2.03
C PHE F 238 25.33 35.37 -1.31
N ALA F 239 24.19 36.04 -1.13
CA ALA F 239 24.15 37.35 -0.50
C ALA F 239 24.02 37.19 1.01
N THR F 240 24.89 37.87 1.75
CA THR F 240 24.97 37.70 3.19
C THR F 240 25.11 39.08 3.82
N HIS F 241 24.69 39.20 5.06
CA HIS F 241 24.97 40.40 5.85
C HIS F 241 26.15 40.23 6.77
N GLY F 242 26.39 39.03 7.29
CA GLY F 242 27.64 38.75 7.95
C GLY F 242 28.36 37.57 7.33
N ALA F 243 29.45 37.84 6.62
CA ALA F 243 30.10 36.78 5.85
C ALA F 243 31.05 35.95 6.70
N GLY F 244 31.65 36.55 7.72
CA GLY F 244 32.63 35.82 8.49
C GLY F 244 34.00 35.87 7.83
N LEU F 245 34.83 34.88 8.15
CA LEU F 245 36.22 34.90 7.71
C LEU F 245 36.69 33.57 7.14
N VAL F 246 36.08 32.44 7.50
CA VAL F 246 36.47 31.13 7.00
C VAL F 246 35.45 30.59 5.99
N GLN F 247 34.17 30.78 6.28
CA GLN F 247 33.11 30.27 5.42
C GLN F 247 33.08 30.80 3.97
N PRO F 248 33.43 32.06 3.64
CA PRO F 248 33.48 32.41 2.21
C PRO F 248 34.54 31.68 1.41
N ASP F 249 35.63 31.24 2.04
CA ASP F 249 36.64 30.49 1.29
C ASP F 249 36.18 29.07 0.97
N ILE F 250 35.38 28.46 1.85
CA ILE F 250 34.81 27.15 1.58
C ILE F 250 33.84 27.21 0.41
N LEU F 251 33.03 28.27 0.36
CA LEU F 251 32.01 28.42 -0.67
C LEU F 251 32.61 28.69 -2.04
N GLN F 252 33.85 29.19 -2.12
CA GLN F 252 34.52 29.38 -3.41
C GLN F 252 34.73 28.07 -4.14
N GLN F 253 35.03 27.01 -3.39
CA GLN F 253 35.23 25.70 -4.01
C GLN F 253 33.93 25.01 -4.33
N TRP F 254 32.80 25.53 -3.87
CA TRP F 254 31.49 25.05 -4.26
C TRP F 254 30.83 25.94 -5.31
N ASN F 255 31.66 26.68 -6.06
CA ASN F 255 31.25 27.51 -7.21
C ASN F 255 30.33 28.66 -6.78
N ILE F 256 30.52 29.19 -5.57
CA ILE F 256 29.63 30.21 -5.02
C ILE F 256 30.47 31.37 -4.48
N ASP F 257 30.21 32.57 -4.99
CA ASP F 257 30.84 33.78 -4.48
C ASP F 257 29.92 34.45 -3.45
N VAL F 258 30.52 34.91 -2.36
CA VAL F 258 29.77 35.51 -1.27
C VAL F 258 29.72 37.02 -1.49
N ILE F 259 28.54 37.60 -1.35
CA ILE F 259 28.33 39.03 -1.51
C ILE F 259 28.03 39.61 -0.13
N GLN F 260 28.91 40.50 0.34
CA GLN F 260 28.71 41.16 1.61
C GLN F 260 27.75 42.33 1.44
N LEU F 261 26.59 42.26 2.06
CA LEU F 261 25.63 43.35 2.07
C LEU F 261 25.79 44.15 3.36
N ASP F 262 25.21 45.34 3.36
CA ASP F 262 25.33 46.25 4.49
C ASP F 262 24.49 45.75 5.66
N PRO F 263 25.08 45.47 6.83
CA PRO F 263 24.32 44.85 7.91
C PRO F 263 23.53 45.83 8.77
N THR F 264 23.55 47.13 8.47
CA THR F 264 22.85 48.09 9.31
C THR F 264 21.34 47.98 9.13
N ASP F 265 20.89 47.91 7.88
CA ASP F 265 19.49 47.64 7.56
C ASP F 265 19.48 46.40 6.68
N LYS F 266 18.89 45.32 7.18
CA LYS F 266 18.91 44.04 6.47
C LYS F 266 18.06 44.09 5.21
N SER F 267 16.85 44.63 5.34
CA SER F 267 15.90 44.59 4.24
C SER F 267 16.25 45.58 3.14
N ALA F 268 16.87 46.71 3.49
CA ALA F 268 17.20 47.70 2.48
C ALA F 268 18.35 47.25 1.61
N SER F 269 19.35 46.59 2.20
CA SER F 269 20.53 46.19 1.43
C SER F 269 20.24 45.04 0.49
N VAL F 270 19.26 44.19 0.81
CA VAL F 270 18.82 43.18 -0.14
C VAL F 270 18.06 43.84 -1.29
N ALA F 271 17.28 44.88 -0.99
CA ALA F 271 16.54 45.59 -2.02
C ALA F 271 17.46 46.37 -2.94
N ARG F 272 18.59 46.88 -2.44
CA ARG F 272 19.53 47.56 -3.32
C ARG F 272 20.25 46.57 -4.22
N LEU F 273 20.37 45.31 -3.79
CA LEU F 273 21.00 44.29 -4.63
C LEU F 273 20.10 43.93 -5.81
N LEU F 274 18.81 43.74 -5.55
CA LEU F 274 17.89 43.34 -6.60
C LEU F 274 17.59 44.48 -7.57
N GLU F 275 17.75 45.73 -7.14
CA GLU F 275 17.54 46.86 -8.04
C GLU F 275 18.76 47.17 -8.88
N SER F 276 19.95 46.72 -8.46
CA SER F 276 21.14 46.89 -9.27
C SER F 276 21.20 45.89 -10.43
N ILE F 277 20.40 44.83 -10.36
CA ILE F 277 20.31 43.89 -11.47
C ILE F 277 19.53 44.51 -12.62
N ALA F 278 18.52 45.32 -12.30
CA ALA F 278 17.74 46.03 -13.30
C ALA F 278 18.56 47.08 -14.03
N THR G 2 -5.29 -2.99 -28.77
CA THR G 2 -4.59 -2.00 -27.95
C THR G 2 -3.56 -1.25 -28.79
N THR G 3 -3.97 -0.81 -29.97
CA THR G 3 -3.06 -0.11 -30.88
C THR G 3 -3.83 0.97 -31.61
N LEU G 4 -3.32 2.19 -31.57
CA LEU G 4 -3.95 3.31 -32.25
C LEU G 4 -3.60 3.30 -33.73
N THR G 5 -4.49 3.86 -34.53
CA THR G 5 -4.24 4.07 -35.94
C THR G 5 -3.77 5.50 -36.17
N LEU G 6 -3.65 5.90 -37.43
CA LEU G 6 -3.24 7.26 -37.76
C LEU G 6 -4.32 8.28 -37.39
N SER G 7 -5.58 7.97 -37.73
CA SER G 7 -6.66 8.93 -37.49
C SER G 7 -7.07 8.96 -36.02
N GLU G 8 -6.85 7.87 -35.29
CA GLU G 8 -7.20 7.86 -33.87
C GLU G 8 -6.18 8.62 -33.03
N ALA G 9 -4.91 8.55 -33.40
CA ALA G 9 -3.86 9.19 -32.62
C ALA G 9 -3.65 10.65 -32.97
N ALA G 10 -4.21 11.11 -34.09
CA ALA G 10 -4.05 12.49 -34.53
C ALA G 10 -4.71 13.52 -33.61
N PRO G 11 -5.92 13.35 -33.06
CA PRO G 11 -6.38 14.32 -32.05
C PRO G 11 -5.69 14.18 -30.71
N LEU G 12 -5.11 13.02 -30.41
CA LEU G 12 -4.39 12.86 -29.16
C LEU G 12 -3.05 13.58 -29.20
N LEU G 13 -2.36 13.51 -30.33
CA LEU G 13 -1.09 14.21 -30.49
C LEU G 13 -1.29 15.71 -30.64
N LYS G 14 -2.42 16.12 -31.23
CA LYS G 14 -2.69 17.54 -31.43
C LYS G 14 -2.99 18.24 -30.11
N LYS G 15 -3.63 17.54 -29.18
CA LYS G 15 -3.94 18.14 -27.89
C LYS G 15 -2.68 18.36 -27.05
N GLU G 16 -1.71 17.46 -27.17
CA GLU G 16 -0.45 17.64 -26.45
C GLU G 16 0.40 18.73 -27.08
N PHE G 17 0.23 18.98 -28.39
CA PHE G 17 1.08 19.93 -29.09
C PHE G 17 0.58 21.37 -28.92
N ARG G 18 -0.74 21.57 -28.80
CA ARG G 18 -1.26 22.92 -28.65
C ARG G 18 -0.85 23.56 -27.33
N GLU G 19 -0.68 22.75 -26.29
CA GLU G 19 -0.21 23.23 -25.00
C GLU G 19 1.28 22.99 -24.80
N GLY G 20 2.00 22.66 -25.85
CA GLY G 20 3.46 22.66 -25.82
C GLY G 20 4.09 21.56 -25.00
N ARG G 21 3.46 20.39 -24.92
CA ARG G 21 3.94 19.31 -24.07
C ARG G 21 4.20 18.04 -24.86
N LEU G 22 4.64 18.17 -26.11
CA LEU G 22 4.97 17.02 -26.95
C LEU G 22 6.42 17.16 -27.39
N ILE G 23 7.22 16.15 -27.09
CA ILE G 23 8.64 16.13 -27.44
C ILE G 23 8.91 14.92 -28.31
N PRO G 24 9.40 15.09 -29.54
CA PRO G 24 9.81 13.94 -30.33
C PRO G 24 11.09 13.31 -29.81
N PHE G 25 11.18 12.00 -29.95
CA PHE G 25 12.34 11.24 -29.48
C PHE G 25 12.74 10.37 -30.67
N LEU G 26 13.67 10.84 -31.48
CA LEU G 26 13.89 10.30 -32.81
C LEU G 26 15.02 9.28 -32.82
N GLY G 27 14.78 8.15 -33.50
CA GLY G 27 15.72 7.06 -33.53
C GLY G 27 16.45 6.94 -34.85
N ALA G 28 17.07 5.77 -35.04
CA ALA G 28 17.87 5.53 -36.23
C ALA G 28 17.02 5.34 -37.48
N GLY G 29 15.77 4.91 -37.30
CA GLY G 29 14.86 4.78 -38.42
C GLY G 29 14.40 6.10 -39.00
N PHE G 30 14.63 7.20 -38.31
CA PHE G 30 14.29 8.51 -38.83
C PHE G 30 15.30 8.97 -39.89
N SER G 31 16.54 8.49 -39.80
CA SER G 31 17.56 8.78 -40.79
C SER G 31 17.64 7.70 -41.86
N LYS G 32 16.65 6.83 -41.94
CA LYS G 32 16.61 5.81 -42.99
C LYS G 32 16.49 6.35 -44.43
N PRO G 33 15.70 7.39 -44.76
CA PRO G 33 15.70 7.85 -46.17
C PRO G 33 16.96 8.55 -46.61
N LEU G 34 17.91 8.82 -45.72
CA LEU G 34 19.11 9.54 -46.08
C LEU G 34 20.18 8.66 -46.72
N LYS G 35 19.93 7.34 -46.78
CA LYS G 35 20.80 6.36 -47.43
C LYS G 35 22.21 6.35 -46.84
N LEU G 36 22.29 6.40 -45.52
CA LEU G 36 23.56 6.42 -44.83
C LEU G 36 24.16 5.02 -44.77
N PRO G 37 25.47 4.91 -44.61
CA PRO G 37 26.08 3.59 -44.35
C PRO G 37 25.65 3.04 -43.00
N ASP G 38 25.81 1.72 -42.86
CA ASP G 38 25.26 1.03 -41.69
C ASP G 38 26.06 1.33 -40.43
N GLY G 39 27.39 1.38 -40.53
CA GLY G 39 28.22 1.50 -39.35
C GLY G 39 28.74 0.15 -38.96
N SER G 40 27.87 -0.87 -38.99
CA SER G 40 28.34 -2.24 -38.89
C SER G 40 29.09 -2.66 -40.13
N GLN G 41 28.74 -2.07 -41.28
CA GLN G 41 29.54 -2.27 -42.48
C GLN G 41 30.86 -1.52 -42.39
N LEU G 42 30.85 -0.34 -41.74
CA LEU G 42 32.07 0.44 -41.62
C LEU G 42 33.06 -0.20 -40.65
N ILE G 43 32.55 -0.78 -39.56
CA ILE G 43 33.44 -1.38 -38.57
C ILE G 43 33.98 -2.71 -39.07
N ALA G 44 33.30 -3.35 -40.02
CA ALA G 44 33.79 -4.60 -40.58
C ALA G 44 34.92 -4.38 -41.56
N SER G 45 34.86 -3.30 -42.33
CA SER G 45 35.93 -2.99 -43.27
C SER G 45 37.19 -2.47 -42.57
N LEU G 46 37.06 -1.89 -41.38
CA LEU G 46 38.23 -1.51 -40.61
C LEU G 46 38.92 -2.72 -39.98
N ALA G 47 38.22 -3.85 -39.87
CA ALA G 47 38.79 -5.04 -39.28
C ALA G 47 39.65 -5.83 -40.26
N LYS G 48 39.76 -5.38 -41.52
CA LYS G 48 40.64 -6.05 -42.48
C LYS G 48 42.11 -5.87 -42.10
N THR G 49 42.44 -4.74 -41.46
CA THR G 49 43.82 -4.52 -41.04
C THR G 49 44.22 -5.39 -39.86
N LEU G 50 43.25 -5.92 -39.13
CA LEU G 50 43.53 -6.83 -38.03
C LEU G 50 43.50 -8.29 -38.45
N GLY G 51 43.28 -8.57 -39.72
CA GLY G 51 43.27 -9.94 -40.22
C GLY G 51 41.91 -10.59 -40.29
N PHE G 52 40.83 -9.83 -40.16
CA PHE G 52 39.48 -10.37 -40.19
C PHE G 52 38.87 -10.24 -41.58
N GLU G 53 38.16 -11.28 -41.99
CA GLU G 53 37.23 -11.12 -43.09
C GLU G 53 36.00 -10.38 -42.57
N PRO G 54 35.33 -9.57 -43.41
CA PRO G 54 34.23 -8.74 -42.90
C PRO G 54 33.02 -9.54 -42.43
N GLU G 55 32.71 -10.66 -43.08
CA GLU G 55 31.62 -11.50 -42.59
C GLU G 55 32.01 -12.28 -41.35
N LEU G 56 33.31 -12.48 -41.12
CA LEU G 56 33.75 -13.22 -39.95
C LEU G 56 33.87 -12.34 -38.71
N PHE G 57 34.22 -11.07 -38.89
CA PHE G 57 34.31 -10.16 -37.77
C PHE G 57 32.93 -9.81 -37.22
N ASP G 58 31.92 -9.80 -38.08
CA ASP G 58 30.55 -9.53 -37.65
C ASP G 58 29.98 -10.68 -36.82
N MET G 59 30.56 -11.87 -36.94
CA MET G 59 30.06 -13.05 -36.25
C MET G 59 30.31 -13.00 -34.75
N HIS G 60 31.33 -12.28 -34.31
CA HIS G 60 31.82 -12.39 -32.94
C HIS G 60 31.09 -11.50 -31.95
N GLY G 61 29.99 -10.87 -32.33
CA GLY G 61 29.21 -10.12 -31.37
C GLY G 61 28.42 -9.01 -32.01
N ARG G 62 27.73 -8.27 -31.17
CA ARG G 62 26.93 -7.14 -31.59
C ARG G 62 27.83 -5.96 -31.97
N PHE G 63 27.22 -4.90 -32.51
CA PHE G 63 27.98 -3.76 -33.01
C PHE G 63 28.66 -2.99 -31.88
N GLU G 64 27.95 -2.79 -30.77
CA GLU G 64 28.58 -2.11 -29.64
C GLU G 64 29.62 -2.99 -28.96
N GLN G 65 29.54 -4.31 -29.11
CA GLN G 65 30.56 -5.19 -28.57
C GLN G 65 31.80 -5.21 -29.46
N LEU G 66 31.63 -5.08 -30.76
CA LEU G 66 32.79 -5.01 -31.65
C LEU G 66 33.50 -3.68 -31.52
N ALA G 67 32.75 -2.62 -31.18
CA ALA G 67 33.37 -1.33 -30.91
C ALA G 67 34.06 -1.31 -29.56
N GLU G 68 33.61 -2.14 -28.62
CA GLU G 68 34.34 -2.36 -27.38
C GLU G 68 35.71 -2.96 -27.66
N PHE G 69 35.78 -3.85 -28.65
CA PHE G 69 37.04 -4.49 -29.02
C PHE G 69 38.03 -3.50 -29.61
N PHE G 70 37.54 -2.52 -30.36
CA PHE G 70 38.44 -1.48 -30.86
C PHE G 70 38.85 -0.52 -29.77
N ALA G 71 38.01 -0.34 -28.75
CA ALA G 71 38.34 0.63 -27.70
C ALA G 71 39.47 0.15 -26.80
N ILE G 72 39.74 -1.14 -26.76
CA ILE G 72 40.72 -1.69 -25.83
C ILE G 72 41.91 -2.35 -26.52
N SER G 73 41.77 -2.80 -27.77
CA SER G 73 42.85 -3.51 -28.44
C SER G 73 43.50 -2.71 -29.56
N ALA G 74 42.78 -1.77 -30.16
CA ALA G 74 43.34 -0.92 -31.23
C ALA G 74 42.62 0.41 -31.22
N PRO G 75 43.01 1.31 -30.30
CA PRO G 75 42.21 2.53 -30.09
C PRO G 75 42.27 3.51 -31.24
N ASN G 76 43.28 3.42 -32.10
CA ASN G 76 43.35 4.29 -33.26
C ASN G 76 42.35 3.90 -34.34
N ARG G 77 41.85 2.66 -34.34
CA ARG G 77 40.80 2.30 -35.28
C ARG G 77 39.42 2.72 -34.82
N LEU G 78 39.21 2.91 -33.51
CA LEU G 78 37.94 3.42 -33.04
C LEU G 78 37.78 4.90 -33.38
N GLN G 79 38.87 5.67 -33.28
CA GLN G 79 38.84 7.06 -33.71
C GLN G 79 38.73 7.18 -35.22
N ARG G 80 39.26 6.19 -35.95
CA ARG G 80 39.06 6.11 -37.39
C ARG G 80 37.60 5.87 -37.73
N LEU G 81 36.89 5.10 -36.90
CA LEU G 81 35.48 4.81 -37.13
C LEU G 81 34.62 6.06 -36.96
N VAL G 82 34.90 6.85 -35.91
CA VAL G 82 34.16 8.09 -35.70
C VAL G 82 34.50 9.11 -36.76
N TYR G 83 35.73 9.05 -37.28
CA TYR G 83 36.15 9.94 -38.37
C TYR G 83 35.37 9.69 -39.65
N GLU G 84 35.27 8.44 -40.08
CA GLU G 84 34.65 8.16 -41.35
C GLU G 84 33.14 7.99 -41.24
N MET G 85 32.58 8.01 -40.03
CA MET G 85 31.14 8.24 -39.93
C MET G 85 30.81 9.71 -40.09
N SER G 86 31.70 10.60 -39.64
CA SER G 86 31.47 12.03 -39.82
C SER G 86 31.59 12.44 -41.28
N LEU G 87 32.42 11.77 -42.07
CA LEU G 87 32.47 12.03 -43.50
C LEU G 87 31.28 11.44 -44.24
N SER G 88 30.68 10.37 -43.72
CA SER G 88 29.61 9.66 -44.40
C SER G 88 28.22 10.09 -43.95
N PHE G 89 28.00 10.24 -42.64
CA PHE G 89 26.66 10.56 -42.16
C PHE G 89 26.30 12.01 -42.41
N ASP G 90 27.31 12.89 -42.50
CA ASP G 90 27.09 14.31 -42.69
C ASP G 90 27.64 14.79 -44.02
N SER G 91 27.60 13.94 -45.05
CA SER G 91 28.11 14.29 -46.35
C SER G 91 27.15 15.24 -47.07
N ALA G 92 27.62 15.77 -48.21
CA ALA G 92 26.77 16.65 -49.01
C ALA G 92 25.66 15.88 -49.71
N GLU G 93 25.87 14.59 -49.97
CA GLU G 93 24.82 13.77 -50.56
C GLU G 93 23.71 13.50 -49.56
N ALA G 94 24.04 13.40 -48.28
CA ALA G 94 23.02 13.19 -47.26
C ALA G 94 22.23 14.47 -47.00
N GLU G 95 22.85 15.63 -47.23
CA GLU G 95 22.12 16.89 -47.07
C GLU G 95 21.12 17.09 -48.20
N ALA G 96 21.47 16.63 -49.42
CA ALA G 96 20.59 16.83 -50.56
C ALA G 96 19.35 15.94 -50.47
N LEU G 97 19.50 14.73 -49.92
CA LEU G 97 18.33 13.90 -49.66
C LEU G 97 17.51 14.46 -48.50
N ARG G 98 18.16 15.15 -47.57
CA ARG G 98 17.48 15.74 -46.44
C ARG G 98 16.65 16.96 -46.84
N GLU G 99 17.00 17.60 -47.96
CA GLU G 99 16.21 18.72 -48.47
C GLU G 99 14.84 18.24 -48.95
N LYS G 100 14.79 17.09 -49.59
CA LYS G 100 13.60 16.60 -50.26
C LYS G 100 12.86 15.53 -49.46
N SER G 101 13.32 15.21 -48.26
CA SER G 101 12.70 14.17 -47.47
C SER G 101 11.41 14.71 -46.84
N PRO G 102 10.27 14.06 -47.07
CA PRO G 102 9.02 14.56 -46.47
C PRO G 102 8.95 14.35 -44.96
N MET G 103 9.71 13.40 -44.41
CA MET G 103 9.78 13.25 -42.96
C MET G 103 10.45 14.45 -42.31
N HIS G 104 11.56 14.90 -42.88
CA HIS G 104 12.29 16.02 -42.31
C HIS G 104 11.61 17.35 -42.57
N ARG G 105 10.83 17.45 -43.64
CA ARG G 105 10.08 18.68 -43.87
C ARG G 105 8.88 18.77 -42.93
N ALA G 106 8.22 17.66 -42.67
CA ALA G 106 7.06 17.67 -41.80
C ALA G 106 7.46 17.84 -40.34
N LEU G 107 8.69 17.42 -39.99
CA LEU G 107 9.19 17.68 -38.64
C LEU G 107 9.47 19.16 -38.42
N ALA G 108 10.06 19.82 -39.42
CA ALA G 108 10.45 21.20 -39.28
C ALA G 108 9.32 22.19 -39.52
N ALA G 109 8.16 21.71 -39.99
CA ALA G 109 7.02 22.60 -40.19
C ALA G 109 6.32 22.95 -38.89
N LEU G 110 6.67 22.29 -37.78
CA LEU G 110 6.06 22.52 -36.48
C LEU G 110 7.03 23.27 -35.57
N ASP G 111 6.48 24.11 -34.70
CA ASP G 111 7.28 24.90 -33.78
C ASP G 111 7.48 24.07 -32.52
N TRP G 112 8.49 23.22 -32.54
CA TRP G 112 8.80 22.42 -31.37
C TRP G 112 9.59 23.26 -30.36
N ARG G 113 9.55 22.82 -29.11
CA ARG G 113 10.38 23.42 -28.06
C ARG G 113 11.59 22.59 -27.73
N THR G 114 11.47 21.26 -27.79
CA THR G 114 12.56 20.35 -27.46
C THR G 114 12.43 19.13 -28.35
N ILE G 115 13.52 18.75 -29.01
CA ILE G 115 13.57 17.53 -29.80
C ILE G 115 14.72 16.68 -29.30
N TYR G 116 14.42 15.45 -28.94
CA TYR G 116 15.43 14.47 -28.56
C TYR G 116 15.74 13.58 -29.75
N THR G 117 17.00 13.21 -29.89
CA THR G 117 17.41 12.24 -30.90
C THR G 117 18.58 11.43 -30.38
N THR G 118 18.68 10.20 -30.86
CA THR G 118 19.70 9.27 -30.40
C THR G 118 20.74 8.97 -31.47
N ASN G 119 20.57 9.49 -32.67
CA ASN G 119 21.52 9.25 -33.76
C ASN G 119 22.53 10.40 -33.86
N TYR G 120 23.69 10.10 -34.41
CA TYR G 120 24.84 10.98 -34.27
C TYR G 120 24.88 12.08 -35.31
N ASP G 121 24.18 11.90 -36.43
CA ASP G 121 24.26 12.82 -37.54
C ASP G 121 23.54 14.14 -37.24
N LYS G 122 23.75 15.12 -38.10
CA LYS G 122 23.27 16.48 -37.87
C LYS G 122 21.94 16.78 -38.52
N HIS G 123 21.23 15.76 -39.01
CA HIS G 123 20.10 15.98 -39.90
C HIS G 123 18.81 16.28 -39.17
N VAL G 124 18.80 16.27 -37.85
CA VAL G 124 17.63 16.75 -37.13
C VAL G 124 17.66 18.26 -37.01
N GLU G 125 18.83 18.83 -36.71
CA GLU G 125 18.96 20.28 -36.69
C GLU G 125 18.92 20.85 -38.10
N GLY G 126 19.58 20.16 -39.04
CA GLY G 126 19.65 20.66 -40.40
C GLY G 126 18.31 20.67 -41.11
N ALA G 127 17.37 19.85 -40.65
CA ALA G 127 16.00 19.97 -41.13
C ALA G 127 15.38 21.28 -40.67
N LEU G 128 15.69 21.70 -39.44
CA LEU G 128 15.16 22.96 -38.94
C LEU G 128 15.84 24.15 -39.59
N ARG G 129 17.12 24.03 -39.94
CA ARG G 129 17.79 25.11 -40.66
C ARG G 129 17.29 25.24 -42.09
N ASP G 130 16.80 24.16 -42.69
CA ASP G 130 16.28 24.24 -44.04
C ASP G 130 14.94 24.95 -44.09
N ALA G 131 14.18 24.90 -43.00
CA ALA G 131 12.92 25.62 -42.91
C ALA G 131 13.08 27.05 -42.43
N GLY G 132 14.30 27.54 -42.34
CA GLY G 132 14.53 28.89 -41.87
C GLY G 132 14.40 29.07 -40.37
N LYS G 133 14.41 27.99 -39.61
CA LYS G 133 14.28 28.05 -38.17
C LYS G 133 15.64 27.85 -37.50
N GLN G 134 15.73 28.30 -36.27
CA GLN G 134 16.96 28.21 -35.50
C GLN G 134 16.91 27.02 -34.56
N ALA G 135 18.04 26.34 -34.43
CA ALA G 135 18.17 25.18 -33.56
C ALA G 135 19.42 25.30 -32.73
N ALA G 136 19.37 24.75 -31.51
CA ALA G 136 20.49 24.75 -30.59
C ALA G 136 20.85 23.32 -30.25
N VAL G 137 22.06 22.92 -30.61
CA VAL G 137 22.52 21.55 -30.35
C VAL G 137 22.98 21.49 -28.90
N LEU G 138 22.52 20.47 -28.17
CA LEU G 138 22.88 20.29 -26.76
C LEU G 138 23.40 18.87 -26.58
N ALA G 139 24.70 18.73 -26.44
CA ALA G 139 25.30 17.42 -26.25
C ALA G 139 26.20 17.35 -25.03
N SER G 140 26.98 18.39 -24.77
CA SER G 140 27.96 18.40 -23.69
C SER G 140 27.58 19.45 -22.67
N PHE G 141 28.38 19.51 -21.60
CA PHE G 141 28.15 20.49 -20.54
C PHE G 141 28.36 21.91 -21.04
N ALA G 142 29.33 22.11 -21.94
CA ALA G 142 29.58 23.42 -22.50
C ALA G 142 28.45 23.90 -23.40
N ASP G 143 27.66 22.99 -23.95
CA ASP G 143 26.53 23.39 -24.78
C ASP G 143 25.40 23.96 -23.93
N PHE G 144 25.13 23.35 -22.77
CA PHE G 144 24.09 23.85 -21.89
C PHE G 144 24.46 25.18 -21.26
N GLN G 145 25.74 25.39 -21.00
CA GLN G 145 26.20 26.63 -20.36
C GLN G 145 26.11 27.83 -21.28
N GLY G 146 26.12 27.62 -22.60
CA GLY G 146 26.10 28.71 -23.55
C GLY G 146 24.76 29.39 -23.63
N PRO G 147 24.75 30.66 -24.03
CA PRO G 147 23.49 31.42 -24.08
C PRO G 147 22.72 31.19 -25.37
N ARG G 148 21.41 31.36 -25.27
CA ARG G 148 20.51 31.19 -26.41
C ARG G 148 19.18 31.88 -26.08
N ALA G 149 18.37 32.08 -27.11
CA ALA G 149 17.07 32.69 -26.95
C ALA G 149 16.01 31.65 -26.61
N ARG G 150 14.87 32.12 -26.13
CA ARG G 150 13.77 31.22 -25.77
C ARG G 150 12.99 30.75 -26.98
N ASP G 151 13.08 31.45 -28.11
CA ASP G 151 12.39 31.03 -29.32
C ASP G 151 13.03 29.80 -29.95
N VAL G 152 14.31 29.56 -29.69
CA VAL G 152 15.08 28.55 -30.38
C VAL G 152 14.70 27.17 -29.88
N CYS G 153 14.40 26.26 -30.80
CA CYS G 153 14.18 24.87 -30.44
C CYS G 153 15.49 24.22 -30.01
N GLU G 154 15.47 23.58 -28.85
CA GLU G 154 16.65 22.93 -28.31
C GLU G 154 16.66 21.47 -28.74
N VAL G 155 17.67 21.08 -29.51
CA VAL G 155 17.81 19.72 -29.98
C VAL G 155 18.88 19.05 -29.12
N ILE G 156 18.46 18.14 -28.25
CA ILE G 156 19.38 17.45 -27.36
C ILE G 156 19.82 16.16 -28.02
N LYS G 157 21.12 16.06 -28.27
CA LYS G 157 21.76 14.85 -28.78
C LYS G 157 21.95 13.89 -27.62
N PHE G 158 21.09 12.89 -27.52
CA PHE G 158 21.05 12.02 -26.35
C PHE G 158 22.24 11.07 -26.31
N HIS G 159 22.83 10.75 -27.47
CA HIS G 159 24.00 9.88 -27.53
C HIS G 159 25.20 10.56 -28.18
N GLY G 160 25.27 11.89 -28.15
CA GLY G 160 26.42 12.61 -28.62
C GLY G 160 26.27 13.09 -30.06
N THR G 161 27.27 13.87 -30.48
CA THR G 161 27.28 14.47 -31.80
C THR G 161 28.64 14.21 -32.43
N LEU G 162 28.68 14.11 -33.76
CA LEU G 162 29.92 13.81 -34.45
C LEU G 162 30.93 14.97 -34.40
N ASP G 163 30.49 16.20 -34.16
CA ASP G 163 31.43 17.30 -34.05
C ASP G 163 32.03 17.43 -32.65
N GLN G 164 31.54 16.64 -31.70
CA GLN G 164 32.12 16.55 -30.36
C GLN G 164 32.36 15.07 -30.11
N PRO G 165 33.50 14.54 -30.55
CA PRO G 165 33.68 13.08 -30.60
C PRO G 165 33.77 12.41 -29.24
N ASP G 166 34.07 13.14 -28.18
CA ASP G 166 34.12 12.57 -26.84
C ASP G 166 32.75 12.44 -26.19
N THR G 167 31.69 12.89 -26.87
CA THR G 167 30.32 12.71 -26.38
C THR G 167 29.64 11.49 -26.98
N ILE G 168 30.29 10.81 -27.93
CA ILE G 168 29.68 9.70 -28.65
C ILE G 168 29.48 8.51 -27.72
N VAL G 169 28.26 8.00 -27.68
CA VAL G 169 27.94 6.78 -26.95
C VAL G 169 27.82 5.67 -27.98
N LEU G 170 28.92 4.94 -28.19
CA LEU G 170 28.95 3.87 -29.17
C LEU G 170 29.61 2.60 -28.68
N THR G 171 30.53 2.68 -27.72
CA THR G 171 31.14 1.52 -27.09
C THR G 171 30.15 0.89 -26.13
N GLU G 172 30.25 -0.44 -25.95
CA GLU G 172 29.32 -1.17 -25.08
C GLU G 172 29.42 -0.71 -23.64
N SER G 173 30.64 -0.41 -23.17
CA SER G 173 30.82 0.10 -21.82
C SER G 173 30.21 1.49 -21.65
N SER G 174 30.17 2.27 -22.73
CA SER G 174 29.53 3.57 -22.65
C SER G 174 28.01 3.45 -22.62
N TYR G 175 27.44 2.41 -23.24
CA TYR G 175 26.01 2.18 -23.10
C TYR G 175 25.64 1.73 -21.69
N PHE G 176 26.52 0.94 -21.06
CA PHE G 176 26.23 0.46 -19.72
C PHE G 176 26.32 1.57 -18.67
N GLN G 177 27.22 2.53 -18.85
CA GLN G 177 27.32 3.60 -17.87
C GLN G 177 26.34 4.73 -18.13
N ARG G 178 25.66 4.73 -19.28
CA ARG G 178 24.53 5.62 -19.47
C ARG G 178 23.25 5.08 -18.88
N MET G 179 23.25 3.84 -18.37
CA MET G 179 22.08 3.32 -17.69
C MET G 179 21.90 3.90 -16.30
N ALA G 180 22.95 4.49 -15.73
CA ALA G 180 22.84 5.16 -14.45
C ALA G 180 22.19 6.54 -14.57
N LEU G 181 22.08 7.06 -15.78
CA LEU G 181 21.47 8.36 -16.09
C LEU G 181 22.17 9.51 -15.36
N ASP G 182 23.45 9.69 -15.69
CA ASP G 182 24.24 10.75 -15.09
C ASP G 182 24.82 11.74 -16.09
N ALA G 183 24.63 11.50 -17.39
CA ALA G 183 25.11 12.41 -18.41
C ALA G 183 24.23 13.67 -18.45
N PRO G 184 24.74 14.77 -19.00
CA PRO G 184 23.91 15.98 -19.15
C PRO G 184 22.67 15.81 -20.03
N PRO G 185 22.67 14.96 -21.08
CA PRO G 185 21.36 14.67 -21.69
C PRO G 185 20.45 13.84 -20.80
N ASP G 186 20.99 13.07 -19.87
CA ASP G 186 20.16 12.27 -18.98
C ASP G 186 19.52 13.14 -17.91
N GLN G 187 20.24 14.15 -17.42
CA GLN G 187 19.71 15.02 -16.38
C GLN G 187 18.63 15.94 -16.93
N ARG G 188 18.73 16.28 -18.21
CA ARG G 188 17.68 17.04 -18.86
C ARG G 188 16.44 16.19 -19.07
N LEU G 189 16.62 14.89 -19.31
CA LEU G 189 15.49 13.98 -19.47
C LEU G 189 14.75 13.76 -18.17
N ARG G 190 15.46 13.82 -17.04
CA ARG G 190 14.83 13.62 -15.73
C ARG G 190 13.84 14.72 -15.40
N ALA G 191 14.08 15.94 -15.88
CA ALA G 191 13.14 17.02 -15.63
C ALA G 191 12.06 17.13 -16.69
N ASP G 192 12.33 16.69 -17.92
CA ASP G 192 11.32 16.78 -18.96
C ASP G 192 10.25 15.72 -18.86
N LEU G 193 10.53 14.58 -18.23
CA LEU G 193 9.49 13.58 -18.07
C LEU G 193 8.47 13.95 -17.01
N LEU G 194 8.76 14.96 -16.19
CA LEU G 194 7.79 15.42 -15.20
C LEU G 194 6.65 16.20 -15.82
N ALA G 195 6.84 16.80 -16.99
CA ALA G 195 5.88 17.72 -17.54
C ALA G 195 5.40 17.38 -18.95
N ASN G 196 6.06 16.49 -19.67
CA ASN G 196 5.87 16.37 -21.09
C ASN G 196 5.44 14.96 -21.47
N SER G 197 4.92 14.84 -22.68
CA SER G 197 4.67 13.56 -23.32
C SER G 197 5.65 13.38 -24.47
N PHE G 198 6.04 12.14 -24.73
CA PHE G 198 7.09 11.82 -25.68
C PHE G 198 6.52 11.09 -26.87
N LEU G 199 7.07 11.39 -28.05
CA LEU G 199 6.70 10.73 -29.30
C LEU G 199 7.94 10.01 -29.83
N PHE G 200 7.97 8.70 -29.65
CA PHE G 200 9.11 7.89 -30.05
C PHE G 200 8.92 7.44 -31.50
N ILE G 201 9.83 7.85 -32.38
CA ILE G 201 9.75 7.53 -33.80
C ILE G 201 11.08 6.94 -34.24
N GLY G 202 11.04 5.77 -34.85
CA GLY G 202 12.20 5.19 -35.49
C GLY G 202 12.96 4.15 -34.68
N TYR G 203 12.27 3.37 -33.86
CA TYR G 203 12.89 2.33 -33.07
C TYR G 203 12.27 0.98 -33.40
N SER G 204 12.91 -0.07 -32.94
CA SER G 204 12.38 -1.42 -33.00
C SER G 204 12.15 -1.94 -31.60
N PHE G 205 11.31 -2.97 -31.50
CA PHE G 205 11.00 -3.54 -30.19
C PHE G 205 12.16 -4.36 -29.63
N SER G 206 13.10 -4.78 -30.47
CA SER G 206 14.21 -5.61 -30.04
C SER G 206 15.49 -4.80 -29.84
N ASP G 207 15.36 -3.57 -29.37
CA ASP G 207 16.53 -2.69 -29.28
C ASP G 207 17.30 -2.92 -27.99
N THR G 208 16.59 -3.16 -26.89
CA THR G 208 17.06 -3.47 -25.52
C THR G 208 17.79 -2.33 -24.84
N ASN G 209 18.00 -1.21 -25.54
CA ASN G 209 18.51 0.01 -24.95
C ASN G 209 17.41 1.04 -24.78
N ILE G 210 16.55 1.19 -25.78
CA ILE G 210 15.40 2.06 -25.63
C ILE G 210 14.34 1.40 -24.75
N ARG G 211 14.39 0.08 -24.58
CA ARG G 211 13.48 -0.59 -23.67
C ARG G 211 13.83 -0.30 -22.22
N TYR G 212 15.11 -0.17 -21.91
CA TYR G 212 15.50 0.23 -20.57
C TYR G 212 15.11 1.68 -20.31
N ILE G 213 15.22 2.54 -21.32
CA ILE G 213 14.80 3.93 -21.17
C ILE G 213 13.29 4.03 -21.00
N TRP G 214 12.53 3.19 -21.72
CA TRP G 214 11.08 3.14 -21.56
C TRP G 214 10.69 2.66 -20.18
N TYR G 215 11.41 1.69 -19.63
CA TYR G 215 11.17 1.24 -18.27
C TYR G 215 11.52 2.32 -17.27
N ARG G 216 12.68 2.94 -17.44
CA ARG G 216 13.22 3.83 -16.42
C ARG G 216 12.47 5.16 -16.39
N MET G 217 11.90 5.60 -17.52
CA MET G 217 11.01 6.76 -17.50
C MET G 217 9.74 6.49 -16.71
N ASN G 218 9.19 5.28 -16.84
CA ASN G 218 7.98 4.93 -16.08
C ASN G 218 8.28 4.85 -14.60
N GLN G 219 9.46 4.34 -14.24
CA GLN G 219 9.83 4.23 -12.84
C GLN G 219 10.05 5.60 -12.21
N LEU G 220 10.59 6.54 -12.99
CA LEU G 220 10.78 7.89 -12.48
C LEU G 220 9.48 8.69 -12.39
N ARG G 221 8.47 8.32 -13.18
CA ARG G 221 7.16 8.96 -13.00
C ARG G 221 6.48 8.46 -11.75
N GLU G 222 6.56 7.15 -11.49
CA GLU G 222 5.93 6.59 -10.31
C GLU G 222 6.66 6.99 -9.04
N GLN G 223 7.97 7.20 -9.12
CA GLN G 223 8.74 7.62 -7.96
C GLN G 223 8.47 9.07 -7.61
N SER G 224 8.11 9.88 -8.60
CA SER G 224 7.85 11.30 -8.38
C SER G 224 6.50 11.56 -7.72
N GLN G 225 5.68 10.55 -7.52
CA GLN G 225 4.38 10.69 -6.85
C GLN G 225 4.19 9.57 -5.83
N LEU G 226 5.22 9.35 -5.02
CA LEU G 226 5.21 8.25 -4.07
C LEU G 226 4.52 8.60 -2.76
N GLY G 227 4.48 9.87 -2.38
CA GLY G 227 3.88 10.27 -1.13
C GLY G 227 2.53 10.93 -1.31
N VAL G 228 2.36 11.60 -2.45
CA VAL G 228 1.09 12.24 -2.79
C VAL G 228 0.16 11.20 -3.37
N LYS G 229 -1.11 11.57 -3.55
CA LYS G 229 -2.07 10.70 -4.22
C LYS G 229 -1.68 10.52 -5.68
N HIS G 230 -1.97 9.33 -6.20
CA HIS G 230 -1.55 8.97 -7.56
C HIS G 230 -2.45 9.68 -8.57
N SER G 231 -1.86 10.60 -9.33
CA SER G 231 -2.56 11.30 -10.39
C SER G 231 -2.18 10.71 -11.75
N GLN G 232 -3.03 10.96 -12.74
CA GLN G 232 -2.82 10.42 -14.07
C GLN G 232 -1.82 11.27 -14.85
N ALA G 233 -0.85 10.61 -15.46
CA ALA G 233 0.19 11.29 -16.21
C ALA G 233 -0.20 11.42 -17.67
N ARG G 234 0.50 12.33 -18.37
CA ARG G 234 0.36 12.43 -19.82
C ARG G 234 0.91 11.19 -20.49
N ARG G 235 0.19 10.73 -21.51
CA ARG G 235 0.51 9.48 -22.18
C ARG G 235 1.56 9.71 -23.26
N CYS G 236 2.55 8.82 -23.30
CA CYS G 236 3.57 8.87 -24.34
C CYS G 236 3.14 8.00 -25.53
N PHE G 237 3.88 8.13 -26.63
CA PHE G 237 3.48 7.51 -27.89
C PHE G 237 4.69 6.92 -28.59
N PHE G 238 4.45 5.86 -29.38
CA PHE G 238 5.50 5.18 -30.13
C PHE G 238 4.92 4.78 -31.48
N ALA G 239 5.44 5.39 -32.55
CA ALA G 239 4.96 5.14 -33.90
C ALA G 239 5.73 3.98 -34.51
N THR G 240 5.00 3.00 -35.05
CA THR G 240 5.59 1.77 -35.53
C THR G 240 4.96 1.43 -36.87
N HIS G 241 5.68 0.70 -37.70
CA HIS G 241 5.09 0.13 -38.90
C HIS G 241 4.69 -1.33 -38.73
N GLY G 242 5.40 -2.09 -37.90
CA GLY G 242 4.92 -3.39 -37.49
C GLY G 242 4.83 -3.50 -35.98
N ALA G 243 3.61 -3.51 -35.45
CA ALA G 243 3.45 -3.45 -34.01
C ALA G 243 3.55 -4.82 -33.36
N GLY G 244 3.18 -5.88 -34.06
CA GLY G 244 3.18 -7.18 -33.45
C GLY G 244 1.90 -7.41 -32.66
N LEU G 245 1.99 -8.33 -31.69
CA LEU G 245 0.81 -8.75 -30.96
C LEU G 245 0.99 -8.80 -29.45
N VAL G 246 2.21 -8.95 -28.95
CA VAL G 246 2.49 -9.00 -27.52
C VAL G 246 3.15 -7.71 -27.03
N GLN G 247 4.09 -7.17 -27.80
CA GLN G 247 4.80 -5.96 -27.42
C GLN G 247 3.96 -4.70 -27.19
N PRO G 248 2.86 -4.41 -27.92
CA PRO G 248 2.07 -3.23 -27.55
C PRO G 248 1.39 -3.33 -26.18
N ASP G 249 1.11 -4.52 -25.68
CA ASP G 249 0.52 -4.64 -24.36
C ASP G 249 1.53 -4.36 -23.25
N ILE G 250 2.79 -4.72 -23.47
CA ILE G 250 3.86 -4.41 -22.51
C ILE G 250 4.07 -2.91 -22.41
N LEU G 251 4.04 -2.22 -23.56
CA LEU G 251 4.28 -0.79 -23.61
C LEU G 251 3.16 0.03 -22.97
N GLN G 252 1.95 -0.54 -22.84
CA GLN G 252 0.86 0.16 -22.17
C GLN G 252 1.17 0.39 -20.69
N GLN G 253 1.84 -0.57 -20.06
CA GLN G 253 2.20 -0.43 -18.65
C GLN G 253 3.42 0.46 -18.45
N TRP G 254 4.12 0.83 -19.53
CA TRP G 254 5.19 1.80 -19.47
C TRP G 254 4.75 3.17 -19.96
N ASN G 255 3.43 3.44 -19.90
CA ASN G 255 2.81 4.73 -20.21
C ASN G 255 2.99 5.12 -21.68
N ILE G 256 3.02 4.14 -22.58
CA ILE G 256 3.30 4.38 -23.99
C ILE G 256 2.25 3.69 -24.85
N ASP G 257 1.55 4.45 -25.67
CA ASP G 257 0.60 3.89 -26.63
C ASP G 257 1.28 3.71 -27.98
N VAL G 258 1.01 2.58 -28.62
CA VAL G 258 1.63 2.23 -29.89
C VAL G 258 0.72 2.70 -31.02
N ILE G 259 1.30 3.37 -32.00
CA ILE G 259 0.59 3.87 -33.17
C ILE G 259 1.00 3.02 -34.36
N GLN G 260 0.05 2.31 -34.95
CA GLN G 260 0.31 1.52 -36.15
C GLN G 260 0.26 2.42 -37.38
N LEU G 261 1.40 2.56 -38.05
CA LEU G 261 1.47 3.29 -39.30
C LEU G 261 1.39 2.31 -40.46
N ASP G 262 1.14 2.85 -41.65
CA ASP G 262 0.98 2.03 -42.84
C ASP G 262 2.33 1.49 -43.30
N PRO G 263 2.51 0.17 -43.37
CA PRO G 263 3.84 -0.38 -43.67
C PRO G 263 4.19 -0.44 -45.14
N THR G 264 3.31 0.01 -46.05
CA THR G 264 3.61 -0.09 -47.47
C THR G 264 4.69 0.90 -47.88
N ASP G 265 4.57 2.14 -47.44
CA ASP G 265 5.61 3.14 -47.62
C ASP G 265 5.98 3.65 -46.23
N LYS G 266 7.22 3.38 -45.82
CA LYS G 266 7.65 3.71 -44.46
C LYS G 266 7.76 5.21 -44.26
N SER G 267 8.37 5.90 -45.21
CA SER G 267 8.65 7.32 -45.06
C SER G 267 7.41 8.18 -45.22
N ALA G 268 6.46 7.74 -46.05
CA ALA G 268 5.26 8.54 -46.26
C ALA G 268 4.34 8.51 -45.04
N SER G 269 4.23 7.35 -44.39
CA SER G 269 3.30 7.22 -43.27
C SER G 269 3.80 7.94 -42.03
N VAL G 270 5.11 8.09 -41.88
CA VAL G 270 5.64 8.93 -40.81
C VAL G 270 5.36 10.38 -41.11
N ALA G 271 5.46 10.77 -42.39
CA ALA G 271 5.19 12.15 -42.77
C ALA G 271 3.72 12.52 -42.63
N ARG G 272 2.81 11.56 -42.83
CA ARG G 272 1.40 11.85 -42.61
C ARG G 272 1.08 11.99 -41.12
N LEU G 273 1.88 11.36 -40.26
CA LEU G 273 1.69 11.48 -38.83
C LEU G 273 2.09 12.87 -38.34
N LEU G 274 3.23 13.36 -38.82
CA LEU G 274 3.71 14.67 -38.38
C LEU G 274 2.91 15.82 -38.97
N GLU G 275 2.24 15.61 -40.10
CA GLU G 275 1.40 16.64 -40.68
C GLU G 275 0.01 16.67 -40.07
N SER G 276 -0.43 15.58 -39.45
CA SER G 276 -1.70 15.59 -38.75
C SER G 276 -1.63 16.30 -37.41
N ILE G 277 -0.41 16.51 -36.89
CA ILE G 277 -0.25 17.29 -35.67
C ILE G 277 -0.47 18.77 -35.95
N ALA G 278 -0.09 19.23 -37.14
CA ALA G 278 -0.31 20.61 -37.55
C ALA G 278 -1.79 20.91 -37.75
N THR H 2 9.97 4.27 27.26
CA THR H 2 10.50 3.61 26.07
C THR H 2 12.02 3.57 26.11
N THR H 3 12.57 3.16 27.26
CA THR H 3 14.01 3.12 27.45
C THR H 3 14.35 1.92 28.31
N LEU H 4 15.27 1.08 27.83
CA LEU H 4 15.70 -0.08 28.57
C LEU H 4 16.73 0.31 29.63
N THR H 5 16.78 -0.48 30.70
CA THR H 5 17.81 -0.33 31.72
C THR H 5 18.93 -1.33 31.45
N LEU H 6 19.86 -1.44 32.40
CA LEU H 6 20.96 -2.39 32.26
C LEU H 6 20.48 -3.82 32.38
N SER H 7 19.62 -4.10 33.37
CA SER H 7 19.18 -5.47 33.61
C SER H 7 18.14 -5.90 32.59
N GLU H 8 17.39 -4.97 32.02
CA GLU H 8 16.39 -5.32 31.02
C GLU H 8 17.02 -5.64 29.67
N ALA H 9 18.09 -4.93 29.31
CA ALA H 9 18.72 -5.11 28.01
C ALA H 9 19.73 -6.24 28.00
N ALA H 10 20.15 -6.72 29.16
CA ALA H 10 21.13 -7.80 29.24
C ALA H 10 20.67 -9.14 28.68
N PRO H 11 19.43 -9.64 28.89
CA PRO H 11 19.04 -10.85 28.14
C PRO H 11 18.75 -10.60 26.68
N LEU H 12 18.46 -9.36 26.29
CA LEU H 12 18.24 -9.07 24.88
C LEU H 12 19.55 -9.07 24.11
N LEU H 13 20.61 -8.51 24.69
CA LEU H 13 21.91 -8.52 24.06
C LEU H 13 22.55 -9.89 24.09
N LYS H 14 22.25 -10.70 25.11
CA LYS H 14 22.83 -12.03 25.22
C LYS H 14 22.26 -12.97 24.18
N LYS H 15 20.98 -12.81 23.83
CA LYS H 15 20.35 -13.66 22.83
C LYS H 15 20.91 -13.38 21.44
N GLU H 16 21.25 -12.13 21.15
CA GLU H 16 21.85 -11.81 19.86
C GLU H 16 23.29 -12.27 19.79
N PHE H 17 23.98 -12.36 20.94
CA PHE H 17 25.39 -12.70 20.93
C PHE H 17 25.63 -14.21 20.86
N ARG H 18 24.72 -15.02 21.42
CA ARG H 18 24.90 -16.47 21.39
C ARG H 18 24.80 -17.02 19.98
N GLU H 19 23.99 -16.39 19.12
CA GLU H 19 23.87 -16.79 17.73
C GLU H 19 24.71 -15.92 16.80
N GLY H 20 25.62 -15.13 17.35
CA GLY H 20 26.64 -14.46 16.56
C GLY H 20 26.14 -13.32 15.69
N ARG H 21 25.10 -12.62 16.13
CA ARG H 21 24.49 -11.58 15.31
C ARG H 21 24.50 -10.22 16.01
N LEU H 22 25.52 -9.95 16.80
CA LEU H 22 25.66 -8.67 17.48
C LEU H 22 26.98 -8.05 17.09
N ILE H 23 26.92 -6.83 16.55
CA ILE H 23 28.10 -6.11 16.09
C ILE H 23 28.19 -4.79 16.85
N PRO H 24 29.27 -4.53 17.58
CA PRO H 24 29.44 -3.22 18.20
C PRO H 24 29.77 -2.16 17.17
N PHE H 25 29.31 -0.95 17.42
CA PHE H 25 29.51 0.19 16.52
C PHE H 25 30.01 1.30 17.44
N LEU H 26 31.33 1.45 17.55
CA LEU H 26 31.93 2.22 18.64
C LEU H 26 32.26 3.64 18.18
N GLY H 27 31.92 4.61 19.03
CA GLY H 27 32.08 6.01 18.71
C GLY H 27 33.25 6.65 19.45
N ALA H 28 33.23 7.99 19.45
CA ALA H 28 34.32 8.74 20.05
C ALA H 28 34.28 8.70 21.57
N GLY H 29 33.10 8.47 22.15
CA GLY H 29 32.99 8.32 23.58
C GLY H 29 33.58 7.04 24.13
N PHE H 30 33.90 6.08 23.26
CA PHE H 30 34.55 4.86 23.70
C PHE H 30 36.02 5.09 23.99
N SER H 31 36.64 6.07 23.33
CA SER H 31 38.02 6.45 23.57
C SER H 31 38.15 7.57 24.57
N LYS H 32 37.07 7.88 25.29
CA LYS H 32 37.12 8.91 26.33
C LYS H 32 38.05 8.60 27.52
N PRO H 33 38.15 7.38 28.08
CA PRO H 33 39.09 7.18 29.19
C PRO H 33 40.56 7.22 28.80
N LEU H 34 40.89 7.30 27.52
CA LEU H 34 42.27 7.28 27.08
C LEU H 34 42.95 8.64 27.17
N LYS H 35 42.19 9.69 27.54
CA LYS H 35 42.69 11.05 27.76
C LYS H 35 43.37 11.62 26.53
N LEU H 36 42.74 11.42 25.37
CA LEU H 36 43.29 11.89 24.12
C LEU H 36 43.03 13.38 23.95
N PRO H 37 43.84 14.06 23.13
CA PRO H 37 43.51 15.46 22.78
C PRO H 37 42.23 15.54 21.96
N ASP H 38 41.66 16.75 21.93
CA ASP H 38 40.33 16.92 21.34
C ASP H 38 40.38 16.84 19.82
N GLY H 39 41.39 17.43 19.21
CA GLY H 39 41.42 17.54 17.76
C GLY H 39 40.94 18.91 17.34
N SER H 40 39.88 19.39 17.97
CA SER H 40 39.49 20.79 17.83
C SER H 40 40.50 21.69 18.53
N GLN H 41 41.13 21.19 19.60
CA GLN H 41 42.24 21.91 20.21
C GLN H 41 43.48 21.86 19.33
N LEU H 42 43.68 20.73 18.62
CA LEU H 42 44.84 20.60 17.77
C LEU H 42 44.73 21.47 16.53
N ILE H 43 43.53 21.58 15.95
CA ILE H 43 43.35 22.37 14.75
C ILE H 43 43.38 23.87 15.07
N ALA H 44 43.09 24.24 16.31
CA ALA H 44 43.15 25.64 16.70
C ALA H 44 44.58 26.13 16.89
N SER H 45 45.45 25.27 17.40
CA SER H 45 46.85 25.63 17.58
C SER H 45 47.61 25.66 16.26
N LEU H 46 47.15 24.93 15.26
CA LEU H 46 47.76 25.02 13.94
C LEU H 46 47.35 26.30 13.21
N ALA H 47 46.27 26.94 13.65
CA ALA H 47 45.81 28.17 13.03
C ALA H 47 46.58 29.40 13.50
N LYS H 48 47.51 29.25 14.44
CA LYS H 48 48.33 30.38 14.86
C LYS H 48 49.26 30.84 13.75
N THR H 49 49.69 29.94 12.88
CA THR H 49 50.55 30.32 11.77
C THR H 49 49.81 31.08 10.69
N LEU H 50 48.48 30.99 10.65
CA LEU H 50 47.68 31.76 9.71
C LEU H 50 47.19 33.07 10.29
N GLY H 51 47.57 33.41 11.52
CA GLY H 51 47.19 34.66 12.12
C GLY H 51 45.95 34.60 13.00
N PHE H 52 45.48 33.42 13.36
CA PHE H 52 44.28 33.27 14.17
C PHE H 52 44.64 33.09 15.63
N GLU H 53 43.87 33.72 16.51
CA GLU H 53 43.86 33.31 17.89
C GLU H 53 43.06 32.01 18.00
N PRO H 54 43.41 31.13 18.95
CA PRO H 54 42.75 29.81 18.99
C PRO H 54 41.27 29.86 19.34
N GLU H 55 40.86 30.79 20.21
CA GLU H 55 39.45 30.94 20.49
C GLU H 55 38.70 31.63 19.36
N LEU H 56 39.41 32.37 18.51
CA LEU H 56 38.76 33.06 17.40
C LEU H 56 38.60 32.16 16.18
N PHE H 57 39.54 31.23 15.97
CA PHE H 57 39.43 30.32 14.84
C PHE H 57 38.34 29.29 15.07
N ASP H 58 38.08 28.93 16.32
CA ASP H 58 37.00 28.00 16.65
C ASP H 58 35.63 28.61 16.42
N MET H 59 35.54 29.94 16.39
CA MET H 59 34.27 30.64 16.24
C MET H 59 33.68 30.49 14.84
N HIS H 60 34.51 30.26 13.83
CA HIS H 60 34.08 30.38 12.44
C HIS H 60 33.46 29.12 11.87
N GLY H 61 33.17 28.11 12.68
CA GLY H 61 32.47 26.96 12.18
C GLY H 61 32.77 25.72 12.98
N ARG H 62 32.18 24.62 12.53
CA ARG H 62 32.37 23.32 13.16
C ARG H 62 33.75 22.78 12.83
N PHE H 63 34.10 21.65 13.47
CA PHE H 63 35.44 21.09 13.32
C PHE H 63 35.69 20.55 11.91
N GLU H 64 34.70 19.90 11.32
CA GLU H 64 34.85 19.42 9.95
C GLU H 64 34.83 20.58 8.95
N GLN H 65 34.23 21.71 9.32
CA GLN H 65 34.27 22.87 8.44
C GLN H 65 35.59 23.61 8.52
N LEU H 66 36.23 23.60 9.69
CA LEU H 66 37.55 24.22 9.81
C LEU H 66 38.61 23.35 9.14
N ALA H 67 38.39 22.04 9.09
CA ALA H 67 39.29 21.16 8.37
C ALA H 67 39.08 21.27 6.87
N GLU H 68 37.88 21.64 6.44
CA GLU H 68 37.65 21.99 5.04
C GLU H 68 38.47 23.20 4.63
N PHE H 69 38.64 24.15 5.55
CA PHE H 69 39.42 25.35 5.28
C PHE H 69 40.89 25.03 5.12
N PHE H 70 41.41 24.06 5.87
CA PHE H 70 42.80 23.65 5.66
C PHE H 70 42.96 22.84 4.39
N ALA H 71 41.91 22.14 3.96
CA ALA H 71 42.04 21.29 2.78
C ALA H 71 42.15 22.10 1.49
N ILE H 72 41.71 23.35 1.50
CA ILE H 72 41.67 24.15 0.27
C ILE H 72 42.56 25.38 0.33
N SER H 73 42.91 25.90 1.50
CA SER H 73 43.70 27.11 1.59
C SER H 73 45.13 26.89 2.07
N ALA H 74 45.38 25.82 2.82
CA ALA H 74 46.72 25.50 3.30
C ALA H 74 46.83 24.00 3.48
N PRO H 75 47.04 23.26 2.39
CA PRO H 75 46.94 21.79 2.46
C PRO H 75 48.05 21.14 3.26
N ASN H 76 49.17 21.82 3.45
CA ASN H 76 50.24 21.27 4.26
C ASN H 76 49.92 21.29 5.75
N ARG H 77 48.99 22.14 6.19
CA ARG H 77 48.56 22.11 7.58
C ARG H 77 47.53 21.03 7.86
N LEU H 78 46.80 20.57 6.85
CA LEU H 78 45.88 19.46 7.06
C LEU H 78 46.64 18.15 7.23
N GLN H 79 47.72 17.97 6.46
CA GLN H 79 48.58 16.81 6.64
C GLN H 79 49.36 16.88 7.94
N ARG H 80 49.65 18.10 8.41
CA ARG H 80 50.23 18.28 9.73
C ARG H 80 49.25 17.87 10.83
N LEU H 81 47.95 18.08 10.61
CA LEU H 81 46.95 17.71 11.60
C LEU H 81 46.83 16.19 11.73
N VAL H 82 46.84 15.48 10.60
CA VAL H 82 46.79 14.02 10.63
C VAL H 82 48.08 13.46 11.20
N TYR H 83 49.19 14.15 11.00
CA TYR H 83 50.47 13.74 11.55
C TYR H 83 50.48 13.78 13.06
N GLU H 84 50.05 14.89 13.66
CA GLU H 84 50.15 15.03 15.09
C GLU H 84 48.94 14.46 15.83
N MET H 85 47.91 14.01 15.11
CA MET H 85 46.95 13.11 15.74
C MET H 85 47.49 11.71 15.85
N SER H 86 48.30 11.28 14.87
CA SER H 86 48.91 9.95 14.95
C SER H 86 49.95 9.85 16.06
N LEU H 87 50.64 10.95 16.36
CA LEU H 87 51.55 10.96 17.50
C LEU H 87 50.82 11.03 18.83
N SER H 88 49.62 11.59 18.86
CA SER H 88 48.89 11.82 20.10
C SER H 88 47.86 10.73 20.40
N PHE H 89 47.10 10.30 19.39
CA PHE H 89 46.04 9.34 19.66
C PHE H 89 46.59 7.93 19.85
N ASP H 90 47.75 7.65 19.28
CA ASP H 90 48.37 6.34 19.35
C ASP H 90 49.69 6.37 20.11
N SER H 91 49.80 7.24 21.10
CA SER H 91 51.02 7.37 21.87
C SER H 91 51.16 6.21 22.85
N ALA H 92 52.33 6.13 23.48
CA ALA H 92 52.58 5.09 24.48
C ALA H 92 51.81 5.34 25.76
N GLU H 93 51.47 6.60 26.04
CA GLU H 93 50.66 6.91 27.21
C GLU H 93 49.22 6.49 27.01
N ALA H 94 48.72 6.54 25.76
CA ALA H 94 47.36 6.09 25.49
C ALA H 94 47.27 4.57 25.50
N GLU H 95 48.37 3.87 25.20
CA GLU H 95 48.37 2.42 25.28
C GLU H 95 48.34 1.96 26.74
N ALA H 96 49.02 2.69 27.62
CA ALA H 96 49.08 2.28 29.02
C ALA H 96 47.75 2.47 29.72
N LEU H 97 47.00 3.50 29.35
CA LEU H 97 45.64 3.64 29.87
C LEU H 97 44.71 2.61 29.26
N ARG H 98 45.01 2.16 28.04
CA ARG H 98 44.20 1.16 27.36
C ARG H 98 44.40 -0.22 27.97
N GLU H 99 45.54 -0.45 28.63
CA GLU H 99 45.76 -1.73 29.33
C GLU H 99 44.82 -1.88 30.52
N LYS H 100 44.58 -0.79 31.24
CA LYS H 100 43.86 -0.83 32.50
C LYS H 100 42.42 -0.36 32.37
N SER H 101 41.98 -0.03 31.17
CA SER H 101 40.62 0.46 30.98
C SER H 101 39.63 -0.70 31.06
N PRO H 102 38.63 -0.64 31.95
CA PRO H 102 37.67 -1.74 32.03
C PRO H 102 36.73 -1.82 30.84
N MET H 103 36.53 -0.72 30.10
CA MET H 103 35.74 -0.76 28.89
C MET H 103 36.43 -1.60 27.82
N HIS H 104 37.74 -1.39 27.64
CA HIS H 104 38.48 -2.10 26.62
C HIS H 104 38.76 -3.54 27.00
N ARG H 105 38.82 -3.85 28.31
CA ARG H 105 38.98 -5.22 28.72
C ARG H 105 37.68 -6.00 28.56
N ALA H 106 36.55 -5.38 28.85
CA ALA H 106 35.26 -6.06 28.72
C ALA H 106 34.87 -6.24 27.26
N LEU H 107 35.35 -5.36 26.39
CA LEU H 107 35.13 -5.53 24.95
C LEU H 107 35.90 -6.73 24.42
N ALA H 108 37.15 -6.89 24.85
CA ALA H 108 38.01 -7.93 24.32
C ALA H 108 37.78 -9.28 24.99
N ALA H 109 37.00 -9.34 26.06
CA ALA H 109 36.71 -10.61 26.70
C ALA H 109 35.68 -11.44 25.94
N LEU H 110 35.04 -10.87 24.92
CA LEU H 110 34.04 -11.55 24.13
C LEU H 110 34.59 -11.88 22.75
N ASP H 111 34.14 -13.00 22.20
CA ASP H 111 34.58 -13.44 20.88
C ASP H 111 33.68 -12.83 19.83
N TRP H 112 34.01 -11.60 19.43
CA TRP H 112 33.24 -10.93 18.40
C TRP H 112 33.65 -11.45 17.03
N ARG H 113 32.76 -11.27 16.06
CA ARG H 113 33.08 -11.57 14.67
C ARG H 113 33.38 -10.32 13.87
N THR H 114 32.71 -9.22 14.16
CA THR H 114 32.88 -7.97 13.44
C THR H 114 32.68 -6.83 14.43
N ILE H 115 33.62 -5.88 14.45
CA ILE H 115 33.50 -4.68 15.26
C ILE H 115 33.66 -3.48 14.36
N TYR H 116 32.67 -2.59 14.38
CA TYR H 116 32.73 -1.33 13.67
C TYR H 116 33.16 -0.23 14.62
N THR H 117 33.96 0.71 14.12
CA THR H 117 34.32 1.88 14.89
C THR H 117 34.51 3.06 13.95
N THR H 118 34.25 4.25 14.47
CA THR H 118 34.30 5.47 13.68
C THR H 118 35.46 6.38 14.06
N ASN H 119 36.22 6.03 15.10
CA ASN H 119 37.35 6.83 15.53
C ASN H 119 38.65 6.30 14.92
N TYR H 120 39.62 7.20 14.80
CA TYR H 120 40.78 6.95 13.96
C TYR H 120 41.86 6.15 14.65
N ASP H 121 41.88 6.15 15.98
CA ASP H 121 42.96 5.55 16.75
C ASP H 121 42.89 4.03 16.69
N LYS H 122 43.96 3.39 17.17
CA LYS H 122 44.15 1.96 17.03
C LYS H 122 43.67 1.17 18.24
N HIS H 123 42.96 1.80 19.16
CA HIS H 123 42.73 1.22 20.47
C HIS H 123 41.57 0.24 20.51
N VAL H 124 40.86 0.04 19.41
CA VAL H 124 39.88 -1.02 19.36
C VAL H 124 40.55 -2.35 19.02
N GLU H 125 41.49 -2.34 18.08
CA GLU H 125 42.24 -3.56 17.79
C GLU H 125 43.23 -3.85 18.91
N GLY H 126 43.86 -2.81 19.45
CA GLY H 126 44.87 -3.01 20.48
C GLY H 126 44.29 -3.54 21.77
N ALA H 127 43.00 -3.33 22.01
CA ALA H 127 42.34 -4.00 23.11
C ALA H 127 42.26 -5.50 22.87
N LEU H 128 42.03 -5.90 21.63
CA LEU H 128 41.99 -7.32 21.29
C LEU H 128 43.37 -7.95 21.32
N ARG H 129 44.41 -7.20 20.97
CA ARG H 129 45.77 -7.72 21.05
C ARG H 129 46.23 -7.86 22.49
N ASP H 130 45.69 -7.05 23.40
CA ASP H 130 46.07 -7.16 24.80
C ASP H 130 45.47 -8.40 25.46
N ALA H 131 44.35 -8.88 24.95
CA ALA H 131 43.73 -10.10 25.44
C ALA H 131 44.26 -11.35 24.75
N GLY H 132 45.32 -11.22 23.96
CA GLY H 132 45.86 -12.36 23.26
C GLY H 132 45.07 -12.80 22.04
N LYS H 133 44.17 -11.96 21.56
CA LYS H 133 43.34 -12.29 20.41
C LYS H 133 43.86 -11.57 19.17
N GLN H 134 43.49 -12.11 18.02
CA GLN H 134 43.91 -11.58 16.74
C GLN H 134 42.83 -10.69 16.15
N ALA H 135 43.24 -9.60 15.53
CA ALA H 135 42.33 -8.65 14.90
C ALA H 135 42.83 -8.29 13.52
N ALA H 136 41.89 -8.02 12.62
CA ALA H 136 42.21 -7.65 11.25
C ALA H 136 41.62 -6.27 10.97
N VAL H 137 42.48 -5.30 10.69
CA VAL H 137 42.02 -3.94 10.41
C VAL H 137 41.56 -3.87 8.96
N LEU H 138 40.37 -3.32 8.75
CA LEU H 138 39.80 -3.19 7.41
C LEU H 138 39.40 -1.74 7.18
N ALA H 139 40.19 -1.04 6.40
CA ALA H 139 39.89 0.36 6.10
C ALA H 139 39.86 0.66 4.61
N SER H 140 40.77 0.08 3.83
CA SER H 140 40.89 0.37 2.42
C SER H 140 40.58 -0.88 1.61
N PHE H 141 40.61 -0.72 0.28
CA PHE H 141 40.34 -1.83 -0.61
C PHE H 141 41.42 -2.90 -0.51
N ALA H 142 42.68 -2.49 -0.30
CA ALA H 142 43.77 -3.44 -0.16
C ALA H 142 43.67 -4.25 1.13
N ASP H 143 42.97 -3.74 2.15
CA ASP H 143 42.79 -4.51 3.37
C ASP H 143 41.81 -5.65 3.18
N PHE H 144 40.72 -5.41 2.45
CA PHE H 144 39.74 -6.46 2.19
C PHE H 144 40.31 -7.54 1.27
N GLN H 145 41.18 -7.16 0.34
CA GLN H 145 41.75 -8.12 -0.59
C GLN H 145 42.74 -9.07 0.05
N GLY H 146 43.33 -8.70 1.18
CA GLY H 146 44.33 -9.52 1.83
C GLY H 146 43.74 -10.73 2.51
N PRO H 147 44.53 -11.78 2.67
CA PRO H 147 44.02 -13.02 3.27
C PRO H 147 44.05 -12.99 4.79
N ARG H 148 43.15 -13.76 5.38
CA ARG H 148 43.04 -13.87 6.83
C ARG H 148 42.24 -15.13 7.16
N ALA H 149 42.30 -15.53 8.42
CA ALA H 149 41.58 -16.70 8.90
C ALA H 149 40.17 -16.33 9.32
N ARG H 150 39.32 -17.35 9.44
CA ARG H 150 37.94 -17.13 9.85
C ARG H 150 37.80 -16.90 11.35
N ASP H 151 38.79 -17.30 12.14
CA ASP H 151 38.74 -17.08 13.58
C ASP H 151 38.96 -15.62 13.95
N VAL H 152 39.60 -14.85 13.08
CA VAL H 152 40.04 -13.50 13.40
C VAL H 152 38.86 -12.55 13.37
N CYS H 153 38.71 -11.76 14.43
CA CYS H 153 37.71 -10.70 14.45
C CYS H 153 38.11 -9.59 13.48
N GLU H 154 37.19 -9.21 12.61
CA GLU H 154 37.43 -8.17 11.62
C GLU H 154 36.98 -6.83 12.18
N VAL H 155 37.92 -5.91 12.35
CA VAL H 155 37.64 -4.58 12.86
C VAL H 155 37.62 -3.64 11.67
N ILE H 156 36.44 -3.17 11.29
CA ILE H 156 36.29 -2.27 10.15
C ILE H 156 36.36 -0.83 10.65
N LYS H 157 37.37 -0.10 10.20
CA LYS H 157 37.52 1.32 10.45
C LYS H 157 36.59 2.08 9.51
N PHE H 158 35.45 2.53 10.03
CA PHE H 158 34.42 3.10 9.19
C PHE H 158 34.79 4.48 8.66
N HIS H 159 35.66 5.21 9.36
CA HIS H 159 36.12 6.52 8.91
C HIS H 159 37.64 6.58 8.73
N GLY H 160 38.28 5.45 8.49
CA GLY H 160 39.69 5.43 8.16
C GLY H 160 40.57 5.14 9.37
N THR H 161 41.86 4.99 9.09
CA THR H 161 42.85 4.67 10.12
C THR H 161 44.02 5.63 9.95
N LEU H 162 44.70 5.92 11.06
CA LEU H 162 45.81 6.87 11.02
C LEU H 162 47.03 6.33 10.29
N ASP H 163 47.18 5.01 10.15
CA ASP H 163 48.30 4.47 9.40
C ASP H 163 48.04 4.43 7.90
N GLN H 164 46.83 4.75 7.47
CA GLN H 164 46.49 4.90 6.05
C GLN H 164 45.84 6.26 5.92
N PRO H 165 46.64 7.33 5.76
CA PRO H 165 46.10 8.69 5.91
C PRO H 165 45.14 9.11 4.83
N ASP H 166 45.13 8.45 3.67
CA ASP H 166 44.19 8.79 2.61
C ASP H 166 42.82 8.16 2.81
N THR H 167 42.62 7.37 3.86
CA THR H 167 41.33 6.83 4.21
C THR H 167 40.58 7.66 5.25
N ILE H 168 41.23 8.70 5.79
CA ILE H 168 40.65 9.48 6.88
C ILE H 168 39.47 10.29 6.38
N VAL H 169 38.33 10.17 7.05
CA VAL H 169 37.15 10.97 6.78
C VAL H 169 37.10 12.05 7.87
N LEU H 170 37.63 13.21 7.56
CA LEU H 170 37.68 14.31 8.51
C LEU H 170 37.29 15.66 7.93
N THR H 171 37.47 15.88 6.64
CA THR H 171 37.04 17.08 5.94
C THR H 171 35.52 17.02 5.75
N GLU H 172 34.88 18.20 5.74
CA GLU H 172 33.42 18.27 5.61
C GLU H 172 32.95 17.70 4.28
N SER H 173 33.71 17.94 3.20
CA SER H 173 33.37 17.39 1.91
C SER H 173 33.49 15.86 1.89
N SER H 174 34.40 15.33 2.70
CA SER H 174 34.51 13.88 2.80
C SER H 174 33.36 13.27 3.59
N TYR H 175 32.80 14.00 4.55
CA TYR H 175 31.60 13.51 5.24
C TYR H 175 30.39 13.52 4.31
N PHE H 176 30.30 14.53 3.43
CA PHE H 176 29.17 14.61 2.52
C PHE H 176 29.21 13.54 1.45
N GLN H 177 30.39 13.14 0.98
CA GLN H 177 30.45 12.11 -0.04
C GLN H 177 30.41 10.71 0.54
N ARG H 178 30.53 10.56 1.85
CA ARG H 178 30.25 9.28 2.49
C ARG H 178 28.77 9.07 2.75
N MET H 179 27.94 10.08 2.50
CA MET H 179 26.50 9.89 2.63
C MET H 179 25.91 9.10 1.47
N ALA H 180 26.63 8.98 0.36
CA ALA H 180 26.19 8.16 -0.76
C ALA H 180 26.44 6.68 -0.50
N LEU H 181 27.25 6.34 0.50
CA LEU H 181 27.59 4.98 0.90
C LEU H 181 28.24 4.19 -0.25
N ASP H 182 29.40 4.67 -0.68
CA ASP H 182 30.14 4.02 -1.75
C ASP H 182 31.54 3.58 -1.35
N ALA H 183 31.98 3.90 -0.13
CA ALA H 183 33.29 3.47 0.35
C ALA H 183 33.27 1.97 0.65
N PRO H 184 34.44 1.34 0.69
CA PRO H 184 34.50 -0.09 1.09
C PRO H 184 34.00 -0.38 2.51
N PRO H 185 34.15 0.51 3.51
CA PRO H 185 33.41 0.25 4.76
C PRO H 185 31.91 0.40 4.61
N ASP H 186 31.44 1.19 3.64
CA ASP H 186 30.01 1.37 3.45
C ASP H 186 29.40 0.15 2.78
N GLN H 187 30.12 -0.46 1.84
CA GLN H 187 29.61 -1.62 1.13
C GLN H 187 29.56 -2.83 2.03
N ARG H 188 30.47 -2.90 3.00
CA ARG H 188 30.41 -3.96 4.00
C ARG H 188 29.25 -3.76 4.95
N LEU H 189 28.91 -2.51 5.25
CA LEU H 189 27.76 -2.21 6.10
C LEU H 189 26.44 -2.57 5.44
N ARG H 190 26.37 -2.45 4.11
CA ARG H 190 25.16 -2.77 3.36
C ARG H 190 24.79 -4.25 3.46
N ALA H 191 25.78 -5.12 3.57
CA ALA H 191 25.50 -6.54 3.69
C ALA H 191 25.34 -6.98 5.14
N ASP H 192 25.96 -6.29 6.09
CA ASP H 192 25.86 -6.69 7.48
C ASP H 192 24.54 -6.28 8.11
N LEU H 193 23.87 -5.24 7.60
CA LEU H 193 22.57 -4.87 8.16
C LEU H 193 21.48 -5.84 7.76
N LEU H 194 21.71 -6.70 6.78
CA LEU H 194 20.73 -7.70 6.39
C LEU H 194 20.60 -8.81 7.40
N ALA H 195 21.64 -9.07 8.19
CA ALA H 195 21.67 -10.24 9.04
C ALA H 195 21.91 -9.97 10.52
N ASN H 196 22.34 -8.78 10.90
CA ASN H 196 22.91 -8.54 12.22
C ASN H 196 22.14 -7.46 12.96
N SER H 197 22.36 -7.42 14.26
CA SER H 197 21.91 -6.32 15.09
C SER H 197 23.13 -5.54 15.58
N PHE H 198 22.96 -4.25 15.77
CA PHE H 198 24.06 -3.34 16.04
C PHE H 198 23.94 -2.78 17.45
N LEU H 199 25.09 -2.61 18.10
CA LEU H 199 25.18 -2.03 19.43
C LEU H 199 26.00 -0.74 19.33
N PHE H 200 25.32 0.39 19.33
CA PHE H 200 25.95 1.69 19.19
C PHE H 200 26.37 2.20 20.57
N ILE H 201 27.67 2.41 20.75
CA ILE H 201 28.22 2.85 22.03
C ILE H 201 29.12 4.05 21.78
N GLY H 202 28.86 5.15 22.49
CA GLY H 202 29.74 6.28 22.47
C GLY H 202 29.37 7.42 21.55
N TYR H 203 28.08 7.67 21.35
CA TYR H 203 27.62 8.75 20.49
C TYR H 203 26.72 9.68 21.29
N SER H 204 26.45 10.84 20.71
CA SER H 204 25.47 11.77 21.24
C SER H 204 24.32 11.91 20.26
N PHE H 205 23.19 12.40 20.76
CA PHE H 205 22.02 12.56 19.90
C PHE H 205 22.16 13.74 18.94
N SER H 206 23.07 14.66 19.21
CA SER H 206 23.24 15.85 18.37
C SER H 206 24.43 15.71 17.42
N ASP H 207 24.68 14.50 16.92
CA ASP H 207 25.86 14.27 16.10
C ASP H 207 25.62 14.63 14.64
N THR H 208 24.41 14.34 14.13
CA THR H 208 23.88 14.63 12.79
C THR H 208 24.59 13.87 11.66
N ASN H 209 25.63 13.11 11.99
CA ASN H 209 26.25 12.19 11.05
C ASN H 209 25.85 10.75 11.35
N ILE H 210 25.84 10.36 12.62
CA ILE H 210 25.36 9.04 12.98
C ILE H 210 23.84 9.00 12.88
N ARG H 211 23.15 10.16 12.91
CA ARG H 211 21.72 10.17 12.73
C ARG H 211 21.34 9.87 11.29
N TYR H 212 22.15 10.31 10.33
CA TYR H 212 21.91 9.94 8.94
C TYR H 212 22.16 8.46 8.73
N ILE H 213 23.17 7.90 9.40
CA ILE H 213 23.46 6.48 9.31
C ILE H 213 22.34 5.66 9.94
N TRP H 214 21.80 6.14 11.05
CA TRP H 214 20.65 5.48 11.70
C TRP H 214 19.42 5.52 10.81
N TYR H 215 19.19 6.63 10.13
CA TYR H 215 18.09 6.71 9.17
C TYR H 215 18.32 5.78 7.99
N ARG H 216 19.52 5.81 7.43
CA ARG H 216 19.79 5.12 6.18
C ARG H 216 19.86 3.61 6.36
N MET H 217 20.26 3.13 7.55
CA MET H 217 20.17 1.70 7.84
C MET H 217 18.72 1.23 7.88
N ASN H 218 17.82 2.04 8.45
CA ASN H 218 16.41 1.68 8.51
C ASN H 218 15.79 1.67 7.12
N GLN H 219 16.20 2.61 6.27
CA GLN H 219 15.68 2.67 4.92
C GLN H 219 16.15 1.48 4.08
N LEU H 220 17.38 1.03 4.30
CA LEU H 220 17.88 -0.14 3.59
C LEU H 220 17.30 -1.44 4.10
N ARG H 221 16.81 -1.49 5.35
CA ARG H 221 16.10 -2.68 5.80
C ARG H 221 14.71 -2.74 5.19
N GLU H 222 14.02 -1.60 5.10
CA GLU H 222 12.69 -1.58 4.52
C GLU H 222 12.72 -1.78 3.02
N GLN H 223 13.80 -1.33 2.36
CA GLN H 223 13.92 -1.52 0.92
C GLN H 223 14.22 -2.97 0.58
N SER H 224 14.88 -3.70 1.49
CA SER H 224 15.23 -5.08 1.24
C SER H 224 14.06 -6.04 1.37
N GLN H 225 12.88 -5.57 1.77
CA GLN H 225 11.69 -6.39 1.88
C GLN H 225 10.49 -5.66 1.28
N LEU H 226 10.68 -5.11 0.09
CA LEU H 226 9.66 -4.29 -0.55
C LEU H 226 8.64 -5.12 -1.33
N GLY H 227 9.03 -6.30 -1.80
CA GLY H 227 8.12 -7.11 -2.59
C GLY H 227 7.58 -8.30 -1.82
N VAL H 228 8.36 -8.78 -0.87
CA VAL H 228 7.95 -9.88 -0.01
C VAL H 228 7.08 -9.32 1.13
N LYS H 229 6.46 -10.21 1.90
CA LYS H 229 5.73 -9.80 3.08
C LYS H 229 6.69 -9.24 4.12
N HIS H 230 6.20 -8.26 4.89
CA HIS H 230 7.05 -7.56 5.85
C HIS H 230 7.28 -8.45 7.07
N SER H 231 8.52 -8.85 7.27
CA SER H 231 8.92 -9.64 8.43
C SER H 231 9.63 -8.75 9.45
N GLN H 232 9.67 -9.22 10.69
CA GLN H 232 10.26 -8.44 11.76
C GLN H 232 11.77 -8.62 11.77
N ALA H 233 12.48 -7.48 11.87
CA ALA H 233 13.93 -7.49 11.84
C ALA H 233 14.49 -7.57 13.25
N ARG H 234 15.77 -7.92 13.34
CA ARG H 234 16.48 -7.87 14.61
C ARG H 234 16.64 -6.42 15.06
N ARG H 235 16.47 -6.21 16.35
CA ARG H 235 16.45 -4.88 16.93
C ARG H 235 17.87 -4.43 17.24
N CYS H 236 18.19 -3.18 16.88
CA CYS H 236 19.48 -2.59 17.20
C CYS H 236 19.40 -1.86 18.54
N PHE H 237 20.55 -1.46 19.05
CA PHE H 237 20.65 -0.92 20.40
C PHE H 237 21.59 0.26 20.44
N PHE H 238 21.34 1.19 21.37
CA PHE H 238 22.16 2.38 21.55
C PHE H 238 22.28 2.66 23.04
N ALA H 239 23.49 2.52 23.57
CA ALA H 239 23.75 2.73 24.99
C ALA H 239 24.07 4.19 25.25
N THR H 240 23.39 4.77 26.23
CA THR H 240 23.48 6.19 26.49
C THR H 240 23.58 6.39 28.00
N HIS H 241 24.18 7.50 28.40
CA HIS H 241 24.13 7.90 29.80
C HIS H 241 23.07 8.96 30.08
N GLY H 242 22.80 9.83 29.11
CA GLY H 242 21.63 10.68 29.21
C GLY H 242 20.72 10.50 28.02
N ALA H 243 19.56 9.87 28.22
CA ALA H 243 18.72 9.52 27.08
C ALA H 243 17.81 10.67 26.68
N GLY H 244 17.41 11.52 27.61
CA GLY H 244 16.48 12.57 27.28
C GLY H 244 15.05 12.06 27.33
N LEU H 245 14.17 12.75 26.61
CA LEU H 245 12.76 12.47 26.68
C LEU H 245 12.06 12.38 25.32
N VAL H 246 12.61 13.00 24.27
CA VAL H 246 12.02 12.96 22.94
C VAL H 246 12.83 12.06 22.00
N GLN H 247 14.15 12.15 22.08
CA GLN H 247 15.02 11.37 21.21
C GLN H 247 14.91 9.84 21.29
N PRO H 248 14.64 9.19 22.43
CA PRO H 248 14.43 7.73 22.38
C PRO H 248 13.20 7.30 21.60
N ASP H 249 12.16 8.13 21.50
CA ASP H 249 10.99 7.76 20.72
C ASP H 249 11.25 7.83 19.22
N ILE H 250 12.10 8.77 18.78
CA ILE H 250 12.49 8.86 17.38
C ILE H 250 13.30 7.63 16.98
N LEU H 251 14.19 7.18 17.85
CA LEU H 251 15.06 6.05 17.56
C LEU H 251 14.32 4.72 17.50
N GLN H 252 13.13 4.64 18.13
CA GLN H 252 12.32 3.42 18.03
C GLN H 252 11.89 3.15 16.61
N GLN H 253 11.57 4.20 15.85
CA GLN H 253 11.16 4.03 14.47
C GLN H 253 12.33 3.80 13.54
N TRP H 254 13.55 3.96 14.01
CA TRP H 254 14.75 3.60 13.27
C TRP H 254 15.34 2.28 13.72
N ASN H 255 14.50 1.42 14.32
CA ASN H 255 14.82 0.05 14.73
C ASN H 255 15.90 0.01 15.80
N ILE H 256 15.94 1.01 16.68
CA ILE H 256 17.00 1.15 17.68
C ILE H 256 16.37 1.38 19.05
N ASP H 257 16.67 0.51 20.01
CA ASP H 257 16.25 0.70 21.38
C ASP H 257 17.35 1.38 22.19
N VAL H 258 16.96 2.34 23.01
CA VAL H 258 17.92 3.12 23.81
C VAL H 258 18.09 2.45 25.16
N ILE H 259 19.34 2.27 25.58
CA ILE H 259 19.67 1.68 26.87
C ILE H 259 20.20 2.79 27.78
N GLN H 260 19.50 3.06 28.86
CA GLN H 260 19.95 4.04 29.83
C GLN H 260 20.98 3.43 30.77
N LEU H 261 22.20 3.92 30.71
CA LEU H 261 23.25 3.50 31.62
C LEU H 261 23.36 4.50 32.76
N ASP H 262 24.05 4.08 33.81
CA ASP H 262 24.19 4.90 35.01
C ASP H 262 25.13 6.07 34.76
N PRO H 263 24.68 7.31 34.90
CA PRO H 263 25.52 8.46 34.53
C PRO H 263 26.51 8.90 35.59
N THR H 264 26.58 8.22 36.74
CA THR H 264 27.50 8.66 37.80
C THR H 264 28.94 8.36 37.43
N ASP H 265 29.20 7.16 36.95
CA ASP H 265 30.51 6.79 36.40
C ASP H 265 30.28 6.32 34.98
N LYS H 266 30.80 7.07 34.01
CA LYS H 266 30.56 6.79 32.60
C LYS H 266 31.23 5.49 32.17
N SER H 267 32.49 5.32 32.55
CA SER H 267 33.27 4.20 32.07
C SER H 267 32.89 2.89 32.74
N ALA H 268 32.43 2.95 33.99
CA ALA H 268 32.07 1.72 34.69
C ALA H 268 30.76 1.15 34.17
N SER H 269 29.79 2.00 33.85
CA SER H 269 28.49 1.53 33.42
C SER H 269 28.53 0.93 32.01
N VAL H 270 29.45 1.40 31.17
CA VAL H 270 29.65 0.76 29.87
C VAL H 270 30.30 -0.61 30.07
N ALA H 271 31.21 -0.70 31.03
CA ALA H 271 31.87 -1.98 31.31
C ALA H 271 30.93 -3.00 31.90
N ARG H 272 29.94 -2.56 32.70
CA ARG H 272 28.95 -3.50 33.22
C ARG H 272 28.02 -3.99 32.12
N LEU H 273 27.83 -3.19 31.07
CA LEU H 273 27.00 -3.60 29.95
C LEU H 273 27.68 -4.71 29.15
N LEU H 274 28.97 -4.54 28.86
CA LEU H 274 29.69 -5.51 28.05
C LEU H 274 29.97 -6.80 28.81
N GLU H 275 29.99 -6.76 30.14
CA GLU H 275 30.19 -7.97 30.93
C GLU H 275 28.89 -8.73 31.15
N SER H 276 27.75 -8.07 31.02
CA SER H 276 26.47 -8.78 31.10
C SER H 276 26.16 -9.57 29.84
N ILE H 277 26.84 -9.26 28.73
CA ILE H 277 26.69 -10.04 27.51
C ILE H 277 27.36 -11.39 27.67
N ALA H 278 28.48 -11.44 28.38
CA ALA H 278 29.18 -12.69 28.65
C ALA H 278 28.38 -13.61 29.56
N ALA I 2 10.22 -15.53 41.32
CA ALA I 2 9.32 -16.46 40.64
C ALA I 2 10.12 -17.62 40.08
N PRO I 3 9.55 -18.84 40.15
CA PRO I 3 10.26 -20.01 39.64
C PRO I 3 10.39 -20.02 38.13
N THR I 4 11.23 -20.90 37.62
CA THR I 4 11.31 -21.16 36.19
C THR I 4 10.87 -22.55 35.82
N TRP I 5 11.20 -23.54 36.64
CA TRP I 5 10.80 -24.92 36.42
C TRP I 5 9.80 -25.34 37.49
N PHE I 6 8.82 -26.13 37.09
CA PHE I 6 7.76 -26.56 37.99
C PHE I 6 7.69 -28.08 38.03
N TYR I 7 7.77 -28.62 39.23
CA TYR I 7 7.77 -30.06 39.43
C TYR I 7 6.34 -30.50 39.67
N ASN I 8 5.82 -31.36 38.82
CA ASN I 8 4.44 -31.81 38.93
C ASN I 8 4.42 -33.20 39.53
N THR I 9 3.75 -33.35 40.66
CA THR I 9 3.62 -34.65 41.30
C THR I 9 2.27 -34.74 41.98
N THR I 10 1.81 -35.96 42.18
CA THR I 10 0.56 -36.20 42.91
C THR I 10 0.75 -36.98 44.19
N ASN I 11 1.83 -37.73 44.34
CA ASN I 11 2.08 -38.47 45.56
C ASN I 11 2.57 -37.52 46.64
N SER I 12 2.02 -37.65 47.85
CA SER I 12 2.35 -36.74 48.92
C SER I 12 3.68 -37.04 49.58
N GLU I 13 4.23 -38.23 49.37
CA GLU I 13 5.51 -38.57 49.99
C GLU I 13 6.67 -38.37 49.04
N LYS I 14 6.43 -38.49 47.74
CA LYS I 14 7.42 -38.07 46.75
C LYS I 14 7.71 -36.59 46.83
N LEU I 15 6.72 -35.79 47.21
CA LEU I 15 6.92 -34.35 47.35
C LEU I 15 7.74 -34.02 48.57
N ARG I 16 7.58 -34.78 49.65
CA ARG I 16 8.29 -34.48 50.88
C ARG I 16 9.76 -34.87 50.77
N GLU I 17 10.08 -35.86 49.95
CA GLU I 17 11.47 -36.23 49.76
C GLU I 17 12.18 -35.28 48.82
N LEU I 18 11.46 -34.76 47.83
CA LEU I 18 12.03 -33.77 46.91
C LEU I 18 12.38 -32.49 47.63
N GLN I 19 11.45 -31.97 48.43
CA GLN I 19 11.69 -30.74 49.17
C GLN I 19 12.71 -30.90 50.28
N HIS I 20 13.06 -32.11 50.66
CA HIS I 20 14.20 -32.28 51.55
C HIS I 20 15.51 -32.01 50.84
N VAL I 21 15.55 -32.20 49.52
CA VAL I 21 16.78 -32.08 48.74
C VAL I 21 16.82 -30.77 47.97
N LEU I 22 15.77 -30.49 47.20
CA LEU I 22 15.69 -29.30 46.37
C LEU I 22 14.70 -28.29 46.90
N GLY I 23 14.45 -28.28 48.21
CA GLY I 23 13.49 -27.34 48.76
C GLY I 23 14.01 -25.93 48.87
N GLY I 24 15.32 -25.77 49.03
CA GLY I 24 15.89 -24.45 49.17
C GLY I 24 16.06 -23.68 47.89
N SER I 25 15.87 -24.32 46.74
CA SER I 25 16.10 -23.66 45.47
C SER I 25 14.97 -22.69 45.15
N ALA I 26 15.33 -21.45 44.86
CA ALA I 26 14.36 -20.40 44.64
C ALA I 26 13.69 -20.49 43.28
N LYS I 27 14.21 -21.32 42.37
CA LYS I 27 13.71 -21.35 41.02
C LYS I 27 13.07 -22.68 40.67
N LEU I 28 12.53 -23.37 41.66
CA LEU I 28 11.76 -24.58 41.45
C LEU I 28 10.40 -24.42 42.12
N GLY I 29 9.34 -24.45 41.33
CA GLY I 29 8.00 -24.41 41.87
C GLY I 29 7.41 -25.80 41.94
N TYR I 30 6.21 -25.89 42.52
CA TYR I 30 5.60 -27.18 42.78
C TYR I 30 4.14 -27.14 42.36
N LEU I 31 3.73 -28.08 41.51
CA LEU I 31 2.37 -28.17 41.04
C LEU I 31 1.82 -29.55 41.29
N THR I 32 0.51 -29.65 41.43
CA THR I 32 -0.16 -30.92 41.70
C THR I 32 -1.27 -31.16 40.71
N ALA I 33 -1.00 -30.91 39.43
CA ALA I 33 -2.02 -31.14 38.41
C ALA I 33 -2.18 -32.62 38.15
N LYS I 34 -3.43 -33.06 38.07
CA LYS I 34 -3.72 -34.47 37.82
C LYS I 34 -3.69 -34.73 36.33
N VAL I 35 -2.78 -35.60 35.89
CA VAL I 35 -2.67 -35.96 34.48
C VAL I 35 -2.94 -37.45 34.36
N THR I 36 -3.42 -37.84 33.18
CA THR I 36 -3.80 -39.22 32.94
C THR I 36 -2.55 -40.07 32.72
N GLU I 37 -2.34 -41.06 33.58
CA GLU I 37 -1.14 -41.86 33.53
C GLU I 37 -1.21 -42.87 32.40
N ILE I 38 -0.18 -42.87 31.56
CA ILE I 38 -0.02 -43.94 30.59
C ILE I 38 0.45 -45.19 31.31
N LEU I 39 0.00 -46.34 30.84
CA LEU I 39 0.39 -47.62 31.43
C LEU I 39 1.20 -48.38 30.41
N ASP I 40 2.46 -48.67 30.75
CA ASP I 40 3.35 -49.44 29.90
C ASP I 40 4.43 -50.03 30.80
N VAL I 41 5.10 -51.06 30.31
CA VAL I 41 6.11 -51.72 31.12
C VAL I 41 7.42 -50.94 31.05
N ASP I 42 7.70 -50.32 29.92
CA ASP I 42 8.97 -49.64 29.71
C ASP I 42 8.97 -48.27 30.40
N LEU I 43 10.00 -48.02 31.20
CA LEU I 43 10.09 -46.77 31.94
C LEU I 43 10.40 -45.59 31.03
N GLU I 44 11.24 -45.81 30.02
CA GLU I 44 11.57 -44.77 29.05
C GLU I 44 10.35 -44.33 28.26
N THR I 45 9.41 -45.24 28.00
CA THR I 45 8.22 -44.88 27.27
C THR I 45 7.26 -44.06 28.12
N VAL I 46 7.12 -44.42 29.40
CA VAL I 46 6.13 -43.80 30.27
C VAL I 46 6.54 -42.40 30.65
N ILE I 47 7.80 -42.20 31.04
CA ILE I 47 8.27 -40.89 31.48
C ILE I 47 8.33 -39.91 30.32
N ARG I 48 8.48 -40.41 29.10
CA ARG I 48 8.52 -39.55 27.94
C ARG I 48 7.11 -39.16 27.51
N ALA I 49 6.12 -39.94 27.89
CA ALA I 49 4.73 -39.63 27.60
C ALA I 49 4.04 -38.86 28.72
N LYS I 50 4.57 -38.90 29.94
CA LYS I 50 4.03 -38.04 30.99
C LYS I 50 4.41 -36.59 30.77
N ALA I 51 5.53 -36.32 30.11
CA ALA I 51 5.97 -34.95 29.94
C ALA I 51 5.11 -34.21 28.92
N ILE I 52 4.62 -34.91 27.90
CA ILE I 52 3.64 -34.30 27.01
C ILE I 52 2.32 -34.11 27.73
N ALA I 53 1.90 -35.12 28.49
CA ALA I 53 0.62 -35.06 29.17
C ALA I 53 0.61 -34.04 30.29
N ALA I 54 1.76 -33.77 30.90
CA ALA I 54 1.79 -32.76 31.94
C ALA I 54 2.05 -31.36 31.41
N TYR I 55 2.71 -31.22 30.26
CA TYR I 55 2.86 -29.89 29.69
C TYR I 55 1.54 -29.38 29.16
N ARG I 56 0.68 -30.27 28.68
CA ARG I 56 -0.64 -29.85 28.22
C ARG I 56 -1.50 -29.35 29.37
N ALA I 57 -1.25 -29.84 30.58
CA ALA I 57 -2.07 -29.44 31.70
C ALA I 57 -1.65 -28.09 32.29
N VAL I 58 -0.35 -27.85 32.41
CA VAL I 58 0.12 -26.68 33.15
C VAL I 58 0.71 -25.60 32.24
N ARG I 59 1.21 -25.94 31.05
CA ARG I 59 1.73 -25.02 30.04
C ARG I 59 2.88 -24.16 30.54
N VAL I 60 3.62 -24.64 31.52
CA VAL I 60 4.85 -24.02 32.01
C VAL I 60 5.93 -25.07 31.87
N PRO I 61 7.22 -24.68 31.91
CA PRO I 61 8.28 -25.70 31.90
C PRO I 61 8.19 -26.65 33.08
N VAL I 62 7.91 -27.91 32.78
CA VAL I 62 7.47 -28.86 33.78
C VAL I 62 8.53 -29.94 33.96
N ILE I 63 8.57 -30.55 35.14
CA ILE I 63 9.41 -31.70 35.44
C ILE I 63 8.50 -32.80 35.97
N VAL I 64 8.58 -34.00 35.39
CA VAL I 64 7.78 -35.12 35.84
C VAL I 64 8.69 -36.22 36.34
N GLU I 65 8.07 -37.27 36.88
CA GLU I 65 8.78 -38.31 37.58
C GLU I 65 8.00 -39.60 37.47
N HIS I 66 8.72 -40.72 37.34
CA HIS I 66 8.07 -42.02 37.38
C HIS I 66 9.08 -43.04 37.87
N GLY I 67 8.59 -44.10 38.51
CA GLY I 67 9.44 -45.11 39.07
C GLY I 67 9.19 -46.46 38.42
N ALA I 68 10.09 -47.41 38.71
CA ALA I 68 9.94 -48.75 38.17
C ALA I 68 10.53 -49.74 39.15
N LEU I 69 9.97 -50.95 39.13
CA LEU I 69 10.52 -52.06 39.90
C LEU I 69 10.49 -53.27 38.99
N CYS I 70 11.67 -53.68 38.51
CA CYS I 70 11.73 -54.81 37.55
C CYS I 70 12.20 -56.07 38.29
N ILE I 71 11.32 -57.09 38.36
CA ILE I 71 11.67 -58.36 39.07
C ILE I 71 12.05 -59.41 38.02
N ASP I 72 13.18 -60.09 38.24
CA ASP I 72 13.66 -61.12 37.28
C ASP I 72 12.65 -62.26 37.23
N ALA I 73 12.12 -62.66 38.39
CA ALA I 73 11.14 -63.77 38.45
C ALA I 73 9.92 -63.43 37.59
N LEU I 74 9.49 -62.16 37.61
CA LEU I 74 8.29 -61.74 36.84
C LEU I 74 8.73 -61.21 35.47
N ASN I 75 10.00 -61.43 35.10
CA ASN I 75 10.52 -61.01 33.77
C ASN I 75 10.32 -59.50 33.59
N GLY I 76 10.89 -58.69 34.50
CA GLY I 76 10.82 -57.23 34.34
C GLY I 76 9.49 -56.63 34.77
N LEU I 77 8.74 -57.35 35.61
CA LEU I 77 7.45 -56.83 36.13
C LEU I 77 7.61 -56.52 37.62
N PRO I 78 6.87 -55.55 38.21
CA PRO I 78 5.90 -54.72 37.49
C PRO I 78 6.46 -53.78 36.41
N GLY I 79 7.76 -53.47 36.47
CA GLY I 79 8.31 -52.48 35.52
C GLY I 79 7.75 -51.10 35.81
N ALA I 80 7.31 -50.39 34.77
CA ALA I 80 6.77 -49.02 34.95
C ALA I 80 5.28 -49.10 35.28
N LEU I 81 4.73 -50.31 35.42
CA LEU I 81 3.30 -50.45 35.81
C LEU I 81 3.22 -50.41 37.34
N VAL I 82 3.54 -49.26 37.96
CA VAL I 82 3.55 -49.19 39.40
C VAL I 82 2.17 -48.93 39.97
N LYS I 83 1.26 -48.38 39.19
CA LYS I 83 -0.08 -48.14 39.71
C LYS I 83 -0.94 -49.40 39.77
N PRO I 84 -1.09 -50.23 38.72
CA PRO I 84 -2.02 -51.36 38.86
C PRO I 84 -1.52 -52.47 39.75
N PHE I 85 -0.23 -52.56 40.05
CA PHE I 85 0.17 -53.59 41.00
C PHE I 85 0.01 -53.10 42.43
N TRP I 86 0.26 -51.81 42.66
CA TRP I 86 0.10 -51.27 44.01
C TRP I 86 -1.35 -51.23 44.44
N GLU I 87 -2.27 -51.06 43.50
CA GLU I 87 -3.69 -51.16 43.82
C GLU I 87 -4.17 -52.59 43.98
N SER I 88 -3.31 -53.58 43.79
CA SER I 88 -3.67 -54.99 43.95
C SER I 88 -2.77 -55.74 44.91
N LEU I 89 -1.47 -55.52 44.86
CA LEU I 89 -0.51 -56.16 45.75
C LEU I 89 0.28 -55.05 46.44
N ASP I 90 -0.11 -54.70 47.67
CA ASP I 90 0.58 -53.63 48.38
C ASP I 90 2.00 -54.03 48.72
N THR I 91 2.17 -54.95 49.64
CA THR I 91 3.47 -55.53 49.96
C THR I 91 3.37 -57.04 49.98
N ARG I 92 2.25 -57.60 49.56
CA ARG I 92 2.10 -59.03 49.33
C ARG I 92 2.82 -59.47 48.06
N LEU I 93 3.35 -58.53 47.29
CA LEU I 93 4.19 -58.83 46.15
C LEU I 93 5.48 -59.52 46.54
N CYS I 94 5.90 -59.44 47.80
CA CYS I 94 7.02 -60.26 48.24
C CYS I 94 6.65 -61.72 48.45
N GLU I 95 5.36 -62.06 48.36
CA GLU I 95 4.91 -63.43 48.51
C GLU I 95 4.70 -64.12 47.17
N VAL I 96 4.23 -63.39 46.16
CA VAL I 96 3.80 -64.02 44.92
C VAL I 96 4.97 -64.38 44.01
N ILE I 97 6.20 -64.08 44.40
CA ILE I 97 7.34 -64.41 43.56
C ILE I 97 8.06 -65.55 44.27
N PRO I 98 8.71 -66.46 43.56
CA PRO I 98 9.32 -67.62 44.21
C PRO I 98 10.49 -67.23 45.11
N ALA I 99 10.74 -68.08 46.12
CA ALA I 99 11.70 -67.78 47.16
C ALA I 99 13.13 -68.15 46.79
N GLY I 100 13.36 -68.72 45.61
CA GLY I 100 14.71 -69.07 45.21
C GLY I 100 15.46 -67.90 44.60
N GLN I 101 14.82 -67.19 43.69
CA GLN I 101 15.45 -66.08 42.99
C GLN I 101 14.75 -64.79 43.40
N ARG I 102 15.50 -63.89 44.04
CA ARG I 102 14.93 -62.71 44.66
C ARG I 102 15.39 -61.41 44.00
N THR I 103 16.29 -61.46 43.03
CA THR I 103 16.96 -60.27 42.53
C THR I 103 16.04 -59.39 41.69
N ALA I 104 16.28 -58.09 41.76
CA ALA I 104 15.44 -57.10 41.11
C ALA I 104 16.21 -55.79 40.99
N ARG I 105 15.67 -54.86 40.22
CA ARG I 105 16.23 -53.52 40.12
C ARG I 105 15.13 -52.50 40.35
N ALA I 106 15.43 -51.52 41.20
CA ALA I 106 14.58 -50.35 41.35
C ALA I 106 15.09 -49.27 40.41
N ARG I 107 14.19 -48.69 39.64
CA ARG I 107 14.56 -47.72 38.62
C ARG I 107 13.68 -46.49 38.73
N GLY I 108 14.26 -45.35 38.40
CA GLY I 108 13.52 -44.09 38.43
C GLY I 108 13.87 -43.26 37.22
N ALA I 109 12.99 -42.32 36.90
CA ALA I 109 13.21 -41.48 35.74
C ALA I 109 12.60 -40.12 35.93
N LEU I 110 13.36 -39.08 35.60
CA LEU I 110 12.87 -37.72 35.50
C LEU I 110 12.83 -37.31 34.05
N CYS I 111 11.92 -36.40 33.72
CA CYS I 111 11.88 -35.83 32.39
C CYS I 111 11.41 -34.39 32.51
N TYR I 112 12.22 -33.45 32.06
CA TYR I 112 11.85 -32.05 32.05
C TYR I 112 11.61 -31.57 30.64
N CYS I 113 10.57 -30.77 30.46
CA CYS I 113 10.10 -30.35 29.15
C CYS I 113 9.79 -28.86 29.19
N ASP I 114 10.53 -28.06 28.44
CA ASP I 114 10.25 -26.64 28.38
C ASP I 114 9.26 -26.28 27.28
N GLY I 115 8.77 -27.26 26.53
CA GLY I 115 7.90 -27.04 25.41
C GLY I 115 8.52 -27.34 24.08
N ARG I 116 9.83 -27.19 23.95
CA ARG I 116 10.51 -27.49 22.71
C ARG I 116 11.15 -28.86 22.68
N GLU I 117 11.66 -29.35 23.80
CA GLU I 117 12.37 -30.62 23.79
C GLU I 117 12.32 -31.24 25.18
N ARG I 118 12.34 -32.57 25.21
CA ARG I 118 12.29 -33.35 26.42
C ARG I 118 13.67 -33.93 26.70
N HIS I 119 14.04 -33.97 27.99
CA HIS I 119 15.30 -34.58 28.38
C HIS I 119 15.05 -35.55 29.52
N VAL I 120 15.48 -36.80 29.34
CA VAL I 120 15.18 -37.89 30.25
C VAL I 120 16.44 -38.25 31.03
N LEU I 121 16.32 -38.32 32.36
CA LEU I 121 17.39 -38.77 33.23
C LEU I 121 16.95 -40.06 33.89
N ILE I 122 17.79 -41.09 33.85
CA ILE I 122 17.44 -42.39 34.41
C ILE I 122 18.56 -42.87 35.32
N GLU I 123 18.22 -43.17 36.57
CA GLU I 123 19.11 -43.90 37.46
C GLU I 123 18.50 -45.25 37.78
N GLU I 124 19.27 -46.07 38.48
CA GLU I 124 18.95 -47.47 38.68
C GLU I 124 19.74 -47.99 39.87
N THR I 125 19.08 -48.81 40.69
CA THR I 125 19.73 -49.46 41.82
C THR I 125 19.44 -50.95 41.74
N GLU I 126 20.48 -51.76 41.73
CA GLU I 126 20.33 -53.19 41.72
C GLU I 126 20.21 -53.71 43.14
N GLY I 127 19.20 -54.52 43.40
CA GLY I 127 18.96 -55.04 44.74
C GLY I 127 18.31 -56.39 44.68
N GLU I 128 17.57 -56.71 45.74
CA GLU I 128 16.86 -57.97 45.82
C GLU I 128 15.73 -57.82 46.81
N ILE I 129 14.61 -58.43 46.49
CA ILE I 129 13.36 -58.22 47.20
C ILE I 129 13.43 -58.93 48.55
N ALA I 130 12.79 -58.33 49.55
CA ALA I 130 12.89 -58.83 50.91
C ALA I 130 11.85 -59.92 51.14
N PRO I 131 12.09 -60.84 52.08
CA PRO I 131 11.10 -61.89 52.34
C PRO I 131 9.81 -61.38 52.96
N SER I 132 9.86 -60.33 53.77
CA SER I 132 8.65 -59.78 54.35
C SER I 132 8.76 -58.28 54.40
N ALA I 133 7.61 -57.62 54.45
CA ALA I 133 7.55 -56.16 54.49
C ALA I 133 8.09 -55.64 55.82
N ARG I 134 9.14 -54.82 55.75
CA ARG I 134 9.82 -54.33 56.94
C ARG I 134 10.06 -52.84 56.79
N GLY I 135 9.46 -52.05 57.68
CA GLY I 135 9.71 -50.63 57.71
C GLY I 135 8.45 -49.84 57.37
N THR I 136 8.51 -48.54 57.68
CA THR I 136 7.41 -47.62 57.45
C THR I 136 7.79 -46.39 56.63
N GLY I 137 9.04 -45.98 56.64
CA GLY I 137 9.41 -44.71 56.05
C GLY I 137 9.72 -44.73 54.58
N GLY I 138 8.72 -44.86 53.72
CA GLY I 138 8.96 -44.81 52.30
C GLY I 138 7.66 -44.76 51.53
N PHE I 139 7.76 -45.13 50.26
CA PHE I 139 6.58 -45.14 49.40
C PHE I 139 6.72 -46.25 48.36
N HIS I 140 5.61 -46.94 48.19
CA HIS I 140 5.19 -47.91 47.19
C HIS I 140 5.84 -49.28 47.19
N TRP I 141 7.14 -49.44 47.47
CA TRP I 141 7.75 -50.75 47.69
C TRP I 141 8.98 -50.66 48.58
N ASP I 142 9.19 -49.48 49.17
CA ASP I 142 10.33 -49.29 50.06
C ASP I 142 10.42 -50.22 51.28
N PRO I 143 9.36 -50.85 51.80
CA PRO I 143 9.60 -51.89 52.82
C PRO I 143 10.11 -53.21 52.28
N ILE I 144 9.97 -53.53 51.00
CA ILE I 144 10.32 -54.87 50.54
C ILE I 144 11.52 -54.88 49.60
N PHE I 145 12.24 -53.77 49.48
CA PHE I 145 13.38 -53.71 48.59
C PHE I 145 14.65 -53.47 49.40
N ILE I 146 15.62 -54.35 49.25
CA ILE I 146 16.92 -54.22 49.90
C ILE I 146 17.95 -54.01 48.80
N PRO I 147 18.74 -52.94 48.85
CA PRO I 147 19.79 -52.75 47.84
C PRO I 147 20.91 -53.74 48.01
N LYS I 148 21.74 -53.85 46.98
CA LYS I 148 22.89 -54.73 47.03
C LYS I 148 23.94 -54.13 47.96
N GLY I 149 24.43 -54.94 48.89
CA GLY I 149 25.41 -54.52 49.86
C GLY I 149 24.88 -54.40 51.26
N GLN I 150 23.64 -53.95 51.44
CA GLN I 150 23.06 -53.78 52.76
C GLN I 150 22.24 -55.01 53.14
N THR I 151 21.85 -55.02 54.41
CA THR I 151 20.92 -56.00 54.93
C THR I 151 19.59 -55.35 55.26
N ARG I 152 19.41 -54.09 54.90
CA ARG I 152 18.36 -53.24 55.43
C ARG I 152 17.55 -52.66 54.27
N THR I 153 16.23 -52.62 54.43
CA THR I 153 15.35 -52.18 53.36
C THR I 153 15.40 -50.67 53.20
N PHE I 154 14.64 -50.13 52.24
CA PHE I 154 14.57 -48.67 52.15
C PHE I 154 13.74 -48.09 53.28
N ALA I 155 12.60 -48.69 53.59
CA ALA I 155 11.73 -48.11 54.61
C ALA I 155 12.29 -48.29 56.02
N GLU I 156 13.24 -49.19 56.21
CA GLU I 156 13.95 -49.25 57.49
C GLU I 156 15.03 -48.19 57.61
N MET I 157 15.40 -47.53 56.52
CA MET I 157 16.41 -46.49 56.57
C MET I 157 15.78 -45.15 56.92
N SER I 158 16.62 -44.17 57.22
CA SER I 158 16.18 -42.81 57.42
C SER I 158 16.02 -42.14 56.06
N LEU I 159 15.68 -40.86 56.05
CA LEU I 159 15.51 -40.18 54.78
C LEU I 159 16.85 -39.85 54.15
N ASP I 160 17.85 -39.53 54.95
CA ASP I 160 19.18 -39.28 54.41
C ASP I 160 19.86 -40.57 53.97
N GLU I 161 19.56 -41.68 54.62
CA GLU I 161 20.17 -42.94 54.19
C GLU I 161 19.54 -43.46 52.92
N LYS I 162 18.23 -43.26 52.74
CA LYS I 162 17.58 -43.78 51.55
C LYS I 162 18.01 -43.03 50.30
N LEU I 163 18.13 -41.72 50.40
CA LEU I 163 18.49 -40.91 49.23
C LEU I 163 19.95 -41.05 48.82
N SER I 164 20.78 -41.70 49.63
CA SER I 164 22.10 -42.10 49.19
C SER I 164 22.09 -43.49 48.55
N PHE I 165 20.95 -44.16 48.49
CA PHE I 165 20.87 -45.45 47.83
C PHE I 165 19.77 -45.48 46.78
N SER I 166 18.69 -44.72 46.98
CA SER I 166 17.55 -44.83 46.10
C SER I 166 17.87 -44.19 44.75
N PRO I 167 17.20 -44.65 43.69
CA PRO I 167 17.42 -44.03 42.37
C PRO I 167 16.98 -42.59 42.32
N LEU I 168 15.99 -42.22 43.12
CA LEU I 168 15.45 -40.87 43.10
C LEU I 168 16.36 -39.89 43.82
N GLY I 169 17.37 -40.38 44.53
CA GLY I 169 18.34 -39.53 45.18
C GLY I 169 19.46 -39.10 44.26
N ARG I 170 19.92 -39.99 43.39
CA ARG I 170 20.94 -39.61 42.42
C ARG I 170 20.36 -38.78 41.30
N LEU I 171 19.07 -38.91 41.03
CA LEU I 171 18.43 -38.12 39.99
C LEU I 171 18.30 -36.67 40.41
N HIS I 172 17.97 -36.42 41.67
CA HIS I 172 17.77 -35.06 42.15
C HIS I 172 19.07 -34.28 42.27
N THR I 173 20.20 -34.97 42.40
CA THR I 173 21.48 -34.29 42.34
C THR I 173 21.84 -33.96 40.89
N ARG I 174 21.53 -34.85 39.96
CA ARG I 174 21.72 -34.56 38.54
C ARG I 174 20.78 -33.48 38.05
N LEU I 175 19.57 -33.41 38.60
CA LEU I 175 18.63 -32.38 38.19
C LEU I 175 19.06 -31.01 38.67
N ARG I 176 19.74 -30.95 39.82
CA ARG I 176 20.24 -29.67 40.31
C ARG I 176 21.31 -29.09 39.39
N THR I 177 22.25 -29.92 38.94
CA THR I 177 23.36 -29.38 38.17
C THR I 177 23.01 -29.12 36.72
N GLU I 178 22.04 -29.84 36.16
CA GLU I 178 21.70 -29.59 34.76
C GLU I 178 20.80 -28.37 34.63
N LEU I 179 19.81 -28.23 35.49
CA LEU I 179 18.93 -27.08 35.40
C LEU I 179 19.45 -25.89 36.17
N GLY I 180 20.55 -26.04 36.91
CA GLY I 180 21.09 -24.92 37.65
C GLY I 180 20.24 -24.51 38.83
N LEU I 181 19.57 -25.45 39.46
CA LEU I 181 18.66 -25.14 40.55
C LEU I 181 19.44 -24.78 41.80
N ALA J 2 -47.77 32.86 18.51
CA ALA J 2 -47.15 32.56 17.23
C ALA J 2 -48.17 32.66 16.11
N PRO J 3 -47.75 33.18 14.96
CA PRO J 3 -48.67 33.32 13.83
C PRO J 3 -49.10 31.99 13.24
N THR J 4 -50.12 32.02 12.40
CA THR J 4 -50.50 30.86 11.61
C THR J 4 -50.31 31.09 10.12
N TRP J 5 -50.60 32.28 9.63
CA TRP J 5 -50.41 32.64 8.24
C TRP J 5 -49.29 33.65 8.11
N PHE J 6 -48.51 33.53 7.06
CA PHE J 6 -47.35 34.38 6.82
C PHE J 6 -47.47 35.07 5.49
N TYR J 7 -47.38 36.38 5.50
CA TYR J 7 -47.51 37.18 4.30
C TYR J 7 -46.13 37.42 3.73
N ASN J 8 -45.90 36.97 2.51
CA ASN J 8 -44.59 37.10 1.89
C ASN J 8 -44.63 38.24 0.88
N THR J 9 -43.76 39.23 1.09
CA THR J 9 -43.68 40.34 0.16
C THR J 9 -42.24 40.83 0.11
N THR J 10 -41.91 41.49 -0.99
CA THR J 10 -40.59 42.08 -1.15
C THR J 10 -40.61 43.59 -1.29
N ASN J 11 -41.74 44.18 -1.69
CA ASN J 11 -41.83 45.62 -1.81
C ASN J 11 -41.99 46.24 -0.42
N SER J 12 -41.24 47.30 -0.16
CA SER J 12 -41.25 47.91 1.16
C SER J 12 -42.46 48.77 1.42
N GLU J 13 -43.17 49.17 0.38
CA GLU J 13 -44.33 50.03 0.56
C GLU J 13 -45.62 49.24 0.58
N LYS J 14 -45.66 48.09 -0.11
CA LYS J 14 -46.76 47.15 0.06
C LYS J 14 -46.84 46.62 1.47
N LEU J 15 -45.70 46.49 2.15
CA LEU J 15 -45.71 46.01 3.52
C LEU J 15 -46.23 47.07 4.48
N ARG J 16 -45.95 48.35 4.21
CA ARG J 16 -46.39 49.39 5.12
C ARG J 16 -47.89 49.64 5.00
N GLU J 17 -48.47 49.38 3.84
CA GLU J 17 -49.91 49.54 3.71
C GLU J 17 -50.66 48.37 4.31
N LEU J 18 -50.08 47.17 4.23
CA LEU J 18 -50.69 45.99 4.84
C LEU J 18 -50.75 46.13 6.35
N GLN J 19 -49.63 46.49 6.97
CA GLN J 19 -49.56 46.65 8.41
C GLN J 19 -50.36 47.83 8.92
N HIS J 20 -50.78 48.74 8.05
CA HIS J 20 -51.74 49.74 8.48
C HIS J 20 -53.12 49.15 8.68
N VAL J 21 -53.44 48.07 7.99
CA VAL J 21 -54.77 47.46 8.01
C VAL J 21 -54.79 46.22 8.87
N LEU J 22 -53.88 45.28 8.61
CA LEU J 22 -53.82 44.02 9.32
C LEU J 22 -52.63 43.93 10.25
N GLY J 23 -52.13 45.06 10.75
CA GLY J 23 -50.98 45.02 11.61
C GLY J 23 -51.29 44.58 13.03
N GLY J 24 -52.52 44.81 13.48
CA GLY J 24 -52.88 44.43 14.83
C GLY J 24 -53.21 42.97 15.03
N SER J 25 -53.31 42.21 13.95
CA SER J 25 -53.70 40.81 14.06
C SER J 25 -52.55 39.98 14.59
N ALA J 26 -52.80 39.22 15.64
CA ALA J 26 -51.76 38.45 16.30
C ALA J 26 -51.38 37.19 15.53
N LYS J 27 -52.16 36.80 14.53
CA LYS J 27 -51.95 35.54 13.86
C LYS J 27 -51.54 35.73 12.41
N LEU J 28 -50.91 36.86 12.08
CA LEU J 28 -50.35 37.10 10.77
C LEU J 28 -48.89 37.46 10.94
N GLY J 29 -48.00 36.64 10.38
CA GLY J 29 -46.60 36.95 10.37
C GLY J 29 -46.17 37.53 9.05
N TYR J 30 -44.91 37.95 8.98
CA TYR J 30 -44.41 38.67 7.82
C TYR J 30 -43.07 38.09 7.41
N LEU J 31 -42.95 37.70 6.14
CA LEU J 31 -41.72 37.14 5.61
C LEU J 31 -41.32 37.91 4.37
N THR J 32 -40.02 37.93 4.09
CA THR J 32 -39.47 38.63 2.94
C THR J 32 -38.60 37.71 2.11
N ALA J 33 -39.07 36.50 1.85
CA ALA J 33 -38.31 35.57 1.05
C ALA J 33 -38.38 35.96 -0.42
N LYS J 34 -37.24 35.92 -1.09
CA LYS J 34 -37.18 36.28 -2.49
C LYS J 34 -37.52 35.06 -3.33
N VAL J 35 -38.58 35.15 -4.11
CA VAL J 35 -39.01 34.08 -4.99
C VAL J 35 -38.96 34.57 -6.42
N THR J 36 -38.76 33.64 -7.34
CA THR J 36 -38.60 33.98 -8.76
C THR J 36 -39.97 34.29 -9.35
N GLU J 37 -40.12 35.51 -9.83
CA GLU J 37 -41.41 35.97 -10.35
C GLU J 37 -41.67 35.37 -11.72
N ILE J 38 -42.83 34.76 -11.87
CA ILE J 38 -43.31 34.37 -13.20
C ILE J 38 -43.78 35.61 -13.92
N LEU J 39 -43.57 35.65 -15.23
CA LEU J 39 -43.99 36.77 -16.06
C LEU J 39 -45.08 36.29 -17.00
N ASP J 40 -46.27 36.88 -16.88
CA ASP J 40 -47.39 36.55 -17.74
C ASP J 40 -48.34 37.73 -17.69
N VAL J 41 -49.21 37.83 -18.68
CA VAL J 41 -50.13 38.96 -18.75
C VAL J 41 -51.32 38.72 -17.83
N ASP J 42 -51.73 37.46 -17.69
CA ASP J 42 -52.92 37.14 -16.91
C ASP J 42 -52.63 37.15 -15.42
N LEU J 43 -53.45 37.89 -14.67
CA LEU J 43 -53.24 38.03 -13.23
C LEU J 43 -53.58 36.74 -12.49
N GLU J 44 -54.61 36.04 -12.94
CA GLU J 44 -55.00 34.76 -12.35
C GLU J 44 -53.90 33.71 -12.51
N THR J 45 -53.15 33.77 -13.60
CA THR J 45 -52.07 32.81 -13.81
C THR J 45 -50.88 33.10 -12.91
N VAL J 46 -50.55 34.38 -12.74
CA VAL J 46 -49.34 34.77 -12.03
C VAL J 46 -49.49 34.55 -10.52
N ILE J 47 -50.63 34.96 -9.96
CA ILE J 47 -50.83 34.84 -8.52
C ILE J 47 -51.00 33.40 -8.11
N ARG J 48 -51.43 32.53 -9.02
CA ARG J 48 -51.59 31.13 -8.72
C ARG J 48 -50.25 30.41 -8.81
N ALA J 49 -49.31 30.98 -9.56
CA ALA J 49 -47.98 30.41 -9.66
C ALA J 49 -47.01 30.99 -8.64
N LYS J 50 -47.29 32.16 -8.07
CA LYS J 50 -46.45 32.66 -6.98
C LYS J 50 -46.68 31.88 -5.70
N ALA J 51 -47.87 31.31 -5.53
CA ALA J 51 -48.17 30.61 -4.28
C ALA J 51 -47.44 29.28 -4.20
N ILE J 52 -47.25 28.61 -5.33
CA ILE J 52 -46.38 27.43 -5.34
C ILE J 52 -44.93 27.83 -5.14
N ALA J 53 -44.50 28.90 -5.81
CA ALA J 53 -43.11 29.33 -5.72
C ALA J 53 -42.77 29.89 -4.36
N ALA J 54 -43.74 30.45 -3.64
CA ALA J 54 -43.45 30.95 -2.31
C ALA J 54 -43.63 29.90 -1.24
N TYR J 55 -44.48 28.89 -1.45
CA TYR J 55 -44.57 27.83 -0.46
C TYR J 55 -43.32 26.97 -0.47
N ARG J 56 -42.68 26.82 -1.64
CA ARG J 56 -41.44 26.08 -1.70
C ARG J 56 -40.31 26.78 -0.95
N ALA J 57 -40.40 28.10 -0.83
CA ALA J 57 -39.33 28.83 -0.19
C ALA J 57 -39.47 28.83 1.32
N VAL J 58 -40.68 28.99 1.86
CA VAL J 58 -40.85 29.19 3.28
C VAL J 58 -41.46 27.98 4.00
N ARG J 59 -42.23 27.14 3.30
CA ARG J 59 -42.81 25.89 3.81
C ARG J 59 -43.72 26.10 5.01
N VAL J 60 -44.32 27.28 5.11
CA VAL J 60 -45.35 27.59 6.10
C VAL J 60 -46.56 28.04 5.32
N PRO J 61 -47.76 28.08 5.92
CA PRO J 61 -48.92 28.64 5.22
C PRO J 61 -48.72 30.09 4.83
N VAL J 62 -48.66 30.33 3.53
CA VAL J 62 -48.15 31.59 2.99
C VAL J 62 -49.29 32.34 2.31
N ILE J 63 -49.16 33.67 2.26
CA ILE J 63 -50.07 34.54 1.52
C ILE J 63 -49.22 35.38 0.58
N VAL J 64 -49.55 35.38 -0.71
CA VAL J 64 -48.82 36.18 -1.69
C VAL J 64 -49.76 37.21 -2.29
N GLU J 65 -49.17 38.07 -3.12
CA GLU J 65 -49.87 39.24 -3.64
C GLU J 65 -49.28 39.61 -4.98
N HIS J 66 -50.14 40.05 -5.90
CA HIS J 66 -49.66 40.58 -7.15
C HIS J 66 -50.68 41.57 -7.67
N GLY J 67 -50.20 42.54 -8.45
CA GLY J 67 -51.05 43.60 -8.97
C GLY J 67 -51.09 43.58 -10.49
N ALA J 68 -52.03 44.33 -11.04
CA ALA J 68 -52.14 44.43 -12.48
C ALA J 68 -52.65 45.81 -12.87
N LEU J 69 -52.27 46.24 -14.05
CA LEU J 69 -52.79 47.48 -14.62
C LEU J 69 -53.08 47.18 -16.09
N CYS J 70 -54.37 47.07 -16.43
CA CYS J 70 -54.76 46.73 -17.81
C CYS J 70 -55.22 47.98 -18.55
N ILE J 71 -54.48 48.38 -19.59
CA ILE J 71 -54.83 49.61 -20.37
C ILE J 71 -55.54 49.17 -21.66
N ASP J 72 -56.68 49.80 -21.97
CA ASP J 72 -57.45 49.45 -23.18
C ASP J 72 -56.61 49.78 -24.42
N ALA J 73 -55.92 50.91 -24.40
CA ALA J 73 -55.09 51.34 -25.56
C ALA J 73 -54.03 50.27 -25.83
N LEU J 74 -53.45 49.69 -24.78
CA LEU J 74 -52.38 48.66 -24.95
C LEU J 74 -53.01 47.27 -24.95
N ASN J 75 -54.35 47.20 -25.06
CA ASN J 75 -55.04 45.89 -25.12
C ASN J 75 -54.71 45.04 -23.88
N GLY J 76 -54.98 45.57 -22.68
CA GLY J 76 -54.77 44.79 -21.45
C GLY J 76 -53.31 44.75 -21.01
N LEU J 77 -52.52 45.72 -21.44
CA LEU J 77 -51.09 45.81 -21.00
C LEU J 77 -50.93 47.02 -20.09
N PRO J 78 -49.98 47.05 -19.13
CA PRO J 78 -49.07 45.91 -18.87
C PRO J 78 -49.71 44.61 -18.37
N GLY J 79 -50.92 44.70 -17.80
CA GLY J 79 -51.53 43.49 -17.21
C GLY J 79 -50.75 43.07 -15.97
N ALA J 80 -50.43 41.78 -15.84
CA ALA J 80 -49.71 41.29 -14.65
C ALA J 80 -48.20 41.44 -14.87
N LEU J 81 -47.79 42.01 -16.00
CA LEU J 81 -46.34 42.26 -16.24
C LEU J 81 -45.97 43.60 -15.59
N VAL J 82 -46.01 43.68 -14.26
CA VAL J 82 -45.74 44.95 -13.61
C VAL J 82 -44.26 45.18 -13.41
N LYS J 83 -43.45 44.13 -13.41
CA LYS J 83 -42.02 44.34 -13.23
C LYS J 83 -41.32 44.82 -14.50
N PRO J 84 -41.48 44.23 -15.69
CA PRO J 84 -40.69 44.73 -16.83
C PRO J 84 -41.14 46.07 -17.36
N PHE J 85 -42.34 46.54 -17.07
CA PHE J 85 -42.70 47.88 -17.52
C PHE J 85 -42.20 48.93 -16.54
N TRP J 86 -42.23 48.61 -15.24
CA TRP J 86 -41.76 49.55 -14.23
C TRP J 86 -40.26 49.74 -14.30
N GLU J 87 -39.52 48.72 -14.72
CA GLU J 87 -38.10 48.88 -14.94
C GLU J 87 -37.76 49.58 -16.25
N SER J 88 -38.76 49.94 -17.05
CA SER J 88 -38.55 50.66 -18.31
C SER J 88 -39.34 51.94 -18.42
N LEU J 89 -40.59 51.96 -17.99
CA LEU J 89 -41.43 53.16 -18.02
C LEU J 89 -41.93 53.39 -16.60
N ASP J 90 -41.28 54.28 -15.85
CA ASP J 90 -41.68 54.54 -14.48
C ASP J 90 -43.06 55.17 -14.41
N THR J 91 -43.15 56.42 -14.83
CA THR J 91 -44.42 57.12 -14.97
C THR J 91 -44.51 57.78 -16.33
N ARG J 92 -43.56 57.50 -17.22
CA ARG J 92 -43.64 57.90 -18.61
C ARG J 92 -44.63 57.05 -19.39
N LEU J 93 -45.19 56.02 -18.76
CA LEU J 93 -46.26 55.23 -19.34
C LEU J 93 -47.53 56.04 -19.54
N CYS J 94 -47.68 57.18 -18.88
CA CYS J 94 -48.79 58.06 -19.21
C CYS J 94 -48.56 58.83 -20.50
N GLU J 95 -47.37 58.75 -21.09
CA GLU J 95 -47.06 59.43 -22.34
C GLU J 95 -47.20 58.50 -23.55
N VAL J 96 -46.84 57.23 -23.39
CA VAL J 96 -46.75 56.33 -24.54
C VAL J 96 -48.10 55.82 -25.02
N ILE J 97 -49.19 56.18 -24.36
CA ILE J 97 -50.50 55.71 -24.78
C ILE J 97 -51.20 56.93 -25.36
N PRO J 98 -52.08 56.77 -26.34
CA PRO J 98 -52.70 57.94 -26.99
C PRO J 98 -53.61 58.71 -26.06
N ALA J 99 -53.76 60.00 -26.35
CA ALA J 99 -54.48 60.92 -25.47
C ALA J 99 -55.98 60.92 -25.67
N GLY J 100 -56.50 60.14 -26.63
CA GLY J 100 -57.93 60.09 -26.85
C GLY J 100 -58.63 59.15 -25.91
N GLN J 101 -58.10 57.93 -25.76
CA GLN J 101 -58.70 56.90 -24.94
C GLN J 101 -57.80 56.63 -23.75
N ARG J 102 -58.29 56.91 -22.55
CA ARG J 102 -57.48 56.87 -21.35
C ARG J 102 -57.89 55.78 -20.37
N THR J 103 -58.96 55.04 -20.65
CA THR J 103 -59.56 54.16 -19.66
C THR J 103 -58.71 52.93 -19.40
N ALA J 104 -58.78 52.45 -18.15
CA ALA J 104 -57.96 51.33 -17.69
C ALA J 104 -58.58 50.75 -16.43
N ARG J 105 -58.08 49.59 -16.02
CA ARG J 105 -58.48 48.99 -14.76
C ARG J 105 -57.25 48.62 -13.94
N ALA J 106 -57.26 48.99 -12.67
CA ALA J 106 -56.26 48.52 -11.72
C ALA J 106 -56.80 47.28 -11.05
N ARG J 107 -56.00 46.22 -11.02
CA ARG J 107 -56.44 44.94 -10.51
C ARG J 107 -55.42 44.41 -9.52
N GLY J 108 -55.89 43.67 -8.52
CA GLY J 108 -55.02 43.07 -7.55
C GLY J 108 -55.50 41.67 -7.22
N ALA J 109 -54.58 40.88 -6.68
CA ALA J 109 -54.91 39.49 -6.37
C ALA J 109 -54.10 39.01 -5.18
N LEU J 110 -54.79 38.35 -4.26
CA LEU J 110 -54.17 37.62 -3.16
C LEU J 110 -54.36 36.13 -3.40
N CYS J 111 -53.42 35.34 -2.90
CA CYS J 111 -53.56 33.89 -2.93
C CYS J 111 -52.91 33.33 -1.69
N TYR J 112 -53.68 32.60 -0.89
CA TYR J 112 -53.14 31.96 0.30
C TYR J 112 -53.13 30.45 0.10
N CYS J 113 -52.04 29.82 0.54
CA CYS J 113 -51.79 28.41 0.29
C CYS J 113 -51.29 27.77 1.58
N ASP J 114 -52.06 26.84 2.12
CA ASP J 114 -51.62 26.13 3.32
C ASP J 114 -50.82 24.88 3.00
N GLY J 115 -50.62 24.58 1.73
CA GLY J 115 -49.94 23.37 1.30
C GLY J 115 -50.85 22.39 0.61
N ARG J 116 -52.13 22.37 0.94
CA ARG J 116 -53.07 21.47 0.29
C ARG J 116 -53.86 22.12 -0.82
N GLU J 117 -54.20 23.39 -0.70
CA GLU J 117 -55.04 24.02 -1.70
C GLU J 117 -54.80 25.52 -1.70
N ARG J 118 -54.98 26.12 -2.86
CA ARG J 118 -54.81 27.55 -3.08
C ARG J 118 -56.17 28.21 -3.21
N HIS J 119 -56.28 29.42 -2.66
CA HIS J 119 -57.51 30.19 -2.80
C HIS J 119 -57.17 31.60 -3.25
N VAL J 120 -57.77 32.02 -4.35
CA VAL J 120 -57.44 33.29 -5.02
C VAL J 120 -58.56 34.28 -4.77
N LEU J 121 -58.20 35.48 -4.33
CA LEU J 121 -59.13 36.59 -4.16
C LEU J 121 -58.73 37.68 -5.13
N ILE J 122 -59.69 38.20 -5.91
CA ILE J 122 -59.40 39.21 -6.91
C ILE J 122 -60.38 40.37 -6.76
N GLU J 123 -59.85 41.58 -6.57
CA GLU J 123 -60.63 42.80 -6.69
C GLU J 123 -60.14 43.59 -7.89
N GLU J 124 -60.86 44.66 -8.18
CA GLU J 124 -60.68 45.41 -9.41
C GLU J 124 -61.27 46.79 -9.25
N THR J 125 -60.58 47.80 -9.76
CA THR J 125 -61.08 49.17 -9.77
C THR J 125 -61.00 49.71 -11.18
N GLU J 126 -62.11 50.19 -11.70
CA GLU J 126 -62.13 50.78 -13.02
C GLU J 126 -61.81 52.26 -12.92
N GLY J 127 -60.88 52.72 -13.74
CA GLY J 127 -60.44 54.10 -13.70
C GLY J 127 -59.99 54.56 -15.05
N GLU J 128 -59.11 55.56 -15.05
CA GLU J 128 -58.56 56.09 -16.27
C GLU J 128 -57.24 56.78 -15.96
N ILE J 129 -56.29 56.62 -16.85
CA ILE J 129 -54.91 57.02 -16.62
C ILE J 129 -54.81 58.53 -16.67
N ALA J 130 -53.93 59.09 -15.86
CA ALA J 130 -53.83 60.53 -15.73
C ALA J 130 -52.90 61.08 -16.81
N PRO J 131 -53.07 62.34 -17.20
CA PRO J 131 -52.18 62.91 -18.23
C PRO J 131 -50.75 63.11 -17.77
N SER J 132 -50.52 63.38 -16.48
CA SER J 132 -49.15 63.51 -16.00
C SER J 132 -49.08 62.91 -14.60
N ALA J 133 -47.85 62.53 -14.21
CA ALA J 133 -47.62 61.93 -12.91
C ALA J 133 -47.83 62.96 -11.80
N ARG J 134 -48.75 62.66 -10.90
CA ARG J 134 -49.13 63.59 -9.84
C ARG J 134 -49.21 62.85 -8.52
N GLY J 135 -48.38 63.22 -7.58
CA GLY J 135 -48.43 62.65 -6.25
C GLY J 135 -47.17 61.86 -5.91
N THR J 136 -47.02 61.59 -4.61
CA THR J 136 -45.88 60.85 -4.10
C THR J 136 -46.24 59.63 -3.27
N GLY J 137 -47.43 59.61 -2.66
CA GLY J 137 -47.73 58.57 -1.69
C GLY J 137 -48.32 57.31 -2.25
N GLY J 138 -47.52 56.49 -2.91
CA GLY J 138 -48.03 55.23 -3.41
C GLY J 138 -46.91 54.35 -3.92
N PHE J 139 -47.28 53.39 -4.74
CA PHE J 139 -46.31 52.49 -5.33
C PHE J 139 -46.76 52.05 -6.71
N HIS J 140 -45.79 52.07 -7.62
CA HIS J 140 -45.71 51.54 -8.97
C HIS J 140 -46.49 52.23 -10.07
N TRP J 141 -47.74 52.70 -9.85
CA TRP J 141 -48.45 53.53 -10.81
C TRP J 141 -49.46 54.43 -10.13
N ASP J 142 -49.42 54.48 -8.81
CA ASP J 142 -50.32 55.33 -8.05
C ASP J 142 -50.29 56.83 -8.36
N PRO J 143 -49.24 57.45 -8.92
CA PRO J 143 -49.42 58.82 -9.38
C PRO J 143 -50.17 58.99 -10.69
N ILE J 144 -50.31 57.96 -11.52
CA ILE J 144 -50.91 58.17 -12.83
C ILE J 144 -52.25 57.49 -12.99
N PHE J 145 -52.85 56.98 -11.92
CA PHE J 145 -54.12 56.30 -12.00
C PHE J 145 -55.17 57.06 -11.22
N ILE J 146 -56.25 57.44 -11.89
CA ILE J 146 -57.38 58.12 -11.26
C ILE J 146 -58.57 57.17 -11.31
N PRO J 147 -59.19 56.84 -10.19
CA PRO J 147 -60.39 55.98 -10.23
C PRO J 147 -61.58 56.71 -10.84
N LYS J 148 -62.59 55.93 -11.19
CA LYS J 148 -63.80 56.50 -11.74
C LYS J 148 -64.57 57.18 -10.62
N GLY J 149 -64.98 58.43 -10.87
CA GLY J 149 -65.69 59.24 -9.91
C GLY J 149 -64.90 60.37 -9.33
N GLN J 150 -63.60 60.19 -9.10
CA GLN J 150 -62.77 61.22 -8.52
C GLN J 150 -62.05 61.99 -9.61
N THR J 151 -61.43 63.08 -9.20
CA THR J 151 -60.53 63.86 -10.03
C THR J 151 -59.09 63.71 -9.57
N ARG J 152 -58.84 62.82 -8.62
CA ARG J 152 -57.62 62.80 -7.85
C ARG J 152 -56.97 61.42 -7.96
N THR J 153 -55.65 61.39 -8.11
CA THR J 153 -54.94 60.13 -8.33
C THR J 153 -54.84 59.34 -7.03
N PHE J 154 -54.21 58.16 -7.08
CA PHE J 154 -53.99 57.43 -5.83
C PHE J 154 -52.90 58.09 -5.01
N ALA J 155 -51.79 58.50 -5.65
CA ALA J 155 -50.69 59.05 -4.87
C ALA J 155 -50.98 60.45 -4.36
N GLU J 156 -51.99 61.13 -4.89
CA GLU J 156 -52.43 62.37 -4.30
C GLU J 156 -53.33 62.15 -3.09
N MET J 157 -53.83 60.95 -2.87
CA MET J 157 -54.68 60.66 -1.73
C MET J 157 -53.82 60.32 -0.52
N SER J 158 -54.48 60.26 0.64
CA SER J 158 -53.84 59.79 1.86
C SER J 158 -53.86 58.27 1.88
N LEU J 159 -53.36 57.66 2.94
CA LEU J 159 -53.37 56.21 3.00
C LEU J 159 -54.75 55.67 3.29
N ASP J 160 -55.54 56.37 4.10
CA ASP J 160 -56.90 55.94 4.35
C ASP J 160 -57.80 56.18 3.16
N GLU J 161 -57.52 57.21 2.36
CA GLU J 161 -58.35 57.45 1.19
C GLU J 161 -58.05 56.46 0.09
N LYS J 162 -56.77 56.05 -0.06
CA LYS J 162 -56.43 55.15 -1.14
C LYS J 162 -57.01 53.75 -0.89
N LEU J 163 -56.94 53.28 0.34
CA LEU J 163 -57.41 51.93 0.66
C LEU J 163 -58.92 51.81 0.65
N SER J 164 -59.66 52.91 0.55
CA SER J 164 -61.08 52.85 0.26
C SER J 164 -61.38 52.89 -1.23
N PHE J 165 -60.34 52.99 -2.08
CA PHE J 165 -60.55 52.93 -3.51
C PHE J 165 -59.68 51.88 -4.18
N SER J 166 -58.51 51.61 -3.62
CA SER J 166 -57.57 50.72 -4.30
C SER J 166 -58.06 49.28 -4.22
N PRO J 167 -57.67 48.45 -5.19
CA PRO J 167 -58.05 47.03 -5.13
C PRO J 167 -57.47 46.31 -3.95
N LEU J 168 -56.31 46.74 -3.48
CA LEU J 168 -55.62 46.07 -2.39
C LEU J 168 -56.25 46.41 -1.05
N GLY J 169 -57.16 47.37 -1.00
CA GLY J 169 -57.88 47.71 0.21
C GLY J 169 -59.08 46.83 0.43
N ARG J 170 -59.81 46.50 -0.64
CA ARG J 170 -60.94 45.60 -0.49
C ARG J 170 -60.49 44.15 -0.31
N LEU J 171 -59.30 43.82 -0.80
CA LEU J 171 -58.78 42.47 -0.63
C LEU J 171 -58.39 42.20 0.81
N HIS J 172 -57.80 43.18 1.49
CA HIS J 172 -57.35 42.98 2.85
C HIS J 172 -58.50 42.91 3.84
N THR J 173 -59.65 43.46 3.50
CA THR J 173 -60.83 43.26 4.33
C THR J 173 -61.43 41.88 4.11
N ARG J 174 -61.40 41.39 2.86
CA ARG J 174 -61.83 40.02 2.58
C ARG J 174 -60.87 39.00 3.17
N LEU J 175 -59.58 39.32 3.23
CA LEU J 175 -58.61 38.40 3.79
C LEU J 175 -58.77 38.29 5.30
N ARG J 176 -59.22 39.36 5.96
CA ARG J 176 -59.46 39.30 7.38
C ARG J 176 -60.59 38.36 7.73
N THR J 177 -61.69 38.43 7.00
CA THR J 177 -62.86 37.65 7.38
C THR J 177 -62.77 36.20 6.94
N GLU J 178 -62.01 35.89 5.89
CA GLU J 178 -61.91 34.49 5.49
C GLU J 178 -60.92 33.73 6.34
N LEU J 179 -59.77 34.33 6.62
CA LEU J 179 -58.79 33.64 7.45
C LEU J 179 -59.01 33.88 8.93
N GLY J 180 -59.95 34.72 9.31
CA GLY J 180 -60.21 34.97 10.71
C GLY J 180 -59.10 35.74 11.40
N LEU J 181 -58.45 36.64 10.69
CA LEU J 181 -57.31 37.37 11.22
C LEU J 181 -57.79 38.42 12.22
N ALA K 2 -28.33 -53.68 5.00
CA ALA K 2 -27.35 -52.95 5.78
C ALA K 2 -27.44 -53.35 7.25
N PRO K 3 -26.30 -53.44 7.92
CA PRO K 3 -26.30 -53.82 9.33
C PRO K 3 -26.90 -52.78 10.24
N THR K 4 -27.17 -53.16 11.48
CA THR K 4 -27.56 -52.21 12.51
C THR K 4 -26.53 -52.10 13.62
N TRP K 5 -25.92 -53.22 14.01
CA TRP K 5 -24.89 -53.23 15.03
C TRP K 5 -23.56 -53.58 14.40
N PHE K 6 -22.50 -52.94 14.89
CA PHE K 6 -21.16 -53.11 14.34
C PHE K 6 -20.22 -53.58 15.43
N TYR K 7 -19.54 -54.68 15.18
CA TYR K 7 -18.63 -55.28 16.15
C TYR K 7 -17.24 -54.75 15.85
N ASN K 8 -16.64 -54.07 16.82
CA ASN K 8 -15.33 -53.49 16.63
C ASN K 8 -14.29 -54.35 17.32
N THR K 9 -13.33 -54.85 16.56
CA THR K 9 -12.25 -55.64 17.12
C THR K 9 -10.98 -55.39 16.35
N THR K 10 -9.85 -55.65 16.99
CA THR K 10 -8.55 -55.54 16.34
C THR K 10 -7.79 -56.84 16.25
N ASN K 11 -8.10 -57.81 17.10
CA ASN K 11 -7.44 -59.10 17.04
C ASN K 11 -7.99 -59.91 15.87
N SER K 12 -7.11 -60.53 15.11
CA SER K 12 -7.53 -61.25 13.92
C SER K 12 -8.11 -62.62 14.22
N GLU K 13 -7.88 -63.15 15.42
CA GLU K 13 -8.41 -64.46 15.75
C GLU K 13 -9.71 -64.37 16.53
N LYS K 14 -9.90 -63.29 17.28
CA LYS K 14 -11.20 -63.01 17.87
C LYS K 14 -12.26 -62.78 16.80
N LEU K 15 -11.87 -62.23 15.65
CA LEU K 15 -12.82 -62.02 14.57
C LEU K 15 -13.21 -63.33 13.90
N ARG K 16 -12.27 -64.27 13.79
CA ARG K 16 -12.57 -65.52 13.11
C ARG K 16 -13.45 -66.42 13.96
N GLU K 17 -13.38 -66.30 15.28
CA GLU K 17 -14.25 -67.08 16.14
C GLU K 17 -15.65 -66.50 16.20
N LEU K 18 -15.76 -65.18 16.12
CA LEU K 18 -17.06 -64.52 16.10
C LEU K 18 -17.84 -64.88 14.85
N GLN K 19 -17.19 -64.78 13.69
CA GLN K 19 -17.83 -65.08 12.42
C GLN K 19 -18.11 -66.57 12.25
N HIS K 20 -17.54 -67.43 13.08
CA HIS K 20 -17.98 -68.82 13.07
C HIS K 20 -19.34 -68.97 13.71
N VAL K 21 -19.71 -68.07 14.62
CA VAL K 21 -20.94 -68.17 15.39
C VAL K 21 -22.00 -67.21 14.86
N LEU K 22 -21.64 -65.93 14.73
CA LEU K 22 -22.57 -64.90 14.29
C LEU K 22 -22.25 -64.40 12.90
N GLY K 23 -21.64 -65.23 12.05
CA GLY K 23 -21.30 -64.79 10.72
C GLY K 23 -22.48 -64.75 9.78
N GLY K 24 -23.47 -65.60 10.01
CA GLY K 24 -24.61 -65.63 9.12
C GLY K 24 -25.63 -64.54 9.34
N SER K 25 -25.49 -63.76 10.41
CA SER K 25 -26.48 -62.74 10.72
C SER K 25 -26.33 -61.55 9.80
N ALA K 26 -27.42 -61.16 9.14
CA ALA K 26 -27.39 -60.10 8.17
C ALA K 26 -27.31 -58.71 8.78
N LYS K 27 -27.51 -58.60 10.09
CA LYS K 27 -27.59 -57.29 10.72
C LYS K 27 -26.45 -57.06 11.69
N LEU K 28 -25.31 -57.71 11.47
CA LEU K 28 -24.10 -57.47 12.24
C LEU K 28 -22.98 -57.11 11.27
N GLY K 29 -22.44 -55.91 11.39
CA GLY K 29 -21.29 -55.52 10.61
C GLY K 29 -20.02 -55.64 11.40
N TYR K 30 -18.90 -55.40 10.74
CA TYR K 30 -17.60 -55.63 11.35
C TYR K 30 -16.69 -54.45 11.07
N LEU K 31 -16.13 -53.87 12.11
CA LEU K 31 -15.24 -52.73 11.99
C LEU K 31 -13.93 -53.03 12.70
N THR K 32 -12.85 -52.39 12.25
CA THR K 32 -11.53 -52.59 12.82
C THR K 32 -10.91 -51.26 13.20
N ALA K 33 -11.67 -50.39 13.82
CA ALA K 33 -11.15 -49.10 14.24
C ALA K 33 -10.24 -49.26 15.44
N LYS K 34 -9.09 -48.60 15.41
CA LYS K 34 -8.13 -48.67 16.50
C LYS K 34 -8.51 -47.65 17.55
N VAL K 35 -8.81 -48.13 18.76
CA VAL K 35 -9.15 -47.25 19.87
C VAL K 35 -8.12 -47.45 20.97
N THR K 36 -7.94 -46.40 21.77
CA THR K 36 -6.92 -46.42 22.81
C THR K 36 -7.43 -47.25 23.99
N GLU K 37 -6.70 -48.32 24.31
CA GLU K 37 -7.14 -49.24 25.35
C GLU K 37 -6.88 -48.65 26.72
N ILE K 38 -7.91 -48.62 27.55
CA ILE K 38 -7.74 -48.31 28.97
C ILE K 38 -7.11 -49.53 29.65
N LEU K 39 -6.26 -49.27 30.62
CA LEU K 39 -5.59 -50.32 31.38
C LEU K 39 -6.08 -50.27 32.81
N ASP K 40 -6.72 -51.35 33.26
CA ASP K 40 -7.22 -51.47 34.62
C ASP K 40 -7.36 -52.95 34.90
N VAL K 41 -7.40 -53.30 36.19
CA VAL K 41 -7.50 -54.71 36.55
C VAL K 41 -8.94 -55.19 36.46
N ASP K 42 -9.89 -54.30 36.73
CA ASP K 42 -11.30 -54.68 36.76
C ASP K 42 -11.87 -54.78 35.34
N LEU K 43 -12.51 -55.92 35.04
CA LEU K 43 -13.05 -56.14 33.71
C LEU K 43 -14.28 -55.28 33.46
N GLU K 44 -15.11 -55.09 34.49
CA GLU K 44 -16.28 -54.24 34.37
C GLU K 44 -15.92 -52.79 34.08
N THR K 45 -14.78 -52.33 34.58
CA THR K 45 -14.36 -50.96 34.33
C THR K 45 -13.84 -50.78 32.90
N VAL K 46 -13.11 -51.78 32.41
CA VAL K 46 -12.44 -51.65 31.12
C VAL K 46 -13.45 -51.75 29.97
N ILE K 47 -14.36 -52.72 30.04
CA ILE K 47 -15.31 -52.92 28.96
C ILE K 47 -16.33 -51.79 28.90
N ARG K 48 -16.56 -51.11 30.03
CA ARG K 48 -17.48 -50.01 30.06
C ARG K 48 -16.83 -48.74 29.54
N ALA K 49 -15.50 -48.68 29.57
CA ALA K 49 -14.76 -47.57 29.04
C ALA K 49 -14.34 -47.75 27.59
N LYS K 50 -14.30 -49.00 27.10
CA LYS K 50 -14.05 -49.20 25.68
C LYS K 50 -15.24 -48.81 24.84
N ALA K 51 -16.45 -48.89 25.40
CA ALA K 51 -17.64 -48.61 24.62
C ALA K 51 -17.79 -47.11 24.36
N ILE K 52 -17.36 -46.26 25.29
CA ILE K 52 -17.29 -44.84 25.01
C ILE K 52 -16.19 -44.55 24.01
N ALA K 53 -15.03 -45.17 24.19
CA ALA K 53 -13.89 -44.91 23.32
C ALA K 53 -14.10 -45.45 21.92
N ALA K 54 -14.91 -46.49 21.76
CA ALA K 54 -15.18 -46.98 20.42
C ALA K 54 -16.36 -46.30 19.77
N TYR K 55 -17.32 -45.79 20.53
CA TYR K 55 -18.41 -45.05 19.92
C TYR K 55 -17.92 -43.72 19.39
N ARG K 56 -16.92 -43.12 20.04
CA ARG K 56 -16.35 -41.88 19.55
C ARG K 56 -15.62 -42.08 18.23
N ALA K 57 -15.11 -43.28 17.97
CA ALA K 57 -14.36 -43.52 16.76
C ALA K 57 -15.26 -43.80 15.57
N VAL K 58 -16.32 -44.58 15.75
CA VAL K 58 -17.11 -45.05 14.62
C VAL K 58 -18.47 -44.38 14.52
N ARG K 59 -19.05 -43.90 15.63
CA ARG K 59 -20.32 -43.16 15.69
C ARG K 59 -21.50 -43.94 15.13
N VAL K 60 -21.43 -45.26 15.19
CA VAL K 60 -22.53 -46.15 14.87
C VAL K 60 -22.76 -47.00 16.10
N PRO K 61 -23.92 -47.68 16.22
CA PRO K 61 -24.11 -48.61 17.34
C PRO K 61 -23.09 -49.73 17.35
N VAL K 62 -22.24 -49.72 18.38
CA VAL K 62 -21.02 -50.50 18.37
C VAL K 62 -21.11 -51.59 19.44
N ILE K 63 -20.38 -52.68 19.22
CA ILE K 63 -20.22 -53.76 20.20
C ILE K 63 -18.72 -53.95 20.41
N VAL K 64 -18.28 -53.93 21.67
CA VAL K 64 -16.88 -54.14 21.99
C VAL K 64 -16.73 -55.39 22.83
N GLU K 65 -15.48 -55.74 23.10
CA GLU K 65 -15.16 -57.02 23.74
C GLU K 65 -13.85 -56.87 24.50
N HIS K 66 -13.77 -57.52 25.65
CA HIS K 66 -12.52 -57.58 26.38
C HIS K 66 -12.51 -58.85 27.20
N GLY K 67 -11.31 -59.36 27.47
CA GLY K 67 -11.14 -60.60 28.20
C GLY K 67 -10.39 -60.37 29.49
N ALA K 68 -10.40 -61.40 30.33
CA ALA K 68 -9.68 -61.33 31.59
C ALA K 68 -9.20 -62.70 31.98
N LEU K 69 -8.08 -62.74 32.72
CA LEU K 69 -7.58 -64.03 33.27
C LEU K 69 -7.18 -63.74 34.71
N CYS K 70 -7.95 -64.24 35.67
CA CYS K 70 -7.67 -63.93 37.10
C CYS K 70 -7.06 -65.15 37.78
N ILE K 71 -5.81 -65.05 38.23
CA ILE K 71 -5.11 -66.20 38.89
C ILE K 71 -5.07 -65.96 40.40
N ASP K 72 -5.47 -66.97 41.18
CA ASP K 72 -5.48 -66.84 42.66
C ASP K 72 -4.05 -66.62 43.15
N ALA K 73 -3.08 -67.31 42.55
CA ALA K 73 -1.66 -67.18 42.96
C ALA K 73 -1.20 -65.73 42.79
N LEU K 74 -1.69 -65.05 41.75
CA LEU K 74 -1.28 -63.64 41.48
C LEU K 74 -2.31 -62.69 42.09
N ASN K 75 -3.23 -63.22 42.90
CA ASN K 75 -4.25 -62.39 43.59
C ASN K 75 -5.06 -61.59 42.55
N GLY K 76 -5.56 -62.26 41.51
CA GLY K 76 -6.43 -61.58 40.52
C GLY K 76 -5.70 -61.19 39.24
N LEU K 77 -4.38 -61.06 39.30
CA LEU K 77 -3.59 -60.76 38.08
C LEU K 77 -3.54 -62.01 37.21
N PRO K 78 -3.40 -61.93 35.86
CA PRO K 78 -3.33 -60.65 35.12
C PRO K 78 -4.54 -59.72 35.27
N GLY K 79 -5.76 -60.26 35.37
CA GLY K 79 -6.96 -59.41 35.41
C GLY K 79 -7.32 -58.94 34.01
N ALA K 80 -7.82 -57.71 33.89
CA ALA K 80 -8.14 -57.17 32.54
C ALA K 80 -6.87 -56.63 31.90
N LEU K 81 -5.75 -56.57 32.66
CA LEU K 81 -4.46 -56.14 32.07
C LEU K 81 -3.93 -57.29 31.21
N VAL K 82 -4.72 -57.72 30.22
CA VAL K 82 -4.31 -58.86 29.33
C VAL K 82 -3.28 -58.36 28.32
N LYS K 83 -3.23 -57.04 28.10
CA LYS K 83 -2.30 -56.48 27.08
C LYS K 83 -0.87 -56.48 27.62
N PRO K 84 -0.51 -55.71 28.68
CA PRO K 84 0.88 -55.62 29.14
C PRO K 84 1.48 -56.92 29.63
N PHE K 85 0.67 -57.93 29.95
CA PHE K 85 1.30 -59.19 30.32
C PHE K 85 1.62 -60.02 29.09
N TRP K 86 0.77 -59.95 28.07
CA TRP K 86 1.01 -60.69 26.85
C TRP K 86 2.20 -60.14 26.08
N GLU K 87 2.46 -58.85 26.18
CA GLU K 87 3.67 -58.29 25.59
C GLU K 87 4.92 -58.57 26.41
N SER K 88 4.81 -59.23 27.56
CA SER K 88 5.94 -59.57 28.39
C SER K 88 6.05 -61.05 28.71
N LEU K 89 4.94 -61.71 29.02
CA LEU K 89 4.92 -63.14 29.32
C LEU K 89 3.92 -63.78 28.36
N ASP K 90 4.41 -64.36 27.27
CA ASP K 90 3.52 -64.96 26.29
C ASP K 90 2.80 -66.18 26.87
N THR K 91 3.54 -67.25 27.09
CA THR K 91 3.04 -68.42 27.78
C THR K 91 4.01 -68.85 28.86
N ARG K 92 5.02 -68.04 29.15
CA ARG K 92 5.89 -68.22 30.30
C ARG K 92 5.20 -67.83 31.60
N LEU K 93 3.98 -67.29 31.52
CA LEU K 93 3.16 -67.01 32.67
C LEU K 93 2.74 -68.27 33.40
N CYS K 94 2.82 -69.44 32.77
CA CYS K 94 2.62 -70.67 33.50
C CYS K 94 3.82 -71.05 34.35
N GLU K 95 4.94 -70.35 34.22
CA GLU K 95 6.12 -70.61 35.01
C GLU K 95 6.23 -69.69 36.23
N VAL K 96 5.81 -68.43 36.09
CA VAL K 96 6.07 -67.44 37.13
C VAL K 96 5.13 -67.56 38.32
N ILE K 97 4.16 -68.47 38.28
CA ILE K 97 3.25 -68.62 39.40
C ILE K 97 3.63 -69.93 40.08
N PRO K 98 3.45 -70.05 41.40
CA PRO K 98 3.89 -71.27 42.09
C PRO K 98 3.11 -72.51 41.68
N ALA K 99 3.76 -73.66 41.83
CA ALA K 99 3.22 -74.91 41.33
C ALA K 99 2.27 -75.60 42.30
N GLY K 100 2.04 -75.02 43.47
CA GLY K 100 1.11 -75.60 44.42
C GLY K 100 -0.32 -75.25 44.15
N GLN K 101 -0.59 -73.97 43.92
CA GLN K 101 -1.93 -73.46 43.69
C GLN K 101 -2.05 -72.98 42.27
N ARG K 102 -2.90 -73.62 41.48
CA ARG K 102 -2.97 -73.38 40.04
C ARG K 102 -4.28 -72.77 39.61
N THR K 103 -5.25 -72.58 40.51
CA THR K 103 -6.61 -72.23 40.12
C THR K 103 -6.73 -70.79 39.63
N ALA K 104 -7.65 -70.59 38.69
CA ALA K 104 -7.84 -69.31 38.04
C ALA K 104 -9.21 -69.27 37.39
N ARG K 105 -9.61 -68.09 36.94
CA ARG K 105 -10.84 -67.93 36.19
C ARG K 105 -10.57 -67.16 34.91
N ALA K 106 -11.07 -67.66 33.80
CA ALA K 106 -11.08 -66.92 32.54
C ALA K 106 -12.41 -66.19 32.44
N ARG K 107 -12.35 -64.90 32.15
CA ARG K 107 -13.53 -64.06 32.13
C ARG K 107 -13.58 -63.26 30.85
N GLY K 108 -14.78 -62.99 30.37
CA GLY K 108 -14.96 -62.19 29.18
C GLY K 108 -16.12 -61.24 29.35
N ALA K 109 -16.13 -60.19 28.54
CA ALA K 109 -17.18 -59.20 28.65
C ALA K 109 -17.46 -58.57 27.30
N LEU K 110 -18.74 -58.45 26.98
CA LEU K 110 -19.21 -57.68 25.84
C LEU K 110 -19.92 -56.43 26.36
N CYS K 111 -19.89 -55.38 25.55
CA CYS K 111 -20.65 -54.17 25.86
C CYS K 111 -21.10 -53.55 24.56
N TYR K 112 -22.41 -53.41 24.39
CA TYR K 112 -22.95 -52.76 23.22
C TYR K 112 -23.54 -51.40 23.58
N CYS K 113 -23.31 -50.42 22.73
CA CYS K 113 -23.65 -49.03 23.01
C CYS K 113 -24.28 -48.43 21.76
N ASP K 114 -25.54 -48.06 21.85
CA ASP K 114 -26.19 -47.41 20.72
C ASP K 114 -26.04 -45.90 20.74
N GLY K 115 -25.37 -45.35 21.74
CA GLY K 115 -25.24 -43.93 21.91
C GLY K 115 -25.96 -43.39 23.11
N ARG K 116 -27.06 -44.01 23.51
CA ARG K 116 -27.80 -43.57 24.68
C ARG K 116 -27.47 -44.34 25.93
N GLU K 117 -27.19 -45.63 25.84
CA GLU K 117 -26.96 -46.43 27.03
C GLU K 117 -26.09 -47.63 26.68
N ARG K 118 -25.32 -48.07 27.67
CA ARG K 118 -24.42 -49.20 27.55
C ARG K 118 -25.00 -50.40 28.28
N HIS K 119 -24.81 -51.58 27.71
CA HIS K 119 -25.25 -52.81 28.37
C HIS K 119 -24.11 -53.80 28.37
N VAL K 120 -23.75 -54.31 29.55
CA VAL K 120 -22.58 -55.15 29.74
C VAL K 120 -23.04 -56.58 29.99
N LEU K 121 -22.46 -57.53 29.26
CA LEU K 121 -22.69 -58.94 29.44
C LEU K 121 -21.39 -59.57 29.89
N ILE K 122 -21.41 -60.36 30.97
CA ILE K 122 -20.21 -60.97 31.51
C ILE K 122 -20.44 -62.46 31.73
N GLU K 123 -19.59 -63.28 31.13
CA GLU K 123 -19.52 -64.69 31.47
C GLU K 123 -18.17 -64.98 32.09
N GLU K 124 -18.02 -66.22 32.55
CA GLU K 124 -16.89 -66.61 33.40
C GLU K 124 -16.76 -68.12 33.36
N THR K 125 -15.53 -68.60 33.29
CA THR K 125 -15.23 -70.03 33.35
C THR K 125 -14.18 -70.25 34.42
N GLU K 126 -14.48 -71.11 35.38
CA GLU K 126 -13.52 -71.45 36.41
C GLU K 126 -12.65 -72.60 35.95
N GLY K 127 -11.35 -72.45 36.07
CA GLY K 127 -10.41 -73.46 35.62
C GLY K 127 -9.16 -73.46 36.43
N GLU K 128 -8.07 -73.91 35.83
CA GLU K 128 -6.77 -73.95 36.48
C GLU K 128 -5.69 -73.97 35.43
N ILE K 129 -4.62 -73.26 35.69
CA ILE K 129 -3.59 -72.99 34.71
C ILE K 129 -2.77 -74.27 34.49
N ALA K 130 -2.31 -74.46 33.26
CA ALA K 130 -1.64 -75.69 32.88
C ALA K 130 -0.15 -75.58 33.23
N PRO K 131 0.53 -76.71 33.47
CA PRO K 131 1.96 -76.63 33.77
C PRO K 131 2.81 -76.20 32.60
N SER K 132 2.44 -76.52 31.37
CA SER K 132 3.21 -76.07 30.21
C SER K 132 2.25 -75.71 29.09
N ALA K 133 2.73 -74.87 28.18
CA ALA K 133 1.93 -74.42 27.05
C ALA K 133 1.68 -75.57 26.09
N ARG K 134 0.40 -75.87 25.86
CA ARG K 134 0.01 -77.02 25.05
C ARG K 134 -1.09 -76.60 24.09
N GLY K 135 -0.82 -76.68 22.80
CA GLY K 135 -1.82 -76.40 21.80
C GLY K 135 -1.48 -75.17 20.97
N THR K 136 -2.18 -75.04 19.85
CA THR K 136 -1.98 -73.94 18.91
C THR K 136 -3.26 -73.18 18.59
N GLY K 137 -4.43 -73.80 18.70
CA GLY K 137 -5.63 -73.17 18.20
C GLY K 137 -6.36 -72.26 19.16
N GLY K 138 -5.82 -71.07 19.41
CA GLY K 138 -6.50 -70.14 20.28
C GLY K 138 -5.85 -68.78 20.24
N PHE K 139 -6.13 -67.99 21.27
CA PHE K 139 -5.54 -66.67 21.37
C PHE K 139 -5.35 -66.30 22.84
N HIS K 140 -4.17 -65.74 23.07
CA HIS K 140 -3.64 -65.04 24.23
C HIS K 140 -3.31 -65.85 25.48
N TRP K 141 -4.09 -66.86 25.87
CA TRP K 141 -3.69 -67.78 26.94
C TRP K 141 -4.35 -69.15 26.77
N ASP K 142 -4.99 -69.35 25.63
CA ASP K 142 -5.64 -70.62 25.36
C ASP K 142 -4.75 -71.88 25.39
N PRO K 143 -3.42 -71.84 25.21
CA PRO K 143 -2.66 -73.06 25.49
C PRO K 143 -2.42 -73.36 26.96
N ILE K 144 -2.57 -72.42 27.88
CA ILE K 144 -2.20 -72.69 29.27
C ILE K 144 -3.39 -72.69 30.21
N PHE K 145 -4.61 -72.69 29.70
CA PHE K 145 -5.79 -72.67 30.54
C PHE K 145 -6.59 -73.94 30.32
N ILE K 146 -6.83 -74.68 31.40
CA ILE K 146 -7.65 -75.89 31.37
C ILE K 146 -8.90 -75.60 32.19
N PRO K 147 -10.09 -75.77 31.62
CA PRO K 147 -11.32 -75.57 32.40
C PRO K 147 -11.50 -76.68 33.43
N LYS K 148 -12.40 -76.42 34.37
CA LYS K 148 -12.70 -77.40 35.39
C LYS K 148 -13.52 -78.53 34.78
N GLY K 149 -13.09 -79.76 35.02
CA GLY K 149 -13.74 -80.93 34.48
C GLY K 149 -12.94 -81.64 33.40
N GLN K 150 -12.24 -80.91 32.55
CA GLN K 150 -11.45 -81.50 31.48
C GLN K 150 -10.01 -81.69 31.91
N THR K 151 -9.29 -82.41 31.07
CA THR K 151 -7.85 -82.54 31.18
C THR K 151 -7.14 -81.82 30.05
N ARG K 152 -7.88 -81.05 29.26
CA ARG K 152 -7.43 -80.58 27.97
C ARG K 152 -7.56 -79.06 27.92
N THR K 153 -6.55 -78.39 27.36
CA THR K 153 -6.53 -76.93 27.35
C THR K 153 -7.50 -76.39 26.32
N PHE K 154 -7.58 -75.05 26.20
CA PHE K 154 -8.42 -74.49 25.14
C PHE K 154 -7.77 -74.67 23.78
N ALA K 155 -6.46 -74.42 23.67
CA ALA K 155 -5.83 -74.50 22.36
C ALA K 155 -5.67 -75.94 21.88
N GLU K 156 -5.77 -76.92 22.76
CA GLU K 156 -5.82 -78.30 22.31
C GLU K 156 -7.19 -78.71 21.81
N MET K 157 -8.23 -77.91 22.07
CA MET K 157 -9.57 -78.22 21.61
C MET K 157 -9.77 -77.70 20.19
N SER K 158 -10.87 -78.12 19.57
CA SER K 158 -11.27 -77.60 18.28
C SER K 158 -12.01 -76.28 18.50
N LEU K 159 -12.50 -75.67 17.42
CA LEU K 159 -13.21 -74.42 17.60
C LEU K 159 -14.61 -74.63 18.16
N ASP K 160 -15.26 -75.73 17.79
CA ASP K 160 -16.57 -76.02 18.37
C ASP K 160 -16.46 -76.48 19.81
N GLU K 161 -15.36 -77.14 20.18
CA GLU K 161 -15.22 -77.56 21.56
C GLU K 161 -14.88 -76.40 22.47
N LYS K 162 -14.10 -75.43 21.98
CA LYS K 162 -13.71 -74.32 22.84
C LYS K 162 -14.89 -73.41 23.12
N LEU K 163 -15.73 -73.14 22.12
CA LEU K 163 -16.85 -72.23 22.30
C LEU K 163 -17.97 -72.83 23.13
N SER K 164 -17.93 -74.11 23.44
CA SER K 164 -18.82 -74.68 24.44
C SER K 164 -18.21 -74.64 25.84
N PHE K 165 -17.00 -74.12 25.99
CA PHE K 165 -16.41 -73.96 27.31
C PHE K 165 -15.92 -72.55 27.56
N SER K 166 -15.52 -71.84 26.52
CA SER K 166 -14.91 -70.54 26.71
C SER K 166 -15.97 -69.52 27.11
N PRO K 167 -15.58 -68.47 27.84
CA PRO K 167 -16.54 -67.42 28.19
C PRO K 167 -17.08 -66.68 26.99
N LEU K 168 -16.30 -66.59 25.93
CA LEU K 168 -16.71 -65.85 24.75
C LEU K 168 -17.70 -66.62 23.91
N GLY K 169 -17.92 -67.90 24.21
CA GLY K 169 -18.91 -68.70 23.53
C GLY K 169 -20.30 -68.53 24.11
N ARG K 170 -20.40 -68.42 25.43
CA ARG K 170 -21.71 -68.18 26.03
C ARG K 170 -22.15 -66.74 25.86
N LEU K 171 -21.21 -65.82 25.68
CA LEU K 171 -21.56 -64.42 25.45
C LEU K 171 -22.17 -64.21 24.09
N HIS K 172 -21.65 -64.90 23.07
CA HIS K 172 -22.14 -64.71 21.71
C HIS K 172 -23.52 -65.33 21.50
N THR K 173 -23.89 -66.30 22.33
CA THR K 173 -25.26 -66.80 22.28
C THR K 173 -26.21 -65.83 22.98
N ARG K 174 -25.77 -65.22 24.07
CA ARG K 174 -26.56 -64.19 24.73
C ARG K 174 -26.67 -62.93 23.88
N LEU K 175 -25.63 -62.62 23.10
CA LEU K 175 -25.68 -61.44 22.25
C LEU K 175 -26.64 -61.64 21.09
N ARG K 176 -26.79 -62.88 20.63
CA ARG K 176 -27.75 -63.14 19.56
C ARG K 176 -29.18 -62.90 20.01
N THR K 177 -29.54 -63.37 21.20
CA THR K 177 -30.93 -63.29 21.61
C THR K 177 -31.31 -61.92 22.13
N GLU K 178 -30.37 -61.14 22.66
CA GLU K 178 -30.74 -59.82 23.14
C GLU K 178 -30.84 -58.81 22.01
N LEU K 179 -29.90 -58.84 21.08
CA LEU K 179 -29.95 -57.91 19.98
C LEU K 179 -30.78 -58.43 18.81
N GLY K 180 -31.25 -59.67 18.87
CA GLY K 180 -32.05 -60.20 17.79
C GLY K 180 -31.28 -60.46 16.53
N LEU K 181 -30.01 -60.82 16.65
CA LEU K 181 -29.16 -61.01 15.49
C LEU K 181 -29.53 -62.29 14.76
N ALA L 2 -21.79 12.35 -37.74
CA ALA L 2 -22.50 12.84 -36.58
C ALA L 2 -22.19 14.31 -36.36
N PRO L 3 -23.19 15.09 -35.95
CA PRO L 3 -22.97 16.52 -35.72
C PRO L 3 -22.07 16.80 -34.52
N THR L 4 -21.63 18.04 -34.41
CA THR L 4 -20.94 18.50 -33.22
C THR L 4 -21.71 19.56 -32.47
N TRP L 5 -22.36 20.47 -33.19
CA TRP L 5 -23.18 21.51 -32.59
C TRP L 5 -24.64 21.26 -32.90
N PHE L 6 -25.50 21.55 -31.95
CA PHE L 6 -26.92 21.30 -32.06
C PHE L 6 -27.70 22.58 -31.84
N TYR L 7 -28.53 22.93 -32.81
CA TYR L 7 -29.31 24.14 -32.77
C TYR L 7 -30.65 23.82 -32.15
N ASN L 8 -30.98 24.46 -31.03
CA ASN L 8 -32.22 24.20 -30.34
C ASN L 8 -33.20 25.32 -30.63
N THR L 9 -34.35 24.97 -31.20
CA THR L 9 -35.38 25.95 -31.48
C THR L 9 -36.73 25.29 -31.33
N THR L 10 -37.75 26.12 -31.07
CA THR L 10 -39.12 25.64 -30.99
C THR L 10 -40.03 26.23 -32.05
N ASN L 11 -39.69 27.37 -32.63
CA ASN L 11 -40.51 27.95 -33.67
C ASN L 11 -40.29 27.19 -34.97
N SER L 12 -41.37 26.89 -35.67
CA SER L 12 -41.28 26.09 -36.88
C SER L 12 -40.82 26.89 -38.09
N GLU L 13 -40.88 28.21 -38.03
CA GLU L 13 -40.47 29.01 -39.17
C GLU L 13 -39.05 29.51 -39.03
N LYS L 14 -38.58 29.69 -37.79
CA LYS L 14 -37.16 29.94 -37.55
C LYS L 14 -36.31 28.76 -37.98
N LEU L 15 -36.84 27.54 -37.88
CA LEU L 15 -36.09 26.37 -38.31
C LEU L 15 -36.00 26.29 -39.83
N ARG L 16 -37.05 26.71 -40.54
CA ARG L 16 -37.05 26.61 -41.99
C ARG L 16 -36.13 27.65 -42.62
N GLU L 17 -35.93 28.78 -41.95
CA GLU L 17 -35.01 29.78 -42.47
C GLU L 17 -33.57 29.42 -42.19
N LEU L 18 -33.32 28.77 -41.06
CA LEU L 18 -31.98 28.31 -40.74
C LEU L 18 -31.51 27.26 -41.72
N GLN L 19 -32.33 26.25 -41.97
CA GLN L 19 -32.00 25.18 -42.89
C GLN L 19 -31.92 25.63 -44.33
N HIS L 20 -32.45 26.81 -44.67
CA HIS L 20 -32.19 27.36 -45.98
C HIS L 20 -30.75 27.83 -46.12
N VAL L 21 -30.12 28.21 -45.02
CA VAL L 21 -28.78 28.78 -45.02
C VAL L 21 -27.73 27.77 -44.59
N LEU L 22 -27.94 27.14 -43.44
CA LEU L 22 -27.00 26.19 -42.87
C LEU L 22 -27.52 24.76 -42.93
N GLY L 23 -28.38 24.45 -43.90
CA GLY L 23 -28.91 23.11 -43.99
C GLY L 23 -27.94 22.11 -44.56
N GLY L 24 -27.02 22.56 -45.41
CA GLY L 24 -26.09 21.65 -46.02
C GLY L 24 -24.91 21.25 -45.15
N SER L 25 -24.75 21.88 -43.99
CA SER L 25 -23.61 21.59 -43.15
C SER L 25 -23.78 20.27 -42.43
N ALA L 26 -22.80 19.40 -42.56
CA ALA L 26 -22.89 18.06 -42.01
C ALA L 26 -22.68 18.02 -40.51
N LYS L 27 -22.22 19.11 -39.90
CA LYS L 27 -21.86 19.09 -38.50
C LYS L 27 -22.76 20.01 -37.68
N LEU L 28 -24.00 20.22 -38.13
CA LEU L 28 -25.00 20.95 -37.35
C LEU L 28 -26.23 20.07 -37.23
N GLY L 29 -26.58 19.72 -36.00
CA GLY L 29 -27.80 18.99 -35.76
C GLY L 29 -28.90 19.91 -35.29
N TYR L 30 -30.09 19.35 -35.14
CA TYR L 30 -31.27 20.14 -34.84
C TYR L 30 -32.06 19.49 -33.72
N LEU L 31 -32.34 20.24 -32.68
CA LEU L 31 -33.10 19.74 -31.54
C LEU L 31 -34.27 20.66 -31.26
N THR L 32 -35.33 20.11 -30.68
CA THR L 32 -36.54 20.88 -30.37
C THR L 32 -36.90 20.70 -28.91
N ALA L 33 -35.94 20.80 -28.01
CA ALA L 33 -36.22 20.67 -26.59
C ALA L 33 -36.89 21.93 -26.08
N LYS L 34 -37.93 21.74 -25.28
CA LYS L 34 -38.66 22.87 -24.72
C LYS L 34 -37.97 23.32 -23.44
N VAL L 35 -37.51 24.56 -23.43
CA VAL L 35 -36.86 25.14 -22.27
C VAL L 35 -37.67 26.33 -21.79
N THR L 36 -37.57 26.61 -20.50
CA THR L 36 -38.36 27.68 -19.90
C THR L 36 -37.75 29.02 -20.26
N GLU L 37 -38.53 29.86 -20.94
CA GLU L 37 -38.02 31.13 -21.42
C GLU L 37 -37.93 32.14 -20.29
N ILE L 38 -36.77 32.74 -20.12
CA ILE L 38 -36.63 33.89 -19.24
C ILE L 38 -37.27 35.10 -19.92
N LEU L 39 -37.88 35.97 -19.12
CA LEU L 39 -38.51 37.17 -19.64
C LEU L 39 -37.75 38.36 -19.09
N ASP L 40 -37.18 39.16 -20.00
CA ASP L 40 -36.45 40.37 -19.65
C ASP L 40 -36.43 41.24 -20.88
N VAL L 41 -36.19 42.54 -20.68
CA VAL L 41 -36.19 43.47 -21.80
C VAL L 41 -34.86 43.42 -22.54
N ASP L 42 -33.78 43.16 -21.84
CA ASP L 42 -32.46 43.18 -22.43
C ASP L 42 -32.18 41.90 -23.19
N LEU L 43 -31.75 42.05 -24.46
CA LEU L 43 -31.50 40.89 -25.30
C LEU L 43 -30.25 40.14 -24.88
N GLU L 44 -29.22 40.87 -24.45
CA GLU L 44 -27.99 40.26 -23.96
C GLU L 44 -28.23 39.41 -22.72
N THR L 45 -29.19 39.80 -21.88
CA THR L 45 -29.48 39.03 -20.67
C THR L 45 -30.23 37.75 -21.01
N VAL L 46 -31.17 37.82 -21.96
CA VAL L 46 -32.04 36.69 -22.24
C VAL L 46 -31.29 35.60 -22.98
N ILE L 47 -30.51 35.97 -24.00
CA ILE L 47 -29.82 34.98 -24.81
C ILE L 47 -28.70 34.32 -24.02
N ARG L 48 -28.18 35.00 -23.00
CA ARG L 48 -27.14 34.43 -22.17
C ARG L 48 -27.72 33.49 -21.13
N ALA L 49 -28.99 33.66 -20.81
CA ALA L 49 -29.68 32.78 -19.88
C ALA L 49 -30.39 31.63 -20.56
N LYS L 50 -30.68 31.73 -21.86
CA LYS L 50 -31.22 30.57 -22.58
C LYS L 50 -30.17 29.51 -22.80
N ALA L 51 -28.90 29.90 -22.88
CA ALA L 51 -27.85 28.94 -23.17
C ALA L 51 -27.58 28.04 -21.97
N ILE L 52 -27.70 28.56 -20.75
CA ILE L 52 -27.65 27.70 -19.58
C ILE L 52 -28.88 26.82 -19.52
N ALA L 53 -30.06 27.39 -19.78
CA ALA L 53 -31.29 26.64 -19.68
C ALA L 53 -31.42 25.59 -20.77
N ALA L 54 -30.79 25.80 -21.92
CA ALA L 54 -30.85 24.79 -22.96
C ALA L 54 -29.74 23.77 -22.85
N TYR L 55 -28.59 24.12 -22.26
CA TYR L 55 -27.57 23.11 -22.06
C TYR L 55 -27.99 22.12 -20.98
N ARG L 56 -28.75 22.56 -20.00
CA ARG L 56 -29.26 21.65 -18.98
C ARG L 56 -30.25 20.65 -19.56
N ALA L 57 -30.92 21.01 -20.63
CA ALA L 57 -31.92 20.12 -21.20
C ALA L 57 -31.30 19.07 -22.11
N VAL L 58 -30.33 19.43 -22.93
CA VAL L 58 -29.84 18.54 -23.96
C VAL L 58 -28.45 17.99 -23.68
N ARG L 59 -27.61 18.70 -22.90
CA ARG L 59 -26.29 18.28 -22.45
C ARG L 59 -25.33 17.98 -23.61
N VAL L 60 -25.55 18.62 -24.75
CA VAL L 60 -24.65 18.58 -25.89
C VAL L 60 -24.29 20.03 -26.19
N PRO L 61 -23.22 20.28 -26.96
CA PRO L 61 -22.93 21.66 -27.37
C PRO L 61 -24.06 22.29 -28.18
N VAL L 62 -24.70 23.29 -27.59
CA VAL L 62 -25.98 23.77 -28.06
C VAL L 62 -25.83 25.19 -28.60
N ILE L 63 -26.71 25.56 -29.53
CA ILE L 63 -26.81 26.91 -30.06
C ILE L 63 -28.25 27.37 -29.86
N VAL L 64 -28.43 28.54 -29.24
CA VAL L 64 -29.76 29.08 -29.03
C VAL L 64 -29.90 30.39 -29.79
N GLU L 65 -31.11 30.94 -29.75
CA GLU L 65 -31.46 32.10 -30.55
C GLU L 65 -32.56 32.87 -29.87
N HIS L 66 -32.50 34.19 -29.96
CA HIS L 66 -33.60 35.01 -29.48
C HIS L 66 -33.60 36.31 -30.27
N GLY L 67 -34.78 36.91 -30.40
CA GLY L 67 -34.96 38.12 -31.17
C GLY L 67 -35.43 39.28 -30.30
N ALA L 68 -35.37 40.47 -30.87
CA ALA L 68 -35.83 41.64 -30.15
C ALA L 68 -36.38 42.65 -31.13
N LEU L 69 -37.33 43.45 -30.65
CA LEU L 69 -37.89 44.56 -31.48
C LEU L 69 -37.96 45.78 -30.56
N CYS L 70 -37.09 46.76 -30.76
CA CYS L 70 -37.05 47.94 -29.84
C CYS L 70 -37.66 49.14 -30.55
N ILE L 71 -38.78 49.65 -30.03
CA ILE L 71 -39.48 50.82 -30.65
C ILE L 71 -39.20 52.07 -29.83
N ASP L 72 -38.78 53.16 -30.48
CA ASP L 72 -38.48 54.43 -29.77
C ASP L 72 -39.76 54.94 -29.10
N ALA L 73 -40.90 54.82 -29.78
CA ALA L 73 -42.18 55.30 -29.22
C ALA L 73 -42.48 54.57 -27.90
N LEU L 74 -42.13 53.29 -27.82
CA LEU L 74 -42.40 52.49 -26.59
C LEU L 74 -41.17 52.51 -25.68
N ASN L 75 -40.18 53.35 -26.01
CA ASN L 75 -38.95 53.47 -25.17
C ASN L 75 -38.27 52.09 -25.04
N GLY L 76 -38.05 51.39 -26.16
CA GLY L 76 -37.32 50.12 -26.12
C GLY L 76 -38.22 48.90 -26.15
N LEU L 77 -39.49 49.05 -25.76
CA LEU L 77 -40.46 47.92 -25.84
C LEU L 77 -40.82 47.69 -27.30
N PRO L 78 -41.21 46.47 -27.75
CA PRO L 78 -41.25 45.27 -26.90
C PRO L 78 -39.93 44.84 -26.24
N GLY L 79 -38.80 45.03 -26.92
CA GLY L 79 -37.51 44.55 -26.36
C GLY L 79 -37.36 43.06 -26.59
N ALA L 80 -36.75 42.35 -25.65
CA ALA L 80 -36.63 40.87 -25.76
C ALA L 80 -37.94 40.22 -25.30
N LEU L 81 -38.86 41.00 -24.73
CA LEU L 81 -40.19 40.45 -24.33
C LEU L 81 -41.01 40.24 -25.61
N VAL L 82 -40.48 39.45 -26.55
CA VAL L 82 -41.18 39.21 -27.84
C VAL L 82 -42.32 38.20 -27.61
N LYS L 83 -42.25 37.45 -26.52
CA LYS L 83 -43.29 36.40 -26.26
C LYS L 83 -44.57 37.06 -25.76
N PRO L 84 -44.62 37.71 -24.57
CA PRO L 84 -45.89 38.25 -24.03
C PRO L 84 -46.52 39.32 -24.89
N PHE L 85 -45.80 39.95 -25.81
CA PHE L 85 -46.50 40.91 -26.67
C PHE L 85 -47.14 40.20 -27.85
N TRP L 86 -46.50 39.16 -28.36
CA TRP L 86 -47.06 38.42 -29.48
C TRP L 86 -48.30 37.64 -29.07
N GLU L 87 -48.38 37.20 -27.83
CA GLU L 87 -49.60 36.57 -27.34
C GLU L 87 -50.70 37.58 -27.01
N SER L 88 -50.44 38.88 -27.15
CA SER L 88 -51.44 39.90 -26.90
C SER L 88 -51.66 40.85 -28.07
N LEU L 89 -50.60 41.27 -28.75
CA LEU L 89 -50.70 42.16 -29.91
C LEU L 89 -49.98 41.46 -31.06
N ASP L 90 -50.74 40.79 -31.92
CA ASP L 90 -50.14 40.08 -33.04
C ASP L 90 -49.48 41.03 -34.02
N THR L 91 -50.29 41.79 -34.75
CA THR L 91 -49.80 42.85 -35.61
C THR L 91 -50.59 44.13 -35.36
N ARG L 92 -51.42 44.14 -34.33
CA ARG L 92 -52.07 45.36 -33.86
C ARG L 92 -51.11 46.26 -33.11
N LEU L 93 -49.87 45.80 -32.89
CA LEU L 93 -48.82 46.62 -32.33
C LEU L 93 -48.42 47.78 -33.24
N CYS L 94 -48.76 47.72 -34.53
CA CYS L 94 -48.58 48.89 -35.37
C CYS L 94 -49.63 49.95 -35.14
N GLU L 95 -50.67 49.67 -34.33
CA GLU L 95 -51.71 50.63 -34.02
C GLU L 95 -51.47 51.32 -32.69
N VAL L 96 -50.92 50.61 -31.70
CA VAL L 96 -50.86 51.14 -30.34
C VAL L 96 -49.72 52.14 -30.15
N ILE L 97 -48.91 52.39 -31.16
CA ILE L 97 -47.82 53.33 -31.01
C ILE L 97 -48.21 54.56 -31.82
N PRO L 98 -47.80 55.77 -31.44
CA PRO L 98 -48.26 56.96 -32.15
C PRO L 98 -47.72 57.04 -33.58
N ALA L 99 -48.47 57.75 -34.42
CA ALA L 99 -48.19 57.79 -35.84
C ALA L 99 -47.16 58.83 -36.24
N GLY L 100 -46.64 59.60 -35.29
CA GLY L 100 -45.64 60.60 -35.60
C GLY L 100 -44.24 60.02 -35.67
N GLN L 101 -43.87 59.23 -34.67
CA GLN L 101 -42.54 58.65 -34.58
C GLN L 101 -42.65 57.14 -34.73
N ARG L 102 -42.05 56.62 -35.81
CA ARG L 102 -42.22 55.23 -36.19
C ARG L 102 -40.94 54.41 -36.07
N THR L 103 -39.81 55.01 -35.72
CA THR L 103 -38.52 54.36 -35.83
C THR L 103 -38.32 53.29 -34.77
N ALA L 104 -37.58 52.25 -35.14
CA ALA L 104 -37.37 51.09 -34.31
C ALA L 104 -36.15 50.33 -34.80
N ARG L 105 -35.69 49.36 -34.00
CA ARG L 105 -34.62 48.47 -34.40
C ARG L 105 -35.04 47.03 -34.17
N ALA L 106 -34.82 46.19 -35.18
CA ALA L 106 -34.95 44.76 -35.03
C ALA L 106 -33.60 44.19 -34.67
N ARG L 107 -33.56 43.36 -33.63
CA ARG L 107 -32.30 42.85 -33.11
C ARG L 107 -32.41 41.35 -32.93
N GLY L 108 -31.29 40.66 -33.12
CA GLY L 108 -31.24 39.23 -32.92
C GLY L 108 -29.96 38.83 -32.22
N ALA L 109 -29.99 37.65 -31.63
CA ALA L 109 -28.82 37.19 -30.89
C ALA L 109 -28.73 35.68 -30.93
N LEU L 110 -27.53 35.19 -31.20
CA LEU L 110 -27.19 33.78 -31.06
C LEU L 110 -26.25 33.61 -29.88
N CYS L 111 -26.30 32.44 -29.26
CA CYS L 111 -25.36 32.11 -28.21
C CYS L 111 -25.09 30.61 -28.27
N TYR L 112 -23.83 30.25 -28.46
CA TYR L 112 -23.45 28.85 -28.46
C TYR L 112 -22.63 28.52 -27.22
N CYS L 113 -22.92 27.36 -26.64
CA CYS L 113 -22.35 26.97 -25.35
C CYS L 113 -21.92 25.52 -25.44
N ASP L 114 -20.61 25.27 -25.31
CA ASP L 114 -20.11 23.90 -25.32
C ASP L 114 -20.07 23.30 -23.93
N GLY L 115 -20.47 24.03 -22.91
CA GLY L 115 -20.40 23.58 -21.54
C GLY L 115 -19.39 24.33 -20.71
N ARG L 116 -18.33 24.83 -21.32
CA ARG L 116 -17.33 25.59 -20.59
C ARG L 116 -17.50 27.09 -20.70
N GLU L 117 -17.95 27.59 -21.84
CA GLU L 117 -18.05 29.03 -22.03
C GLU L 117 -19.10 29.34 -23.07
N ARG L 118 -19.72 30.51 -22.92
CA ARG L 118 -20.76 31.01 -23.80
C ARG L 118 -20.20 32.11 -24.68
N HIS L 119 -20.63 32.14 -25.94
CA HIS L 119 -20.23 33.19 -26.85
C HIS L 119 -21.47 33.77 -27.52
N VAL L 120 -21.65 35.08 -27.42
CA VAL L 120 -22.86 35.75 -27.87
C VAL L 120 -22.53 36.54 -29.13
N LEU L 121 -23.36 36.37 -30.16
CA LEU L 121 -23.27 37.12 -31.39
C LEU L 121 -24.53 37.96 -31.53
N ILE L 122 -24.40 39.26 -31.79
CA ILE L 122 -25.54 40.15 -31.88
C ILE L 122 -25.45 40.96 -33.16
N GLU L 123 -26.49 40.88 -33.99
CA GLU L 123 -26.68 41.80 -35.10
C GLU L 123 -27.91 42.66 -34.85
N GLU L 124 -28.11 43.62 -35.73
CA GLU L 124 -29.10 44.67 -35.52
C GLU L 124 -29.42 45.32 -36.85
N THR L 125 -30.70 45.61 -37.08
CA THR L 125 -31.14 46.32 -38.27
C THR L 125 -31.99 47.50 -37.82
N GLU L 126 -31.62 48.69 -38.27
CA GLU L 126 -32.40 49.87 -37.96
C GLU L 126 -33.48 50.05 -39.02
N GLY L 127 -34.70 50.27 -38.59
CA GLY L 127 -35.82 50.41 -39.50
C GLY L 127 -36.89 51.29 -38.90
N GLU L 128 -38.11 51.08 -39.35
CA GLU L 128 -39.26 51.84 -38.87
C GLU L 128 -40.51 51.02 -39.12
N ILE L 129 -41.42 51.09 -38.17
CA ILE L 129 -42.59 50.23 -38.14
C ILE L 129 -43.59 50.68 -39.21
N ALA L 130 -44.28 49.72 -39.79
CA ALA L 130 -45.17 49.99 -40.90
C ALA L 130 -46.54 50.44 -40.39
N PRO L 131 -47.28 51.22 -41.17
CA PRO L 131 -48.61 51.62 -40.71
C PRO L 131 -49.61 50.50 -40.63
N SER L 132 -49.52 49.49 -41.49
CA SER L 132 -50.43 48.36 -41.41
C SER L 132 -49.68 47.09 -41.73
N ALA L 133 -50.21 45.97 -41.25
CA ALA L 133 -49.59 44.66 -41.47
C ALA L 133 -49.66 44.28 -42.94
N ARG L 134 -48.51 44.06 -43.55
CA ARG L 134 -48.43 43.78 -44.98
C ARG L 134 -47.49 42.61 -45.21
N GLY L 135 -48.00 41.52 -45.75
CA GLY L 135 -47.18 40.39 -46.09
C GLY L 135 -47.52 39.15 -45.28
N THR L 136 -47.04 38.01 -45.76
CA THR L 136 -47.27 36.72 -45.11
C THR L 136 -46.01 35.94 -44.81
N GLY L 137 -44.92 36.18 -45.53
CA GLY L 137 -43.77 35.31 -45.42
C GLY L 137 -42.77 35.69 -44.34
N GLY L 138 -43.09 35.46 -43.08
CA GLY L 138 -42.15 35.74 -42.03
C GLY L 138 -42.63 35.19 -40.70
N PHE L 139 -42.06 35.73 -39.63
CA PHE L 139 -42.46 35.33 -38.30
C PHE L 139 -42.32 36.50 -37.34
N HIS L 140 -43.35 36.61 -36.52
CA HIS L 140 -43.56 37.41 -35.32
C HIS L 140 -43.75 38.91 -35.46
N TRP L 141 -43.04 39.61 -36.36
CA TRP L 141 -43.33 41.01 -36.67
C TRP L 141 -42.89 41.36 -38.08
N ASP L 142 -42.51 40.36 -38.86
CA ASP L 142 -42.09 40.59 -40.23
C ASP L 142 -43.09 41.28 -41.16
N PRO L 143 -44.42 41.26 -40.95
CA PRO L 143 -45.27 42.13 -41.78
C PRO L 143 -45.25 43.61 -41.41
N ILE L 144 -44.81 44.00 -40.20
CA ILE L 144 -44.94 45.40 -39.81
C ILE L 144 -43.60 46.10 -39.66
N PHE L 145 -42.50 45.48 -40.10
CA PHE L 145 -41.19 46.09 -39.97
C PHE L 145 -40.62 46.35 -41.35
N ILE L 146 -40.26 47.61 -41.61
CA ILE L 146 -39.62 48.00 -42.86
C ILE L 146 -38.20 48.46 -42.51
N PRO L 147 -37.17 47.88 -43.12
CA PRO L 147 -35.81 48.35 -42.86
C PRO L 147 -35.58 49.73 -43.46
N LYS L 148 -34.49 50.34 -43.02
CA LYS L 148 -34.11 51.65 -43.54
C LYS L 148 -33.57 51.49 -44.94
N GLY L 149 -34.10 52.28 -45.87
CA GLY L 149 -33.71 52.23 -47.26
C GLY L 149 -34.77 51.68 -48.18
N GLN L 150 -35.54 50.68 -47.74
CA GLN L 150 -36.57 50.08 -48.56
C GLN L 150 -37.92 50.72 -48.27
N THR L 151 -38.87 50.37 -49.12
CA THR L 151 -40.27 50.70 -48.92
C THR L 151 -41.09 49.46 -48.59
N ARG L 152 -40.42 48.34 -48.37
CA ARG L 152 -41.06 47.03 -48.38
C ARG L 152 -40.75 46.31 -47.08
N THR L 153 -41.76 45.64 -46.51
CA THR L 153 -41.62 45.00 -45.21
C THR L 153 -40.79 43.72 -45.34
N PHE L 154 -40.57 43.03 -44.20
CA PHE L 154 -39.88 41.75 -44.31
C PHE L 154 -40.80 40.68 -44.90
N ALA L 155 -42.06 40.63 -44.47
CA ALA L 155 -42.94 39.58 -44.95
C ALA L 155 -43.37 39.79 -46.39
N GLU L 156 -43.22 40.99 -46.93
CA GLU L 156 -43.41 41.19 -48.35
C GLU L 156 -42.23 40.75 -49.18
N MET L 157 -41.07 40.51 -48.57
CA MET L 157 -39.89 40.06 -49.29
C MET L 157 -39.90 38.55 -49.44
N SER L 158 -39.01 38.05 -50.29
CA SER L 158 -38.79 36.62 -50.42
C SER L 158 -37.88 36.16 -49.29
N LEU L 159 -37.52 34.88 -49.28
CA LEU L 159 -36.65 34.40 -48.23
C LEU L 159 -35.21 34.82 -48.46
N ASP L 160 -34.77 34.89 -49.71
CA ASP L 160 -33.43 35.38 -49.99
C ASP L 160 -33.32 36.88 -49.79
N GLU L 161 -34.39 37.63 -50.01
CA GLU L 161 -34.32 39.06 -49.80
C GLU L 161 -34.34 39.40 -48.33
N LYS L 162 -35.08 38.64 -47.52
CA LYS L 162 -35.15 38.97 -46.09
C LYS L 162 -33.83 38.70 -45.39
N LEU L 163 -33.18 37.59 -45.72
CA LEU L 163 -31.94 37.22 -45.05
C LEU L 163 -30.75 38.08 -45.47
N SER L 164 -30.90 38.91 -46.48
CA SER L 164 -29.91 39.95 -46.75
C SER L 164 -30.23 41.25 -46.02
N PHE L 165 -31.33 41.30 -45.27
CA PHE L 165 -31.63 42.48 -44.48
C PHE L 165 -31.87 42.16 -43.02
N SER L 166 -32.39 40.96 -42.73
CA SER L 166 -32.78 40.64 -41.37
C SER L 166 -31.56 40.43 -40.50
N PRO L 167 -31.66 40.68 -39.19
CA PRO L 167 -30.53 40.43 -38.30
C PRO L 167 -30.15 38.97 -38.23
N LEU L 168 -31.10 38.07 -38.43
CA LEU L 168 -30.84 36.65 -38.33
C LEU L 168 -30.12 36.11 -39.56
N GLY L 169 -30.01 36.91 -40.61
CA GLY L 169 -29.27 36.53 -41.79
C GLY L 169 -27.79 36.81 -41.66
N ARG L 170 -27.42 37.93 -41.05
CA ARG L 170 -26.00 38.21 -40.84
C ARG L 170 -25.43 37.36 -39.72
N LEU L 171 -26.27 36.93 -38.79
CA LEU L 171 -25.79 36.08 -37.69
C LEU L 171 -25.44 34.69 -38.19
N HIS L 172 -26.22 34.14 -39.11
CA HIS L 172 -25.99 32.79 -39.60
C HIS L 172 -24.76 32.71 -40.50
N THR L 173 -24.36 33.81 -41.10
CA THR L 173 -23.09 33.83 -41.82
C THR L 173 -21.91 33.92 -40.85
N ARG L 174 -22.06 34.68 -39.78
CA ARG L 174 -21.04 34.72 -38.74
C ARG L 174 -20.94 33.40 -37.99
N LEU L 175 -22.06 32.70 -37.82
CA LEU L 175 -22.04 31.43 -37.13
C LEU L 175 -21.35 30.36 -37.96
N ARG L 176 -21.43 30.46 -39.28
CA ARG L 176 -20.74 29.52 -40.14
C ARG L 176 -19.23 29.64 -40.01
N THR L 177 -18.71 30.86 -40.02
CA THR L 177 -17.27 31.02 -40.05
C THR L 177 -16.63 30.84 -38.68
N GLU L 178 -17.35 31.09 -37.59
CA GLU L 178 -16.74 30.91 -36.29
C GLU L 178 -16.73 29.45 -35.87
N LEU L 179 -17.83 28.75 -36.09
CA LEU L 179 -17.87 27.34 -35.72
C LEU L 179 -17.35 26.43 -36.81
N GLY L 180 -17.03 26.97 -37.99
CA GLY L 180 -16.52 26.14 -39.06
C GLY L 180 -17.55 25.22 -39.66
N LEU L 181 -18.81 25.64 -39.70
CA LEU L 181 -19.88 24.79 -40.17
C LEU L 181 -19.82 24.65 -41.68
N THR M 2 8.55 -13.20 24.79
CA THR M 2 7.46 -12.28 24.44
C THR M 2 6.31 -12.41 25.42
N THR M 3 6.63 -12.42 26.71
CA THR M 3 5.61 -12.57 27.75
C THR M 3 6.00 -11.74 28.96
N LEU M 4 5.08 -10.90 29.42
CA LEU M 4 5.32 -10.06 30.57
C LEU M 4 5.13 -10.86 31.86
N THR M 5 5.83 -10.43 32.91
CA THR M 5 5.64 -10.98 34.23
C THR M 5 4.70 -10.07 35.02
N LEU M 6 4.57 -10.34 36.32
CA LEU M 6 3.73 -9.52 37.18
C LEU M 6 4.33 -8.14 37.39
N SER M 7 5.63 -8.09 37.67
CA SER M 7 6.27 -6.81 37.97
C SER M 7 6.52 -5.98 36.73
N GLU M 8 6.63 -6.62 35.56
CA GLU M 8 6.85 -5.89 34.33
C GLU M 8 5.56 -5.25 33.83
N ALA M 9 4.43 -5.93 34.00
CA ALA M 9 3.16 -5.44 33.51
C ALA M 9 2.48 -4.47 34.45
N ALA M 10 2.92 -4.40 35.70
CA ALA M 10 2.31 -3.51 36.69
C ALA M 10 2.47 -2.01 36.38
N PRO M 11 3.61 -1.48 35.93
CA PRO M 11 3.59 -0.06 35.50
C PRO M 11 2.89 0.16 34.18
N LEU M 12 2.74 -0.86 33.35
CA LEU M 12 2.02 -0.69 32.09
C LEU M 12 0.52 -0.60 32.34
N LEU M 13 0.00 -1.42 33.25
CA LEU M 13 -1.41 -1.36 33.59
C LEU M 13 -1.74 -0.12 34.41
N LYS M 14 -0.80 0.35 35.22
CA LYS M 14 -1.05 1.52 36.05
C LYS M 14 -1.14 2.78 35.21
N LYS M 15 -0.37 2.87 34.12
CA LYS M 15 -0.39 4.04 33.26
C LYS M 15 -1.72 4.13 32.51
N GLU M 16 -2.29 3.00 32.13
CA GLU M 16 -3.59 3.01 31.46
C GLU M 16 -4.71 3.31 32.43
N PHE M 17 -4.54 3.00 33.71
CA PHE M 17 -5.60 3.18 34.68
C PHE M 17 -5.68 4.60 35.22
N ARG M 18 -4.54 5.29 35.31
CA ARG M 18 -4.54 6.66 35.83
C ARG M 18 -5.27 7.62 34.90
N GLU M 19 -5.24 7.35 33.60
CA GLU M 19 -5.95 8.15 32.63
C GLU M 19 -7.26 7.52 32.20
N GLY M 20 -7.73 6.51 32.94
CA GLY M 20 -9.08 6.01 32.77
C GLY M 20 -9.34 5.24 31.51
N ARG M 21 -8.34 4.54 30.97
CA ARG M 21 -8.47 3.87 29.68
C ARG M 21 -8.20 2.38 29.80
N LEU M 22 -8.54 1.78 30.93
CA LEU M 22 -8.36 0.34 31.13
C LEU M 22 -9.71 -0.27 31.47
N ILE M 23 -10.12 -1.26 30.68
CA ILE M 23 -11.41 -1.93 30.85
C ILE M 23 -11.13 -3.42 31.08
N PRO M 24 -11.56 -3.99 32.20
CA PRO M 24 -11.45 -5.45 32.36
C PRO M 24 -12.46 -6.17 31.50
N PHE M 25 -12.07 -7.35 31.04
CA PHE M 25 -12.90 -8.18 30.18
C PHE M 25 -12.86 -9.57 30.81
N LEU M 26 -13.82 -9.87 31.66
CA LEU M 26 -13.71 -11.00 32.59
C LEU M 26 -14.40 -12.24 32.04
N GLY M 27 -13.71 -13.38 32.16
CA GLY M 27 -14.18 -14.64 31.63
C GLY M 27 -14.71 -15.58 32.69
N ALA M 28 -14.84 -16.85 32.28
CA ALA M 28 -15.40 -17.86 33.17
C ALA M 28 -14.43 -18.27 34.27
N GLY M 29 -13.13 -18.08 34.03
CA GLY M 29 -12.14 -18.37 35.05
C GLY M 29 -12.14 -17.38 36.20
N PHE M 30 -12.81 -16.24 36.04
CA PHE M 30 -12.92 -15.29 37.13
C PHE M 30 -13.92 -15.74 38.18
N SER M 31 -14.92 -16.53 37.79
CA SER M 31 -15.89 -17.11 38.70
C SER M 31 -15.48 -18.49 39.18
N LYS M 32 -14.24 -18.89 38.94
CA LYS M 32 -13.74 -20.17 39.43
C LYS M 32 -13.70 -20.33 40.96
N PRO M 33 -13.31 -19.35 41.79
CA PRO M 33 -13.35 -19.59 43.25
C PRO M 33 -14.74 -19.66 43.85
N LEU M 34 -15.79 -19.40 43.09
CA LEU M 34 -17.14 -19.40 43.62
C LEU M 34 -17.76 -20.79 43.70
N LYS M 35 -17.05 -21.81 43.20
CA LYS M 35 -17.44 -23.22 43.26
C LYS M 35 -18.80 -23.46 42.60
N LEU M 36 -19.00 -22.87 41.44
CA LEU M 36 -20.25 -22.99 40.73
C LEU M 36 -20.31 -24.33 40.00
N PRO M 37 -21.51 -24.83 39.69
CA PRO M 37 -21.61 -26.00 38.82
C PRO M 37 -21.14 -25.71 37.41
N ASP M 38 -20.82 -26.79 36.68
CA ASP M 38 -20.16 -26.64 35.38
C ASP M 38 -21.13 -26.12 34.32
N GLY M 39 -22.36 -26.60 34.31
CA GLY M 39 -23.29 -26.28 33.24
C GLY M 39 -23.32 -27.40 32.24
N SER M 40 -22.15 -27.94 31.90
CA SER M 40 -22.09 -29.18 31.15
C SER M 40 -22.53 -30.35 32.01
N GLN M 41 -22.32 -30.25 33.33
CA GLN M 41 -22.89 -31.23 34.24
C GLN M 41 -24.39 -31.05 34.38
N LEU M 42 -24.85 -29.80 34.32
CA LEU M 42 -26.29 -29.54 34.45
C LEU M 42 -27.05 -29.99 33.22
N ILE M 43 -26.48 -29.79 32.03
CA ILE M 43 -27.17 -30.17 30.80
C ILE M 43 -27.15 -31.69 30.62
N ALA M 44 -26.20 -32.38 31.24
CA ALA M 44 -26.16 -33.83 31.12
C ALA M 44 -27.20 -34.50 32.00
N SER M 45 -27.47 -33.92 33.18
CA SER M 45 -28.50 -34.47 34.05
C SER M 45 -29.91 -34.19 33.56
N LEU M 46 -30.09 -33.14 32.76
CA LEU M 46 -31.39 -32.91 32.13
C LEU M 46 -31.65 -33.86 30.98
N ALA M 47 -30.61 -34.49 30.44
CA ALA M 47 -30.75 -35.42 29.34
C ALA M 47 -31.20 -36.81 29.78
N LYS M 48 -31.33 -37.04 31.09
CA LYS M 48 -31.83 -38.33 31.57
C LYS M 48 -33.29 -38.54 31.19
N THR M 49 -34.07 -37.46 31.08
CA THR M 49 -35.46 -37.57 30.70
C THR M 49 -35.62 -37.91 29.21
N LEU M 50 -34.59 -37.67 28.40
CA LEU M 50 -34.63 -38.03 27.00
C LEU M 50 -34.03 -39.41 26.72
N GLY M 51 -33.61 -40.12 27.76
CA GLY M 51 -33.07 -41.45 27.60
C GLY M 51 -31.57 -41.53 27.48
N PHE M 52 -30.85 -40.47 27.82
CA PHE M 52 -29.39 -40.44 27.71
C PHE M 52 -28.76 -40.74 29.06
N GLU M 53 -27.69 -41.51 29.04
CA GLU M 53 -26.78 -41.53 30.17
C GLU M 53 -25.95 -40.25 30.14
N PRO M 54 -25.55 -39.73 31.31
CA PRO M 54 -24.87 -38.42 31.32
C PRO M 54 -23.50 -38.42 30.66
N GLU M 55 -22.76 -39.52 30.77
CA GLU M 55 -21.49 -39.60 30.06
C GLU M 55 -21.68 -39.84 28.56
N LEU M 56 -22.82 -40.36 28.16
CA LEU M 56 -23.07 -40.62 26.75
C LEU M 56 -23.61 -39.38 26.03
N PHE M 57 -24.38 -38.54 26.72
CA PHE M 57 -24.88 -37.32 26.10
C PHE M 57 -23.77 -36.30 25.90
N ASP M 58 -22.76 -36.30 26.76
CA ASP M 58 -21.63 -35.41 26.62
C ASP M 58 -20.75 -35.78 25.43
N MET M 59 -20.85 -37.02 24.95
CA MET M 59 -20.02 -37.51 23.86
C MET M 59 -20.40 -36.88 22.51
N HIS M 60 -21.65 -36.45 22.35
CA HIS M 60 -22.19 -36.12 21.04
C HIS M 60 -21.91 -34.68 20.61
N GLY M 61 -21.08 -33.94 21.33
CA GLY M 61 -20.72 -32.62 20.87
C GLY M 61 -20.33 -31.71 22.02
N ARG M 62 -20.03 -30.47 21.65
CA ARG M 62 -19.65 -29.44 22.60
C ARG M 62 -20.88 -28.97 23.38
N PHE M 63 -20.65 -28.13 24.39
CA PHE M 63 -21.71 -27.70 25.27
C PHE M 63 -22.72 -26.80 24.55
N GLU M 64 -22.24 -25.88 23.70
CA GLU M 64 -23.16 -25.06 22.95
C GLU M 64 -23.88 -25.85 21.86
N GLN M 65 -23.31 -26.97 21.42
CA GLN M 65 -23.99 -27.82 20.45
C GLN M 65 -25.05 -28.68 21.12
N LEU M 66 -24.84 -29.10 22.36
CA LEU M 66 -25.86 -29.84 23.08
C LEU M 66 -27.01 -28.93 23.49
N ALA M 67 -26.72 -27.66 23.73
CA ALA M 67 -27.79 -26.70 24.00
C ALA M 67 -28.55 -26.33 22.74
N GLU M 68 -27.91 -26.44 21.57
CA GLU M 68 -28.63 -26.32 20.31
C GLU M 68 -29.65 -27.43 20.16
N PHE M 69 -29.32 -28.63 20.66
CA PHE M 69 -30.22 -29.77 20.58
C PHE M 69 -31.45 -29.57 21.46
N PHE M 70 -31.28 -28.93 22.62
CA PHE M 70 -32.45 -28.62 23.44
C PHE M 70 -33.27 -27.49 22.85
N ALA M 71 -32.64 -26.59 22.10
CA ALA M 71 -33.39 -25.45 21.56
C ALA M 71 -34.34 -25.85 20.46
N ILE M 72 -34.13 -26.99 19.81
CA ILE M 72 -34.93 -27.38 18.66
C ILE M 72 -35.73 -28.66 18.88
N SER M 73 -35.32 -29.53 19.80
CA SER M 73 -36.02 -30.80 19.99
C SER M 73 -36.81 -30.87 21.28
N ALA M 74 -36.44 -30.11 22.30
CA ALA M 74 -37.16 -30.10 23.57
C ALA M 74 -36.97 -28.73 24.22
N PRO M 75 -37.74 -27.72 23.78
CA PRO M 75 -37.45 -26.35 24.20
C PRO M 75 -37.77 -26.08 25.66
N ASN M 76 -38.60 -26.89 26.29
CA ASN M 76 -38.87 -26.73 27.70
C ASN M 76 -37.71 -27.16 28.58
N ARG M 77 -36.80 -28.00 28.08
CA ARG M 77 -35.60 -28.34 28.85
C ARG M 77 -34.52 -27.29 28.75
N LEU M 78 -34.52 -26.47 27.68
CA LEU M 78 -33.56 -25.38 27.60
C LEU M 78 -33.91 -24.28 28.58
N GLN M 79 -35.21 -23.99 28.74
CA GLN M 79 -35.64 -23.03 29.74
C GLN M 79 -35.45 -23.57 31.15
N ARG M 80 -35.53 -24.90 31.31
CA ARG M 80 -35.18 -25.52 32.58
C ARG M 80 -33.71 -25.34 32.90
N LEU M 81 -32.85 -25.35 31.88
CA LEU M 81 -31.42 -25.18 32.09
C LEU M 81 -31.08 -23.77 32.57
N VAL M 82 -31.70 -22.76 31.96
CA VAL M 82 -31.49 -21.38 32.38
C VAL M 82 -32.09 -21.15 33.76
N TYR M 83 -33.16 -21.86 34.08
CA TYR M 83 -33.78 -21.77 35.41
C TYR M 83 -32.86 -22.26 36.51
N GLU M 84 -32.28 -23.44 36.34
CA GLU M 84 -31.47 -24.02 37.41
C GLU M 84 -30.02 -23.56 37.38
N MET M 85 -29.62 -22.81 36.35
CA MET M 85 -28.38 -22.05 36.49
C MET M 85 -28.59 -20.80 37.32
N SER M 86 -29.78 -20.19 37.23
CA SER M 86 -30.06 -19.02 38.05
C SER M 86 -30.19 -19.36 39.53
N LEU M 87 -30.65 -20.57 39.85
CA LEU M 87 -30.67 -21.01 41.24
C LEU M 87 -29.29 -21.40 41.74
N SER M 88 -28.39 -21.82 40.85
CA SER M 88 -27.08 -22.32 41.25
C SER M 88 -25.98 -21.28 41.15
N PHE M 89 -25.96 -20.48 40.08
CA PHE M 89 -24.86 -19.53 39.91
C PHE M 89 -25.03 -18.32 40.81
N ASP M 90 -26.26 -18.00 41.18
CA ASP M 90 -26.56 -16.84 42.01
C ASP M 90 -27.14 -17.24 43.37
N SER M 91 -26.69 -18.37 43.90
CA SER M 91 -27.20 -18.85 45.18
C SER M 91 -26.57 -18.05 46.32
N ALA M 92 -27.10 -18.29 47.53
CA ALA M 92 -26.56 -17.62 48.71
C ALA M 92 -25.19 -18.17 49.10
N GLU M 93 -24.89 -19.41 48.72
CA GLU M 93 -23.57 -19.97 48.99
C GLU M 93 -22.52 -19.35 48.07
N ALA M 94 -22.91 -18.97 46.86
CA ALA M 94 -21.97 -18.32 45.95
C ALA M 94 -21.73 -16.88 46.35
N GLU M 95 -22.70 -16.25 47.01
CA GLU M 95 -22.49 -14.89 47.50
C GLU M 95 -21.54 -14.87 48.68
N ALA M 96 -21.59 -15.91 49.53
CA ALA M 96 -20.74 -15.95 50.72
C ALA M 96 -19.29 -16.18 50.35
N LEU M 97 -19.04 -16.98 49.31
CA LEU M 97 -17.67 -17.12 48.81
C LEU M 97 -17.21 -15.86 48.10
N ARG M 98 -18.15 -15.10 47.52
CA ARG M 98 -17.82 -13.87 46.83
C ARG M 98 -17.46 -12.76 47.82
N GLU M 99 -17.92 -12.86 49.06
CA GLU M 99 -17.54 -11.89 50.08
C GLU M 99 -16.06 -11.99 50.42
N LYS M 100 -15.54 -13.21 50.49
CA LYS M 100 -14.19 -13.48 50.97
C LYS M 100 -13.20 -13.73 49.86
N SER M 101 -13.62 -13.64 48.60
CA SER M 101 -12.72 -13.90 47.48
C SER M 101 -11.79 -12.72 47.28
N PRO M 102 -10.47 -12.94 47.30
CA PRO M 102 -9.54 -11.81 47.09
C PRO M 102 -9.53 -11.29 45.67
N MET M 103 -9.94 -12.09 44.69
CA MET M 103 -10.08 -11.61 43.31
C MET M 103 -11.19 -10.57 43.21
N HIS M 104 -12.33 -10.85 43.82
CA HIS M 104 -13.47 -9.95 43.74
C HIS M 104 -13.29 -8.73 44.63
N ARG M 105 -12.51 -8.85 45.69
CA ARG M 105 -12.23 -7.67 46.52
C ARG M 105 -11.24 -6.74 45.83
N ALA M 106 -10.24 -7.30 45.16
CA ALA M 106 -9.24 -6.48 44.47
C ALA M 106 -9.81 -5.84 43.23
N LEU M 107 -10.82 -6.47 42.62
CA LEU M 107 -11.51 -5.85 41.48
C LEU M 107 -12.31 -4.63 41.93
N ALA M 108 -13.02 -4.76 43.05
CA ALA M 108 -13.90 -3.69 43.51
C ALA M 108 -13.16 -2.58 44.25
N ALA M 109 -11.88 -2.76 44.57
CA ALA M 109 -11.12 -1.71 45.24
C ALA M 109 -10.71 -0.59 44.29
N LEU M 110 -10.90 -0.76 42.99
CA LEU M 110 -10.53 0.22 41.99
C LEU M 110 -11.78 0.89 41.42
N ASP M 111 -11.64 2.16 41.08
CA ASP M 111 -12.74 2.93 40.52
C ASP M 111 -12.75 2.75 39.01
N TRP M 112 -13.38 1.67 38.57
CA TRP M 112 -13.48 1.42 37.14
C TRP M 112 -14.60 2.27 36.55
N ARG M 113 -14.52 2.48 35.23
CA ARG M 113 -15.58 3.15 34.50
C ARG M 113 -16.45 2.17 33.73
N THR M 114 -15.85 1.10 33.20
CA THR M 114 -16.56 0.12 32.40
C THR M 114 -15.93 -1.24 32.68
N ILE M 115 -16.74 -2.24 32.98
CA ILE M 115 -16.28 -3.61 33.15
C ILE M 115 -17.09 -4.50 32.22
N TYR M 116 -16.40 -5.24 31.37
CA TYR M 116 -17.01 -6.24 30.52
C TYR M 116 -16.88 -7.61 31.15
N THR M 117 -17.92 -8.42 30.99
CA THR M 117 -17.85 -9.81 31.43
C THR M 117 -18.69 -10.67 30.51
N THR M 118 -18.30 -11.93 30.38
CA THR M 118 -18.94 -12.86 29.47
C THR M 118 -19.71 -13.95 30.19
N ASN M 119 -19.64 -14.00 31.51
CA ASN M 119 -20.34 -15.02 32.30
C ASN M 119 -21.68 -14.48 32.80
N TYR M 120 -22.60 -15.40 33.06
CA TYR M 120 -24.00 -15.03 33.22
C TYR M 120 -24.34 -14.60 34.63
N ASP M 121 -23.53 -14.99 35.61
CA ASP M 121 -23.84 -14.76 37.02
C ASP M 121 -23.68 -13.28 37.38
N LYS M 122 -24.14 -12.93 38.58
CA LYS M 122 -24.22 -11.55 39.01
C LYS M 122 -23.02 -11.11 39.84
N HIS M 123 -21.96 -11.92 39.89
CA HIS M 123 -20.92 -11.73 40.88
C HIS M 123 -19.88 -10.68 40.49
N VAL M 124 -19.99 -10.10 39.30
CA VAL M 124 -19.13 -8.97 38.97
C VAL M 124 -19.72 -7.68 39.54
N GLU M 125 -21.03 -7.51 39.42
CA GLU M 125 -21.68 -6.35 40.04
C GLU M 125 -21.73 -6.50 41.54
N GLY M 126 -22.00 -7.72 42.02
CA GLY M 126 -22.14 -7.95 43.45
C GLY M 126 -20.84 -7.76 44.20
N ALA M 127 -19.70 -7.90 43.51
CA ALA M 127 -18.43 -7.52 44.12
C ALA M 127 -18.36 -6.02 44.34
N LEU M 128 -18.91 -5.23 43.41
CA LEU M 128 -18.92 -3.78 43.55
C LEU M 128 -19.93 -3.34 44.61
N ARG M 129 -21.04 -4.06 44.76
CA ARG M 129 -21.99 -3.74 45.81
C ARG M 129 -21.45 -4.08 47.20
N ASP M 130 -20.55 -5.07 47.29
CA ASP M 130 -19.97 -5.42 48.58
C ASP M 130 -18.98 -4.37 49.06
N ALA M 131 -18.36 -3.64 48.14
CA ALA M 131 -17.45 -2.57 48.48
C ALA M 131 -18.15 -1.23 48.67
N GLY M 132 -19.48 -1.23 48.70
CA GLY M 132 -20.22 0.00 48.86
C GLY M 132 -20.29 0.86 47.63
N LYS M 133 -19.98 0.30 46.47
CA LYS M 133 -20.00 1.04 45.21
C LYS M 133 -21.24 0.68 44.41
N GLN M 134 -21.61 1.58 43.50
CA GLN M 134 -22.78 1.40 42.67
C GLN M 134 -22.39 0.85 41.31
N ALA M 135 -23.21 -0.05 40.78
CA ALA M 135 -22.98 -0.66 39.49
C ALA M 135 -24.26 -0.65 38.68
N ALA M 136 -24.12 -0.54 37.37
CA ALA M 136 -25.24 -0.52 36.45
C ALA M 136 -25.09 -1.68 35.48
N VAL M 137 -26.04 -2.61 35.50
CA VAL M 137 -26.01 -3.77 34.63
C VAL M 137 -26.53 -3.36 33.26
N LEU M 138 -25.79 -3.69 32.21
CA LEU M 138 -26.18 -3.35 30.83
C LEU M 138 -26.17 -4.62 30.00
N ALA M 139 -27.35 -5.14 29.70
CA ALA M 139 -27.44 -6.34 28.88
C ALA M 139 -28.37 -6.19 27.69
N SER M 140 -29.49 -5.49 27.85
CA SER M 140 -30.49 -5.36 26.81
C SER M 140 -30.61 -3.91 26.39
N PHE M 141 -31.47 -3.67 25.39
CA PHE M 141 -31.69 -2.31 24.91
C PHE M 141 -32.36 -1.44 25.96
N ALA M 142 -33.25 -2.04 26.77
CA ALA M 142 -33.91 -1.29 27.82
C ALA M 142 -32.96 -0.89 28.95
N ASP M 143 -31.84 -1.60 29.11
CA ASP M 143 -30.87 -1.23 30.13
C ASP M 143 -30.10 0.02 29.71
N PHE M 144 -29.72 0.13 28.43
CA PHE M 144 -29.01 1.30 27.96
C PHE M 144 -29.89 2.54 27.96
N GLN M 145 -31.19 2.38 27.71
CA GLN M 145 -32.11 3.50 27.65
C GLN M 145 -32.38 4.11 29.02
N GLY M 146 -32.20 3.36 30.09
CA GLY M 146 -32.50 3.83 31.42
C GLY M 146 -31.48 4.85 31.92
N PRO M 147 -31.89 5.71 32.84
CA PRO M 147 -30.99 6.76 33.33
C PRO M 147 -30.09 6.27 34.44
N ARG M 148 -28.94 6.93 34.55
CA ARG M 148 -27.95 6.61 35.58
C ARG M 148 -26.99 7.79 35.71
N ALA M 149 -26.21 7.79 36.79
CA ALA M 149 -25.24 8.84 37.03
C ALA M 149 -23.91 8.51 36.36
N ARG M 150 -23.06 9.53 36.23
CA ARG M 150 -21.76 9.35 35.62
C ARG M 150 -20.75 8.70 36.56
N ASP M 151 -21.00 8.74 37.87
CA ASP M 151 -20.08 8.10 38.82
C ASP M 151 -20.19 6.59 38.79
N VAL M 152 -21.32 6.05 38.32
CA VAL M 152 -21.61 4.62 38.43
C VAL M 152 -20.80 3.86 37.39
N CYS M 153 -20.11 2.80 37.84
CA CYS M 153 -19.44 1.90 36.93
C CYS M 153 -20.46 1.10 36.14
N GLU M 154 -20.31 1.09 34.82
CA GLU M 154 -21.22 0.37 33.94
C GLU M 154 -20.67 -1.03 33.67
N VAL M 155 -21.39 -2.04 34.10
CA VAL M 155 -20.99 -3.42 33.90
C VAL M 155 -21.82 -3.97 32.75
N ILE M 156 -21.17 -4.18 31.60
CA ILE M 156 -21.87 -4.68 30.42
C ILE M 156 -21.76 -6.20 30.39
N LYS M 157 -22.91 -6.86 30.47
CA LYS M 157 -23.01 -8.30 30.32
C LYS M 157 -22.95 -8.64 28.83
N PHE M 158 -21.79 -9.11 28.38
CA PHE M 158 -21.55 -9.29 26.97
C PHE M 158 -22.31 -10.48 26.40
N HIS M 159 -22.64 -11.46 27.23
CA HIS M 159 -23.42 -12.62 26.79
C HIS M 159 -24.72 -12.79 27.57
N GLY M 160 -25.25 -11.71 28.13
CA GLY M 160 -26.55 -11.74 28.77
C GLY M 160 -26.47 -11.93 30.27
N THR M 161 -27.63 -11.84 30.91
CA THR M 161 -27.74 -11.94 32.36
C THR M 161 -28.86 -12.92 32.68
N LEU M 162 -28.74 -13.61 33.82
CA LEU M 162 -29.73 -14.61 34.18
C LEU M 162 -31.08 -14.01 34.57
N ASP M 163 -31.14 -12.72 34.94
CA ASP M 163 -32.43 -12.12 35.24
C ASP M 163 -33.14 -11.60 34.01
N GLN M 164 -32.50 -11.65 32.85
CA GLN M 164 -33.11 -11.33 31.56
C GLN M 164 -32.83 -12.52 30.65
N PRO M 165 -33.67 -13.56 30.72
CA PRO M 165 -33.29 -14.85 30.10
C PRO M 165 -33.25 -14.83 28.58
N ASP M 166 -33.89 -13.86 27.93
CA ASP M 166 -33.84 -13.76 26.48
C ASP M 166 -32.58 -13.09 25.96
N THR M 167 -31.70 -12.62 26.86
CA THR M 167 -30.41 -12.08 26.47
C THR M 167 -29.28 -13.09 26.52
N ILE M 168 -29.55 -14.31 27.01
CA ILE M 168 -28.52 -15.32 27.21
C ILE M 168 -27.99 -15.81 25.87
N VAL M 169 -26.68 -15.77 25.71
CA VAL M 169 -26.01 -16.34 24.55
C VAL M 169 -25.41 -17.66 24.99
N LEU M 170 -26.13 -18.74 24.75
CA LEU M 170 -25.70 -20.07 25.15
C LEU M 170 -25.90 -21.13 24.08
N THR M 171 -26.87 -20.98 23.19
CA THR M 171 -27.07 -21.87 22.06
C THR M 171 -26.01 -21.59 21.01
N GLU M 172 -25.63 -22.64 20.25
CA GLU M 172 -24.59 -22.51 19.24
C GLU M 172 -24.98 -21.53 18.14
N SER M 173 -26.25 -21.52 17.75
CA SER M 173 -26.72 -20.57 16.76
C SER M 173 -26.66 -19.14 17.27
N SER M 174 -26.82 -18.96 18.58
CA SER M 174 -26.69 -17.62 19.16
C SER M 174 -25.25 -17.17 19.20
N TYR M 175 -24.29 -18.08 19.34
CA TYR M 175 -22.89 -17.70 19.25
C TYR M 175 -22.51 -17.31 17.83
N PHE M 176 -23.09 -17.99 16.84
CA PHE M 176 -22.77 -17.68 15.45
C PHE M 176 -23.35 -16.35 15.00
N GLN M 177 -24.51 -15.96 15.51
CA GLN M 177 -25.08 -14.69 15.11
C GLN M 177 -24.55 -13.52 15.92
N ARG M 178 -23.81 -13.78 17.00
CA ARG M 178 -23.08 -12.73 17.68
C ARG M 178 -21.73 -12.45 17.02
N MET M 179 -21.34 -13.24 16.02
CA MET M 179 -20.11 -12.95 15.28
C MET M 179 -20.28 -11.80 14.31
N ALA M 180 -21.52 -11.43 13.98
CA ALA M 180 -21.78 -10.26 13.15
C ALA M 180 -21.65 -8.95 13.91
N LEU M 181 -21.64 -9.02 15.25
CA LEU M 181 -21.52 -7.88 16.15
C LEU M 181 -22.64 -6.87 15.95
N ASP M 182 -23.86 -7.32 16.20
CA ASP M 182 -25.04 -6.47 16.08
C ASP M 182 -25.83 -6.32 17.36
N ALA M 183 -25.47 -7.02 18.43
CA ALA M 183 -26.14 -6.90 19.70
C ALA M 183 -25.79 -5.57 20.36
N PRO M 184 -26.61 -5.08 21.29
CA PRO M 184 -26.26 -3.86 22.05
C PRO M 184 -24.97 -3.96 22.86
N PRO M 185 -24.56 -5.12 23.42
CA PRO M 185 -23.19 -5.16 23.96
C PRO M 185 -22.12 -5.11 22.88
N ASP M 186 -22.43 -5.52 21.66
CA ASP M 186 -21.45 -5.48 20.58
C ASP M 186 -21.26 -4.06 20.07
N GLN M 187 -22.33 -3.28 20.01
CA GLN M 187 -22.25 -1.92 19.52
C GLN M 187 -21.53 -1.02 20.52
N ARG M 188 -21.64 -1.34 21.80
CA ARG M 188 -20.87 -0.63 22.81
C ARG M 188 -19.39 -0.98 22.73
N LEU M 189 -19.07 -2.21 22.35
CA LEU M 189 -17.68 -2.63 22.19
C LEU M 189 -17.03 -1.96 20.99
N ARG M 190 -17.80 -1.67 19.95
CA ARG M 190 -17.28 -1.02 18.75
C ARG M 190 -16.77 0.39 19.03
N ALA M 191 -17.38 1.09 19.99
CA ALA M 191 -16.93 2.42 20.33
C ALA M 191 -15.87 2.43 21.42
N ASP M 192 -15.86 1.44 22.28
CA ASP M 192 -14.87 1.40 23.36
C ASP M 192 -13.50 0.96 22.89
N LEU M 193 -13.41 0.21 21.79
CA LEU M 193 -12.09 -0.17 21.30
C LEU M 193 -11.37 0.97 20.62
N LEU M 194 -12.07 2.07 20.30
CA LEU M 194 -11.43 3.23 19.70
C LEU M 194 -10.58 3.99 20.70
N ALA M 195 -10.88 3.90 22.00
CA ALA M 195 -10.27 4.77 22.98
C ALA M 195 -9.58 4.04 24.13
N ASN M 196 -9.81 2.75 24.31
CA ASN M 196 -9.47 2.08 25.56
C ASN M 196 -8.53 0.90 25.30
N SER M 197 -7.90 0.45 26.38
CA SER M 197 -7.15 -0.80 26.39
C SER M 197 -7.90 -1.80 27.26
N PHE M 198 -7.78 -3.07 26.89
CA PHE M 198 -8.56 -4.13 27.51
C PHE M 198 -7.66 -5.06 28.31
N LEU M 199 -8.19 -5.53 29.43
CA LEU M 199 -7.50 -6.49 30.29
C LEU M 199 -8.34 -7.76 30.33
N PHE M 200 -7.92 -8.77 29.59
CA PHE M 200 -8.64 -10.02 29.48
C PHE M 200 -8.18 -10.96 30.60
N ILE M 201 -9.10 -11.36 31.48
CA ILE M 201 -8.79 -12.22 32.61
C ILE M 201 -9.77 -13.38 32.62
N GLY M 202 -9.26 -14.59 32.65
CA GLY M 202 -10.07 -15.76 32.86
C GLY M 202 -10.47 -16.53 31.62
N TYR M 203 -9.62 -16.57 30.60
CA TYR M 203 -9.88 -17.29 29.37
C TYR M 203 -8.80 -18.32 29.13
N SER M 204 -9.07 -19.21 28.18
CA SER M 204 -8.08 -20.16 27.70
C SER M 204 -7.79 -19.87 26.23
N PHE M 205 -6.65 -20.37 25.75
CA PHE M 205 -6.28 -20.14 24.36
C PHE M 205 -7.10 -20.99 23.40
N SER M 206 -7.75 -22.05 23.88
CA SER M 206 -8.52 -22.94 23.02
C SER M 206 -10.02 -22.65 23.09
N ASP M 207 -10.39 -21.38 23.24
CA ASP M 207 -11.80 -21.04 23.44
C ASP M 207 -12.55 -20.93 22.11
N THR M 208 -11.89 -20.38 21.09
CA THR M 208 -12.33 -20.19 19.70
C THR M 208 -13.48 -19.21 19.54
N ASN M 209 -14.02 -18.69 20.63
CA ASN M 209 -14.98 -17.61 20.60
C ASN M 209 -14.35 -16.29 21.00
N ILE M 210 -13.51 -16.30 22.04
CA ILE M 210 -12.77 -15.11 22.39
C ILE M 210 -11.63 -14.88 21.40
N ARG M 211 -11.21 -15.91 20.67
CA ARG M 211 -10.20 -15.71 19.64
C ARG M 211 -10.76 -14.96 18.45
N TYR M 212 -12.03 -15.18 18.12
CA TYR M 212 -12.65 -14.39 17.07
C TYR M 212 -12.82 -12.95 17.50
N ILE M 213 -13.15 -12.73 18.77
CA ILE M 213 -13.27 -11.38 19.31
C ILE M 213 -11.92 -10.67 19.33
N TRP M 214 -10.86 -11.41 19.66
CA TRP M 214 -9.50 -10.85 19.63
C TRP M 214 -9.09 -10.49 18.22
N TYR M 215 -9.45 -11.31 17.24
CA TYR M 215 -9.19 -10.99 15.85
C TYR M 215 -9.98 -9.78 15.40
N ARG M 216 -11.27 -9.77 15.72
CA ARG M 216 -12.18 -8.77 15.17
C ARG M 216 -11.96 -7.40 15.80
N MET M 217 -11.50 -7.35 17.05
CA MET M 217 -11.10 -6.07 17.63
C MET M 217 -9.89 -5.48 16.91
N ASN M 218 -8.93 -6.32 16.54
CA ASN M 218 -7.75 -5.85 15.82
C ASN M 218 -8.12 -5.36 14.43
N GLN M 219 -9.06 -6.04 13.78
CA GLN M 219 -9.48 -5.64 12.45
C GLN M 219 -10.24 -4.32 12.48
N LEU M 220 -11.02 -4.08 13.53
CA LEU M 220 -11.73 -2.81 13.67
C LEU M 220 -10.81 -1.66 14.06
N ARG M 221 -9.67 -1.94 14.70
CA ARG M 221 -8.71 -0.88 14.94
C ARG M 221 -7.99 -0.47 13.65
N GLU M 222 -7.63 -1.47 12.84
CA GLU M 222 -6.94 -1.17 11.59
C GLU M 222 -7.88 -0.54 10.57
N GLN M 223 -9.16 -0.88 10.62
CA GLN M 223 -10.12 -0.30 9.70
C GLN M 223 -10.43 1.15 10.07
N SER M 224 -10.29 1.50 11.33
CA SER M 224 -10.58 2.85 11.79
C SER M 224 -9.48 3.85 11.44
N GLN M 225 -8.36 3.41 10.88
CA GLN M 225 -7.27 4.28 10.47
C GLN M 225 -6.78 3.89 9.08
N LEU M 226 -7.73 3.69 8.16
CA LEU M 226 -7.41 3.22 6.82
C LEU M 226 -7.01 4.34 5.87
N GLY M 227 -7.47 5.56 6.11
CA GLY M 227 -7.16 6.66 5.21
C GLY M 227 -6.13 7.61 5.79
N VAL M 228 -6.11 7.71 7.13
CA VAL M 228 -5.14 8.54 7.83
C VAL M 228 -3.83 7.77 7.96
N LYS M 229 -2.77 8.45 8.40
CA LYS M 229 -1.52 7.79 8.70
C LYS M 229 -1.69 6.84 9.88
N HIS M 230 -0.95 5.73 9.84
CA HIS M 230 -1.08 4.70 10.86
C HIS M 230 -0.42 5.15 12.16
N SER M 231 -1.23 5.35 13.19
CA SER M 231 -0.74 5.70 14.51
C SER M 231 -0.77 4.49 15.42
N GLN M 232 0.02 4.56 16.49
CA GLN M 232 0.14 3.44 17.42
C GLN M 232 -1.02 3.43 18.40
N ALA M 233 -1.64 2.27 18.57
CA ALA M 233 -2.78 2.13 19.45
C ALA M 233 -2.35 1.72 20.85
N ARG M 234 -3.26 1.89 21.80
CA ARG M 234 -3.04 1.40 23.15
C ARG M 234 -3.04 -0.13 23.15
N ARG M 235 -2.13 -0.69 23.92
CA ARG M 235 -1.91 -2.13 23.94
C ARG M 235 -2.88 -2.80 24.91
N CYS M 236 -3.48 -3.90 24.47
CA CYS M 236 -4.35 -4.69 25.32
C CYS M 236 -3.54 -5.78 26.03
N PHE M 237 -4.17 -6.43 27.01
CA PHE M 237 -3.47 -7.35 27.90
C PHE M 237 -4.32 -8.59 28.15
N PHE M 238 -3.64 -9.71 28.39
CA PHE M 238 -4.29 -10.99 28.67
C PHE M 238 -3.51 -11.71 29.75
N ALA M 239 -4.12 -11.86 30.93
CA ALA M 239 -3.47 -12.50 32.07
C ALA M 239 -3.71 -14.00 32.02
N THR M 240 -2.64 -14.78 32.13
CA THR M 240 -2.70 -16.22 31.96
C THR M 240 -1.87 -16.85 33.06
N HIS M 241 -2.21 -18.09 33.41
CA HIS M 241 -1.35 -18.89 34.28
C HIS M 241 -0.47 -19.86 33.51
N GLY M 242 -0.93 -20.37 32.39
CA GLY M 242 -0.04 -21.08 31.49
C GLY M 242 -0.06 -20.47 30.10
N ALA M 243 1.03 -19.80 29.73
CA ALA M 243 1.04 -19.05 28.48
C ALA M 243 1.38 -19.93 27.28
N GLY M 244 2.17 -20.96 27.47
CA GLY M 244 2.59 -21.77 26.35
C GLY M 244 3.79 -21.15 25.65
N LEU M 245 3.96 -21.50 24.38
CA LEU M 245 5.13 -21.09 23.64
C LEU M 245 4.85 -20.54 22.26
N VAL M 246 3.72 -20.86 21.65
CA VAL M 246 3.37 -20.38 20.32
C VAL M 246 2.25 -19.33 20.39
N GLN M 247 1.26 -19.58 21.24
CA GLN M 247 0.12 -18.68 21.37
C GLN M 247 0.43 -17.23 21.81
N PRO M 248 1.39 -16.92 22.68
CA PRO M 248 1.68 -15.50 22.94
C PRO M 248 2.22 -14.73 21.75
N ASP M 249 2.87 -15.39 20.78
CA ASP M 249 3.35 -14.67 19.60
C ASP M 249 2.22 -14.32 18.65
N ILE M 250 1.19 -15.17 18.58
CA ILE M 250 0.01 -14.88 17.77
C ILE M 250 -0.73 -13.68 18.32
N LEU M 251 -0.85 -13.62 19.66
CA LEU M 251 -1.59 -12.54 20.32
C LEU M 251 -0.90 -11.19 20.21
N GLN M 252 0.41 -11.17 19.95
CA GLN M 252 1.12 -9.90 19.75
C GLN M 252 0.62 -9.17 18.52
N GLN M 253 0.28 -9.91 17.47
CA GLN M 253 -0.23 -9.29 16.25
C GLN M 253 -1.69 -8.92 16.35
N TRP M 254 -2.37 -9.34 17.41
CA TRP M 254 -3.73 -8.91 17.70
C TRP M 254 -3.77 -7.84 18.79
N ASN M 255 -2.65 -7.13 18.97
CA ASN M 255 -2.52 -5.97 19.87
C ASN M 255 -2.69 -6.38 21.34
N ILE M 256 -2.28 -7.60 21.70
CA ILE M 256 -2.52 -8.13 23.04
C ILE M 256 -1.21 -8.69 23.58
N ASP M 257 -0.76 -8.18 24.73
CA ASP M 257 0.40 -8.73 25.42
C ASP M 257 -0.05 -9.72 26.48
N VAL M 258 0.67 -10.84 26.57
CA VAL M 258 0.33 -11.90 27.50
C VAL M 258 1.10 -11.71 28.79
N ILE M 259 0.40 -11.79 29.92
CA ILE M 259 0.98 -11.65 31.24
C ILE M 259 1.01 -13.01 31.90
N GLN M 260 2.21 -13.53 32.18
CA GLN M 260 2.35 -14.80 32.87
C GLN M 260 2.19 -14.59 34.37
N LEU M 261 1.14 -15.18 34.94
CA LEU M 261 0.92 -15.16 36.37
C LEU M 261 1.43 -16.45 36.98
N ASP M 262 1.57 -16.45 38.29
CA ASP M 262 2.13 -17.58 39.01
C ASP M 262 1.11 -18.72 39.06
N PRO M 263 1.42 -19.91 38.52
CA PRO M 263 0.41 -20.97 38.42
C PRO M 263 0.24 -21.80 39.68
N THR M 264 0.96 -21.51 40.76
CA THR M 264 0.86 -22.34 41.96
C THR M 264 -0.47 -22.09 42.67
N ASP M 265 -0.85 -20.84 42.83
CA ASP M 265 -2.17 -20.46 43.35
C ASP M 265 -2.81 -19.57 42.30
N LYS M 266 -3.90 -20.05 41.70
CA LYS M 266 -4.54 -19.33 40.60
C LYS M 266 -5.19 -18.05 41.08
N SER M 267 -5.92 -18.13 42.19
CA SER M 267 -6.72 -17.01 42.65
C SER M 267 -5.86 -15.92 43.30
N ALA M 268 -4.74 -16.30 43.91
CA ALA M 268 -3.90 -15.30 44.57
C ALA M 268 -3.14 -14.47 43.55
N SER M 269 -2.67 -15.09 42.47
CA SER M 269 -1.86 -14.37 41.50
C SER M 269 -2.69 -13.40 40.67
N VAL M 270 -3.98 -13.69 40.47
CA VAL M 270 -4.86 -12.71 39.85
C VAL M 270 -5.11 -11.54 40.79
N ALA M 271 -5.22 -11.83 42.08
CA ALA M 271 -5.43 -10.77 43.07
C ALA M 271 -4.21 -9.89 43.23
N ARG M 272 -3.00 -10.43 43.06
CA ARG M 272 -1.81 -9.58 43.12
C ARG M 272 -1.71 -8.70 41.88
N LEU M 273 -2.29 -9.13 40.77
CA LEU M 273 -2.28 -8.31 39.56
C LEU M 273 -3.19 -7.10 39.71
N LEU M 274 -4.39 -7.31 40.25
CA LEU M 274 -5.36 -6.22 40.39
C LEU M 274 -4.96 -5.25 41.51
N GLU M 275 -4.17 -5.70 42.48
CA GLU M 275 -3.72 -4.81 43.54
C GLU M 275 -2.49 -4.00 43.13
N SER M 276 -1.74 -4.46 42.13
CA SER M 276 -0.62 -3.70 41.61
C SER M 276 -1.07 -2.54 40.73
N ILE M 277 -2.31 -2.57 40.26
CA ILE M 277 -2.86 -1.45 39.49
C ILE M 277 -3.14 -0.28 40.43
N ALA M 278 -3.57 -0.56 41.65
CA ALA M 278 -3.83 0.46 42.66
C ALA M 278 -2.54 1.16 43.10
N THR N 2 -13.18 11.93 -23.35
CA THR N 2 -13.34 10.68 -22.63
C THR N 2 -14.74 10.11 -22.82
N THR N 3 -15.19 10.09 -24.07
CA THR N 3 -16.54 9.60 -24.37
C THR N 3 -16.50 8.88 -25.71
N LEU N 4 -17.00 7.66 -25.73
CA LEU N 4 -17.05 6.87 -26.95
C LEU N 4 -18.23 7.28 -27.81
N THR N 5 -18.10 7.09 -29.12
CA THR N 5 -19.19 7.28 -30.05
C THR N 5 -19.85 5.94 -30.35
N LEU N 6 -20.75 5.93 -31.32
CA LEU N 6 -21.42 4.69 -31.71
C LEU N 6 -20.45 3.74 -32.41
N SER N 7 -19.66 4.26 -33.35
CA SER N 7 -18.77 3.40 -34.12
C SER N 7 -17.55 2.98 -33.32
N GLU N 8 -17.15 3.76 -32.33
CA GLU N 8 -16.00 3.39 -31.51
C GLU N 8 -16.36 2.31 -30.49
N ALA N 9 -17.57 2.35 -29.96
CA ALA N 9 -17.97 1.39 -28.93
C ALA N 9 -18.51 0.09 -29.50
N ALA N 10 -18.82 0.05 -30.79
CA ALA N 10 -19.36 -1.15 -31.42
C ALA N 10 -18.38 -2.34 -31.47
N PRO N 11 -17.08 -2.19 -31.77
CA PRO N 11 -16.20 -3.37 -31.62
C PRO N 11 -15.90 -3.72 -30.17
N LEU N 12 -16.05 -2.76 -29.24
CA LEU N 12 -15.82 -3.07 -27.83
C LEU N 12 -16.97 -3.88 -27.26
N LEU N 13 -18.21 -3.54 -27.63
CA LEU N 13 -19.36 -4.30 -27.18
C LEU N 13 -19.46 -5.66 -27.87
N LYS N 14 -18.97 -5.74 -29.11
CA LYS N 14 -19.05 -7.01 -29.85
C LYS N 14 -18.07 -8.03 -29.29
N LYS N 15 -16.93 -7.58 -28.79
CA LYS N 15 -15.95 -8.51 -28.22
C LYS N 15 -16.44 -9.09 -26.91
N GLU N 16 -17.18 -8.31 -26.13
CA GLU N 16 -17.73 -8.83 -24.88
C GLU N 16 -18.91 -9.76 -25.15
N PHE N 17 -19.60 -9.59 -26.27
CA PHE N 17 -20.79 -10.38 -26.54
C PHE N 17 -20.46 -11.74 -27.16
N ARG N 18 -19.38 -11.83 -27.94
CA ARG N 18 -19.01 -13.10 -28.56
C ARG N 18 -18.59 -14.14 -27.53
N GLU N 19 -18.01 -13.69 -26.43
CA GLU N 19 -17.62 -14.59 -25.36
C GLU N 19 -18.63 -14.60 -24.21
N GLY N 20 -19.82 -14.04 -24.44
CA GLY N 20 -20.94 -14.19 -23.52
C GLY N 20 -20.81 -13.47 -22.20
N ARG N 21 -20.14 -12.32 -22.18
CA ARG N 21 -19.87 -11.61 -20.94
C ARG N 21 -20.43 -10.19 -20.97
N LEU N 22 -21.55 -9.99 -21.64
CA LEU N 22 -22.20 -8.68 -21.72
C LEU N 22 -23.61 -8.83 -21.18
N ILE N 23 -23.95 -8.05 -20.17
CA ILE N 23 -25.27 -8.08 -19.54
C ILE N 23 -25.90 -6.70 -19.65
N PRO N 24 -27.06 -6.55 -20.28
CA PRO N 24 -27.74 -5.26 -20.27
C PRO N 24 -28.35 -4.97 -18.91
N PHE N 25 -28.37 -3.69 -18.56
CA PHE N 25 -28.90 -3.24 -17.28
C PHE N 25 -29.85 -2.09 -17.64
N LEU N 26 -31.13 -2.40 -17.79
CA LEU N 26 -32.07 -1.51 -18.47
C LEU N 26 -32.84 -0.66 -17.47
N GLY N 27 -32.95 0.63 -17.77
CA GLY N 27 -33.59 1.59 -16.89
C GLY N 27 -34.96 2.01 -17.36
N ALA N 28 -35.44 3.11 -16.77
CA ALA N 28 -36.78 3.60 -17.07
C ALA N 28 -36.85 4.25 -18.45
N GLY N 29 -35.72 4.74 -18.96
CA GLY N 29 -35.69 5.30 -20.30
C GLY N 29 -35.83 4.28 -21.40
N PHE N 30 -35.69 2.99 -21.08
CA PHE N 30 -35.90 1.95 -22.07
C PHE N 30 -37.37 1.72 -22.35
N SER N 31 -38.24 2.00 -21.38
CA SER N 31 -39.68 1.93 -21.55
C SER N 31 -40.29 3.26 -21.96
N LYS N 32 -39.47 4.22 -22.37
CA LYS N 32 -39.97 5.50 -22.85
C LYS N 32 -40.83 5.43 -24.13
N PRO N 33 -40.53 4.64 -25.18
CA PRO N 33 -41.44 4.63 -26.34
C PRO N 33 -42.78 3.95 -26.10
N LEU N 34 -43.00 3.34 -24.95
CA LEU N 34 -44.24 2.62 -24.69
C LEU N 34 -45.37 3.54 -24.23
N LYS N 35 -45.07 4.83 -24.02
CA LYS N 35 -46.04 5.87 -23.67
C LYS N 35 -46.77 5.55 -22.37
N LEU N 36 -46.03 5.10 -21.38
CA LEU N 36 -46.60 4.73 -20.10
C LEU N 36 -46.89 5.98 -19.27
N PRO N 37 -47.80 5.89 -18.30
CA PRO N 37 -47.97 6.99 -17.35
C PRO N 37 -46.74 7.16 -16.46
N ASP N 38 -46.64 8.34 -15.86
CA ASP N 38 -45.43 8.72 -15.14
C ASP N 38 -45.30 7.96 -13.83
N GLY N 39 -46.39 7.81 -13.10
CA GLY N 39 -46.34 7.25 -11.76
C GLY N 39 -46.36 8.36 -10.74
N SER N 40 -45.59 9.42 -11.00
CA SER N 40 -45.74 10.64 -10.22
C SER N 40 -47.05 11.33 -10.54
N GLN N 41 -47.55 11.17 -11.77
CA GLN N 41 -48.90 11.63 -12.09
C GLN N 41 -49.94 10.73 -11.44
N LEU N 42 -49.67 9.44 -11.32
CA LEU N 42 -50.63 8.52 -10.72
C LEU N 42 -50.73 8.73 -9.21
N ILE N 43 -49.61 9.00 -8.55
CA ILE N 43 -49.62 9.19 -7.11
C ILE N 43 -50.22 10.54 -6.74
N ALA N 44 -50.20 11.50 -7.66
CA ALA N 44 -50.79 12.81 -7.39
C ALA N 44 -52.31 12.76 -7.48
N SER N 45 -52.85 11.98 -8.39
CA SER N 45 -54.30 11.85 -8.51
C SER N 45 -54.89 11.01 -7.38
N LEU N 46 -54.12 10.13 -6.77
CA LEU N 46 -54.60 9.41 -5.60
C LEU N 46 -54.62 10.28 -4.36
N ALA N 47 -53.88 11.39 -4.37
CA ALA N 47 -53.85 12.30 -3.23
C ALA N 47 -55.05 13.24 -3.17
N LYS N 48 -55.95 13.19 -4.15
CA LYS N 48 -57.15 14.00 -4.11
C LYS N 48 -58.08 13.57 -3.00
N THR N 49 -58.07 12.28 -2.65
CA THR N 49 -58.91 11.78 -1.58
C THR N 49 -58.40 12.21 -0.20
N LEU N 50 -57.13 12.60 -0.10
CA LEU N 50 -56.58 13.10 1.14
C LEU N 50 -56.65 14.62 1.26
N GLY N 51 -57.24 15.29 0.28
CA GLY N 51 -57.40 16.73 0.32
C GLY N 51 -56.30 17.52 -0.37
N PHE N 52 -55.47 16.87 -1.18
CA PHE N 52 -54.38 17.54 -1.86
C PHE N 52 -54.78 17.91 -3.29
N GLU N 53 -54.37 19.09 -3.72
CA GLU N 53 -54.33 19.36 -5.14
C GLU N 53 -53.13 18.63 -5.74
N PRO N 54 -53.21 18.20 -7.00
CA PRO N 54 -52.12 17.38 -7.56
C PRO N 54 -50.81 18.12 -7.73
N GLU N 55 -50.84 19.41 -8.06
CA GLU N 55 -49.61 20.17 -8.12
C GLU N 55 -49.07 20.51 -6.74
N LEU N 56 -49.91 20.48 -5.71
CA LEU N 56 -49.46 20.80 -4.36
C LEU N 56 -48.89 19.57 -3.66
N PHE N 57 -49.40 18.39 -3.95
CA PHE N 57 -48.87 17.17 -3.35
C PHE N 57 -47.49 16.82 -3.91
N ASP N 58 -47.23 17.18 -5.16
CA ASP N 58 -45.93 16.94 -5.77
C ASP N 58 -44.85 17.85 -5.18
N MET N 59 -45.26 18.95 -4.55
CA MET N 59 -44.31 19.92 -4.00
C MET N 59 -43.59 19.39 -2.77
N HIS N 60 -44.20 18.47 -2.04
CA HIS N 60 -43.72 18.10 -0.71
C HIS N 60 -42.63 17.04 -0.70
N GLY N 61 -42.08 16.68 -1.84
CA GLY N 61 -40.96 15.76 -1.83
C GLY N 61 -40.86 14.98 -3.13
N ARG N 62 -39.86 14.10 -3.16
CA ARG N 62 -39.63 13.24 -4.31
C ARG N 62 -40.69 12.14 -4.38
N PHE N 63 -40.66 11.38 -5.47
CA PHE N 63 -41.68 10.36 -5.71
C PHE N 63 -41.60 9.22 -4.70
N GLU N 64 -40.38 8.78 -4.38
CA GLU N 64 -40.24 7.72 -3.38
C GLU N 64 -40.54 8.23 -1.98
N GLN N 65 -40.44 9.55 -1.75
CA GLN N 65 -40.81 10.11 -0.46
C GLN N 65 -42.31 10.26 -0.32
N LEU N 66 -43.01 10.55 -1.43
CA LEU N 66 -44.47 10.62 -1.38
C LEU N 66 -45.08 9.23 -1.25
N ALA N 67 -44.40 8.22 -1.78
CA ALA N 67 -44.85 6.84 -1.59
C ALA N 67 -44.56 6.35 -0.18
N GLU N 68 -43.55 6.91 0.48
CA GLU N 68 -43.33 6.65 1.89
C GLU N 68 -44.50 7.16 2.72
N PHE N 69 -45.08 8.30 2.30
CA PHE N 69 -46.21 8.87 3.01
C PHE N 69 -47.46 8.01 2.88
N PHE N 70 -47.65 7.36 1.73
CA PHE N 70 -48.77 6.43 1.62
C PHE N 70 -48.51 5.14 2.38
N ALA N 71 -47.25 4.75 2.55
CA ALA N 71 -46.96 3.49 3.22
C ALA N 71 -47.24 3.55 4.72
N ILE N 72 -47.28 4.74 5.31
CA ILE N 72 -47.43 4.87 6.75
C ILE N 72 -48.69 5.59 7.17
N SER N 73 -49.32 6.40 6.31
CA SER N 73 -50.50 7.15 6.70
C SER N 73 -51.78 6.66 6.05
N ALA N 74 -51.69 6.02 4.89
CA ALA N 74 -52.87 5.49 4.21
C ALA N 74 -52.45 4.30 3.37
N PRO N 75 -52.28 3.13 4.00
CA PRO N 75 -51.66 1.99 3.30
C PRO N 75 -52.52 1.40 2.20
N ASN N 76 -53.83 1.63 2.23
CA ASN N 76 -54.69 1.15 1.16
C ASN N 76 -54.52 1.95 -0.12
N ARG N 77 -54.01 3.18 -0.06
CA ARG N 77 -53.73 3.92 -1.28
C ARG N 77 -52.41 3.53 -1.93
N LEU N 78 -51.46 2.98 -1.15
CA LEU N 78 -50.23 2.49 -1.75
C LEU N 78 -50.49 1.21 -2.55
N GLN N 79 -51.35 0.34 -2.03
CA GLN N 79 -51.74 -0.86 -2.78
C GLN N 79 -52.61 -0.50 -3.98
N ARG N 80 -53.36 0.60 -3.89
CA ARG N 80 -54.08 1.13 -5.03
C ARG N 80 -53.12 1.62 -6.11
N LEU N 81 -51.97 2.17 -5.71
CA LEU N 81 -50.99 2.66 -6.67
C LEU N 81 -50.34 1.52 -7.44
N VAL N 82 -50.00 0.43 -6.75
CA VAL N 82 -49.42 -0.73 -7.41
C VAL N 82 -50.45 -1.41 -8.29
N TYR N 83 -51.73 -1.33 -7.89
CA TYR N 83 -52.82 -1.90 -8.69
C TYR N 83 -52.97 -1.19 -10.02
N GLU N 84 -53.03 0.14 -10.02
CA GLU N 84 -53.29 0.85 -11.25
C GLU N 84 -52.03 1.14 -12.05
N MET N 85 -50.85 0.82 -11.52
CA MET N 85 -49.69 0.71 -12.40
C MET N 85 -49.69 -0.59 -13.16
N SER N 86 -50.20 -1.66 -12.56
CA SER N 86 -50.29 -2.94 -13.26
C SER N 86 -51.32 -2.90 -14.37
N LEU N 87 -52.39 -2.13 -14.24
CA LEU N 87 -53.33 -1.94 -15.32
C LEU N 87 -52.81 -1.04 -16.42
N SER N 88 -51.90 -0.12 -16.09
CA SER N 88 -51.40 0.87 -17.03
C SER N 88 -50.09 0.48 -17.68
N PHE N 89 -49.13 -0.04 -16.92
CA PHE N 89 -47.83 -0.33 -17.49
C PHE N 89 -47.84 -1.60 -18.32
N ASP N 90 -48.78 -2.50 -18.03
CA ASP N 90 -48.88 -3.77 -18.73
C ASP N 90 -50.17 -3.89 -19.51
N SER N 91 -50.68 -2.78 -20.02
CA SER N 91 -51.93 -2.77 -20.76
C SER N 91 -51.73 -3.35 -22.16
N ALA N 92 -52.84 -3.55 -22.87
CA ALA N 92 -52.77 -4.06 -24.22
C ALA N 92 -52.27 -3.01 -25.19
N GLU N 93 -52.43 -1.72 -24.86
CA GLU N 93 -51.90 -0.66 -25.69
C GLU N 93 -50.38 -0.58 -25.57
N ALA N 94 -49.84 -0.90 -24.40
CA ALA N 94 -48.39 -0.90 -24.24
C ALA N 94 -47.76 -2.11 -24.91
N GLU N 95 -48.50 -3.21 -25.04
CA GLU N 95 -47.98 -4.37 -25.76
C GLU N 95 -47.91 -4.10 -27.25
N ALA N 96 -48.88 -3.35 -27.79
CA ALA N 96 -48.93 -3.09 -29.22
C ALA N 96 -47.81 -2.15 -29.65
N LEU N 97 -47.46 -1.19 -28.80
CA LEU N 97 -46.29 -0.36 -29.08
C LEU N 97 -45.00 -1.13 -28.91
N ARG N 98 -45.00 -2.15 -28.04
CA ARG N 98 -43.84 -2.98 -27.81
C ARG N 98 -43.57 -3.91 -28.98
N GLU N 99 -44.60 -4.23 -29.77
CA GLU N 99 -44.41 -5.04 -30.97
C GLU N 99 -43.60 -4.30 -32.02
N LYS N 100 -43.83 -3.00 -32.17
CA LYS N 100 -43.25 -2.23 -33.24
C LYS N 100 -42.08 -1.37 -32.79
N SER N 101 -41.67 -1.47 -31.54
CA SER N 101 -40.58 -0.66 -31.03
C SER N 101 -39.25 -1.22 -31.53
N PRO N 102 -38.43 -0.42 -32.21
CA PRO N 102 -37.13 -0.93 -32.69
C PRO N 102 -36.12 -1.18 -31.58
N MET N 103 -36.28 -0.53 -30.42
CA MET N 103 -35.43 -0.82 -29.27
C MET N 103 -35.68 -2.22 -28.75
N HIS N 104 -36.94 -2.60 -28.62
CA HIS N 104 -37.28 -3.92 -28.08
C HIS N 104 -37.05 -5.03 -29.09
N ARG N 105 -37.11 -4.71 -30.38
CA ARG N 105 -36.79 -5.73 -31.39
C ARG N 105 -35.30 -5.97 -31.47
N ALA N 106 -34.49 -4.91 -31.36
CA ALA N 106 -33.05 -5.07 -31.43
C ALA N 106 -32.49 -5.72 -30.17
N LEU N 107 -33.18 -5.56 -29.04
CA LEU N 107 -32.78 -6.25 -27.82
C LEU N 107 -33.02 -7.75 -27.94
N ALA N 108 -34.16 -8.13 -28.49
CA ALA N 108 -34.53 -9.54 -28.57
C ALA N 108 -33.89 -10.27 -29.73
N ALA N 109 -33.24 -9.57 -30.65
CA ALA N 109 -32.56 -10.21 -31.76
C ALA N 109 -31.24 -10.86 -31.35
N LEU N 110 -30.77 -10.61 -30.14
CA LEU N 110 -29.52 -11.15 -29.63
C LEU N 110 -29.79 -12.23 -28.60
N ASP N 111 -28.91 -13.23 -28.57
CA ASP N 111 -29.05 -14.35 -27.62
C ASP N 111 -28.34 -13.97 -26.34
N TRP N 112 -29.05 -13.26 -25.47
CA TRP N 112 -28.50 -12.90 -24.18
C TRP N 112 -28.57 -14.07 -23.22
N ARG N 113 -27.73 -14.01 -22.20
CA ARG N 113 -27.79 -14.99 -21.12
C ARG N 113 -28.45 -14.44 -19.87
N THR N 114 -28.25 -13.16 -19.59
CA THR N 114 -28.80 -12.51 -18.41
C THR N 114 -29.12 -11.07 -18.78
N ILE N 115 -30.32 -10.62 -18.46
CA ILE N 115 -30.73 -9.23 -18.64
C ILE N 115 -31.22 -8.70 -17.31
N TYR N 116 -30.63 -7.61 -16.86
CA TYR N 116 -31.08 -6.90 -15.68
C TYR N 116 -31.97 -5.74 -16.08
N THR N 117 -33.01 -5.49 -15.29
CA THR N 117 -33.83 -4.31 -15.48
C THR N 117 -34.34 -3.82 -14.14
N THR N 118 -34.59 -2.52 -14.06
CA THR N 118 -35.00 -1.88 -12.82
C THR N 118 -36.44 -1.39 -12.86
N ASN N 119 -37.12 -1.50 -14.00
CA ASN N 119 -38.49 -1.06 -14.14
C ASN N 119 -39.45 -2.22 -13.94
N TYR N 120 -40.67 -1.89 -13.53
CA TYR N 120 -41.58 -2.90 -12.99
C TYR N 120 -42.36 -3.64 -14.05
N ASP N 121 -42.48 -3.05 -15.24
CA ASP N 121 -43.33 -3.60 -16.28
C ASP N 121 -42.72 -4.87 -16.90
N LYS N 122 -43.53 -5.55 -17.69
CA LYS N 122 -43.16 -6.86 -18.22
C LYS N 122 -42.55 -6.80 -19.61
N HIS N 123 -42.19 -5.62 -20.10
CA HIS N 123 -41.89 -5.44 -21.51
C HIS N 123 -40.45 -5.81 -21.87
N VAL N 124 -39.64 -6.19 -20.90
CA VAL N 124 -38.32 -6.73 -21.24
C VAL N 124 -38.43 -8.21 -21.59
N GLU N 125 -39.22 -8.96 -20.82
CA GLU N 125 -39.47 -10.36 -21.18
C GLU N 125 -40.38 -10.46 -22.38
N GLY N 126 -41.39 -9.60 -22.46
CA GLY N 126 -42.34 -9.67 -23.56
C GLY N 126 -41.73 -9.33 -24.90
N ALA N 127 -40.63 -8.59 -24.90
CA ALA N 127 -39.87 -8.41 -26.13
C ALA N 127 -39.23 -9.72 -26.57
N LEU N 128 -38.75 -10.51 -25.61
CA LEU N 128 -38.17 -11.81 -25.94
C LEU N 128 -39.24 -12.82 -26.36
N ARG N 129 -40.44 -12.73 -25.80
CA ARG N 129 -41.52 -13.62 -26.22
C ARG N 129 -42.02 -13.26 -27.61
N ASP N 130 -41.90 -12.00 -28.02
CA ASP N 130 -42.33 -11.61 -29.36
C ASP N 130 -41.39 -12.12 -30.43
N ALA N 131 -40.12 -12.33 -30.09
CA ALA N 131 -39.15 -12.89 -31.01
C ALA N 131 -39.14 -14.42 -31.00
N GLY N 132 -40.09 -15.04 -30.33
CA GLY N 132 -40.12 -16.49 -30.25
C GLY N 132 -39.12 -17.10 -29.29
N LYS N 133 -38.54 -16.30 -28.41
CA LYS N 133 -37.55 -16.77 -27.46
C LYS N 133 -38.18 -16.92 -26.08
N GLN N 134 -37.55 -17.74 -25.25
CA GLN N 134 -38.02 -18.01 -23.91
C GLN N 134 -37.28 -17.16 -22.90
N ALA N 135 -38.00 -16.68 -21.90
CA ALA N 135 -37.44 -15.85 -20.85
C ALA N 135 -37.93 -16.35 -19.50
N ALA N 136 -37.08 -16.18 -18.49
CA ALA N 136 -37.39 -16.59 -17.13
C ALA N 136 -37.30 -15.37 -16.23
N VAL N 137 -38.43 -15.01 -15.61
CA VAL N 137 -38.47 -13.85 -14.73
C VAL N 137 -37.94 -14.27 -13.37
N LEU N 138 -37.02 -13.48 -12.82
CA LEU N 138 -36.41 -13.76 -11.53
C LEU N 138 -36.56 -12.52 -10.65
N ALA N 139 -37.47 -12.58 -9.70
CA ALA N 139 -37.67 -11.45 -8.79
C ALA N 139 -37.62 -11.85 -7.33
N SER N 140 -38.18 -13.00 -6.97
CA SER N 140 -38.28 -13.43 -5.59
C SER N 140 -37.47 -14.70 -5.39
N PHE N 141 -37.44 -15.16 -4.14
CA PHE N 141 -36.70 -16.38 -3.81
C PHE N 141 -37.33 -17.60 -4.46
N ALA N 142 -38.66 -17.62 -4.58
CA ALA N 142 -39.34 -18.73 -5.23
C ALA N 142 -39.07 -18.79 -6.72
N ASP N 143 -38.69 -17.67 -7.34
CA ASP N 143 -38.36 -17.69 -8.76
C ASP N 143 -37.02 -18.36 -9.01
N PHE N 144 -36.03 -18.09 -8.15
CA PHE N 144 -34.72 -18.72 -8.30
C PHE N 144 -34.78 -20.21 -8.01
N GLN N 145 -35.64 -20.64 -7.09
CA GLN N 145 -35.73 -22.05 -6.72
C GLN N 145 -36.37 -22.89 -7.81
N GLY N 146 -37.16 -22.31 -8.70
CA GLY N 146 -37.84 -23.05 -9.72
C GLY N 146 -36.91 -23.54 -10.82
N PRO N 147 -37.28 -24.62 -11.50
CA PRO N 147 -36.42 -25.18 -12.53
C PRO N 147 -36.59 -24.49 -13.87
N ARG N 148 -35.52 -24.54 -14.67
CA ARG N 148 -35.50 -23.95 -16.00
C ARG N 148 -34.34 -24.55 -16.78
N ALA N 149 -34.36 -24.34 -18.09
CA ALA N 149 -33.31 -24.84 -18.97
C ALA N 149 -32.17 -23.83 -19.06
N ARG N 150 -31.03 -24.31 -19.54
CA ARG N 150 -29.86 -23.44 -19.70
C ARG N 150 -29.94 -22.54 -20.91
N ASP N 151 -30.79 -22.88 -21.89
CA ASP N 151 -30.94 -22.05 -23.07
C ASP N 151 -31.71 -20.76 -22.78
N VAL N 152 -32.51 -20.75 -21.71
CA VAL N 152 -33.44 -19.67 -21.44
C VAL N 152 -32.68 -18.47 -20.90
N CYS N 153 -32.93 -17.29 -21.48
CA CYS N 153 -32.38 -16.06 -20.93
C CYS N 153 -33.07 -15.72 -19.62
N GLU N 154 -32.28 -15.45 -18.60
CA GLU N 154 -32.79 -15.13 -17.28
C GLU N 154 -32.91 -13.62 -17.14
N VAL N 155 -34.12 -13.13 -16.97
CA VAL N 155 -34.38 -11.70 -16.81
C VAL N 155 -34.61 -11.45 -15.33
N ILE N 156 -33.65 -10.80 -14.68
CA ILE N 156 -33.75 -10.52 -13.26
C ILE N 156 -34.36 -9.14 -13.08
N LYS N 157 -35.53 -9.11 -12.43
CA LYS N 157 -36.20 -7.88 -12.05
C LYS N 157 -35.54 -7.35 -10.79
N PHE N 158 -34.69 -6.33 -10.96
CA PHE N 158 -33.85 -5.85 -9.87
C PHE N 158 -34.65 -5.08 -8.82
N HIS N 159 -35.79 -4.50 -9.19
CA HIS N 159 -36.65 -3.79 -8.26
C HIS N 159 -38.06 -4.37 -8.20
N GLY N 160 -38.23 -5.63 -8.54
CA GLY N 160 -39.51 -6.30 -8.39
C GLY N 160 -40.32 -6.32 -9.67
N THR N 161 -41.44 -7.04 -9.60
CA THR N 161 -42.33 -7.21 -10.74
C THR N 161 -43.75 -6.92 -10.27
N LEU N 162 -44.59 -6.43 -11.19
CA LEU N 162 -45.95 -6.08 -10.83
C LEU N 162 -46.83 -7.29 -10.53
N ASP N 163 -46.48 -8.48 -11.00
CA ASP N 163 -47.26 -9.66 -10.66
C ASP N 163 -46.87 -10.27 -9.31
N GLN N 164 -45.83 -9.76 -8.69
CA GLN N 164 -45.44 -10.14 -7.33
C GLN N 164 -45.31 -8.83 -6.55
N PRO N 165 -46.43 -8.32 -6.01
CA PRO N 165 -46.43 -6.94 -5.49
C PRO N 165 -45.60 -6.73 -4.25
N ASP N 166 -45.25 -7.77 -3.52
CA ASP N 166 -44.41 -7.62 -2.34
C ASP N 166 -42.93 -7.55 -2.67
N THR N 167 -42.55 -7.67 -3.94
CA THR N 167 -41.18 -7.49 -4.38
C THR N 167 -40.89 -6.08 -4.87
N ILE N 168 -41.90 -5.22 -4.96
CA ILE N 168 -41.75 -3.89 -5.53
C ILE N 168 -40.90 -3.02 -4.62
N VAL N 169 -39.87 -2.41 -5.18
CA VAL N 169 -39.04 -1.44 -4.48
C VAL N 169 -39.47 -0.07 -4.98
N LEU N 170 -40.37 0.56 -4.24
CA LEU N 170 -40.89 1.87 -4.60
C LEU N 170 -40.96 2.86 -3.45
N THR N 171 -41.10 2.40 -2.22
CA THR N 171 -41.07 3.24 -1.03
C THR N 171 -39.62 3.66 -0.75
N GLU N 172 -39.45 4.85 -0.16
CA GLU N 172 -38.12 5.38 0.11
C GLU N 172 -37.35 4.49 1.09
N SER N 173 -38.05 3.95 2.09
CA SER N 173 -37.41 3.04 3.04
C SER N 173 -36.98 1.75 2.36
N SER N 174 -37.69 1.33 1.32
CA SER N 174 -37.29 0.14 0.58
C SER N 174 -36.06 0.41 -0.28
N TYR N 175 -35.90 1.64 -0.77
CA TYR N 175 -34.66 1.97 -1.49
C TYR N 175 -33.48 2.02 -0.56
N PHE N 176 -33.67 2.47 0.67
CA PHE N 176 -32.57 2.57 1.63
C PHE N 176 -32.13 1.19 2.11
N GLN N 177 -33.03 0.24 2.25
CA GLN N 177 -32.63 -1.09 2.70
C GLN N 177 -32.13 -1.97 1.57
N ARG N 178 -32.31 -1.56 0.32
CA ARG N 178 -31.65 -2.23 -0.79
C ARG N 178 -30.22 -1.75 -0.99
N MET N 179 -29.78 -0.72 -0.25
CA MET N 179 -28.39 -0.31 -0.32
C MET N 179 -27.46 -1.25 0.42
N ALA N 180 -27.99 -2.10 1.30
CA ALA N 180 -27.18 -3.11 1.96
C ALA N 180 -26.89 -4.30 1.07
N LEU N 181 -27.61 -4.43 -0.05
CA LEU N 181 -27.47 -5.50 -1.04
C LEU N 181 -27.69 -6.88 -0.42
N ASP N 182 -28.90 -7.10 0.08
CA ASP N 182 -29.27 -8.37 0.68
C ASP N 182 -30.45 -9.06 0.00
N ALA N 183 -31.07 -8.43 -0.98
CA ALA N 183 -32.17 -9.04 -1.70
C ALA N 183 -31.64 -10.13 -2.64
N PRO N 184 -32.49 -11.07 -3.06
CA PRO N 184 -32.07 -12.07 -4.05
C PRO N 184 -31.62 -11.51 -5.40
N PRO N 185 -32.17 -10.38 -5.91
CA PRO N 185 -31.51 -9.79 -7.08
C PRO N 185 -30.15 -9.18 -6.75
N ASP N 186 -29.92 -8.78 -5.50
CA ASP N 186 -28.64 -8.21 -5.13
C ASP N 186 -27.57 -9.28 -5.01
N GLN N 187 -27.94 -10.46 -4.50
CA GLN N 187 -26.98 -11.54 -4.33
C GLN N 187 -26.58 -12.12 -5.67
N ARG N 188 -27.47 -12.08 -6.65
CA ARG N 188 -27.13 -12.50 -8.00
C ARG N 188 -26.21 -11.49 -8.66
N LEU N 189 -26.36 -10.20 -8.33
CA LEU N 189 -25.49 -9.16 -8.87
C LEU N 189 -24.08 -9.28 -8.31
N ARG N 190 -23.94 -9.75 -7.07
CA ARG N 190 -22.63 -9.88 -6.45
C ARG N 190 -21.76 -10.92 -7.15
N ALA N 191 -22.37 -11.95 -7.72
CA ALA N 191 -21.61 -12.96 -8.43
C ALA N 191 -21.43 -12.63 -9.90
N ASP N 192 -22.34 -11.87 -10.50
CA ASP N 192 -22.21 -11.55 -11.91
C ASP N 192 -21.20 -10.44 -12.18
N LEU N 193 -20.92 -9.58 -11.21
CA LEU N 193 -19.89 -8.56 -11.43
C LEU N 193 -18.49 -9.13 -11.40
N LEU N 194 -18.31 -10.36 -10.92
CA LEU N 194 -17.00 -10.99 -10.93
C LEU N 194 -16.57 -11.42 -12.33
N ALA N 195 -17.50 -11.65 -13.24
CA ALA N 195 -17.18 -12.27 -14.51
C ALA N 195 -17.64 -11.47 -15.73
N ASN N 196 -18.51 -10.48 -15.57
CA ASN N 196 -19.23 -9.91 -16.70
C ASN N 196 -18.98 -8.42 -16.82
N SER N 197 -19.31 -7.88 -17.98
CA SER N 197 -19.37 -6.45 -18.21
C SER N 197 -20.82 -6.04 -18.40
N PHE N 198 -21.15 -4.83 -17.98
CA PHE N 198 -22.52 -4.37 -17.92
C PHE N 198 -22.74 -3.24 -18.92
N LEU N 199 -23.92 -3.24 -19.53
CA LEU N 199 -24.34 -2.20 -20.47
C LEU N 199 -25.55 -1.50 -19.87
N PHE N 200 -25.33 -0.31 -19.33
CA PHE N 200 -26.38 0.47 -18.67
C PHE N 200 -27.07 1.34 -19.72
N ILE N 201 -28.37 1.12 -19.92
CA ILE N 201 -29.15 1.86 -20.90
C ILE N 201 -30.39 2.41 -20.22
N GLY N 202 -30.61 3.71 -20.35
CA GLY N 202 -31.85 4.32 -19.92
C GLY N 202 -31.83 4.98 -18.56
N TYR N 203 -30.70 5.55 -18.15
CA TYR N 203 -30.59 6.24 -16.87
C TYR N 203 -30.17 7.68 -17.10
N SER N 204 -30.28 8.47 -16.04
CA SER N 204 -29.76 9.82 -16.02
C SER N 204 -28.66 9.92 -14.99
N PHE N 205 -27.83 10.95 -15.11
CA PHE N 205 -26.73 11.13 -14.17
C PHE N 205 -27.19 11.62 -12.82
N SER N 206 -28.40 12.16 -12.72
CA SER N 206 -28.92 12.70 -11.47
C SER N 206 -29.88 11.75 -10.79
N ASP N 207 -29.62 10.44 -10.89
CA ASP N 207 -30.57 9.47 -10.36
C ASP N 207 -30.35 9.20 -8.88
N THR N 208 -29.08 9.18 -8.44
CA THR N 208 -28.58 9.02 -7.07
C THR N 208 -28.85 7.65 -6.47
N ASN N 209 -29.57 6.79 -7.19
CA ASN N 209 -29.73 5.39 -6.81
C ASN N 209 -28.86 4.48 -7.67
N ILE N 210 -28.83 4.73 -8.97
CA ILE N 210 -27.93 3.98 -9.84
C ILE N 210 -26.50 4.46 -9.63
N ARG N 211 -26.30 5.66 -9.10
CA ARG N 211 -24.94 6.11 -8.80
C ARG N 211 -24.36 5.36 -7.62
N TYR N 212 -25.19 5.01 -6.63
CA TYR N 212 -24.71 4.19 -5.53
C TYR N 212 -24.38 2.78 -6.02
N ILE N 213 -25.18 2.26 -6.95
CA ILE N 213 -24.93 0.94 -7.52
C ILE N 213 -23.64 0.96 -8.35
N TRP N 214 -23.42 2.05 -9.09
CA TRP N 214 -22.18 2.19 -9.85
C TRP N 214 -20.96 2.28 -8.95
N TYR N 215 -21.10 2.97 -7.81
CA TYR N 215 -20.02 3.01 -6.83
C TYR N 215 -19.78 1.65 -6.22
N ARG N 216 -20.85 0.99 -5.81
CA ARG N 216 -20.75 -0.22 -5.01
C ARG N 216 -20.28 -1.41 -5.85
N MET N 217 -20.58 -1.42 -7.16
CA MET N 217 -20.00 -2.43 -8.03
C MET N 217 -18.50 -2.28 -8.15
N ASN N 218 -18.02 -1.03 -8.23
CA ASN N 218 -16.58 -0.80 -8.31
C ASN N 218 -15.88 -1.19 -7.03
N GLN N 219 -16.52 -0.95 -5.89
CA GLN N 219 -15.93 -1.30 -4.61
C GLN N 219 -15.88 -2.81 -4.41
N LEU N 220 -16.86 -3.54 -4.93
CA LEU N 220 -16.84 -4.99 -4.85
C LEU N 220 -15.88 -5.63 -5.83
N ARG N 221 -15.52 -4.94 -6.92
CA ARG N 221 -14.47 -5.46 -7.79
C ARG N 221 -13.10 -5.28 -7.15
N GLU N 222 -12.87 -4.14 -6.51
CA GLU N 222 -11.59 -3.89 -5.87
C GLU N 222 -11.42 -4.72 -4.62
N GLN N 223 -12.52 -5.03 -3.92
CA GLN N 223 -12.43 -5.86 -2.73
C GLN N 223 -12.18 -7.32 -3.08
N SER N 224 -12.58 -7.75 -4.28
CA SER N 224 -12.39 -9.13 -4.70
C SER N 224 -10.96 -9.43 -5.13
N GLN N 225 -10.09 -8.44 -5.19
CA GLN N 225 -8.69 -8.63 -5.54
C GLN N 225 -7.79 -7.87 -4.58
N LEU N 226 -8.06 -8.01 -3.29
CA LEU N 226 -7.36 -7.25 -2.27
C LEU N 226 -6.05 -7.91 -1.85
N GLY N 227 -5.92 -9.22 -1.98
CA GLY N 227 -4.72 -9.91 -1.56
C GLY N 227 -3.86 -10.34 -2.71
N VAL N 228 -4.49 -10.61 -3.85
CA VAL N 228 -3.78 -10.98 -5.07
C VAL N 228 -3.29 -9.71 -5.76
N LYS N 229 -2.45 -9.88 -6.79
CA LYS N 229 -2.03 -8.75 -7.59
C LYS N 229 -3.21 -8.18 -8.37
N HIS N 230 -3.19 -6.86 -8.57
CA HIS N 230 -4.31 -6.16 -9.19
C HIS N 230 -4.30 -6.44 -10.69
N SER N 231 -5.33 -7.13 -11.16
CA SER N 231 -5.52 -7.41 -12.58
C SER N 231 -6.58 -6.49 -13.16
N GLN N 232 -6.56 -6.34 -14.47
CA GLN N 232 -7.49 -5.44 -15.15
C GLN N 232 -8.83 -6.13 -15.36
N ALA N 233 -9.90 -5.42 -15.01
CA ALA N 233 -11.25 -5.95 -15.11
C ALA N 233 -11.86 -5.61 -16.47
N ARG N 234 -12.93 -6.32 -16.80
CA ARG N 234 -13.72 -5.98 -17.98
C ARG N 234 -14.43 -4.65 -17.76
N ARG N 235 -14.45 -3.83 -18.80
CA ARG N 235 -14.98 -2.49 -18.73
C ARG N 235 -16.49 -2.49 -18.93
N CYS N 236 -17.21 -1.74 -18.09
CA CYS N 236 -18.64 -1.58 -18.23
C CYS N 236 -18.95 -0.37 -19.09
N PHE N 237 -20.21 -0.23 -19.48
CA PHE N 237 -20.61 0.78 -20.46
C PHE N 237 -21.93 1.43 -20.05
N PHE N 238 -22.10 2.68 -20.45
CA PHE N 238 -23.32 3.45 -20.15
C PHE N 238 -23.67 4.29 -21.37
N ALA N 239 -24.78 3.97 -22.02
CA ALA N 239 -25.22 4.67 -23.21
C ALA N 239 -26.07 5.87 -22.83
N THR N 240 -25.73 7.03 -23.38
CA THR N 240 -26.36 8.28 -23.00
C THR N 240 -26.65 9.07 -24.26
N HIS N 241 -27.65 9.94 -24.20
CA HIS N 241 -27.87 10.91 -25.26
C HIS N 241 -27.29 12.27 -24.95
N GLY N 242 -27.27 12.67 -23.68
CA GLY N 242 -26.49 13.83 -23.29
C GLY N 242 -25.49 13.49 -22.22
N ALA N 243 -24.20 13.47 -22.57
CA ALA N 243 -23.19 13.01 -21.64
C ALA N 243 -22.73 14.09 -20.69
N GLY N 244 -22.75 15.34 -21.12
CA GLY N 244 -22.24 16.41 -20.29
C GLY N 244 -20.73 16.53 -20.41
N LEU N 245 -20.11 17.09 -19.39
CA LEU N 245 -18.69 17.40 -19.46
C LEU N 245 -17.90 16.98 -18.23
N VAL N 246 -18.52 16.83 -17.07
CA VAL N 246 -17.85 16.42 -15.84
C VAL N 246 -18.20 14.98 -15.48
N GLN N 247 -19.47 14.61 -15.61
CA GLN N 247 -19.92 13.27 -15.25
C GLN N 247 -19.26 12.09 -15.99
N PRO N 248 -18.88 12.15 -17.29
CA PRO N 248 -18.14 11.01 -17.85
C PRO N 248 -16.77 10.75 -17.25
N ASP N 249 -16.12 11.77 -16.69
CA ASP N 249 -14.83 11.55 -16.06
C ASP N 249 -14.97 10.85 -14.71
N ILE N 250 -16.05 11.12 -13.99
CA ILE N 250 -16.32 10.43 -12.73
C ILE N 250 -16.59 8.95 -12.98
N LEU N 251 -17.34 8.65 -14.04
CA LEU N 251 -17.71 7.27 -14.35
C LEU N 251 -16.53 6.43 -14.82
N GLN N 252 -15.45 7.06 -15.31
CA GLN N 252 -14.26 6.32 -15.69
C GLN N 252 -13.62 5.61 -14.50
N GLN N 253 -13.64 6.26 -13.34
CA GLN N 253 -13.08 5.67 -12.14
C GLN N 253 -13.99 4.64 -11.51
N TRP N 254 -15.24 4.54 -11.97
CA TRP N 254 -16.15 3.48 -11.56
C TRP N 254 -16.25 2.38 -12.60
N ASN N 255 -15.22 2.25 -13.45
CA ASN N 255 -15.06 1.17 -14.45
C ASN N 255 -16.14 1.23 -15.52
N ILE N 256 -16.61 2.43 -15.87
CA ILE N 256 -17.74 2.59 -16.79
C ILE N 256 -17.36 3.62 -17.85
N ASP N 257 -17.42 3.22 -19.12
CA ASP N 257 -17.20 4.14 -20.23
C ASP N 257 -18.55 4.65 -20.74
N VAL N 258 -18.61 5.94 -21.03
CA VAL N 258 -19.84 6.59 -21.47
C VAL N 258 -19.88 6.57 -22.99
N ILE N 259 -21.01 6.17 -23.55
CA ILE N 259 -21.22 6.12 -25.00
C ILE N 259 -22.19 7.23 -25.36
N GLN N 260 -21.73 8.19 -26.15
CA GLN N 260 -22.60 9.27 -26.63
C GLN N 260 -23.40 8.80 -27.82
N LEU N 261 -24.72 8.74 -27.65
CA LEU N 261 -25.62 8.41 -28.74
C LEU N 261 -26.19 9.70 -29.34
N ASP N 262 -26.77 9.56 -30.52
CA ASP N 262 -27.29 10.72 -31.25
C ASP N 262 -28.57 11.23 -30.59
N PRO N 263 -28.61 12.48 -30.12
CA PRO N 263 -29.77 12.95 -29.36
C PRO N 263 -30.95 13.42 -30.20
N THR N 264 -30.87 13.34 -31.53
CA THR N 264 -31.97 13.84 -32.36
C THR N 264 -33.17 12.91 -32.28
N ASP N 265 -32.93 11.61 -32.41
CA ASP N 265 -33.96 10.60 -32.20
C ASP N 265 -33.45 9.66 -31.12
N LYS N 266 -34.13 9.67 -29.97
CA LYS N 266 -33.67 8.90 -28.82
C LYS N 266 -33.79 7.40 -29.06
N SER N 267 -34.93 6.97 -29.58
CA SER N 267 -35.21 5.55 -29.72
C SER N 267 -34.44 4.92 -30.86
N ALA N 268 -34.15 5.68 -31.92
CA ALA N 268 -33.43 5.11 -33.05
C ALA N 268 -31.96 4.88 -32.72
N SER N 269 -31.35 5.79 -31.97
CA SER N 269 -29.92 5.69 -31.69
C SER N 269 -29.62 4.57 -30.69
N VAL N 270 -30.57 4.25 -29.81
CA VAL N 270 -30.41 3.08 -28.96
C VAL N 270 -30.53 1.81 -29.79
N ALA N 271 -31.44 1.82 -30.78
CA ALA N 271 -31.61 0.66 -31.65
C ALA N 271 -30.40 0.43 -32.54
N ARG N 272 -29.72 1.49 -32.96
CA ARG N 272 -28.51 1.30 -33.76
C ARG N 272 -27.37 0.76 -32.91
N LEU N 273 -27.39 1.02 -31.61
CA LEU N 273 -26.38 0.48 -30.72
C LEU N 273 -26.54 -1.02 -30.54
N LEU N 274 -27.77 -1.47 -30.33
CA LEU N 274 -28.02 -2.89 -30.10
C LEU N 274 -27.87 -3.71 -31.37
N GLU N 275 -28.03 -3.10 -32.54
CA GLU N 275 -27.84 -3.82 -33.80
C GLU N 275 -26.38 -3.88 -34.22
N SER N 276 -25.55 -2.99 -33.71
CA SER N 276 -24.12 -3.06 -33.98
C SER N 276 -23.44 -4.15 -33.18
N ILE N 277 -24.08 -4.63 -32.12
CA ILE N 277 -23.54 -5.76 -31.35
C ILE N 277 -23.69 -7.05 -32.15
N ALA N 278 -24.77 -7.18 -32.91
CA ALA N 278 -25.01 -8.34 -33.76
C ALA N 278 -24.00 -8.40 -34.91
N THR O 2 -33.94 -39.65 12.15
CA THR O 2 -33.79 -38.48 11.28
C THR O 2 -32.54 -38.57 10.43
N THR O 3 -32.33 -39.74 9.82
CA THR O 3 -31.15 -39.96 9.01
C THR O 3 -31.52 -40.83 7.82
N LEU O 4 -31.18 -40.38 6.62
CA LEU O 4 -31.46 -41.14 5.41
C LEU O 4 -30.43 -42.23 5.21
N THR O 5 -30.84 -43.30 4.54
CA THR O 5 -29.92 -44.35 4.13
C THR O 5 -29.50 -44.11 2.68
N LEU O 6 -28.81 -45.09 2.10
CA LEU O 6 -28.38 -44.98 0.71
C LEU O 6 -29.56 -45.08 -0.24
N SER O 7 -30.46 -46.04 0.00
CA SER O 7 -31.57 -46.25 -0.92
C SER O 7 -32.66 -45.21 -0.74
N GLU O 8 -32.76 -44.61 0.44
CA GLU O 8 -33.77 -43.58 0.66
C GLU O 8 -33.36 -42.25 0.04
N ALA O 9 -32.08 -41.93 0.06
CA ALA O 9 -31.60 -40.66 -0.45
C ALA O 9 -31.34 -40.67 -1.95
N ALA O 10 -31.30 -41.84 -2.57
CA ALA O 10 -31.04 -41.95 -4.00
C ALA O 10 -32.14 -41.36 -4.89
N PRO O 11 -33.45 -41.53 -4.65
CA PRO O 11 -34.41 -40.77 -5.47
C PRO O 11 -34.47 -39.29 -5.13
N LEU O 12 -34.03 -38.90 -3.93
CA LEU O 12 -34.03 -37.49 -3.59
C LEU O 12 -32.89 -36.75 -4.30
N LEU O 13 -31.73 -37.39 -4.38
CA LEU O 13 -30.60 -36.79 -5.10
C LEU O 13 -30.81 -36.83 -6.60
N LYS O 14 -31.52 -37.85 -7.10
CA LYS O 14 -31.74 -37.97 -8.54
C LYS O 14 -32.71 -36.90 -9.03
N LYS O 15 -33.69 -36.52 -8.22
CA LYS O 15 -34.65 -35.49 -8.62
C LYS O 15 -33.98 -34.12 -8.71
N GLU O 16 -33.01 -33.85 -7.83
CA GLU O 16 -32.29 -32.59 -7.89
C GLU O 16 -31.32 -32.55 -9.06
N PHE O 17 -30.84 -33.72 -9.50
CA PHE O 17 -29.83 -33.77 -10.54
C PHE O 17 -30.43 -33.69 -11.93
N ARG O 18 -31.64 -34.22 -12.13
CA ARG O 18 -32.26 -34.19 -13.45
C ARG O 18 -32.61 -32.76 -13.88
N GLU O 19 -32.92 -31.89 -12.93
CA GLU O 19 -33.19 -30.50 -13.22
C GLU O 19 -32.00 -29.60 -12.94
N GLY O 20 -30.81 -30.19 -12.76
CA GLY O 20 -29.57 -29.43 -12.74
C GLY O 20 -29.36 -28.55 -11.54
N ARG O 21 -29.86 -28.95 -10.37
CA ARG O 21 -29.81 -28.12 -9.18
C ARG O 21 -29.09 -28.83 -8.03
N LEU O 22 -28.11 -29.65 -8.34
CA LEU O 22 -27.32 -30.36 -7.32
C LEU O 22 -25.87 -30.00 -7.51
N ILE O 23 -25.25 -29.46 -6.47
CA ILE O 23 -23.85 -29.04 -6.49
C ILE O 23 -23.10 -29.82 -5.41
N PRO O 24 -22.07 -30.58 -5.77
CA PRO O 24 -21.24 -31.22 -4.73
C PRO O 24 -20.36 -30.20 -4.03
N PHE O 25 -20.12 -30.44 -2.75
CA PHE O 25 -19.30 -29.57 -1.93
C PHE O 25 -18.30 -30.49 -1.24
N LEU O 26 -17.12 -30.65 -1.81
CA LEU O 26 -16.23 -31.76 -1.48
C LEU O 26 -15.19 -31.32 -0.46
N GLY O 27 -14.99 -32.17 0.55
CA GLY O 27 -14.08 -31.86 1.65
C GLY O 27 -12.77 -32.64 1.58
N ALA O 28 -12.07 -32.64 2.71
CA ALA O 28 -10.76 -33.29 2.77
C ALA O 28 -10.87 -34.80 2.78
N GLY O 29 -12.01 -35.33 3.22
CA GLY O 29 -12.23 -36.77 3.18
C GLY O 29 -12.43 -37.33 1.79
N PHE O 30 -12.65 -36.48 0.80
CA PHE O 30 -12.77 -36.93 -0.58
C PHE O 30 -11.41 -37.26 -1.17
N SER O 31 -10.35 -36.63 -0.69
CA SER O 31 -8.98 -36.92 -1.11
C SER O 31 -8.30 -37.93 -0.20
N LYS O 32 -9.07 -38.61 0.65
CA LYS O 32 -8.51 -39.67 1.50
C LYS O 32 -7.93 -40.88 0.77
N PRO O 33 -8.52 -41.43 -0.31
CA PRO O 33 -7.85 -42.57 -0.97
C PRO O 33 -6.59 -42.23 -1.74
N LEU O 34 -6.23 -40.96 -1.85
CA LEU O 34 -5.06 -40.57 -2.62
C LEU O 34 -3.76 -40.69 -1.84
N LYS O 35 -3.86 -41.03 -0.54
CA LYS O 35 -2.71 -41.29 0.35
C LYS O 35 -1.79 -40.07 0.45
N LEU O 36 -2.39 -38.90 0.59
CA LEU O 36 -1.63 -37.67 0.68
C LEU O 36 -1.05 -37.49 2.08
N PRO O 37 0.02 -36.71 2.22
CA PRO O 37 0.50 -36.36 3.56
C PRO O 37 -0.51 -35.48 4.31
N ASP O 38 -0.34 -35.45 5.63
CA ASP O 38 -1.35 -34.82 6.48
C ASP O 38 -1.31 -33.30 6.36
N GLY O 39 -0.12 -32.72 6.31
CA GLY O 39 0.01 -31.28 6.37
C GLY O 39 0.36 -30.84 7.77
N SER O 40 -0.31 -31.45 8.77
CA SER O 40 0.12 -31.29 10.14
C SER O 40 1.43 -32.04 10.38
N GLN O 41 1.67 -33.12 9.64
CA GLN O 41 2.96 -33.77 9.65
C GLN O 41 4.00 -32.93 8.93
N LEU O 42 3.59 -32.23 7.87
CA LEU O 42 4.54 -31.41 7.11
C LEU O 42 4.95 -30.17 7.90
N ILE O 43 4.00 -29.56 8.62
CA ILE O 43 4.32 -28.35 9.37
C ILE O 43 5.14 -28.68 10.61
N ALA O 44 5.07 -29.92 11.10
CA ALA O 44 5.84 -30.30 12.27
C ALA O 44 7.29 -30.55 11.91
N SER O 45 7.56 -31.10 10.72
CA SER O 45 8.93 -31.31 10.28
C SER O 45 9.64 -30.03 9.89
N LEU O 46 8.89 -29.00 9.49
CA LEU O 46 9.49 -27.70 9.23
C LEU O 46 9.85 -26.97 10.52
N ALA O 47 9.26 -27.37 11.65
CA ALA O 47 9.56 -26.75 12.93
C ALA O 47 10.84 -27.24 13.56
N LYS O 48 11.52 -28.21 12.95
CA LYS O 48 12.81 -28.67 13.46
C LYS O 48 13.88 -27.59 13.35
N THR O 49 13.78 -26.73 12.33
CA THR O 49 14.74 -25.65 12.18
C THR O 49 14.56 -24.56 13.21
N LEU O 50 13.39 -24.48 13.84
CA LEU O 50 13.14 -23.51 14.91
C LEU O 50 13.43 -24.07 16.29
N GLY O 51 13.90 -25.32 16.38
CA GLY O 51 14.22 -25.91 17.65
C GLY O 51 13.12 -26.75 18.28
N PHE O 52 12.08 -27.09 17.54
CA PHE O 52 10.97 -27.86 18.06
C PHE O 52 11.12 -29.33 17.74
N GLU O 53 10.79 -30.18 18.70
CA GLU O 53 10.51 -31.56 18.37
C GLU O 53 9.14 -31.63 17.70
N PRO O 54 8.93 -32.59 16.79
CA PRO O 54 7.66 -32.61 16.03
C PRO O 54 6.44 -32.91 16.87
N GLU O 55 6.57 -33.76 17.89
CA GLU O 55 5.44 -34.01 18.77
C GLU O 55 5.21 -32.85 19.74
N LEU O 56 6.23 -32.03 19.98
CA LEU O 56 6.09 -30.90 20.89
C LEU O 56 5.52 -29.68 20.20
N PHE O 57 5.82 -29.48 18.91
CA PHE O 57 5.27 -28.36 18.18
C PHE O 57 3.79 -28.53 17.90
N ASP O 58 3.33 -29.78 17.75
CA ASP O 58 1.93 -30.07 17.55
C ASP O 58 1.10 -29.80 18.80
N MET O 59 1.74 -29.76 19.97
CA MET O 59 1.05 -29.58 21.24
C MET O 59 0.50 -28.16 21.40
N HIS O 60 1.12 -27.18 20.75
CA HIS O 60 0.87 -25.78 21.07
C HIS O 60 -0.32 -25.18 20.33
N GLY O 61 -1.12 -25.97 19.65
CA GLY O 61 -2.33 -25.45 19.04
C GLY O 61 -2.76 -26.26 17.84
N ARG O 62 -3.84 -25.77 17.22
CA ARG O 62 -4.40 -26.40 16.03
C ARG O 62 -3.50 -26.11 14.82
N PHE O 63 -3.83 -26.75 13.70
CA PHE O 63 -3.00 -26.65 12.50
C PHE O 63 -3.03 -25.25 11.90
N GLU O 64 -4.20 -24.62 11.87
CA GLU O 64 -4.28 -23.26 11.37
C GLU O 64 -3.66 -22.26 12.34
N GLN O 65 -3.56 -22.61 13.62
CA GLN O 65 -2.88 -21.74 14.57
C GLN O 65 -1.37 -21.87 14.48
N LEU O 66 -0.87 -23.07 14.15
CA LEU O 66 0.57 -23.23 13.97
C LEU O 66 1.01 -22.59 12.66
N ALA O 67 0.14 -22.54 11.66
CA ALA O 67 0.44 -21.83 10.43
C ALA O 67 0.37 -20.32 10.61
N GLU O 68 -0.43 -19.86 11.58
CA GLU O 68 -0.40 -18.45 11.97
C GLU O 68 0.96 -18.08 12.54
N PHE O 69 1.58 -19.01 13.27
CA PHE O 69 2.89 -18.77 13.86
C PHE O 69 3.97 -18.65 12.80
N PHE O 70 3.86 -19.42 11.71
CA PHE O 70 4.82 -19.26 10.62
C PHE O 70 4.56 -17.99 9.83
N ALA O 71 3.31 -17.51 9.79
CA ALA O 71 3.01 -16.34 8.99
C ALA O 71 3.58 -15.06 9.60
N ILE O 72 3.87 -15.05 10.89
CA ILE O 72 4.30 -13.84 11.57
C ILE O 72 5.71 -13.92 12.14
N SER O 73 6.24 -15.12 12.40
CA SER O 73 7.56 -15.24 13.00
C SER O 73 8.63 -15.75 12.06
N ALA O 74 8.25 -16.52 11.03
CA ALA O 74 9.20 -17.04 10.05
C ALA O 74 8.48 -17.22 8.73
N PRO O 75 8.29 -16.13 7.97
CA PRO O 75 7.42 -16.19 6.79
C PRO O 75 7.97 -17.02 5.65
N ASN O 76 9.29 -17.25 5.62
CA ASN O 76 9.87 -18.10 4.59
C ASN O 76 9.56 -19.57 4.81
N ARG O 77 9.21 -19.99 6.04
CA ARG O 77 8.79 -21.37 6.26
C ARG O 77 7.34 -21.61 5.90
N LEU O 78 6.51 -20.57 5.89
CA LEU O 78 5.13 -20.75 5.45
C LEU O 78 5.07 -20.92 3.93
N GLN O 79 5.91 -20.20 3.20
CA GLN O 79 6.00 -20.39 1.76
C GLN O 79 6.65 -21.73 1.42
N ARG O 80 7.54 -22.21 2.29
CA ARG O 80 8.09 -23.55 2.16
C ARG O 80 7.01 -24.61 2.34
N LEU O 81 6.04 -24.35 3.23
CA LEU O 81 4.96 -25.30 3.46
C LEU O 81 4.04 -25.42 2.25
N VAL O 82 3.70 -24.30 1.62
CA VAL O 82 2.87 -24.31 0.43
C VAL O 82 3.64 -24.93 -0.75
N TYR O 83 4.96 -24.76 -0.75
CA TYR O 83 5.80 -25.36 -1.78
C TYR O 83 5.79 -26.88 -1.73
N GLU O 84 6.00 -27.45 -0.55
CA GLU O 84 6.10 -28.89 -0.46
C GLU O 84 4.76 -29.57 -0.30
N MET O 85 3.67 -28.83 -0.13
CA MET O 85 2.36 -29.42 -0.35
C MET O 85 2.06 -29.54 -1.85
N SER O 86 2.54 -28.59 -2.65
CA SER O 86 2.35 -28.69 -4.09
C SER O 86 3.13 -29.82 -4.71
N LEU O 87 4.29 -30.16 -4.16
CA LEU O 87 5.04 -31.32 -4.62
C LEU O 87 4.41 -32.63 -4.15
N SER O 88 3.71 -32.63 -3.03
CA SER O 88 3.18 -33.84 -2.43
C SER O 88 1.71 -34.09 -2.79
N PHE O 89 0.87 -33.07 -2.76
CA PHE O 89 -0.55 -33.29 -3.00
C PHE O 89 -0.84 -33.49 -4.48
N ASP O 90 0.01 -32.96 -5.36
CA ASP O 90 -0.18 -33.05 -6.79
C ASP O 90 0.93 -33.84 -7.46
N SER O 91 1.46 -34.84 -6.78
CA SER O 91 2.54 -35.66 -7.31
C SER O 91 2.00 -36.63 -8.35
N ALA O 92 2.93 -37.31 -9.04
CA ALA O 92 2.55 -38.30 -10.03
C ALA O 92 1.99 -39.56 -9.38
N GLU O 93 2.37 -39.84 -8.13
CA GLU O 93 1.82 -40.98 -7.42
C GLU O 93 0.38 -40.72 -7.01
N ALA O 94 0.03 -39.47 -6.72
CA ALA O 94 -1.34 -39.15 -6.38
C ALA O 94 -2.24 -39.15 -7.61
N GLU O 95 -1.68 -38.88 -8.79
CA GLU O 95 -2.46 -38.96 -10.01
C GLU O 95 -2.78 -40.40 -10.37
N ALA O 96 -1.85 -41.32 -10.10
CA ALA O 96 -2.04 -42.71 -10.46
C ALA O 96 -3.10 -43.38 -9.58
N LEU O 97 -3.17 -42.98 -8.31
CA LEU O 97 -4.25 -43.46 -7.46
C LEU O 97 -5.58 -42.81 -7.84
N ARG O 98 -5.53 -41.60 -8.39
CA ARG O 98 -6.72 -40.89 -8.81
C ARG O 98 -7.31 -41.50 -10.09
N GLU O 99 -6.49 -42.20 -10.87
CA GLU O 99 -7.00 -42.89 -12.06
C GLU O 99 -7.91 -44.05 -11.67
N LYS O 100 -7.56 -44.77 -10.62
CA LYS O 100 -8.23 -46.00 -10.25
C LYS O 100 -9.18 -45.83 -9.08
N SER O 101 -9.35 -44.61 -8.58
CA SER O 101 -10.24 -44.38 -7.44
C SER O 101 -11.69 -44.42 -7.89
N PRO O 102 -12.52 -45.28 -7.30
CA PRO O 102 -13.94 -45.32 -7.70
C PRO O 102 -14.73 -44.10 -7.28
N MET O 103 -14.28 -43.36 -6.26
CA MET O 103 -14.93 -42.12 -5.89
C MET O 103 -14.76 -41.07 -6.97
N HIS O 104 -13.55 -40.94 -7.50
CA HIS O 104 -13.27 -39.94 -8.51
C HIS O 104 -13.82 -40.33 -9.88
N ARG O 105 -13.97 -41.63 -10.15
CA ARG O 105 -14.59 -42.05 -11.40
C ARG O 105 -16.09 -41.83 -11.36
N ALA O 106 -16.73 -42.09 -10.21
CA ALA O 106 -18.17 -41.91 -10.11
C ALA O 106 -18.55 -40.44 -10.07
N LEU O 107 -17.64 -39.59 -9.60
CA LEU O 107 -17.89 -38.15 -9.65
C LEU O 107 -17.86 -37.63 -11.08
N ALA O 108 -16.90 -38.10 -11.87
CA ALA O 108 -16.72 -37.61 -13.22
C ALA O 108 -17.66 -38.25 -14.23
N ALA O 109 -18.38 -39.30 -13.85
CA ALA O 109 -19.34 -39.92 -14.75
C ALA O 109 -20.61 -39.12 -14.91
N LEU O 110 -20.81 -38.09 -14.10
CA LEU O 110 -22.01 -37.25 -14.15
C LEU O 110 -21.68 -35.89 -14.74
N ASP O 111 -22.64 -35.32 -15.45
CA ASP O 111 -22.46 -34.02 -16.09
C ASP O 111 -22.86 -32.95 -15.10
N TRP O 112 -21.91 -32.56 -14.25
CA TRP O 112 -22.18 -31.51 -13.29
C TRP O 112 -22.06 -30.15 -13.96
N ARG O 113 -22.68 -29.15 -13.34
CA ARG O 113 -22.54 -27.78 -13.78
C ARG O 113 -21.59 -26.98 -12.91
N THR O 114 -21.57 -27.26 -11.61
CA THR O 114 -20.74 -26.55 -10.65
C THR O 114 -20.32 -27.54 -9.57
N ILE O 115 -19.03 -27.59 -9.28
CA ILE O 115 -18.50 -28.41 -8.20
C ILE O 115 -17.70 -27.51 -7.27
N TYR O 116 -18.06 -27.51 -6.00
CA TYR O 116 -17.31 -26.81 -4.97
C TYR O 116 -16.38 -27.78 -4.26
N THR O 117 -15.19 -27.30 -3.91
CA THR O 117 -14.29 -28.09 -3.09
C THR O 117 -13.47 -27.17 -2.20
N THR O 118 -13.06 -27.69 -1.05
CA THR O 118 -12.34 -26.90 -0.07
C THR O 118 -10.89 -27.32 0.09
N ASN O 119 -10.47 -28.38 -0.61
CA ASN O 119 -9.10 -28.86 -0.53
C ASN O 119 -8.26 -28.29 -1.67
N TYR O 120 -6.96 -28.22 -1.44
CA TYR O 120 -6.09 -27.40 -2.29
C TYR O 120 -5.62 -28.14 -3.53
N ASP O 121 -5.65 -29.46 -3.52
CA ASP O 121 -5.09 -30.26 -4.59
C ASP O 121 -5.95 -30.18 -5.85
N LYS O 122 -5.41 -30.70 -6.95
CA LYS O 122 -6.02 -30.57 -8.26
C LYS O 122 -6.88 -31.76 -8.66
N HIS O 123 -7.17 -32.65 -7.73
CA HIS O 123 -7.71 -33.96 -8.08
C HIS O 123 -9.22 -33.95 -8.29
N VAL O 124 -9.89 -32.82 -8.08
CA VAL O 124 -11.30 -32.74 -8.46
C VAL O 124 -11.43 -32.42 -9.94
N GLU O 125 -10.60 -31.50 -10.45
CA GLU O 125 -10.60 -31.24 -11.88
C GLU O 125 -9.96 -32.38 -12.65
N GLY O 126 -8.89 -32.95 -12.11
CA GLY O 126 -8.18 -34.01 -12.78
C GLY O 126 -8.98 -35.28 -12.91
N ALA O 127 -9.96 -35.48 -12.04
CA ALA O 127 -10.92 -36.56 -12.23
C ALA O 127 -11.78 -36.31 -13.47
N LEU O 128 -12.16 -35.05 -13.70
CA LEU O 128 -12.95 -34.72 -14.87
C LEU O 128 -12.12 -34.78 -16.15
N ARG O 129 -10.82 -34.46 -16.07
CA ARG O 129 -9.96 -34.59 -17.24
C ARG O 129 -9.68 -36.05 -17.59
N ASP O 130 -9.74 -36.95 -16.60
CA ASP O 130 -9.52 -38.36 -16.88
C ASP O 130 -10.71 -38.98 -17.59
N ALA O 131 -11.90 -38.43 -17.40
CA ALA O 131 -13.09 -38.90 -18.10
C ALA O 131 -13.28 -38.23 -19.44
N GLY O 132 -12.30 -37.46 -19.91
CA GLY O 132 -12.43 -36.78 -21.18
C GLY O 132 -13.29 -35.54 -21.14
N LYS O 133 -13.60 -35.03 -19.95
CA LYS O 133 -14.44 -33.85 -19.81
C LYS O 133 -13.58 -32.63 -19.51
N GLN O 134 -14.15 -31.46 -19.77
CA GLN O 134 -13.46 -30.20 -19.56
C GLN O 134 -13.88 -29.58 -18.25
N ALA O 135 -12.93 -28.98 -17.55
CA ALA O 135 -13.17 -28.33 -16.27
C ALA O 135 -12.51 -26.97 -16.26
N ALA O 136 -13.12 -26.03 -15.54
CA ALA O 136 -12.62 -24.67 -15.41
C ALA O 136 -12.37 -24.39 -13.93
N VAL O 137 -11.13 -24.14 -13.58
CA VAL O 137 -10.77 -23.85 -12.20
C VAL O 137 -11.09 -22.39 -11.91
N LEU O 138 -11.78 -22.13 -10.80
CA LEU O 138 -12.16 -20.78 -10.42
C LEU O 138 -11.70 -20.55 -8.98
N ALA O 139 -10.63 -19.79 -8.82
CA ALA O 139 -10.13 -19.49 -7.49
C ALA O 139 -9.94 -18.00 -7.23
N SER O 140 -9.47 -17.25 -8.22
CA SER O 140 -9.17 -15.84 -8.06
C SER O 140 -10.07 -15.02 -8.97
N PHE O 141 -9.92 -13.70 -8.86
CA PHE O 141 -10.72 -12.79 -9.68
C PHE O 141 -10.38 -12.91 -11.15
N ALA O 142 -9.11 -13.18 -11.47
CA ALA O 142 -8.70 -13.36 -12.86
C ALA O 142 -9.25 -14.63 -13.47
N ASP O 143 -9.61 -15.62 -12.65
CA ASP O 143 -10.20 -16.85 -13.18
C ASP O 143 -11.64 -16.61 -13.62
N PHE O 144 -12.41 -15.84 -12.85
CA PHE O 144 -13.79 -15.55 -13.22
C PHE O 144 -13.86 -14.65 -14.45
N GLN O 145 -12.89 -13.75 -14.62
CA GLN O 145 -12.91 -12.82 -15.73
C GLN O 145 -12.60 -13.49 -17.06
N GLY O 146 -11.93 -14.64 -17.05
CA GLY O 146 -11.54 -15.32 -18.26
C GLY O 146 -12.72 -15.98 -18.96
N PRO O 147 -12.61 -16.17 -20.27
CA PRO O 147 -13.72 -16.74 -21.04
C PRO O 147 -13.73 -18.26 -21.00
N ARG O 148 -14.92 -18.83 -21.16
CA ARG O 148 -15.12 -20.26 -21.17
C ARG O 148 -16.48 -20.56 -21.80
N ALA O 149 -16.68 -21.83 -22.16
CA ALA O 149 -17.93 -22.27 -22.76
C ALA O 149 -18.93 -22.64 -21.68
N ARG O 150 -20.20 -22.73 -22.09
CA ARG O 150 -21.26 -23.09 -21.15
C ARG O 150 -21.31 -24.59 -20.86
N ASP O 151 -20.71 -25.42 -21.72
CA ASP O 151 -20.68 -26.85 -21.49
C ASP O 151 -19.72 -27.23 -20.36
N VAL O 152 -18.74 -26.38 -20.07
CA VAL O 152 -17.65 -26.73 -19.17
C VAL O 152 -18.14 -26.66 -17.72
N CYS O 153 -17.87 -27.72 -16.97
CA CYS O 153 -18.15 -27.71 -15.53
C CYS O 153 -17.19 -26.77 -14.83
N GLU O 154 -17.74 -25.86 -14.03
CA GLU O 154 -16.95 -24.89 -13.30
C GLU O 154 -16.63 -25.44 -11.91
N VAL O 155 -15.34 -25.64 -11.64
CA VAL O 155 -14.89 -26.15 -10.35
C VAL O 155 -14.36 -24.96 -9.56
N ILE O 156 -15.09 -24.55 -8.53
CA ILE O 156 -14.69 -23.41 -7.72
C ILE O 156 -13.89 -23.91 -6.53
N LYS O 157 -12.63 -23.49 -6.46
CA LYS O 157 -11.75 -23.77 -5.33
C LYS O 157 -12.10 -22.79 -4.22
N PHE O 158 -12.82 -23.28 -3.22
CA PHE O 158 -13.38 -22.41 -2.20
C PHE O 158 -12.31 -21.90 -1.23
N HIS O 159 -11.20 -22.63 -1.08
CA HIS O 159 -10.10 -22.20 -0.23
C HIS O 159 -8.78 -22.07 -0.99
N GLY O 160 -8.84 -21.85 -2.30
CA GLY O 160 -7.65 -21.57 -3.07
C GLY O 160 -7.10 -22.80 -3.76
N THR O 161 -6.08 -22.58 -4.59
CA THR O 161 -5.45 -23.62 -5.38
C THR O 161 -3.94 -23.51 -5.19
N LEU O 162 -3.24 -24.64 -5.29
CA LEU O 162 -1.80 -24.63 -5.08
C LEU O 162 -1.03 -23.95 -6.21
N ASP O 163 -1.61 -23.81 -7.40
CA ASP O 163 -0.92 -23.09 -8.47
C ASP O 163 -1.12 -21.58 -8.40
N GLN O 164 -1.96 -21.10 -7.48
CA GLN O 164 -2.12 -19.69 -7.19
C GLN O 164 -1.94 -19.54 -5.69
N PRO O 165 -0.69 -19.41 -5.22
CA PRO O 165 -0.42 -19.55 -3.78
C PRO O 165 -0.96 -18.43 -2.92
N ASP O 166 -1.30 -17.28 -3.49
CA ASP O 166 -1.88 -16.19 -2.72
C ASP O 166 -3.38 -16.34 -2.51
N THR O 167 -3.99 -17.38 -3.05
CA THR O 167 -5.39 -17.68 -2.82
C THR O 167 -5.60 -18.70 -1.71
N ILE O 168 -4.52 -19.27 -1.17
CA ILE O 168 -4.62 -20.34 -0.17
C ILE O 168 -5.17 -19.80 1.14
N VAL O 169 -6.21 -20.43 1.64
CA VAL O 169 -6.77 -20.13 2.95
C VAL O 169 -6.28 -21.22 3.90
N LEU O 170 -5.19 -20.94 4.59
CA LEU O 170 -4.60 -21.90 5.52
C LEU O 170 -4.18 -21.30 6.86
N THR O 171 -3.86 -20.02 6.92
CA THR O 171 -3.57 -19.32 8.15
C THR O 171 -4.87 -19.08 8.92
N GLU O 172 -4.78 -19.05 10.25
CA GLU O 172 -5.97 -18.86 11.10
C GLU O 172 -6.64 -17.51 10.84
N SER O 173 -5.83 -16.47 10.63
CA SER O 173 -6.39 -15.16 10.32
C SER O 173 -7.08 -15.15 8.98
N SER O 174 -6.65 -15.99 8.04
CA SER O 174 -7.32 -16.08 6.76
C SER O 174 -8.65 -16.82 6.88
N TYR O 175 -8.75 -17.76 7.81
CA TYR O 175 -10.05 -18.40 8.06
C TYR O 175 -11.03 -17.45 8.70
N PHE O 176 -10.55 -16.57 9.57
CA PHE O 176 -11.43 -15.62 10.25
C PHE O 176 -11.94 -14.54 9.30
N GLN O 177 -11.14 -14.12 8.33
CA GLN O 177 -11.60 -13.09 7.41
C GLN O 177 -12.41 -13.66 6.26
N ARG O 178 -12.43 -14.98 6.08
CA ARG O 178 -13.37 -15.60 5.16
C ARG O 178 -14.74 -15.82 5.78
N MET O 179 -14.91 -15.53 7.07
CA MET O 179 -16.22 -15.61 7.69
C MET O 179 -17.10 -14.43 7.31
N ALA O 180 -16.52 -13.34 6.82
CA ALA O 180 -17.30 -12.22 6.33
C ALA O 180 -17.90 -12.46 4.96
N LEU O 181 -17.42 -13.49 4.26
CA LEU O 181 -17.88 -13.90 2.93
C LEU O 181 -17.71 -12.78 1.90
N ASP O 182 -16.46 -12.38 1.67
CA ASP O 182 -16.15 -11.34 0.72
C ASP O 182 -15.21 -11.79 -0.39
N ALA O 183 -14.71 -13.01 -0.35
CA ALA O 183 -13.85 -13.54 -1.40
C ALA O 183 -14.68 -13.83 -2.65
N PRO O 184 -14.04 -13.91 -3.83
CA PRO O 184 -14.76 -14.31 -5.05
C PRO O 184 -15.37 -15.70 -5.00
N PRO O 185 -14.80 -16.71 -4.32
CA PRO O 185 -15.61 -17.93 -4.13
C PRO O 185 -16.79 -17.73 -3.19
N ASP O 186 -16.72 -16.76 -2.29
CA ASP O 186 -17.84 -16.52 -1.38
C ASP O 186 -18.99 -15.81 -2.08
N GLN O 187 -18.68 -14.90 -3.00
CA GLN O 187 -19.71 -14.18 -3.71
C GLN O 187 -20.43 -15.06 -4.71
N ARG O 188 -19.73 -16.06 -5.24
CA ARG O 188 -20.37 -17.05 -6.09
C ARG O 188 -21.28 -17.97 -5.28
N LEU O 189 -20.90 -18.25 -4.03
CA LEU O 189 -21.75 -19.07 -3.16
C LEU O 189 -23.02 -18.36 -2.76
N ARG O 190 -22.97 -17.03 -2.64
CA ARG O 190 -24.16 -16.25 -2.27
C ARG O 190 -25.25 -16.32 -3.31
N ALA O 191 -24.89 -16.46 -4.59
CA ALA O 191 -25.89 -16.57 -5.64
C ALA O 191 -26.31 -18.01 -5.90
N ASP O 192 -25.44 -18.98 -5.64
CA ASP O 192 -25.79 -20.36 -5.89
C ASP O 192 -26.70 -20.96 -4.83
N LEU O 193 -26.69 -20.43 -3.61
CA LEU O 193 -27.60 -20.95 -2.59
C LEU O 193 -29.04 -20.51 -2.82
N LEU O 194 -29.27 -19.52 -3.70
CA LEU O 194 -30.62 -19.10 -4.02
C LEU O 194 -31.36 -20.11 -4.87
N ALA O 195 -30.64 -20.93 -5.64
CA ALA O 195 -31.27 -21.77 -6.64
C ALA O 195 -30.97 -23.25 -6.52
N ASN O 196 -29.98 -23.65 -5.74
CA ASN O 196 -29.41 -24.99 -5.82
C ASN O 196 -29.51 -25.71 -4.48
N SER O 197 -29.34 -27.02 -4.54
CA SER O 197 -29.15 -27.85 -3.36
C SER O 197 -27.72 -28.37 -3.36
N PHE O 198 -27.18 -28.56 -2.17
CA PHE O 198 -25.77 -28.88 -1.99
C PHE O 198 -25.61 -30.28 -1.44
N LEU O 199 -24.57 -30.97 -1.89
CA LEU O 199 -24.22 -32.31 -1.44
C LEU O 199 -22.85 -32.23 -0.79
N PHE O 200 -22.81 -32.23 0.53
CA PHE O 200 -21.58 -32.11 1.29
C PHE O 200 -21.00 -33.50 1.51
N ILE O 201 -19.80 -33.74 1.00
CA ILE O 201 -19.14 -35.03 1.10
C ILE O 201 -17.72 -34.82 1.63
N GLY O 202 -17.37 -35.52 2.70
CA GLY O 202 -16.02 -35.54 3.18
C GLY O 202 -15.70 -34.62 4.33
N TYR O 203 -16.64 -34.36 5.22
CA TYR O 203 -16.44 -33.50 6.38
C TYR O 203 -16.71 -34.27 7.66
N SER O 204 -16.31 -33.68 8.77
CA SER O 204 -16.65 -34.18 10.09
C SER O 204 -17.52 -33.17 10.80
N PHE O 205 -18.23 -33.64 11.83
CA PHE O 205 -19.10 -32.74 12.58
C PHE O 205 -18.32 -31.80 13.48
N SER O 206 -17.06 -32.09 13.79
CA SER O 206 -16.25 -31.27 14.67
C SER O 206 -15.31 -30.36 13.91
N ASP O 207 -15.74 -29.86 12.75
CA ASP O 207 -14.82 -29.08 11.92
C ASP O 207 -14.79 -27.62 12.33
N THR O 208 -15.94 -27.06 12.72
CA THR O 208 -16.19 -25.70 13.24
C THR O 208 -15.98 -24.60 12.20
N ASN O 209 -15.52 -24.96 11.01
CA ASN O 209 -15.46 -24.04 9.88
C ASN O 209 -16.57 -24.30 8.88
N ILE O 210 -16.83 -25.59 8.58
CA ILE O 210 -17.95 -25.92 7.73
C ILE O 210 -19.26 -25.77 8.50
N ARG O 211 -19.20 -25.79 9.85
CA ARG O 211 -20.41 -25.55 10.63
C ARG O 211 -20.85 -24.10 10.56
N TYR O 212 -19.90 -23.17 10.48
CA TYR O 212 -20.27 -21.77 10.28
C TYR O 212 -20.83 -21.56 8.89
N ILE O 213 -20.29 -22.27 7.89
CA ILE O 213 -20.82 -22.16 6.52
C ILE O 213 -22.21 -22.77 6.45
N TRP O 214 -22.45 -23.87 7.17
CA TRP O 214 -23.79 -24.46 7.22
C TRP O 214 -24.79 -23.55 7.89
N TYR O 215 -24.35 -22.85 8.95
CA TYR O 215 -25.21 -21.86 9.59
C TYR O 215 -25.49 -20.69 8.67
N ARG O 216 -24.45 -20.16 8.04
CA ARG O 216 -24.54 -18.92 7.30
C ARG O 216 -25.30 -19.10 5.99
N MET O 217 -25.26 -20.29 5.39
CA MET O 217 -26.11 -20.57 4.24
C MET O 217 -27.58 -20.57 4.61
N ASN O 218 -27.92 -21.11 5.79
CA ASN O 218 -29.30 -21.12 6.24
C ASN O 218 -29.79 -19.71 6.54
N GLN O 219 -28.92 -18.87 7.10
CA GLN O 219 -29.29 -17.51 7.42
C GLN O 219 -29.50 -16.68 6.15
N LEU O 220 -28.71 -16.94 5.11
CA LEU O 220 -28.88 -16.24 3.85
C LEU O 220 -30.10 -16.72 3.07
N ARG O 221 -30.57 -17.95 3.31
CA ARG O 221 -31.82 -18.37 2.69
C ARG O 221 -33.01 -17.71 3.37
N GLU O 222 -32.97 -17.61 4.70
CA GLU O 222 -34.08 -16.99 5.43
C GLU O 222 -34.10 -15.49 5.21
N GLN O 223 -32.93 -14.88 5.01
CA GLN O 223 -32.88 -13.44 4.77
C GLN O 223 -33.39 -13.09 3.37
N SER O 224 -33.27 -14.03 2.43
CA SER O 224 -33.70 -13.78 1.06
C SER O 224 -35.21 -13.86 0.88
N GLN O 225 -35.96 -14.23 1.92
CA GLN O 225 -37.41 -14.29 1.87
C GLN O 225 -38.01 -13.66 3.11
N LEU O 226 -37.51 -12.48 3.46
CA LEU O 226 -37.92 -11.81 4.69
C LEU O 226 -39.20 -10.99 4.52
N GLY O 227 -39.50 -10.52 3.32
CA GLY O 227 -40.67 -9.70 3.10
C GLY O 227 -41.78 -10.45 2.41
N VAL O 228 -41.42 -11.43 1.59
CA VAL O 228 -42.38 -12.27 0.90
C VAL O 228 -42.84 -13.37 1.84
N LYS O 229 -43.87 -14.11 1.44
CA LYS O 229 -44.30 -15.28 2.19
C LYS O 229 -43.22 -16.35 2.16
N HIS O 230 -43.13 -17.11 3.26
CA HIS O 230 -42.08 -18.10 3.42
C HIS O 230 -42.40 -19.32 2.56
N SER O 231 -41.57 -19.57 1.55
CA SER O 231 -41.70 -20.73 0.70
C SER O 231 -40.65 -21.77 1.08
N GLN O 232 -40.91 -23.01 0.68
CA GLN O 232 -40.03 -24.11 1.03
C GLN O 232 -38.83 -24.17 0.09
N ALA O 233 -37.65 -24.29 0.66
CA ALA O 233 -36.42 -24.32 -0.12
C ALA O 233 -36.03 -25.75 -0.47
N ARG O 234 -35.14 -25.88 -1.45
CA ARG O 234 -34.56 -27.17 -1.78
C ARG O 234 -33.66 -27.64 -0.64
N ARG O 235 -33.74 -28.92 -0.33
CA ARG O 235 -33.04 -29.50 0.80
C ARG O 235 -31.61 -29.86 0.43
N CYS O 236 -30.67 -29.51 1.30
CA CYS O 236 -29.28 -29.88 1.12
C CYS O 236 -29.00 -31.22 1.80
N PHE O 237 -27.82 -31.78 1.51
CA PHE O 237 -27.50 -33.13 1.94
C PHE O 237 -26.06 -33.21 2.44
N PHE O 238 -25.81 -34.14 3.36
CA PHE O 238 -24.48 -34.35 3.94
C PHE O 238 -24.28 -35.84 4.12
N ALA O 239 -23.35 -36.41 3.37
CA ALA O 239 -23.06 -37.84 3.42
C ALA O 239 -22.02 -38.12 4.49
N THR O 240 -22.31 -39.08 5.36
CA THR O 240 -21.48 -39.34 6.52
C THR O 240 -21.34 -40.86 6.66
N HIS O 241 -20.25 -41.29 7.27
CA HIS O 241 -20.12 -42.69 7.65
C HIS O 241 -20.45 -42.93 9.12
N GLY O 242 -20.20 -41.96 9.99
CA GLY O 242 -20.73 -42.03 11.33
C GLY O 242 -21.55 -40.80 11.66
N ALA O 243 -22.87 -40.96 11.75
CA ALA O 243 -23.73 -39.80 11.90
C ALA O 243 -23.87 -39.36 13.34
N GLY O 244 -23.79 -40.29 14.28
CA GLY O 244 -23.99 -39.93 15.66
C GLY O 244 -25.47 -39.92 16.01
N LEU O 245 -25.82 -39.18 17.05
CA LEU O 245 -27.18 -39.20 17.56
C LEU O 245 -27.77 -37.82 17.84
N VAL O 246 -26.95 -36.80 18.06
CA VAL O 246 -27.42 -35.45 18.32
C VAL O 246 -27.19 -34.53 17.13
N GLN O 247 -26.03 -34.66 16.49
CA GLN O 247 -25.68 -33.81 15.35
C GLN O 247 -26.59 -33.87 14.12
N PRO O 248 -27.21 -35.01 13.72
CA PRO O 248 -28.17 -34.94 12.60
C PRO O 248 -29.41 -34.12 12.89
N ASP O 249 -29.83 -33.98 14.15
CA ASP O 249 -31.00 -33.16 14.45
C ASP O 249 -30.69 -31.68 14.35
N ILE O 250 -29.46 -31.27 14.68
CA ILE O 250 -29.04 -29.89 14.53
C ILE O 250 -29.01 -29.50 13.04
N LEU O 251 -28.51 -30.41 12.21
CA LEU O 251 -28.38 -30.15 10.77
C LEU O 251 -29.72 -30.05 10.06
N GLN O 252 -30.79 -30.62 10.62
CA GLN O 252 -32.12 -30.51 10.03
C GLN O 252 -32.59 -29.07 10.02
N GLN O 253 -32.27 -28.31 11.05
CA GLN O 253 -32.66 -26.90 11.12
C GLN O 253 -31.77 -26.01 10.29
N TRP O 254 -30.66 -26.53 9.77
CA TRP O 254 -29.82 -25.82 8.82
C TRP O 254 -30.06 -26.29 7.40
N ASN O 255 -31.24 -26.86 7.13
CA ASN O 255 -31.71 -27.26 5.80
C ASN O 255 -30.85 -28.38 5.20
N ILE O 256 -30.32 -29.27 6.04
CA ILE O 256 -29.38 -30.30 5.61
C ILE O 256 -29.82 -31.64 6.16
N ASP O 257 -30.06 -32.61 5.27
CA ASP O 257 -30.37 -33.98 5.69
C ASP O 257 -29.09 -34.81 5.68
N VAL O 258 -28.93 -35.64 6.71
CA VAL O 258 -27.74 -36.46 6.86
C VAL O 258 -28.00 -37.82 6.23
N ILE O 259 -27.04 -38.28 5.42
CA ILE O 259 -27.12 -39.57 4.76
C ILE O 259 -26.10 -40.50 5.42
N GLN O 260 -26.59 -41.57 6.04
CA GLN O 260 -25.72 -42.56 6.65
C GLN O 260 -25.21 -43.53 5.58
N LEU O 261 -23.91 -43.50 5.35
CA LEU O 261 -23.26 -44.45 4.44
C LEU O 261 -22.68 -45.61 5.24
N ASP O 262 -22.35 -46.67 4.53
CA ASP O 262 -21.84 -47.88 5.16
C ASP O 262 -20.41 -47.66 5.65
N PRO O 263 -20.12 -47.80 6.94
CA PRO O 263 -18.81 -47.46 7.46
C PRO O 263 -17.75 -48.56 7.31
N THR O 264 -18.09 -49.70 6.72
CA THR O 264 -17.13 -50.79 6.61
C THR O 264 -16.05 -50.47 5.58
N ASP O 265 -16.46 -49.99 4.41
CA ASP O 265 -15.53 -49.49 3.41
C ASP O 265 -15.94 -48.05 3.11
N LYS O 266 -15.06 -47.11 3.44
CA LYS O 266 -15.39 -45.69 3.32
C LYS O 266 -15.49 -45.27 1.86
N SER O 267 -14.53 -45.70 1.04
CA SER O 267 -14.46 -45.24 -0.33
C SER O 267 -15.51 -45.89 -1.22
N ALA O 268 -15.89 -47.13 -0.91
CA ALA O 268 -16.88 -47.81 -1.74
C ALA O 268 -18.28 -47.25 -1.53
N SER O 269 -18.62 -46.89 -0.30
CA SER O 269 -19.98 -46.42 -0.01
C SER O 269 -20.20 -45.01 -0.54
N VAL O 270 -19.15 -44.20 -0.66
CA VAL O 270 -19.29 -42.92 -1.32
C VAL O 270 -19.47 -43.12 -2.82
N ALA O 271 -18.79 -44.11 -3.39
CA ALA O 271 -18.92 -44.41 -4.81
C ALA O 271 -20.29 -44.97 -5.15
N ARG O 272 -20.91 -45.72 -4.24
CA ARG O 272 -22.26 -46.21 -4.51
C ARG O 272 -23.28 -45.08 -4.42
N LEU O 273 -22.98 -44.03 -3.67
CA LEU O 273 -23.87 -42.88 -3.59
C LEU O 273 -23.86 -42.08 -4.89
N LEU O 274 -22.67 -41.85 -5.44
CA LEU O 274 -22.56 -41.06 -6.67
C LEU O 274 -23.04 -41.82 -7.90
N GLU O 275 -23.03 -43.15 -7.85
CA GLU O 275 -23.54 -43.94 -8.97
C GLU O 275 -25.04 -44.12 -8.92
N SER O 276 -25.66 -43.94 -7.75
CA SER O 276 -27.11 -43.98 -7.66
C SER O 276 -27.76 -42.70 -8.18
N ILE O 277 -26.99 -41.63 -8.30
CA ILE O 277 -27.50 -40.40 -8.89
C ILE O 277 -27.66 -40.56 -10.39
N ALA O 278 -26.77 -41.32 -11.02
CA ALA O 278 -26.85 -41.61 -12.45
C ALA O 278 -28.05 -42.48 -12.78
N THR P 2 -49.01 16.97 13.52
CA THR P 2 -47.91 16.13 13.98
C THR P 2 -46.61 16.92 14.05
N THR P 3 -46.69 18.12 14.63
CA THR P 3 -45.52 18.98 14.72
C THR P 3 -45.56 19.74 16.03
N LEU P 4 -44.48 19.68 16.79
CA LEU P 4 -44.40 20.37 18.06
C LEU P 4 -44.06 21.85 17.85
N THR P 5 -44.49 22.67 18.79
CA THR P 5 -44.12 24.08 18.80
C THR P 5 -42.95 24.27 19.76
N LEU P 6 -42.61 25.53 20.03
CA LEU P 6 -41.52 25.84 20.95
C LEU P 6 -41.90 25.50 22.38
N SER P 7 -43.11 25.89 22.79
CA SER P 7 -43.51 25.67 24.18
C SER P 7 -43.89 24.23 24.45
N GLU P 8 -44.31 23.49 23.43
CA GLU P 8 -44.66 22.09 23.62
C GLU P 8 -43.42 21.21 23.74
N ALA P 9 -42.37 21.53 22.99
CA ALA P 9 -41.17 20.71 22.97
C ALA P 9 -40.20 21.06 24.09
N ALA P 10 -40.38 22.19 24.76
CA ALA P 10 -39.50 22.61 25.84
C ALA P 10 -39.52 21.71 27.08
N PRO P 11 -40.67 21.21 27.58
CA PRO P 11 -40.56 20.22 28.67
C PRO P 11 -40.10 18.85 28.19
N LEU P 12 -40.23 18.54 26.91
CA LEU P 12 -39.74 17.25 26.41
C LEU P 12 -38.23 17.25 26.30
N LEU P 13 -37.64 18.37 25.85
CA LEU P 13 -36.19 18.47 25.77
C LEU P 13 -35.56 18.62 27.14
N LYS P 14 -36.29 19.24 28.08
CA LYS P 14 -35.74 19.45 29.41
C LYS P 14 -35.66 18.14 30.19
N LYS P 15 -36.60 17.23 29.96
CA LYS P 15 -36.59 15.94 30.65
C LYS P 15 -35.44 15.07 30.17
N GLU P 16 -35.09 15.17 28.89
CA GLU P 16 -33.95 14.41 28.37
C GLU P 16 -32.63 15.00 28.83
N PHE P 17 -32.60 16.30 29.11
CA PHE P 17 -31.35 16.97 29.46
C PHE P 17 -31.01 16.81 30.93
N ARG P 18 -32.01 16.74 31.81
CA ARG P 18 -31.74 16.60 33.24
C ARG P 18 -31.09 15.26 33.57
N GLU P 19 -31.41 14.22 32.81
CA GLU P 19 -30.79 12.92 32.99
C GLU P 19 -29.67 12.66 31.99
N GLY P 20 -29.20 13.70 31.31
CA GLY P 20 -27.99 13.62 30.53
C GLY P 20 -28.06 12.79 29.28
N ARG P 21 -29.23 12.73 28.63
CA ARG P 21 -29.42 11.87 27.48
C ARG P 21 -29.85 12.64 26.25
N LEU P 22 -29.38 13.88 26.11
CA LEU P 22 -29.69 14.72 24.95
C LEU P 22 -28.39 15.11 24.28
N ILE P 23 -28.25 14.79 22.99
CA ILE P 23 -27.05 15.09 22.22
C ILE P 23 -27.46 15.97 21.04
N PRO P 24 -26.90 17.17 20.91
CA PRO P 24 -27.15 17.96 19.70
C PRO P 24 -26.42 17.38 18.50
N PHE P 25 -27.03 17.52 17.34
CA PHE P 25 -26.48 17.03 16.08
C PHE P 25 -26.58 18.21 15.12
N LEU P 26 -25.51 18.98 15.00
CA LEU P 26 -25.58 20.31 14.42
C LEU P 26 -25.18 20.28 12.95
N GLY P 27 -25.96 20.97 12.12
CA GLY P 27 -25.75 20.98 10.68
C GLY P 27 -25.15 22.28 10.17
N ALA P 28 -25.25 22.45 8.85
CA ALA P 28 -24.66 23.61 8.20
C ALA P 28 -25.45 24.88 8.48
N GLY P 29 -26.74 24.76 8.79
CA GLY P 29 -27.54 25.91 9.15
C GLY P 29 -27.21 26.49 10.50
N PHE P 30 -26.44 25.79 11.32
CA PHE P 30 -26.02 26.32 12.60
C PHE P 30 -24.89 27.34 12.43
N SER P 31 -24.10 27.20 11.37
CA SER P 31 -23.05 28.16 11.04
C SER P 31 -23.51 29.24 10.08
N LYS P 32 -24.82 29.36 9.88
CA LYS P 32 -25.37 30.41 9.03
C LYS P 32 -25.13 31.84 9.51
N PRO P 33 -25.25 32.20 10.81
CA PRO P 33 -24.95 33.60 11.18
C PRO P 33 -23.49 34.01 11.10
N LEU P 34 -22.58 33.08 10.82
CA LEU P 34 -21.16 33.40 10.79
C LEU P 34 -20.73 34.01 9.47
N LYS P 35 -21.64 34.08 8.48
CA LYS P 35 -21.41 34.70 7.17
C LYS P 35 -20.25 34.06 6.42
N LEU P 36 -20.19 32.75 6.44
CA LEU P 36 -19.13 32.01 5.79
C LEU P 36 -19.38 31.94 4.29
N PRO P 37 -18.33 31.74 3.49
CA PRO P 37 -18.53 31.46 2.07
C PRO P 37 -19.23 30.13 1.84
N ASP P 38 -19.81 29.99 0.64
CA ASP P 38 -20.67 28.84 0.37
C ASP P 38 -19.87 27.56 0.22
N GLY P 39 -18.73 27.62 -0.45
CA GLY P 39 -18.00 26.40 -0.77
C GLY P 39 -18.29 25.99 -2.20
N SER P 40 -19.57 26.07 -2.58
CA SER P 40 -19.91 25.95 -4.00
C SER P 40 -19.46 27.18 -4.78
N GLN P 41 -19.41 28.33 -4.11
CA GLN P 41 -18.80 29.51 -4.72
C GLN P 41 -17.29 29.37 -4.78
N LEU P 42 -16.68 28.71 -3.78
CA LEU P 42 -15.24 28.54 -3.77
C LEU P 42 -14.78 27.54 -4.83
N ILE P 43 -15.54 26.47 -5.02
CA ILE P 43 -15.16 25.46 -6.00
C ILE P 43 -15.39 25.96 -7.42
N ALA P 44 -16.28 26.94 -7.61
CA ALA P 44 -16.52 27.47 -8.94
C ALA P 44 -15.42 28.41 -9.37
N SER P 45 -14.86 29.19 -8.44
CA SER P 45 -13.76 30.08 -8.76
C SER P 45 -12.45 29.34 -8.99
N LEU P 46 -12.29 28.15 -8.41
CA LEU P 46 -11.12 27.34 -8.71
C LEU P 46 -11.21 26.70 -10.08
N ALA P 47 -12.40 26.61 -10.66
CA ALA P 47 -12.57 26.01 -11.97
C ALA P 47 -12.23 26.96 -13.11
N LYS P 48 -11.87 28.21 -12.80
CA LYS P 48 -11.45 29.14 -13.85
C LYS P 48 -10.13 28.72 -14.48
N THR P 49 -9.27 28.06 -13.70
CA THR P 49 -8.00 27.60 -14.23
C THR P 49 -8.16 26.42 -15.17
N LEU P 50 -9.28 25.70 -15.09
CA LEU P 50 -9.57 24.60 -16.00
C LEU P 50 -10.37 25.03 -17.22
N GLY P 51 -10.67 26.32 -17.35
CA GLY P 51 -11.39 26.81 -18.51
C GLY P 51 -12.88 26.93 -18.33
N PHE P 52 -13.39 26.84 -17.11
CA PHE P 52 -14.81 26.92 -16.85
C PHE P 52 -15.22 28.33 -16.43
N GLU P 53 -16.36 28.78 -16.94
CA GLU P 53 -17.03 29.89 -16.31
C GLU P 53 -17.68 29.41 -15.03
N PRO P 54 -17.79 30.27 -14.01
CA PRO P 54 -18.29 29.80 -12.70
C PRO P 54 -19.74 29.37 -12.72
N GLU P 55 -20.59 30.02 -13.51
CA GLU P 55 -21.98 29.58 -13.62
C GLU P 55 -22.11 28.34 -14.48
N LEU P 56 -21.12 28.07 -15.33
CA LEU P 56 -21.18 26.89 -16.19
C LEU P 56 -20.65 25.65 -15.50
N PHE P 57 -19.67 25.80 -14.60
CA PHE P 57 -19.15 24.67 -13.87
C PHE P 57 -20.13 24.16 -12.83
N ASP P 58 -20.96 25.06 -12.28
CA ASP P 58 -21.99 24.68 -11.33
C ASP P 58 -23.11 23.87 -11.98
N MET P 59 -23.24 23.98 -13.30
CA MET P 59 -24.32 23.32 -14.02
C MET P 59 -24.13 21.81 -14.09
N HIS P 60 -22.89 21.32 -14.02
CA HIS P 60 -22.58 19.94 -14.34
C HIS P 60 -22.76 18.97 -13.19
N GLY P 61 -23.33 19.38 -12.08
CA GLY P 61 -23.62 18.44 -11.02
C GLY P 61 -23.67 19.12 -9.66
N ARG P 62 -23.89 18.27 -8.65
CA ARG P 62 -23.94 18.73 -7.27
C ARG P 62 -22.54 19.07 -6.77
N PHE P 63 -22.48 19.64 -5.56
CA PHE P 63 -21.21 20.10 -5.01
C PHE P 63 -20.27 18.95 -4.71
N GLU P 64 -20.78 17.85 -4.14
CA GLU P 64 -19.93 16.70 -3.89
C GLU P 64 -19.53 15.99 -5.17
N GLN P 65 -20.30 16.16 -6.25
CA GLN P 65 -19.92 15.58 -7.53
C GLN P 65 -18.87 16.43 -8.24
N LEU P 66 -18.89 17.75 -8.06
CA LEU P 66 -17.85 18.59 -8.63
C LEU P 66 -16.55 18.42 -7.86
N ALA P 67 -16.62 18.11 -6.58
CA ALA P 67 -15.42 17.81 -5.81
C ALA P 67 -14.86 16.44 -6.15
N GLU P 68 -15.73 15.51 -6.60
CA GLU P 68 -15.25 14.25 -7.15
C GLU P 68 -14.42 14.48 -8.39
N PHE P 69 -14.80 15.48 -9.19
CA PHE P 69 -14.07 15.80 -10.42
C PHE P 69 -12.68 16.36 -10.12
N PHE P 70 -12.55 17.13 -9.04
CA PHE P 70 -11.22 17.59 -8.65
C PHE P 70 -10.40 16.47 -8.04
N ALA P 71 -11.03 15.48 -7.43
CA ALA P 71 -10.28 14.43 -6.77
C ALA P 71 -9.60 13.49 -7.76
N ILE P 72 -10.07 13.44 -9.01
CA ILE P 72 -9.56 12.48 -9.98
C ILE P 72 -8.90 13.15 -11.18
N SER P 73 -9.21 14.40 -11.50
CA SER P 73 -8.65 15.03 -12.69
C SER P 73 -7.65 16.13 -12.38
N ALA P 74 -7.73 16.74 -11.20
CA ALA P 74 -6.78 17.79 -10.81
C ALA P 74 -6.67 17.80 -9.30
N PRO P 75 -5.89 16.86 -8.73
CA PRO P 75 -5.91 16.68 -7.27
C PRO P 75 -5.30 17.82 -6.49
N ASN P 76 -4.48 18.64 -7.12
CA ASN P 76 -3.91 19.80 -6.44
C ASN P 76 -4.94 20.91 -6.25
N ARG P 77 -6.02 20.94 -7.03
CA ARG P 77 -7.08 21.91 -6.78
C ARG P 77 -8.03 21.49 -5.68
N LEU P 78 -8.13 20.19 -5.39
CA LEU P 78 -8.96 19.76 -4.27
C LEU P 78 -8.29 20.11 -2.94
N GLN P 79 -6.96 19.97 -2.88
CA GLN P 79 -6.23 20.38 -1.69
C GLN P 79 -6.20 21.90 -1.56
N ARG P 80 -6.27 22.61 -2.68
CA ARG P 80 -6.43 24.06 -2.66
C ARG P 80 -7.79 24.45 -2.09
N LEU P 81 -8.82 23.64 -2.35
CA LEU P 81 -10.16 23.94 -1.84
C LEU P 81 -10.22 23.77 -0.33
N VAL P 82 -9.60 22.73 0.21
CA VAL P 82 -9.56 22.51 1.65
C VAL P 82 -8.69 23.58 2.32
N TYR P 83 -7.67 24.06 1.60
CA TYR P 83 -6.81 25.12 2.11
C TYR P 83 -7.57 26.42 2.30
N GLU P 84 -8.30 26.86 1.29
CA GLU P 84 -8.95 28.16 1.37
C GLU P 84 -10.31 28.10 2.04
N MET P 85 -10.81 26.91 2.37
CA MET P 85 -11.90 26.85 3.34
C MET P 85 -11.39 27.02 4.75
N SER P 86 -10.18 26.54 5.03
CA SER P 86 -9.60 26.72 6.36
C SER P 86 -9.23 28.18 6.63
N LEU P 87 -8.87 28.93 5.60
CA LEU P 87 -8.64 30.37 5.78
C LEU P 87 -9.93 31.14 5.91
N SER P 88 -11.03 30.65 5.33
CA SER P 88 -12.30 31.37 5.30
C SER P 88 -13.25 30.96 6.40
N PHE P 89 -13.39 29.66 6.67
CA PHE P 89 -14.37 29.23 7.66
C PHE P 89 -13.89 29.48 9.08
N ASP P 90 -12.58 29.53 9.28
CA ASP P 90 -11.99 29.73 10.60
C ASP P 90 -11.22 31.04 10.69
N SER P 91 -11.68 32.06 9.99
CA SER P 91 -11.02 33.34 9.98
C SER P 91 -11.29 34.09 11.28
N ALA P 92 -10.60 35.21 11.46
CA ALA P 92 -10.80 36.03 12.65
C ALA P 92 -12.13 36.78 12.58
N GLU P 93 -12.64 37.03 11.37
CA GLU P 93 -13.94 37.66 11.25
C GLU P 93 -15.07 36.71 11.62
N ALA P 94 -14.88 35.41 11.38
CA ALA P 94 -15.89 34.43 11.77
C ALA P 94 -15.87 34.19 13.27
N GLU P 95 -14.73 34.38 13.92
CA GLU P 95 -14.67 34.26 15.37
C GLU P 95 -15.38 35.42 16.05
N ALA P 96 -15.28 36.62 15.47
CA ALA P 96 -15.89 37.80 16.08
C ALA P 96 -17.41 37.75 16.00
N LEU P 97 -17.94 37.20 14.91
CA LEU P 97 -19.39 36.98 14.84
C LEU P 97 -19.82 35.85 15.76
N ARG P 98 -18.92 34.89 16.02
CA ARG P 98 -19.22 33.77 16.90
C ARG P 98 -19.25 34.21 18.36
N GLU P 99 -18.58 35.31 18.70
CA GLU P 99 -18.64 35.84 20.06
C GLU P 99 -20.03 36.37 20.38
N LYS P 100 -20.67 37.02 19.42
CA LYS P 100 -21.92 37.72 19.65
C LYS P 100 -23.13 36.96 19.15
N SER P 101 -22.95 35.75 18.64
CA SER P 101 -24.07 34.98 18.11
C SER P 101 -24.88 34.39 19.26
N PRO P 102 -26.18 34.67 19.33
CA PRO P 102 -26.99 34.10 20.42
C PRO P 102 -27.21 32.60 20.30
N MET P 103 -27.09 32.03 19.11
CA MET P 103 -27.16 30.58 18.95
C MET P 103 -25.97 29.90 19.62
N HIS P 104 -24.77 30.43 19.40
CA HIS P 104 -23.57 29.83 19.96
C HIS P 104 -23.43 30.11 21.45
N ARG P 105 -24.00 31.20 21.93
CA ARG P 105 -23.97 31.45 23.38
C ARG P 105 -24.95 30.55 24.11
N ALA P 106 -26.14 30.32 23.52
CA ALA P 106 -27.12 29.48 24.17
C ALA P 106 -26.73 28.01 24.11
N LEU P 107 -25.93 27.62 23.12
CA LEU P 107 -25.42 26.26 23.07
C LEU P 107 -24.39 26.03 24.18
N ALA P 108 -23.51 27.00 24.41
CA ALA P 108 -22.44 26.84 25.37
C ALA P 108 -22.87 27.10 26.80
N ALA P 109 -24.08 27.62 27.02
CA ALA P 109 -24.57 27.86 28.37
C ALA P 109 -25.02 26.57 29.06
N LEU P 110 -25.09 25.46 28.34
CA LEU P 110 -25.53 24.19 28.88
C LEU P 110 -24.35 23.24 29.00
N ASP P 111 -24.39 22.39 30.01
CA ASP P 111 -23.32 21.43 30.26
C ASP P 111 -23.63 20.16 29.48
N TRP P 112 -23.23 20.15 28.22
CA TRP P 112 -23.43 18.98 27.39
C TRP P 112 -22.35 17.95 27.70
N ARG P 113 -22.65 16.69 27.36
CA ARG P 113 -21.67 15.62 27.44
C ARG P 113 -21.10 15.25 26.09
N THR P 114 -21.90 15.32 25.04
CA THR P 114 -21.49 14.96 23.70
C THR P 114 -22.22 15.86 22.73
N ILE P 115 -21.49 16.48 21.80
CA ILE P 115 -22.07 17.28 20.74
C ILE P 115 -21.57 16.74 19.41
N TYR P 116 -22.50 16.39 18.53
CA TYR P 116 -22.18 15.99 17.18
C TYR P 116 -22.35 17.17 16.23
N THR P 117 -21.48 17.27 15.24
CA THR P 117 -21.63 18.26 14.20
C THR P 117 -21.09 17.71 12.89
N THR P 118 -21.65 18.19 11.79
CA THR P 118 -21.30 17.71 10.46
C THR P 118 -20.55 18.74 9.64
N ASN P 119 -20.37 19.95 10.15
CA ASN P 119 -19.67 21.01 9.43
C ASN P 119 -18.21 21.07 9.87
N TYR P 120 -17.37 21.58 8.97
CA TYR P 120 -15.93 21.39 9.10
C TYR P 120 -15.28 22.43 10.00
N ASP P 121 -15.93 23.57 10.22
CA ASP P 121 -15.33 24.68 10.93
C ASP P 121 -15.25 24.39 12.43
N LYS P 122 -14.52 25.24 13.13
CA LYS P 122 -14.20 25.03 14.54
C LYS P 122 -15.15 25.72 15.49
N HIS P 123 -16.27 26.23 15.01
CA HIS P 123 -17.07 27.16 15.78
C HIS P 123 -18.03 26.47 16.74
N VAL P 124 -18.08 25.15 16.76
CA VAL P 124 -18.84 24.47 17.79
C VAL P 124 -18.00 24.34 19.07
N GLU P 125 -16.72 24.00 18.92
CA GLU P 125 -15.84 23.97 20.08
C GLU P 125 -15.51 25.38 20.55
N GLY P 126 -15.32 26.30 19.62
CA GLY P 126 -14.94 27.65 19.97
C GLY P 126 -16.04 28.40 20.70
N ALA P 127 -17.29 27.99 20.50
CA ALA P 127 -18.36 28.51 21.34
C ALA P 127 -18.21 28.06 22.77
N LEU P 128 -17.77 26.82 22.99
CA LEU P 128 -17.54 26.32 24.34
C LEU P 128 -16.31 26.95 24.97
N ARG P 129 -15.28 27.27 24.18
CA ARG P 129 -14.12 27.96 24.72
C ARG P 129 -14.42 29.40 25.09
N ASP P 130 -15.40 30.01 24.42
CA ASP P 130 -15.76 31.39 24.74
C ASP P 130 -16.52 31.48 26.06
N ALA P 131 -17.20 30.42 26.45
CA ALA P 131 -17.90 30.36 27.72
C ALA P 131 -17.01 29.87 28.86
N GLY P 132 -15.71 29.73 28.62
CA GLY P 132 -14.80 29.25 29.64
C GLY P 132 -14.86 27.77 29.88
N LYS P 133 -15.46 27.01 28.97
CA LYS P 133 -15.59 25.57 29.11
C LYS P 133 -14.57 24.86 28.23
N GLN P 134 -14.28 23.61 28.58
CA GLN P 134 -13.32 22.81 27.87
C GLN P 134 -14.02 21.88 26.89
N ALA P 135 -13.43 21.71 25.71
CA ALA P 135 -13.98 20.85 24.68
C ALA P 135 -12.87 19.97 24.12
N ALA P 136 -13.26 18.77 23.70
CA ALA P 136 -12.34 17.80 23.12
C ALA P 136 -12.81 17.46 21.72
N VAL P 137 -12.00 17.78 20.72
CA VAL P 137 -12.34 17.50 19.33
C VAL P 137 -12.03 16.04 19.05
N LEU P 138 -12.99 15.34 18.45
CA LEU P 138 -12.83 13.92 18.12
C LEU P 138 -13.15 13.73 16.65
N ALA P 139 -12.13 13.55 15.84
CA ALA P 139 -12.34 13.33 14.41
C ALA P 139 -11.65 12.09 13.88
N SER P 140 -10.44 11.79 14.35
CA SER P 140 -9.65 10.69 13.85
C SER P 140 -9.44 9.67 14.96
N PHE P 141 -8.76 8.57 14.59
CA PHE P 141 -8.47 7.52 15.56
C PHE P 141 -7.50 8.01 16.64
N ALA P 142 -6.57 8.87 16.27
CA ALA P 142 -5.62 9.41 17.24
C ALA P 142 -6.29 10.35 18.23
N ASP P 143 -7.43 10.94 17.88
CA ASP P 143 -8.15 11.80 18.82
C ASP P 143 -8.82 10.99 19.92
N PHE P 144 -9.42 9.84 19.56
CA PHE P 144 -10.06 8.99 20.54
C PHE P 144 -9.04 8.35 21.48
N GLN P 145 -7.85 8.03 20.98
CA GLN P 145 -6.83 7.38 21.79
C GLN P 145 -6.23 8.30 22.84
N GLY P 146 -6.29 9.61 22.64
CA GLY P 146 -5.70 10.55 23.56
C GLY P 146 -6.47 10.68 24.86
N PRO P 147 -5.78 11.07 25.93
CA PRO P 147 -6.44 11.16 27.23
C PRO P 147 -7.17 12.48 27.44
N ARG P 148 -8.20 12.43 28.28
CA ARG P 148 -9.01 13.59 28.61
C ARG P 148 -9.76 13.31 29.90
N ALA P 149 -10.32 14.37 30.49
CA ALA P 149 -11.09 14.25 31.71
C ALA P 149 -12.54 13.95 31.40
N ARG P 150 -13.27 13.49 32.42
CA ARG P 150 -14.69 13.18 32.25
C ARG P 150 -15.57 14.43 32.25
N ASP P 151 -15.07 15.55 32.77
CA ASP P 151 -15.85 16.78 32.78
C ASP P 151 -15.94 17.39 31.39
N VAL P 152 -15.01 17.07 30.50
CA VAL P 152 -14.88 17.77 29.23
C VAL P 152 -15.95 17.27 28.26
N CYS P 153 -16.66 18.21 27.65
CA CYS P 153 -17.60 17.87 26.59
C CYS P 153 -16.86 17.39 25.35
N GLU P 154 -17.26 16.24 24.83
CA GLU P 154 -16.62 15.65 23.66
C GLU P 154 -17.38 16.09 22.42
N VAL P 155 -16.71 16.84 21.55
CA VAL P 155 -17.31 17.30 20.30
C VAL P 155 -16.80 16.42 19.18
N ILE P 156 -17.67 15.56 18.65
CA ILE P 156 -17.29 14.64 17.59
C ILE P 156 -17.58 15.29 16.25
N LYS P 157 -16.53 15.51 15.47
CA LYS P 157 -16.63 16.00 14.10
C LYS P 157 -17.01 14.82 13.20
N PHE P 158 -18.28 14.77 12.83
CA PHE P 158 -18.81 13.61 12.13
C PHE P 158 -18.32 13.54 10.68
N HIS P 159 -17.95 14.67 10.08
CA HIS P 159 -17.43 14.69 8.73
C HIS P 159 -16.03 15.30 8.65
N GLY P 160 -15.27 15.26 9.73
CA GLY P 160 -13.88 15.69 9.71
C GLY P 160 -13.71 17.13 10.19
N THR P 161 -12.44 17.52 10.31
CA THR P 161 -12.07 18.83 10.78
C THR P 161 -11.05 19.41 9.82
N LEU P 162 -11.03 20.74 9.71
CA LEU P 162 -10.11 21.39 8.77
C LEU P 162 -8.66 21.31 9.21
N ASP P 163 -8.37 21.08 10.49
CA ASP P 163 -6.99 20.92 10.92
C ASP P 163 -6.45 19.51 10.73
N GLN P 164 -7.32 18.57 10.34
CA GLN P 164 -6.92 17.22 9.98
C GLN P 164 -7.51 16.96 8.60
N PRO P 165 -6.82 17.37 7.53
CA PRO P 165 -7.46 17.42 6.20
C PRO P 165 -7.77 16.06 5.60
N ASP P 166 -7.17 14.99 6.08
CA ASP P 166 -7.47 13.66 5.59
C ASP P 166 -8.72 13.05 6.22
N THR P 167 -9.34 13.76 7.16
CA THR P 167 -10.61 13.32 7.74
C THR P 167 -11.83 13.95 7.07
N ILE P 168 -11.61 14.88 6.13
CA ILE P 168 -12.70 15.62 5.52
C ILE P 168 -13.54 14.71 4.62
N VAL P 169 -14.84 14.70 4.85
CA VAL P 169 -15.79 13.99 4.00
C VAL P 169 -16.44 15.04 3.11
N LEU P 170 -15.91 15.21 1.91
CA LEU P 170 -16.42 16.20 0.97
C LEU P 170 -16.56 15.68 -0.46
N THR P 171 -15.77 14.70 -0.86
CA THR P 171 -15.88 14.05 -2.17
C THR P 171 -17.10 13.12 -2.14
N GLU P 172 -17.73 12.95 -3.32
CA GLU P 172 -18.93 12.11 -3.42
C GLU P 172 -18.64 10.66 -3.07
N SER P 173 -17.47 10.16 -3.46
CA SER P 173 -17.09 8.80 -3.11
C SER P 173 -16.86 8.65 -1.62
N SER P 174 -16.45 9.73 -0.94
CA SER P 174 -16.29 9.66 0.50
C SER P 174 -17.64 9.68 1.21
N TYR P 175 -18.65 10.32 0.63
CA TYR P 175 -20.00 10.23 1.20
C TYR P 175 -20.59 8.84 1.03
N PHE P 176 -20.29 8.18 -0.08
CA PHE P 176 -20.83 6.85 -0.32
C PHE P 176 -20.19 5.80 0.58
N GLN P 177 -18.91 5.94 0.91
CA GLN P 177 -18.28 4.97 1.77
C GLN P 177 -18.50 5.25 3.24
N ARG P 178 -19.04 6.41 3.59
CA ARG P 178 -19.50 6.64 4.96
C ARG P 178 -20.91 6.09 5.19
N MET P 179 -21.58 5.59 4.15
CA MET P 179 -22.87 4.96 4.34
C MET P 179 -22.75 3.57 4.95
N ALA P 180 -21.57 2.96 4.90
CA ALA P 180 -21.33 1.68 5.54
C ALA P 180 -21.15 1.81 7.05
N LEU P 181 -20.93 3.03 7.53
CA LEU P 181 -20.72 3.36 8.95
C LEU P 181 -19.55 2.60 9.56
N ASP P 182 -18.36 2.87 9.02
CA ASP P 182 -17.14 2.25 9.50
C ASP P 182 -16.10 3.24 10.01
N ALA P 183 -16.34 4.53 9.90
CA ALA P 183 -15.42 5.53 10.40
C ALA P 183 -15.48 5.59 11.93
N PRO P 184 -14.44 6.11 12.58
CA PRO P 184 -14.49 6.29 14.04
C PRO P 184 -15.61 7.21 14.54
N PRO P 185 -16.04 8.27 13.81
CA PRO P 185 -17.27 8.92 14.25
C PRO P 185 -18.51 8.07 14.07
N ASP P 186 -18.49 7.13 13.13
CA ASP P 186 -19.65 6.26 12.92
C ASP P 186 -19.76 5.21 14.02
N GLN P 187 -18.63 4.68 14.48
CA GLN P 187 -18.64 3.67 15.52
C GLN P 187 -19.04 4.25 16.86
N ARG P 188 -18.73 5.53 17.08
CA ARG P 188 -19.20 6.21 18.28
C ARG P 188 -20.70 6.46 18.21
N LEU P 189 -21.23 6.70 17.01
CA LEU P 189 -22.66 6.91 16.85
C LEU P 189 -23.45 5.63 17.08
N ARG P 190 -22.86 4.47 16.77
CA ARG P 190 -23.52 3.19 16.96
C ARG P 190 -23.78 2.89 18.42
N ALA P 191 -22.93 3.36 19.31
CA ALA P 191 -23.13 3.14 20.73
C ALA P 191 -23.97 4.23 21.39
N ASP P 192 -23.93 5.44 20.85
CA ASP P 192 -24.69 6.53 21.46
C ASP P 192 -26.18 6.46 21.14
N LEU P 193 -26.57 5.83 20.03
CA LEU P 193 -27.98 5.72 19.74
C LEU P 193 -28.69 4.69 20.62
N LEU P 194 -27.93 3.85 21.32
CA LEU P 194 -28.52 2.89 22.24
C LEU P 194 -29.06 3.54 23.50
N ALA P 195 -28.53 4.70 23.89
CA ALA P 195 -28.84 5.29 25.19
C ALA P 195 -29.38 6.70 25.14
N ASN P 196 -29.28 7.41 24.02
CA ASN P 196 -29.45 8.84 23.99
C ASN P 196 -30.57 9.24 23.03
N SER P 197 -31.03 10.47 23.19
CA SER P 197 -31.91 11.11 22.22
C SER P 197 -31.14 12.23 21.54
N PHE P 198 -31.48 12.49 20.28
CA PHE P 198 -30.73 13.40 19.44
C PHE P 198 -31.56 14.62 19.10
N LEU P 199 -30.90 15.78 19.05
CA LEU P 199 -31.52 17.04 18.67
C LEU P 199 -30.84 17.53 17.39
N PHE P 200 -31.52 17.35 16.27
CA PHE P 200 -30.99 17.72 14.96
C PHE P 200 -31.34 19.17 14.68
N ILE P 201 -30.33 20.02 14.52
CA ILE P 201 -30.52 21.45 14.27
C ILE P 201 -29.70 21.84 13.05
N GLY P 202 -30.35 22.46 12.08
CA GLY P 202 -29.66 23.05 10.96
C GLY P 202 -29.60 22.24 9.69
N TYR P 203 -30.63 21.45 9.41
CA TYR P 203 -30.68 20.64 8.21
C TYR P 203 -31.92 21.00 7.41
N SER P 204 -31.95 20.51 6.17
CA SER P 204 -33.11 20.61 5.31
C SER P 204 -33.64 19.21 5.02
N PHE P 205 -34.91 19.14 4.60
CA PHE P 205 -35.49 17.84 4.30
C PHE P 205 -34.99 17.26 3.00
N SER P 206 -34.39 18.06 2.13
CA SER P 206 -33.91 17.60 0.83
C SER P 206 -32.41 17.36 0.84
N ASP P 207 -31.86 16.88 1.96
CA ASP P 207 -30.42 16.75 2.07
C ASP P 207 -29.92 15.43 1.48
N THR P 208 -30.68 14.35 1.69
CA THR P 208 -30.50 12.98 1.18
C THR P 208 -29.29 12.27 1.77
N ASN P 209 -28.49 12.96 2.58
CA ASN P 209 -27.43 12.35 3.36
C ASN P 209 -27.82 12.20 4.82
N ILE P 210 -28.43 13.23 5.39
CA ILE P 210 -28.94 13.12 6.75
C ILE P 210 -30.21 12.27 6.76
N ARG P 211 -30.88 12.11 5.62
CA ARG P 211 -32.04 11.23 5.56
C ARG P 211 -31.63 9.77 5.64
N TYR P 212 -30.48 9.42 5.07
CA TYR P 212 -29.98 8.06 5.22
C TYR P 212 -29.55 7.80 6.66
N ILE P 213 -28.97 8.81 7.31
CA ILE P 213 -28.58 8.67 8.71
C ILE P 213 -29.81 8.55 9.60
N TRP P 214 -30.87 9.29 9.29
CA TRP P 214 -32.12 9.18 10.03
C TRP P 214 -32.76 7.82 9.86
N TYR P 215 -32.69 7.26 8.65
CA TYR P 215 -33.17 5.91 8.42
C TYR P 215 -32.33 4.88 9.16
N ARG P 216 -31.01 5.02 9.05
CA ARG P 216 -30.11 3.99 9.55
C ARG P 216 -30.03 3.98 11.07
N MET P 217 -30.25 5.12 11.73
CA MET P 217 -30.38 5.12 13.18
C MET P 217 -31.61 4.37 13.63
N ASN P 218 -32.73 4.53 12.91
CA ASN P 218 -33.95 3.81 13.27
C ASN P 218 -33.80 2.32 13.06
N GLN P 219 -33.08 1.92 12.01
CA GLN P 219 -32.88 0.51 11.73
C GLN P 219 -31.96 -0.13 12.78
N LEU P 220 -30.98 0.62 13.28
CA LEU P 220 -30.11 0.10 14.32
C LEU P 220 -30.79 0.06 15.68
N ARG P 221 -31.82 0.88 15.92
CA ARG P 221 -32.57 0.74 17.16
C ARG P 221 -33.47 -0.49 17.12
N GLU P 222 -34.10 -0.75 15.97
CA GLU P 222 -34.97 -1.90 15.85
C GLU P 222 -34.18 -3.19 15.82
N GLN P 223 -32.96 -3.16 15.29
CA GLN P 223 -32.13 -4.35 15.25
C GLN P 223 -31.58 -4.69 16.63
N SER P 224 -31.43 -3.69 17.50
CA SER P 224 -30.90 -3.92 18.83
C SER P 224 -31.91 -4.53 19.79
N GLN P 225 -33.16 -4.70 19.37
CA GLN P 225 -34.19 -5.32 20.19
C GLN P 225 -34.98 -6.33 19.37
N LEU P 226 -34.26 -7.17 18.64
CA LEU P 226 -34.89 -8.13 17.73
C LEU P 226 -35.33 -9.41 18.42
N GLY P 227 -34.67 -9.78 19.51
CA GLY P 227 -35.01 -11.03 20.19
C GLY P 227 -35.79 -10.80 21.46
N VAL P 228 -35.54 -9.66 22.11
CA VAL P 228 -36.25 -9.28 23.32
C VAL P 228 -37.60 -8.66 22.94
N LYS P 229 -38.46 -8.44 23.93
CA LYS P 229 -39.71 -7.74 23.69
C LYS P 229 -39.43 -6.29 23.31
N HIS P 230 -40.29 -5.74 22.45
CA HIS P 230 -40.10 -4.41 21.91
C HIS P 230 -40.44 -3.38 22.97
N SER P 231 -39.44 -2.63 23.42
CA SER P 231 -39.61 -1.55 24.38
C SER P 231 -39.57 -0.20 23.66
N GLN P 232 -40.12 0.81 24.31
CA GLN P 232 -40.20 2.13 23.72
C GLN P 232 -38.87 2.88 23.89
N ALA P 233 -38.38 3.45 22.81
CA ALA P 233 -37.12 4.17 22.81
C ALA P 233 -37.33 5.65 23.12
N ARG P 234 -36.24 6.31 23.48
CA ARG P 234 -36.25 7.76 23.64
C ARG P 234 -36.45 8.43 22.28
N ARG P 235 -37.25 9.47 22.26
CA ARG P 235 -37.64 10.14 21.03
C ARG P 235 -36.60 11.17 20.64
N CYS P 236 -36.23 11.19 19.37
CA CYS P 236 -35.32 12.20 18.84
C CYS P 236 -36.10 13.40 18.32
N PHE P 237 -35.39 14.48 18.02
CA PHE P 237 -36.01 15.75 17.69
C PHE P 237 -35.28 16.41 16.53
N PHE P 238 -36.03 17.21 15.77
CA PHE P 238 -35.49 17.94 14.61
C PHE P 238 -36.15 19.31 14.57
N ALA P 239 -35.36 20.35 14.80
CA ALA P 239 -35.85 21.72 14.82
C ALA P 239 -35.80 22.30 13.42
N THR P 240 -36.92 22.87 12.98
CA THR P 240 -37.07 23.34 11.61
C THR P 240 -37.74 24.70 11.65
N HIS P 241 -37.49 25.51 10.62
CA HIS P 241 -38.26 26.73 10.44
C HIS P 241 -39.39 26.58 9.43
N GLY P 242 -39.21 25.73 8.41
CA GLY P 242 -40.33 25.35 7.58
C GLY P 242 -40.51 23.85 7.56
N ALA P 243 -41.56 23.36 8.21
CA ALA P 243 -41.71 21.92 8.37
C ALA P 243 -42.37 21.26 7.16
N GLY P 244 -43.24 21.98 6.46
CA GLY P 244 -43.96 21.39 5.37
C GLY P 244 -45.18 20.64 5.86
N LEU P 245 -45.63 19.67 5.06
CA LEU P 245 -46.87 18.98 5.35
C LEU P 245 -46.79 17.46 5.22
N VAL P 246 -45.85 16.93 4.46
CA VAL P 246 -45.69 15.49 4.29
C VAL P 246 -44.47 14.96 5.03
N GLN P 247 -43.37 15.71 4.97
CA GLN P 247 -42.13 15.29 5.61
C GLN P 247 -42.16 15.09 7.13
N PRO P 248 -42.90 15.85 7.96
CA PRO P 248 -42.96 15.50 9.39
C PRO P 248 -43.62 14.16 9.69
N ASP P 249 -44.52 13.68 8.83
CA ASP P 249 -45.11 12.36 9.07
C ASP P 249 -44.15 11.23 8.77
N ILE P 250 -43.27 11.41 7.79
CA ILE P 250 -42.24 10.41 7.49
C ILE P 250 -41.26 10.30 8.66
N LEU P 251 -40.88 11.44 9.24
CA LEU P 251 -39.91 11.48 10.32
C LEU P 251 -40.43 10.87 11.61
N GLN P 252 -41.76 10.80 11.78
CA GLN P 252 -42.34 10.15 12.96
C GLN P 252 -41.99 8.67 13.02
N GLN P 253 -41.96 8.01 11.86
CA GLN P 253 -41.62 6.60 11.81
C GLN P 253 -40.13 6.35 11.90
N TRP P 254 -39.31 7.40 11.83
CA TRP P 254 -37.88 7.31 12.07
C TRP P 254 -37.51 7.81 13.46
N ASN P 255 -38.47 7.79 14.40
CA ASN P 255 -38.29 8.11 15.82
C ASN P 255 -37.89 9.57 16.02
N ILE P 256 -38.37 10.48 15.17
CA ILE P 256 -37.96 11.87 15.19
C ILE P 256 -39.20 12.76 15.17
N ASP P 257 -39.35 13.61 16.18
CA ASP P 257 -40.41 14.61 16.20
C ASP P 257 -39.90 15.93 15.66
N VAL P 258 -40.72 16.58 14.83
CA VAL P 258 -40.34 17.83 14.20
C VAL P 258 -40.81 18.99 15.06
N ILE P 259 -39.93 19.96 15.30
CA ILE P 259 -40.23 21.14 16.10
C ILE P 259 -40.30 22.33 15.14
N GLN P 260 -41.47 22.94 15.04
CA GLN P 260 -41.64 24.14 14.22
C GLN P 260 -41.16 25.37 14.98
N LEU P 261 -40.10 25.99 14.48
CA LEU P 261 -39.62 27.24 15.05
C LEU P 261 -40.17 28.41 14.24
N ASP P 262 -40.05 29.60 14.82
CA ASP P 262 -40.59 30.80 14.20
C ASP P 262 -39.73 31.21 13.01
N PRO P 263 -40.28 31.28 11.80
CA PRO P 263 -39.45 31.54 10.61
C PRO P 263 -39.15 33.00 10.35
N THR P 264 -39.61 33.93 11.20
CA THR P 264 -39.37 35.35 10.93
C THR P 264 -37.92 35.72 11.18
N ASP P 265 -37.36 35.27 12.30
CA ASP P 265 -35.95 35.41 12.59
C ASP P 265 -35.41 34.01 12.84
N LYS P 266 -34.52 33.56 11.95
CA LYS P 266 -34.02 32.19 12.01
C LYS P 266 -33.13 31.98 13.24
N SER P 267 -32.21 32.91 13.47
CA SER P 267 -31.21 32.74 14.52
C SER P 267 -31.80 32.94 15.91
N ALA P 268 -32.81 33.80 16.04
CA ALA P 268 -33.39 34.05 17.36
C ALA P 268 -34.22 32.86 17.83
N SER P 269 -34.96 32.22 16.92
CA SER P 269 -35.85 31.13 17.33
C SER P 269 -35.08 29.87 17.69
N VAL P 270 -33.90 29.68 17.11
CA VAL P 270 -33.03 28.58 17.55
C VAL P 270 -32.48 28.89 18.93
N ALA P 271 -32.15 30.15 19.19
CA ALA P 271 -31.63 30.55 20.49
C ALA P 271 -32.68 30.45 21.58
N ARG P 272 -33.95 30.68 21.26
CA ARG P 272 -35.00 30.51 22.27
C ARG P 272 -35.23 29.03 22.57
N LEU P 273 -34.92 28.16 21.62
CA LEU P 273 -35.06 26.72 21.85
C LEU P 273 -34.00 26.23 22.82
N LEU P 274 -32.75 26.65 22.62
CA LEU P 274 -31.66 26.20 23.47
C LEU P 274 -31.71 26.80 24.86
N GLU P 275 -32.35 27.96 25.02
CA GLU P 275 -32.48 28.56 26.34
C GLU P 275 -33.67 28.00 27.12
N SER P 276 -34.64 27.40 26.44
CA SER P 276 -35.73 26.74 27.14
C SER P 276 -35.32 25.39 27.72
N ILE P 277 -34.20 24.83 27.25
CA ILE P 277 -33.68 23.60 27.83
C ILE P 277 -33.08 23.89 29.20
N ALA P 278 -32.46 25.05 29.37
CA ALA P 278 -31.89 25.47 30.65
C ALA P 278 -32.98 25.72 31.69
#